data_9AXN
#
_entry.id   9AXN
#
_cell.length_a   69.777
_cell.length_b   98.238
_cell.length_c   159.724
_cell.angle_alpha   77.730
_cell.angle_beta   85.320
_cell.angle_gamma   77.950
#
_symmetry.space_group_name_H-M   'P 1'
#
loop_
_entity.id
_entity.type
_entity.pdbx_description
1 polymer 'HY11-6B2_Mu Fab Heavy Chain'
2 polymer 'HY11-6B2_Mu Fab Light Chain'
3 non-polymer N-phenyl-N-[1-(2-phenylethyl)piperidin-4-yl]propanamide
4 non-polymer 'SULFATE ION'
5 non-polymer 1,2-ETHANEDIOL
6 non-polymer 'NICKEL (II) ION'
7 water water
#
loop_
_entity_poly.entity_id
_entity_poly.type
_entity_poly.pdbx_seq_one_letter_code
_entity_poly.pdbx_strand_id
1 'polypeptide(L)'
;(PCA)VRLQQSGPELVKPGASVRISCKASGHTFTSYYIYWVKQRPGQGLEWIGWIYFGNINLKYNEKFKGKATLTADKSS
STAYIQLSSLTSEDSAVYFCASEDGPGAYWGQGTLVTVSAASTKGPSVFPLAPSSKSTSGGTAALGCLVKDYFPEPVTVS
WNSGALTSGVHTFPAVLQSSGLYSLSSVVTVPSSSLGTQTYICNVNHKPSNTKVDKRVEPKSCDKTHHHHHH
;
H,A,C,E,I,M,O,Q
2 'polypeptide(L)'
;DIVMTQSQKFMSTSVGDRVSVTCKASQNVGTNVAWYQQKPGQSPKALIYSASYRYSGVPDRFTGSGSGTDFTLTISNVQS
EDLAEYFCQQYNSYPLTFGAGTKLELKRTVAAPSVFIFPPSDEQLKSGTASVVCLLNNFYPREAKVQWKVDNALQSGNSQ
ESVTEQDSKDSTYSLSSTLTLSKADYEKHKVYACEVTHQGLSSPVTKSFNRGEC
;
L,D,B,F,J,N,P,R
#
# COMPACT_ATOMS: atom_id res chain seq x y z
N VAL A 2 12.40 -46.53 73.35
CA VAL A 2 13.48 -45.61 73.66
C VAL A 2 13.04 -44.16 73.48
N ARG A 3 13.43 -43.33 74.44
CA ARG A 3 13.12 -41.91 74.44
C ARG A 3 14.42 -41.13 74.58
N LEU A 4 14.73 -40.31 73.57
CA LEU A 4 15.87 -39.41 73.62
C LEU A 4 15.39 -38.03 74.03
N GLN A 5 16.07 -37.44 75.01
CA GLN A 5 15.73 -36.12 75.52
C GLN A 5 17.01 -35.33 75.73
N GLN A 6 17.05 -34.12 75.18
CA GLN A 6 18.27 -33.34 75.11
C GLN A 6 18.21 -32.16 76.07
N SER A 7 19.34 -31.48 76.20
CA SER A 7 19.43 -30.31 77.06
C SER A 7 18.76 -29.12 76.40
N GLY A 8 18.61 -28.04 77.18
CA GLY A 8 17.92 -26.86 76.73
C GLY A 8 18.72 -26.04 75.74
N PRO A 9 18.09 -25.01 75.17
CA PRO A 9 18.77 -24.20 74.15
C PRO A 9 19.87 -23.32 74.74
N GLU A 10 20.96 -23.19 73.99
CA GLU A 10 22.14 -22.47 74.42
C GLU A 10 22.21 -21.12 73.72
N LEU A 11 22.58 -20.08 74.47
CA LEU A 11 22.81 -18.74 73.93
C LEU A 11 24.19 -18.30 74.42
N VAL A 12 25.18 -18.36 73.55
CA VAL A 12 26.57 -18.17 73.93
C VAL A 12 27.23 -17.15 73.02
N LYS A 13 28.48 -16.86 73.33
CA LYS A 13 29.27 -15.80 72.74
C LYS A 13 30.41 -16.38 71.92
N PRO A 14 30.87 -15.67 70.89
CA PRO A 14 31.94 -16.21 70.05
C PRO A 14 33.21 -16.51 70.84
N GLY A 15 33.89 -17.57 70.43
CA GLY A 15 35.06 -18.06 71.12
C GLY A 15 34.77 -18.93 72.33
N ALA A 16 33.55 -18.93 72.83
CA ALA A 16 33.20 -19.71 74.01
C ALA A 16 32.97 -21.17 73.61
N SER A 17 32.38 -21.94 74.52
CA SER A 17 32.11 -23.34 74.30
C SER A 17 30.81 -23.73 74.98
N VAL A 18 30.18 -24.79 74.48
CA VAL A 18 29.00 -25.38 75.10
C VAL A 18 29.15 -26.90 75.12
N ARG A 19 28.44 -27.53 76.06
CA ARG A 19 28.33 -28.97 76.12
C ARG A 19 26.85 -29.33 76.16
N ILE A 20 26.38 -30.01 75.12
CA ILE A 20 24.99 -30.45 75.00
C ILE A 20 24.89 -31.88 75.50
N SER A 21 23.74 -32.24 76.07
CA SER A 21 23.51 -33.60 76.56
C SER A 21 22.37 -34.26 75.80
N CYS A 22 22.38 -35.59 75.79
CA CYS A 22 21.30 -36.39 75.22
C CYS A 22 21.15 -37.63 76.11
N LYS A 23 20.12 -37.64 76.94
CA LYS A 23 19.84 -38.81 77.78
C LYS A 23 18.95 -39.78 77.02
N ALA A 24 19.40 -41.03 76.93
CA ALA A 24 18.63 -42.11 76.32
C ALA A 24 17.94 -42.89 77.44
N SER A 25 16.60 -42.89 77.43
CA SER A 25 15.82 -43.60 78.42
C SER A 25 15.07 -44.75 77.74
N GLY A 26 15.01 -45.88 78.42
CA GLY A 26 14.34 -47.07 77.91
C GLY A 26 15.26 -48.24 77.64
N HIS A 27 16.56 -48.08 77.84
CA HIS A 27 17.51 -49.15 77.59
C HIS A 27 17.82 -49.91 78.88
N THR A 28 17.79 -51.23 78.80
CA THR A 28 18.31 -52.10 79.85
C THR A 28 19.77 -52.44 79.60
N PHE A 29 20.20 -52.46 78.35
CA PHE A 29 21.55 -52.80 77.96
C PHE A 29 22.25 -51.59 77.37
N THR A 30 23.59 -51.68 77.28
CA THR A 30 24.41 -50.61 76.76
C THR A 30 24.76 -50.77 75.29
N SER A 31 24.22 -51.80 74.63
CA SER A 31 24.65 -52.13 73.28
C SER A 31 23.99 -51.24 72.22
N TYR A 32 24.02 -49.92 72.43
CA TYR A 32 23.39 -48.99 71.50
C TYR A 32 24.34 -47.85 71.16
N TYR A 33 24.02 -47.18 70.05
CA TYR A 33 24.78 -46.05 69.55
C TYR A 33 24.00 -44.76 69.76
N ILE A 34 24.73 -43.66 69.91
CA ILE A 34 24.18 -42.32 69.84
C ILE A 34 24.88 -41.60 68.69
N TYR A 35 24.11 -41.13 67.72
CA TYR A 35 24.61 -40.34 66.62
C TYR A 35 24.25 -38.87 66.86
N TRP A 36 25.14 -37.96 66.49
CA TRP A 36 24.90 -36.52 66.62
C TRP A 36 24.84 -35.89 65.24
N VAL A 37 23.87 -34.99 65.04
CA VAL A 37 23.58 -34.43 63.73
C VAL A 37 23.35 -32.92 63.86
N LYS A 38 23.87 -32.16 62.89
CA LYS A 38 23.76 -30.71 62.86
C LYS A 38 22.79 -30.28 61.77
N GLN A 39 21.97 -29.28 62.08
CA GLN A 39 21.06 -28.69 61.09
C GLN A 39 21.05 -27.18 61.28
N ARG A 40 21.65 -26.46 60.35
CA ARG A 40 21.53 -25.02 60.35
C ARG A 40 20.16 -24.61 59.81
N PRO A 41 19.62 -23.47 60.24
CA PRO A 41 18.21 -23.15 59.92
C PRO A 41 17.96 -23.11 58.41
N GLY A 42 16.95 -23.84 57.98
CA GLY A 42 16.64 -23.92 56.57
C GLY A 42 17.66 -24.64 55.73
N GLN A 43 18.49 -25.47 56.35
CA GLN A 43 19.48 -26.26 55.63
C GLN A 43 19.26 -27.74 55.91
N GLY A 44 20.10 -28.58 55.30
CA GLY A 44 20.00 -30.02 55.45
C GLY A 44 20.73 -30.54 56.67
N LEU A 45 20.70 -31.86 56.82
CA LEU A 45 21.36 -32.50 57.95
C LEU A 45 22.83 -32.74 57.65
N GLU A 46 23.64 -32.69 58.71
CA GLU A 46 25.07 -32.97 58.62
C GLU A 46 25.46 -33.86 59.79
N TRP A 47 26.15 -34.96 59.50
CA TRP A 47 26.54 -35.90 60.52
C TRP A 47 27.80 -35.44 61.22
N ILE A 48 27.78 -35.42 62.54
CA ILE A 48 28.92 -34.99 63.34
C ILE A 48 29.77 -36.17 63.80
N GLY A 49 29.13 -37.24 64.25
CA GLY A 49 29.85 -38.40 64.75
C GLY A 49 28.92 -39.31 65.49
N TRP A 50 29.51 -40.37 66.08
CA TRP A 50 28.73 -41.27 66.90
C TRP A 50 29.58 -41.78 68.07
N ILE A 51 28.88 -42.26 69.10
CA ILE A 51 29.50 -42.84 70.28
C ILE A 51 28.70 -44.09 70.64
N TYR A 52 29.41 -45.19 70.94
CA TYR A 52 28.79 -46.47 71.23
C TYR A 52 28.83 -46.73 72.73
N PHE A 53 27.67 -47.00 73.31
CA PHE A 53 27.58 -47.09 74.76
C PHE A 53 28.08 -48.41 75.32
N GLY A 54 28.37 -49.40 74.46
CA GLY A 54 28.89 -50.66 74.98
C GLY A 54 30.31 -50.52 75.49
N ASN A 55 31.19 -49.91 74.69
CA ASN A 55 32.60 -49.78 75.03
C ASN A 55 33.12 -48.35 74.88
N ILE A 56 32.24 -47.39 74.63
CA ILE A 56 32.58 -45.97 74.44
C ILE A 56 33.51 -45.82 73.24
N ASN A 57 33.29 -46.60 72.20
CA ASN A 57 33.98 -46.34 70.93
C ASN A 57 33.47 -45.05 70.30
N LEU A 58 34.28 -44.51 69.40
CA LEU A 58 34.04 -43.18 68.86
C LEU A 58 34.30 -43.16 67.36
N LYS A 59 33.55 -42.32 66.67
CA LYS A 59 33.91 -41.84 65.34
C LYS A 59 33.47 -40.40 65.21
N TYR A 60 34.36 -39.56 64.71
CA TYR A 60 34.06 -38.17 64.39
C TYR A 60 34.01 -38.00 62.88
N ASN A 61 33.15 -37.10 62.43
CA ASN A 61 33.30 -36.56 61.09
C ASN A 61 34.57 -35.72 61.07
N GLU A 62 35.42 -35.97 60.07
CA GLU A 62 36.78 -35.41 60.09
C GLU A 62 36.76 -33.90 60.18
N LYS A 63 35.82 -33.24 59.50
CA LYS A 63 35.74 -31.79 59.54
C LYS A 63 35.18 -31.26 60.85
N PHE A 64 34.82 -32.13 61.79
CA PHE A 64 34.40 -31.71 63.12
C PHE A 64 35.42 -32.02 64.20
N LYS A 65 36.52 -32.69 63.86
CA LYS A 65 37.60 -32.90 64.82
C LYS A 65 38.19 -31.57 65.25
N GLY A 66 38.30 -31.38 66.56
CA GLY A 66 38.70 -30.10 67.12
C GLY A 66 37.53 -29.19 67.44
N LYS A 67 36.42 -29.34 66.72
CA LYS A 67 35.20 -28.60 67.02
C LYS A 67 34.32 -29.35 68.02
N ALA A 68 34.16 -30.65 67.83
CA ALA A 68 33.26 -31.46 68.64
C ALA A 68 34.04 -32.48 69.46
N THR A 69 33.69 -32.60 70.74
CA THR A 69 34.18 -33.66 71.60
C THR A 69 33.00 -34.48 72.07
N LEU A 70 33.06 -35.79 71.84
CA LEU A 70 31.98 -36.70 72.20
C LEU A 70 32.37 -37.50 73.44
N THR A 71 31.47 -37.53 74.42
CA THR A 71 31.65 -38.33 75.62
C THR A 71 30.31 -38.98 75.98
N ALA A 72 30.39 -40.05 76.77
CA ALA A 72 29.21 -40.80 77.16
C ALA A 72 29.32 -41.22 78.62
N ASP A 73 28.22 -41.07 79.34
CA ASP A 73 28.10 -41.59 80.71
C ASP A 73 27.13 -42.77 80.63
N LYS A 74 27.65 -43.97 80.87
CA LYS A 74 26.79 -45.15 80.96
C LYS A 74 25.86 -45.03 82.16
N SER A 75 26.33 -44.43 83.25
CA SER A 75 25.63 -44.53 84.53
C SER A 75 24.29 -43.81 84.50
N SER A 76 24.23 -42.63 83.88
CA SER A 76 22.98 -41.92 83.66
C SER A 76 22.48 -42.10 82.24
N SER A 77 23.05 -43.02 81.48
CA SER A 77 22.68 -43.29 80.08
C SER A 77 22.56 -41.99 79.29
N THR A 78 23.60 -41.18 79.38
CA THR A 78 23.60 -39.83 78.81
C THR A 78 24.81 -39.65 77.92
N ALA A 79 24.56 -39.24 76.68
CA ALA A 79 25.62 -38.83 75.78
C ALA A 79 25.79 -37.32 75.83
N TYR A 80 27.02 -36.88 75.59
CA TYR A 80 27.34 -35.46 75.56
C TYR A 80 28.14 -35.13 74.31
N ILE A 81 27.89 -33.95 73.76
CA ILE A 81 28.76 -33.36 72.74
C ILE A 81 29.18 -31.98 73.24
N GLN A 82 30.48 -31.72 73.21
CA GLN A 82 31.01 -30.40 73.53
C GLN A 82 31.44 -29.72 72.25
N LEU A 83 31.01 -28.48 72.07
CA LEU A 83 31.37 -27.66 70.93
C LEU A 83 32.27 -26.53 71.42
N SER A 84 33.46 -26.42 70.85
CA SER A 84 34.48 -25.51 71.36
C SER A 84 34.87 -24.47 70.32
N SER A 85 35.34 -23.33 70.81
CA SER A 85 35.78 -22.20 69.97
C SER A 85 34.67 -21.77 69.01
N LEU A 86 33.54 -21.43 69.60
CA LEU A 86 32.31 -21.25 68.84
C LEU A 86 32.39 -20.03 67.93
N THR A 87 31.86 -20.18 66.72
CA THR A 87 31.74 -19.12 65.74
C THR A 87 30.30 -19.01 65.29
N SER A 88 30.04 -18.10 64.36
CA SER A 88 28.71 -18.02 63.75
C SER A 88 28.40 -19.28 62.95
N GLU A 89 29.44 -19.92 62.39
CA GLU A 89 29.26 -21.16 61.64
C GLU A 89 28.72 -22.30 62.49
N ASP A 90 28.70 -22.15 63.82
CA ASP A 90 28.27 -23.21 64.72
C ASP A 90 26.82 -23.06 65.16
N SER A 91 26.18 -21.92 64.91
CA SER A 91 24.80 -21.73 65.30
C SER A 91 23.90 -22.67 64.52
N ALA A 92 23.24 -23.57 65.24
CA ALA A 92 22.43 -24.60 64.59
C ALA A 92 21.56 -25.28 65.64
N VAL A 93 20.70 -26.16 65.15
CA VAL A 93 20.05 -27.17 65.98
C VAL A 93 20.90 -28.43 65.92
N TYR A 94 21.17 -29.01 67.08
CA TYR A 94 21.92 -30.26 67.17
C TYR A 94 20.99 -31.35 67.66
N PHE A 95 20.80 -32.38 66.84
CA PHE A 95 19.99 -33.54 67.21
C PHE A 95 20.89 -34.69 67.63
N CYS A 96 20.36 -35.55 68.50
CA CYS A 96 20.91 -36.86 68.73
C CYS A 96 19.93 -37.90 68.18
N ALA A 97 20.47 -39.05 67.78
CA ALA A 97 19.66 -40.08 67.16
C ALA A 97 20.19 -41.44 67.56
N SER A 98 19.30 -42.43 67.61
CA SER A 98 19.66 -43.76 68.09
C SER A 98 18.72 -44.79 67.50
N GLU A 99 19.19 -46.04 67.48
CA GLU A 99 18.41 -47.17 67.01
C GLU A 99 18.30 -48.21 68.12
N ASP A 100 17.19 -48.94 68.11
CA ASP A 100 16.95 -50.00 69.09
C ASP A 100 16.03 -51.02 68.43
N GLY A 101 16.56 -52.21 68.19
CA GLY A 101 15.85 -53.21 67.43
C GLY A 101 15.54 -52.69 66.04
N PRO A 102 14.27 -52.80 65.64
CA PRO A 102 13.83 -52.23 64.35
C PRO A 102 13.39 -50.78 64.40
N GLY A 103 13.54 -50.10 65.53
CA GLY A 103 13.08 -48.73 65.69
C GLY A 103 14.21 -47.72 65.65
N ALA A 104 13.86 -46.48 65.32
CA ALA A 104 14.81 -45.38 65.22
C ALA A 104 14.23 -44.16 65.90
N TYR A 105 15.09 -43.43 66.61
CA TYR A 105 14.65 -42.39 67.52
C TYR A 105 15.52 -41.15 67.36
N TRP A 106 14.92 -39.98 67.52
CA TRP A 106 15.65 -38.73 67.51
C TRP A 106 15.23 -37.90 68.71
N GLY A 107 16.17 -37.11 69.22
CA GLY A 107 15.87 -36.18 70.28
C GLY A 107 15.11 -34.97 69.76
N GLN A 108 14.62 -34.15 70.70
CA GLN A 108 13.86 -32.98 70.29
C GLN A 108 14.75 -31.90 69.70
N GLY A 109 16.07 -32.07 69.74
CA GLY A 109 17.00 -31.09 69.24
C GLY A 109 17.38 -30.07 70.29
N THR A 110 18.62 -29.58 70.19
CA THR A 110 19.10 -28.50 71.03
C THR A 110 19.58 -27.37 70.14
N LEU A 111 18.94 -26.22 70.26
CA LEU A 111 19.32 -25.04 69.49
C LEU A 111 20.48 -24.33 70.16
N VAL A 112 21.55 -24.10 69.41
CA VAL A 112 22.69 -23.32 69.88
C VAL A 112 22.73 -22.03 69.09
N THR A 113 22.67 -20.91 69.78
CA THR A 113 22.77 -19.59 69.16
C THR A 113 24.05 -18.92 69.64
N VAL A 114 24.96 -18.65 68.71
CA VAL A 114 26.18 -17.91 68.98
C VAL A 114 25.92 -16.46 68.63
N SER A 115 26.00 -15.58 69.63
CA SER A 115 25.61 -14.20 69.46
C SER A 115 26.62 -13.45 68.59
N ALA A 116 26.14 -12.34 68.02
CA ALA A 116 26.97 -11.53 67.15
C ALA A 116 27.82 -10.56 67.98
N ALA A 117 29.04 -10.32 67.50
CA ALA A 117 29.88 -9.30 68.14
C ALA A 117 29.36 -7.90 67.84
N SER A 118 28.80 -7.70 66.65
CA SER A 118 28.19 -6.42 66.27
C SER A 118 26.76 -6.68 65.84
N THR A 119 25.82 -5.98 66.47
CA THR A 119 24.40 -6.14 66.20
C THR A 119 23.85 -4.88 65.55
N LYS A 120 22.90 -5.06 64.64
CA LYS A 120 22.22 -3.96 63.98
C LYS A 120 20.72 -4.20 64.00
N GLY A 121 19.98 -3.19 64.48
CA GLY A 121 18.54 -3.23 64.44
C GLY A 121 18.02 -2.87 63.06
N PRO A 122 16.80 -3.29 62.76
CA PRO A 122 16.26 -3.08 61.42
C PRO A 122 15.87 -1.62 61.19
N SER A 123 16.25 -1.11 60.02
CA SER A 123 15.58 0.05 59.46
C SER A 123 14.26 -0.41 58.86
N VAL A 124 13.17 0.21 59.29
CA VAL A 124 11.83 -0.20 58.89
C VAL A 124 11.22 0.92 58.07
N PHE A 125 11.05 0.68 56.77
CA PHE A 125 10.56 1.64 55.81
C PHE A 125 9.19 1.22 55.28
N PRO A 126 8.29 2.18 55.06
CA PRO A 126 6.93 1.82 54.64
C PRO A 126 6.87 1.44 53.18
N LEU A 127 6.14 0.36 52.89
CA LEU A 127 5.81 -0.02 51.52
C LEU A 127 4.40 0.51 51.25
N ALA A 128 4.35 1.73 50.73
CA ALA A 128 3.11 2.49 50.70
C ALA A 128 2.22 2.04 49.54
N PRO A 129 0.93 1.82 49.78
CA PRO A 129 0.02 1.49 48.67
C PRO A 129 -0.26 2.72 47.81
N SER A 130 0.38 2.77 46.64
CA SER A 130 0.26 3.92 45.73
C SER A 130 -1.18 4.26 45.39
N GLY A 136 -7.13 -5.17 42.01
CA GLY A 136 -7.99 -4.17 41.40
C GLY A 136 -8.83 -3.46 42.43
N GLY A 137 -9.35 -4.23 43.37
CA GLY A 137 -10.10 -3.69 44.50
C GLY A 137 -9.51 -4.18 45.81
N THR A 138 -8.35 -4.81 45.72
CA THR A 138 -7.53 -5.11 46.89
C THR A 138 -6.20 -4.37 46.73
N ALA A 139 -5.75 -3.77 47.82
CA ALA A 139 -4.47 -3.08 47.85
C ALA A 139 -3.45 -3.93 48.59
N ALA A 140 -2.17 -3.66 48.31
CA ALA A 140 -1.07 -4.27 49.02
C ALA A 140 -0.25 -3.18 49.70
N LEU A 141 0.13 -3.45 50.94
CA LEU A 141 0.98 -2.55 51.70
C LEU A 141 1.89 -3.40 52.57
N GLY A 142 2.96 -2.79 53.05
CA GLY A 142 3.85 -3.55 53.89
C GLY A 142 4.92 -2.71 54.52
N CYS A 143 5.92 -3.40 55.08
CA CYS A 143 7.07 -2.78 55.72
C CYS A 143 8.33 -3.46 55.20
N LEU A 144 9.25 -2.67 54.66
CA LEU A 144 10.56 -3.16 54.29
C LEU A 144 11.46 -3.11 55.54
N VAL A 145 11.99 -4.26 55.92
CA VAL A 145 12.76 -4.39 57.15
C VAL A 145 14.22 -4.63 56.79
N LYS A 146 15.00 -3.55 56.67
CA LYS A 146 16.28 -3.57 55.99
C LYS A 146 17.45 -3.43 56.95
N ASP A 147 18.54 -4.13 56.63
CA ASP A 147 19.86 -3.91 57.22
C ASP A 147 19.91 -4.25 58.71
N TYR A 148 19.33 -5.38 59.09
CA TYR A 148 19.44 -5.87 60.45
C TYR A 148 20.39 -7.06 60.51
N PHE A 149 20.92 -7.30 61.72
CA PHE A 149 21.86 -8.39 61.97
C PHE A 149 21.99 -8.59 63.48
N PRO A 150 21.98 -9.84 63.97
CA PRO A 150 21.80 -11.09 63.23
C PRO A 150 20.34 -11.52 63.15
N GLU A 151 20.09 -12.77 62.79
CA GLU A 151 18.74 -13.32 62.89
C GLU A 151 18.35 -13.46 64.35
N PRO A 152 17.04 -13.52 64.65
CA PRO A 152 15.90 -13.40 63.74
C PRO A 152 15.18 -12.07 63.89
N VAL A 153 14.25 -11.80 62.98
CA VAL A 153 13.33 -10.68 63.11
C VAL A 153 11.97 -11.27 63.44
N THR A 154 11.03 -10.45 63.90
CA THR A 154 9.67 -10.91 64.21
C THR A 154 8.72 -9.78 63.90
N VAL A 155 7.76 -10.02 62.99
CA VAL A 155 6.89 -8.96 62.49
C VAL A 155 5.43 -9.30 62.78
N SER A 156 4.68 -8.31 63.24
CA SER A 156 3.26 -8.40 63.48
C SER A 156 2.57 -7.21 62.86
N TRP A 157 1.25 -7.30 62.69
CA TRP A 157 0.47 -6.21 62.13
C TRP A 157 -0.67 -5.84 63.06
N ASN A 158 -0.79 -4.56 63.35
CA ASN A 158 -1.79 -4.01 64.27
C ASN A 158 -1.83 -4.80 65.57
N SER A 159 -0.64 -5.06 66.11
CA SER A 159 -0.47 -5.68 67.42
C SER A 159 -1.18 -7.04 67.49
N GLY A 160 -1.09 -7.80 66.41
CA GLY A 160 -1.72 -9.09 66.33
C GLY A 160 -3.13 -9.10 65.78
N ALA A 161 -3.76 -7.93 65.61
CA ALA A 161 -5.14 -7.87 65.18
C ALA A 161 -5.31 -8.13 63.68
N LEU A 162 -4.24 -8.03 62.90
CA LEU A 162 -4.28 -8.25 61.46
C LEU A 162 -3.37 -9.42 61.12
N THR A 163 -3.97 -10.52 60.66
CA THR A 163 -3.19 -11.72 60.33
C THR A 163 -3.51 -12.24 58.94
N SER A 164 -4.79 -12.30 58.59
CA SER A 164 -5.18 -12.78 57.27
C SER A 164 -4.54 -11.93 56.18
N GLY A 165 -3.91 -12.59 55.22
CA GLY A 165 -3.26 -11.91 54.13
C GLY A 165 -1.84 -11.45 54.41
N VAL A 166 -1.36 -11.63 55.64
CA VAL A 166 0.01 -11.22 55.97
C VAL A 166 0.99 -12.24 55.42
N HIS A 167 1.98 -11.75 54.67
CA HIS A 167 3.16 -12.53 54.32
C HIS A 167 4.39 -11.81 54.84
N THR A 168 5.09 -12.45 55.76
CA THR A 168 6.42 -12.00 56.17
C THR A 168 7.44 -12.91 55.50
N PHE A 169 8.21 -12.33 54.59
CA PHE A 169 9.08 -13.14 53.75
C PHE A 169 10.33 -13.57 54.52
N PRO A 170 10.86 -14.76 54.22
CA PRO A 170 12.12 -15.19 54.82
C PRO A 170 13.23 -14.20 54.54
N ALA A 171 14.10 -14.00 55.54
CA ALA A 171 15.18 -13.03 55.40
C ALA A 171 16.07 -13.41 54.23
N VAL A 172 16.62 -12.39 53.56
CA VAL A 172 17.67 -12.59 52.58
C VAL A 172 18.91 -11.84 53.04
N LEU A 173 20.04 -12.52 52.98
CA LEU A 173 21.33 -11.95 53.37
C LEU A 173 21.86 -11.10 52.22
N GLN A 174 21.91 -9.79 52.42
CA GLN A 174 22.36 -8.89 51.36
C GLN A 174 23.86 -9.02 51.15
N SER A 175 24.34 -8.34 50.10
CA SER A 175 25.78 -8.28 49.84
C SER A 175 26.54 -7.62 50.98
N SER A 176 25.85 -6.85 51.84
CA SER A 176 26.47 -6.16 52.96
C SER A 176 26.65 -7.04 54.18
N GLY A 177 26.33 -8.33 54.09
CA GLY A 177 26.29 -9.17 55.26
C GLY A 177 25.13 -8.92 56.19
N LEU A 178 24.22 -8.00 55.83
CA LEU A 178 23.08 -7.66 56.66
C LEU A 178 21.80 -8.25 56.06
N TYR A 179 20.88 -8.64 56.95
CA TYR A 179 19.64 -9.26 56.52
C TYR A 179 18.60 -8.20 56.14
N SER A 180 17.80 -8.52 55.14
CA SER A 180 16.69 -7.69 54.73
C SER A 180 15.47 -8.57 54.46
N LEU A 181 14.29 -8.07 54.80
CA LEU A 181 13.06 -8.77 54.48
C LEU A 181 11.95 -7.75 54.33
N SER A 182 10.83 -8.20 53.76
CA SER A 182 9.61 -7.42 53.68
C SER A 182 8.47 -8.21 54.32
N SER A 183 7.60 -7.49 55.01
CA SER A 183 6.33 -8.03 55.48
C SER A 183 5.22 -7.26 54.78
N VAL A 184 4.30 -7.99 54.14
CA VAL A 184 3.26 -7.38 53.35
C VAL A 184 1.90 -7.92 53.77
N VAL A 185 0.86 -7.14 53.45
CA VAL A 185 -0.53 -7.55 53.66
C VAL A 185 -1.32 -7.13 52.43
N THR A 186 -2.32 -7.92 52.09
CA THR A 186 -3.35 -7.51 51.13
C THR A 186 -4.63 -7.19 51.91
N VAL A 187 -5.20 -6.04 51.63
CA VAL A 187 -6.42 -5.56 52.29
C VAL A 187 -7.33 -4.95 51.24
N PRO A 188 -8.63 -4.89 51.52
CA PRO A 188 -9.55 -4.23 50.56
C PRO A 188 -9.17 -2.78 50.36
N SER A 189 -9.07 -2.36 49.10
CA SER A 189 -8.61 -1.02 48.78
C SER A 189 -9.53 0.05 49.37
N SER A 190 -10.79 -0.28 49.60
CA SER A 190 -11.72 0.68 50.20
C SER A 190 -11.32 1.03 51.63
N SER A 191 -10.48 0.23 52.26
CA SER A 191 -10.08 0.47 53.65
C SER A 191 -8.89 1.40 53.77
N LEU A 192 -8.23 1.74 52.66
CA LEU A 192 -7.02 2.54 52.73
C LEU A 192 -7.26 3.91 53.34
N GLY A 193 -8.45 4.46 53.17
CA GLY A 193 -8.70 5.76 53.76
C GLY A 193 -9.31 5.72 55.15
N THR A 194 -9.51 4.54 55.72
CA THR A 194 -10.27 4.40 56.96
C THR A 194 -9.64 3.48 58.00
N GLN A 195 -8.67 2.64 57.66
CA GLN A 195 -8.02 1.74 58.61
C GLN A 195 -6.57 2.12 58.74
N THR A 196 -6.09 2.23 59.98
CA THR A 196 -4.66 2.46 60.20
C THR A 196 -3.92 1.13 60.17
N TYR A 197 -2.71 1.16 59.62
CA TYR A 197 -1.89 -0.04 59.50
C TYR A 197 -0.54 0.20 60.16
N ILE A 198 -0.30 -0.53 61.25
CA ILE A 198 0.98 -0.55 61.95
C ILE A 198 1.62 -1.90 61.71
N CYS A 199 2.89 -1.91 61.33
CA CYS A 199 3.71 -3.11 61.40
C CYS A 199 4.53 -3.04 62.68
N ASN A 200 4.45 -4.09 63.49
CA ASN A 200 5.18 -4.18 64.75
C ASN A 200 6.38 -5.09 64.53
N VAL A 201 7.58 -4.52 64.59
CA VAL A 201 8.81 -5.25 64.34
C VAL A 201 9.59 -5.37 65.64
N ASN A 202 9.97 -6.59 65.99
CA ASN A 202 10.82 -6.85 67.14
C ASN A 202 12.10 -7.53 66.66
N HIS A 203 13.24 -7.00 67.08
CA HIS A 203 14.55 -7.59 66.86
C HIS A 203 15.24 -7.66 68.22
N LYS A 204 15.23 -8.83 68.83
CA LYS A 204 15.69 -9.03 70.20
C LYS A 204 17.20 -8.88 70.40
N PRO A 205 18.06 -9.24 69.43
CA PRO A 205 19.50 -9.00 69.64
C PRO A 205 19.86 -7.57 69.98
N SER A 206 19.08 -6.59 69.55
CA SER A 206 19.34 -5.20 69.87
C SER A 206 18.21 -4.57 70.68
N ASN A 207 17.35 -5.40 71.28
CA ASN A 207 16.20 -4.95 72.06
C ASN A 207 15.37 -3.92 71.28
N THR A 208 15.38 -4.07 69.96
CA THR A 208 14.67 -3.15 69.08
C THR A 208 13.22 -3.57 68.95
N LYS A 209 12.30 -2.70 69.38
CA LYS A 209 10.90 -2.82 69.01
C LYS A 209 10.52 -1.56 68.25
N VAL A 210 10.23 -1.72 66.95
CA VAL A 210 9.92 -0.60 66.08
C VAL A 210 8.51 -0.81 65.53
N ASP A 211 7.62 0.11 65.84
CA ASP A 211 6.24 0.07 65.38
C ASP A 211 6.07 1.17 64.34
N LYS A 212 5.85 0.78 63.08
CA LYS A 212 5.92 1.69 61.96
C LYS A 212 4.56 1.88 61.32
N ARG A 213 4.17 3.14 61.17
CA ARG A 213 2.90 3.50 60.56
C ARG A 213 3.03 3.42 59.04
N VAL A 214 2.01 2.88 58.39
CA VAL A 214 2.00 2.78 56.93
C VAL A 214 0.69 3.39 56.43
N GLU A 215 0.82 4.50 55.70
CA GLU A 215 -0.28 5.25 55.14
C GLU A 215 -0.09 5.40 53.63
N PRO A 216 -1.18 5.51 52.85
CA PRO A 216 -1.05 5.74 51.41
C PRO A 216 -0.44 7.10 51.09
N ASP B 1 34.25 -37.27 50.10
CA ASP B 1 32.87 -37.31 50.54
C ASP B 1 31.94 -37.72 49.40
N ILE B 2 31.08 -38.70 49.66
CA ILE B 2 30.08 -39.11 48.69
C ILE B 2 28.94 -38.10 48.72
N VAL B 3 28.53 -37.65 47.53
CA VAL B 3 27.49 -36.64 47.40
C VAL B 3 26.16 -37.34 47.10
N MET B 4 25.15 -37.04 47.92
CA MET B 4 23.80 -37.56 47.72
C MET B 4 22.99 -36.47 47.03
N THR B 5 22.78 -36.63 45.72
CA THR B 5 22.10 -35.63 44.93
C THR B 5 20.61 -35.94 44.85
N GLN B 6 19.80 -35.03 45.38
CA GLN B 6 18.34 -35.05 45.19
C GLN B 6 18.04 -33.91 44.22
N SER B 7 17.90 -34.23 42.93
CA SER B 7 17.73 -33.21 41.92
C SER B 7 16.41 -32.46 42.04
N GLN B 8 15.43 -33.02 42.74
CA GLN B 8 14.12 -32.40 42.92
C GLN B 8 14.11 -31.69 44.26
N LYS B 9 14.09 -30.35 44.24
CA LYS B 9 14.00 -29.61 45.50
C LYS B 9 12.55 -29.44 45.93
N PHE B 10 11.61 -29.38 45.00
CA PHE B 10 10.19 -29.35 45.30
C PHE B 10 9.44 -30.32 44.38
N MET B 11 8.44 -30.99 44.95
CA MET B 11 7.56 -31.87 44.19
C MET B 11 6.12 -31.66 44.64
N SER B 12 5.20 -31.71 43.68
CA SER B 12 3.79 -31.47 43.94
C SER B 12 2.98 -32.76 43.80
N THR B 13 2.04 -32.95 44.72
CA THR B 13 1.20 -34.13 44.74
C THR B 13 -0.17 -33.77 45.28
N SER B 14 -1.16 -34.57 44.90
CA SER B 14 -2.47 -34.52 45.53
C SER B 14 -2.59 -35.68 46.51
N VAL B 15 -3.56 -35.57 47.41
CA VAL B 15 -3.87 -36.68 48.31
C VAL B 15 -4.41 -37.84 47.48
N GLY B 16 -3.82 -39.01 47.67
CA GLY B 16 -4.16 -40.20 46.91
C GLY B 16 -3.19 -40.52 45.80
N ASP B 17 -2.42 -39.54 45.35
CA ASP B 17 -1.47 -39.77 44.27
C ASP B 17 -0.29 -40.63 44.73
N ARG B 18 0.54 -41.00 43.78
CA ARG B 18 1.80 -41.68 44.03
C ARG B 18 2.94 -40.79 43.56
N VAL B 19 3.95 -40.62 44.41
CA VAL B 19 5.11 -39.81 44.08
C VAL B 19 6.37 -40.60 44.36
N SER B 20 7.42 -40.31 43.58
CA SER B 20 8.72 -40.95 43.73
C SER B 20 9.78 -39.87 43.94
N VAL B 21 10.43 -39.89 45.09
CA VAL B 21 11.53 -38.98 45.38
C VAL B 21 12.83 -39.71 45.05
N THR B 22 13.65 -39.10 44.19
CA THR B 22 14.85 -39.74 43.68
C THR B 22 16.10 -39.23 44.39
N CYS B 23 17.15 -40.05 44.34
CA CYS B 23 18.41 -39.76 45.01
C CYS B 23 19.51 -40.53 44.29
N LYS B 24 20.58 -39.82 43.91
CA LYS B 24 21.70 -40.41 43.19
C LYS B 24 22.99 -40.17 43.95
N ALA B 25 23.72 -41.24 44.23
CA ALA B 25 24.99 -41.16 44.94
C ALA B 25 26.14 -41.02 43.95
N SER B 26 27.15 -40.24 44.33
CA SER B 26 28.28 -40.01 43.45
C SER B 26 29.17 -41.25 43.30
N GLN B 27 29.14 -42.16 44.27
CA GLN B 27 29.90 -43.39 44.22
C GLN B 27 28.99 -44.54 44.61
N ASN B 28 29.49 -45.76 44.43
CA ASN B 28 28.70 -46.95 44.76
C ASN B 28 28.55 -47.07 46.27
N VAL B 29 27.31 -47.08 46.74
CA VAL B 29 27.01 -47.23 48.15
C VAL B 29 26.21 -48.49 48.44
N GLY B 30 26.18 -49.42 47.49
CA GLY B 30 25.48 -50.69 47.70
C GLY B 30 24.00 -50.46 47.92
N THR B 31 23.51 -50.95 49.06
CA THR B 31 22.17 -50.64 49.53
C THR B 31 22.18 -49.92 50.87
N ASN B 32 23.36 -49.45 51.32
CA ASN B 32 23.49 -48.81 52.62
C ASN B 32 23.04 -47.34 52.51
N VAL B 33 21.74 -47.17 52.31
CA VAL B 33 21.13 -45.86 52.13
C VAL B 33 19.87 -45.79 52.99
N ALA B 34 19.66 -44.65 53.65
CA ALA B 34 18.51 -44.43 54.49
C ALA B 34 17.69 -43.24 53.98
N TRP B 35 16.44 -43.16 54.43
CA TRP B 35 15.55 -42.06 54.11
C TRP B 35 14.95 -41.48 55.38
N TYR B 36 14.74 -40.16 55.38
CA TYR B 36 14.20 -39.47 56.54
C TYR B 36 13.11 -38.50 56.11
N GLN B 37 12.23 -38.20 57.05
CA GLN B 37 11.14 -37.25 56.87
C GLN B 37 11.29 -36.14 57.90
N GLN B 38 11.05 -34.89 57.49
CA GLN B 38 11.04 -33.79 58.43
C GLN B 38 9.97 -32.78 58.04
N LYS B 39 9.10 -32.48 58.98
CA LYS B 39 8.12 -31.42 58.98
C LYS B 39 8.67 -30.21 59.73
N PRO B 40 8.25 -29.01 59.35
CA PRO B 40 8.80 -27.80 59.99
C PRO B 40 8.63 -27.82 61.49
N GLY B 41 9.72 -27.53 62.20
CA GLY B 41 9.71 -27.51 63.65
C GLY B 41 10.02 -28.87 64.24
N GLN B 42 9.55 -29.93 63.59
CA GLN B 42 9.72 -31.27 64.12
C GLN B 42 11.14 -31.78 63.87
N SER B 43 11.52 -32.76 64.69
CA SER B 43 12.77 -33.49 64.43
C SER B 43 12.61 -34.40 63.20
N PRO B 44 13.70 -34.82 62.56
CA PRO B 44 13.56 -35.77 61.47
C PRO B 44 13.18 -37.15 62.00
N LYS B 45 12.39 -37.86 61.19
CA LYS B 45 11.94 -39.21 61.52
C LYS B 45 12.53 -40.18 60.50
N ALA B 46 13.20 -41.21 60.98
CA ALA B 46 13.80 -42.18 60.08
C ALA B 46 12.72 -43.10 59.51
N LEU B 47 12.76 -43.30 58.20
CA LEU B 47 11.75 -44.07 57.49
C LEU B 47 12.29 -45.40 56.97
N ILE B 48 13.39 -45.37 56.23
CA ILE B 48 13.90 -46.54 55.51
C ILE B 48 15.35 -46.77 55.91
N TYR B 49 15.72 -48.04 56.04
CA TYR B 49 17.12 -48.43 56.10
C TYR B 49 17.38 -49.53 55.08
N SER B 50 18.65 -49.65 54.70
CA SER B 50 19.08 -50.63 53.69
C SER B 50 18.27 -50.48 52.40
N ALA B 51 17.98 -49.23 52.04
CA ALA B 51 17.37 -48.86 50.77
C ALA B 51 15.89 -49.26 50.68
N SER B 52 15.50 -50.39 51.26
CA SER B 52 14.13 -50.86 51.06
C SER B 52 13.46 -51.42 52.31
N TYR B 53 14.04 -51.25 53.49
CA TYR B 53 13.48 -51.81 54.72
C TYR B 53 12.95 -50.68 55.60
N ARG B 54 11.73 -50.84 56.08
CA ARG B 54 11.08 -49.81 56.89
C ARG B 54 11.51 -49.90 58.34
N TYR B 55 11.77 -48.74 58.94
CA TYR B 55 11.92 -48.67 60.39
C TYR B 55 10.56 -48.88 61.05
N SER B 56 10.61 -49.17 62.35
CA SER B 56 9.39 -49.35 63.13
C SER B 56 8.46 -48.15 63.02
N GLY B 57 7.17 -48.44 62.87
CA GLY B 57 6.14 -47.42 62.88
C GLY B 57 5.90 -46.72 61.57
N VAL B 58 6.50 -47.20 60.49
CA VAL B 58 6.45 -46.52 59.19
C VAL B 58 5.39 -47.20 58.33
N PRO B 59 4.40 -46.48 57.82
CA PRO B 59 3.32 -47.11 57.05
C PRO B 59 3.83 -47.75 55.77
N ASP B 60 3.03 -48.66 55.23
CA ASP B 60 3.44 -49.42 54.06
C ASP B 60 3.40 -48.62 52.77
N ARG B 61 2.82 -47.41 52.78
CA ARG B 61 2.84 -46.60 51.58
C ARG B 61 4.24 -46.05 51.29
N PHE B 62 5.15 -46.14 52.27
CA PHE B 62 6.54 -45.72 52.09
C PHE B 62 7.36 -46.93 51.63
N THR B 63 7.67 -46.99 50.35
CA THR B 63 8.51 -48.04 49.79
C THR B 63 9.79 -47.41 49.27
N GLY B 64 10.93 -47.96 49.71
CA GLY B 64 12.23 -47.58 49.19
C GLY B 64 12.74 -48.64 48.24
N SER B 65 13.58 -48.22 47.30
CA SER B 65 14.17 -49.13 46.33
C SER B 65 15.45 -48.50 45.80
N GLY B 66 16.13 -49.24 44.93
CA GLY B 66 17.37 -48.79 44.34
C GLY B 66 18.58 -49.47 44.95
N SER B 67 19.70 -49.37 44.23
CA SER B 67 20.95 -49.94 44.68
C SER B 67 22.10 -49.32 43.89
N GLY B 68 23.31 -49.49 44.41
CA GLY B 68 24.49 -48.98 43.75
C GLY B 68 24.62 -47.47 43.82
N THR B 69 24.01 -46.77 42.87
CA THR B 69 24.09 -45.32 42.80
C THR B 69 22.74 -44.61 42.74
N ASP B 70 21.67 -45.31 42.37
CA ASP B 70 20.36 -44.69 42.18
C ASP B 70 19.37 -45.25 43.18
N PHE B 71 18.69 -44.35 43.88
CA PHE B 71 17.79 -44.72 44.97
C PHE B 71 16.52 -43.90 44.90
N THR B 72 15.41 -44.52 45.30
CA THR B 72 14.10 -43.89 45.18
C THR B 72 13.26 -44.21 46.41
N LEU B 73 12.66 -43.17 46.98
CA LEU B 73 11.63 -43.31 48.01
C LEU B 73 10.29 -43.01 47.35
N THR B 74 9.43 -44.02 47.25
CA THR B 74 8.11 -43.86 46.66
C THR B 74 7.06 -43.82 47.77
N ILE B 75 6.20 -42.81 47.71
CA ILE B 75 5.04 -42.71 48.60
C ILE B 75 3.80 -42.91 47.76
N SER B 76 3.09 -44.00 48.01
CA SER B 76 1.84 -44.29 47.34
C SER B 76 0.68 -43.78 48.17
N ASN B 77 -0.38 -43.32 47.49
CA ASN B 77 -1.61 -42.93 48.15
C ASN B 77 -1.33 -41.87 49.22
N VAL B 78 -0.74 -40.76 48.76
CA VAL B 78 -0.21 -39.76 49.69
C VAL B 78 -1.32 -39.26 50.60
N GLN B 79 -1.03 -39.18 51.89
CA GLN B 79 -1.92 -38.59 52.86
C GLN B 79 -1.40 -37.20 53.23
N SER B 80 -2.31 -36.40 53.80
CA SER B 80 -1.94 -35.03 54.18
C SER B 80 -0.77 -35.02 55.15
N GLU B 81 -0.68 -36.00 56.04
CA GLU B 81 0.44 -36.03 56.97
C GLU B 81 1.74 -36.48 56.33
N ASP B 82 1.75 -36.72 55.02
CA ASP B 82 2.98 -37.05 54.30
C ASP B 82 3.64 -35.85 53.66
N LEU B 83 2.97 -34.69 53.64
CA LEU B 83 3.56 -33.48 53.08
C LEU B 83 4.67 -33.00 54.01
N ALA B 84 5.92 -33.11 53.55
CA ALA B 84 7.08 -32.84 54.38
C ALA B 84 8.31 -32.75 53.49
N GLU B 85 9.46 -32.52 54.11
CA GLU B 85 10.75 -32.64 53.43
C GLU B 85 11.29 -34.04 53.62
N TYR B 86 11.96 -34.56 52.59
CA TYR B 86 12.48 -35.92 52.60
C TYR B 86 13.95 -35.90 52.23
N PHE B 87 14.78 -36.53 53.06
CA PHE B 87 16.22 -36.59 52.89
C PHE B 87 16.65 -38.03 52.67
N CYS B 88 17.52 -38.24 51.69
CA CYS B 88 18.23 -39.51 51.61
C CYS B 88 19.59 -39.37 52.28
N GLN B 89 20.17 -40.51 52.63
CA GLN B 89 21.46 -40.53 53.30
C GLN B 89 22.17 -41.84 52.96
N GLN B 90 23.48 -41.78 52.81
CA GLN B 90 24.30 -42.97 52.69
C GLN B 90 25.10 -43.18 53.97
N TYR B 91 25.32 -44.45 54.31
CA TYR B 91 26.16 -44.82 55.44
C TYR B 91 27.09 -45.96 55.07
N ASN B 92 27.42 -46.08 53.77
CA ASN B 92 28.30 -47.13 53.30
C ASN B 92 29.76 -46.82 53.59
N SER B 93 30.13 -45.54 53.65
CA SER B 93 31.51 -45.15 53.91
C SER B 93 31.51 -43.81 54.61
N TYR B 94 32.66 -43.50 55.27
CA TYR B 94 32.81 -42.25 55.99
C TYR B 94 33.36 -41.16 55.08
N PRO B 95 32.92 -39.91 55.26
CA PRO B 95 31.91 -39.45 56.22
C PRO B 95 30.50 -39.83 55.77
N LEU B 96 29.58 -40.06 56.73
CA LEU B 96 28.18 -40.29 56.39
C LEU B 96 27.57 -38.99 55.89
N THR B 97 26.86 -39.05 54.76
CA THR B 97 26.40 -37.84 54.09
C THR B 97 24.91 -37.91 53.80
N PHE B 98 24.21 -36.82 54.13
CA PHE B 98 22.81 -36.62 53.78
C PHE B 98 22.69 -35.90 52.44
N GLY B 99 21.54 -36.11 51.78
CA GLY B 99 21.22 -35.35 50.59
C GLY B 99 20.64 -33.98 50.92
N ALA B 100 20.41 -33.20 49.84
CA ALA B 100 19.96 -31.83 50.01
C ALA B 100 18.51 -31.73 50.45
N GLY B 101 17.70 -32.73 50.16
CA GLY B 101 16.32 -32.73 50.62
C GLY B 101 15.31 -32.37 49.56
N THR B 102 14.15 -33.01 49.61
CA THR B 102 13.06 -32.77 48.67
C THR B 102 11.80 -32.46 49.47
N LYS B 103 11.20 -31.30 49.19
CA LYS B 103 9.97 -30.90 49.87
C LYS B 103 8.77 -31.36 49.06
N LEU B 104 7.92 -32.18 49.68
CA LEU B 104 6.73 -32.73 49.05
C LEU B 104 5.54 -31.83 49.38
N GLU B 105 4.98 -31.17 48.37
CA GLU B 105 4.02 -30.10 48.58
C GLU B 105 2.73 -30.38 47.82
N LEU B 106 1.67 -29.66 48.19
CA LEU B 106 0.31 -30.02 47.79
C LEU B 106 -0.04 -29.43 46.43
N LYS B 107 -0.51 -30.28 45.52
CA LYS B 107 -0.91 -29.85 44.19
C LYS B 107 -2.25 -29.13 44.26
N ARG B 108 -2.41 -28.09 43.43
CA ARG B 108 -3.67 -27.38 43.37
C ARG B 108 -3.84 -26.74 42.00
N THR B 109 -5.00 -26.11 41.80
CA THR B 109 -5.28 -25.41 40.57
C THR B 109 -4.29 -24.26 40.37
N VAL B 110 -4.03 -23.94 39.10
CA VAL B 110 -3.10 -22.85 38.79
C VAL B 110 -3.70 -21.53 39.23
N ALA B 111 -2.88 -20.68 39.84
CA ALA B 111 -3.33 -19.38 40.31
C ALA B 111 -2.31 -18.32 39.88
N ALA B 112 -2.76 -17.33 39.13
CA ALA B 112 -1.86 -16.29 38.67
C ALA B 112 -1.53 -15.33 39.81
N PRO B 113 -0.32 -14.80 39.86
CA PRO B 113 0.04 -13.88 40.95
C PRO B 113 -0.64 -12.53 40.77
N SER B 114 -1.14 -11.99 41.88
CA SER B 114 -1.46 -10.58 41.96
C SER B 114 -0.16 -9.81 42.14
N VAL B 115 0.13 -8.91 41.22
CA VAL B 115 1.43 -8.22 41.18
C VAL B 115 1.24 -6.80 41.69
N PHE B 116 2.15 -6.38 42.58
CA PHE B 116 2.17 -5.04 43.13
C PHE B 116 3.62 -4.55 43.11
N ILE B 117 3.79 -3.25 42.93
CA ILE B 117 5.12 -2.65 42.94
C ILE B 117 5.11 -1.45 43.89
N PHE B 118 6.17 -1.34 44.70
CA PHE B 118 6.27 -0.28 45.70
C PHE B 118 7.47 0.60 45.37
N PRO B 119 7.28 1.92 45.26
CA PRO B 119 8.42 2.82 45.12
C PRO B 119 9.16 2.95 46.44
N PRO B 120 10.43 3.39 46.41
CA PRO B 120 11.13 3.62 47.67
C PRO B 120 10.50 4.76 48.45
N SER B 121 10.52 4.63 49.78
CA SER B 121 9.99 5.67 50.63
C SER B 121 10.93 6.86 50.65
N ASP B 122 10.35 8.05 50.83
CA ASP B 122 11.17 9.26 50.94
C ASP B 122 12.10 9.18 52.16
N GLU B 123 11.70 8.45 53.20
CA GLU B 123 12.59 8.17 54.31
C GLU B 123 13.87 7.52 53.82
N GLN B 124 13.74 6.42 53.08
CA GLN B 124 14.92 5.69 52.61
C GLN B 124 15.70 6.50 51.58
N LEU B 125 15.03 7.39 50.84
CA LEU B 125 15.75 8.21 49.87
C LEU B 125 16.79 9.09 50.55
N LYS B 126 16.58 9.41 51.82
CA LYS B 126 17.60 10.12 52.58
C LYS B 126 18.80 9.23 52.91
N SER B 127 18.66 7.91 52.81
CA SER B 127 19.74 6.99 53.14
C SER B 127 20.80 6.90 52.06
N GLY B 128 20.69 7.67 50.98
CA GLY B 128 21.55 7.49 49.83
C GLY B 128 21.37 6.18 49.10
N THR B 129 20.43 5.34 49.54
CA THR B 129 20.16 4.04 48.94
C THR B 129 18.65 3.93 48.71
N ALA B 130 18.26 3.36 47.59
CA ALA B 130 16.85 3.26 47.22
C ALA B 130 16.49 1.81 46.93
N SER B 131 15.39 1.35 47.53
CA SER B 131 14.94 -0.03 47.40
C SER B 131 13.54 -0.03 46.80
N VAL B 132 13.41 -0.64 45.62
CA VAL B 132 12.14 -0.83 44.93
C VAL B 132 11.72 -2.27 45.13
N VAL B 133 10.46 -2.48 45.51
CA VAL B 133 9.96 -3.79 45.91
C VAL B 133 8.79 -4.18 45.01
N CYS B 134 8.83 -5.42 44.51
CA CYS B 134 7.77 -5.97 43.68
C CYS B 134 7.25 -7.25 44.33
N LEU B 135 5.93 -7.31 44.53
CA LEU B 135 5.29 -8.41 45.23
C LEU B 135 4.44 -9.24 44.28
N LEU B 136 4.65 -10.55 44.28
CA LEU B 136 3.80 -11.52 43.60
C LEU B 136 3.05 -12.30 44.66
N ASN B 137 1.72 -12.16 44.68
CA ASN B 137 0.93 -12.58 45.82
C ASN B 137 0.09 -13.81 45.51
N ASN B 138 0.25 -14.85 46.31
CA ASN B 138 -0.63 -16.01 46.37
C ASN B 138 -0.85 -16.62 44.98
N PHE B 139 0.21 -17.19 44.45
CA PHE B 139 0.20 -17.81 43.13
C PHE B 139 0.54 -19.29 43.22
N TYR B 140 0.31 -20.00 42.12
CA TYR B 140 0.64 -21.42 42.02
C TYR B 140 0.70 -21.81 40.55
N PRO B 141 1.68 -22.63 40.14
CA PRO B 141 2.72 -23.27 40.95
C PRO B 141 3.88 -22.35 41.32
N ARG B 142 4.89 -22.93 41.96
CA ARG B 142 5.95 -22.12 42.57
C ARG B 142 6.79 -21.37 41.54
N GLU B 143 6.90 -21.91 40.33
CA GLU B 143 7.83 -21.36 39.35
C GLU B 143 7.37 -19.99 38.88
N ALA B 144 8.25 -19.00 39.05
CA ALA B 144 8.01 -17.66 38.55
C ALA B 144 9.34 -17.01 38.22
N LYS B 145 9.30 -16.03 37.33
CA LYS B 145 10.48 -15.29 36.91
C LYS B 145 10.16 -13.81 36.91
N VAL B 146 10.97 -13.03 37.62
CA VAL B 146 10.81 -11.58 37.70
C VAL B 146 12.02 -10.92 37.09
N GLN B 147 11.79 -9.95 36.21
CA GLN B 147 12.82 -9.10 35.65
C GLN B 147 12.58 -7.67 36.08
N TRP B 148 13.67 -6.96 36.36
CA TRP B 148 13.61 -5.52 36.63
C TRP B 148 14.12 -4.78 35.40
N LYS B 149 13.34 -3.83 34.92
CA LYS B 149 13.69 -3.03 33.76
C LYS B 149 13.62 -1.56 34.16
N VAL B 150 14.78 -0.88 34.18
CA VAL B 150 14.86 0.52 34.58
C VAL B 150 15.04 1.34 33.31
N ASP B 151 14.12 2.27 33.04
CA ASP B 151 14.09 2.95 31.74
C ASP B 151 14.26 1.94 30.61
N ASN B 152 13.54 0.82 30.75
CA ASN B 152 13.43 -0.29 29.83
C ASN B 152 14.68 -1.16 29.77
N ALA B 153 15.67 -0.94 30.63
CA ALA B 153 16.93 -1.67 30.56
C ALA B 153 16.91 -2.84 31.54
N LEU B 154 17.16 -4.03 31.02
CA LEU B 154 17.24 -5.23 31.85
C LEU B 154 18.30 -5.08 32.94
N GLN B 155 17.92 -5.45 34.16
CA GLN B 155 18.81 -5.42 35.31
C GLN B 155 19.42 -6.78 35.60
N SER B 156 20.57 -6.76 36.25
CA SER B 156 21.25 -7.99 36.63
C SER B 156 22.15 -7.73 37.81
N GLY B 157 22.20 -8.69 38.73
CA GLY B 157 23.11 -8.64 39.86
C GLY B 157 22.60 -7.80 41.02
N ASN B 158 21.80 -6.78 40.72
CA ASN B 158 21.36 -5.82 41.72
C ASN B 158 19.95 -6.10 42.24
N SER B 159 19.56 -7.36 42.37
CA SER B 159 18.23 -7.70 42.80
C SER B 159 18.26 -9.02 43.55
N GLN B 160 17.28 -9.20 44.44
CA GLN B 160 17.19 -10.38 45.27
C GLN B 160 15.73 -10.80 45.43
N GLU B 161 15.47 -12.08 45.23
CA GLU B 161 14.14 -12.65 45.42
C GLU B 161 14.01 -13.28 46.79
N SER B 162 12.76 -13.41 47.25
CA SER B 162 12.44 -14.19 48.44
C SER B 162 11.05 -14.79 48.26
N VAL B 163 10.91 -16.06 48.61
CA VAL B 163 9.69 -16.82 48.37
C VAL B 163 9.22 -17.40 49.70
N THR B 164 7.91 -17.37 49.91
CA THR B 164 7.32 -17.95 51.10
C THR B 164 7.23 -19.47 50.98
N GLU B 165 7.10 -20.12 52.12
CA GLU B 165 6.71 -21.52 52.15
C GLU B 165 5.26 -21.65 51.69
N GLN B 166 4.90 -22.85 51.21
CA GLN B 166 3.57 -23.04 50.69
C GLN B 166 2.52 -22.79 51.77
N ASP B 167 1.47 -22.07 51.40
CA ASP B 167 0.42 -21.72 52.35
C ASP B 167 -0.35 -22.95 52.78
N SER B 168 -0.62 -23.05 54.07
CA SER B 168 -1.34 -24.21 54.58
C SER B 168 -2.85 -24.07 54.45
N LYS B 169 -3.35 -22.92 54.00
CA LYS B 169 -4.79 -22.71 53.81
C LYS B 169 -5.20 -22.77 52.35
N ASP B 170 -4.52 -22.02 51.48
CA ASP B 170 -4.85 -22.00 50.06
C ASP B 170 -3.74 -22.55 49.17
N SER B 171 -2.67 -23.10 49.76
CA SER B 171 -1.64 -23.84 49.02
C SER B 171 -0.96 -23.01 47.95
N THR B 172 -0.86 -21.71 48.16
CA THR B 172 -0.18 -20.83 47.21
C THR B 172 1.21 -20.48 47.73
N TYR B 173 1.97 -19.83 46.86
CA TYR B 173 3.23 -19.20 47.23
C TYR B 173 3.12 -17.71 46.99
N SER B 174 4.01 -16.96 47.63
CA SER B 174 4.19 -15.54 47.35
C SER B 174 5.67 -15.25 47.17
N LEU B 175 5.97 -14.24 46.36
CA LEU B 175 7.35 -13.92 46.04
C LEU B 175 7.55 -12.41 46.09
N SER B 176 8.67 -11.99 46.67
CA SER B 176 9.09 -10.60 46.66
C SER B 176 10.39 -10.49 45.91
N SER B 177 10.51 -9.44 45.10
CA SER B 177 11.75 -9.10 44.41
C SER B 177 12.12 -7.67 44.77
N THR B 178 13.32 -7.48 45.29
CA THR B 178 13.79 -6.19 45.76
C THR B 178 14.95 -5.72 44.90
N LEU B 179 14.80 -4.54 44.31
CA LEU B 179 15.85 -3.92 43.51
C LEU B 179 16.49 -2.82 44.34
N THR B 180 17.80 -2.94 44.57
CA THR B 180 18.54 -1.99 45.39
C THR B 180 19.42 -1.14 44.50
N LEU B 181 19.21 0.17 44.57
CA LEU B 181 19.99 1.14 43.81
C LEU B 181 20.53 2.18 44.78
N SER B 182 21.52 2.95 44.31
CA SER B 182 21.86 4.18 44.99
C SER B 182 20.81 5.24 44.65
N LYS B 183 20.57 6.13 45.60
CA LYS B 183 19.66 7.25 45.32
C LYS B 183 20.16 8.06 44.13
N ALA B 184 21.48 8.14 43.96
CA ALA B 184 22.06 8.77 42.78
C ALA B 184 21.47 8.18 41.50
N ASP B 185 21.67 6.87 41.31
CA ASP B 185 21.21 6.22 40.07
C ASP B 185 19.69 6.19 39.97
N TYR B 186 19.00 6.16 41.11
CA TYR B 186 17.54 6.16 41.09
C TYR B 186 17.00 7.48 40.53
N GLU B 187 17.64 8.59 40.86
CA GLU B 187 17.13 9.89 40.44
C GLU B 187 17.44 10.20 38.98
N LYS B 188 18.49 9.60 38.41
CA LYS B 188 18.79 9.78 36.99
C LYS B 188 18.17 8.69 36.12
N HIS B 189 17.03 8.15 36.53
CA HIS B 189 16.22 7.26 35.71
C HIS B 189 14.76 7.50 36.05
N LYS B 190 13.88 7.10 35.15
CA LYS B 190 12.48 7.53 35.23
C LYS B 190 11.49 6.38 35.40
N VAL B 191 11.61 5.32 34.61
CA VAL B 191 10.61 4.25 34.59
C VAL B 191 11.15 3.05 35.36
N TYR B 192 10.34 2.54 36.29
CA TYR B 192 10.70 1.40 37.11
C TYR B 192 9.63 0.33 36.99
N ALA B 193 10.01 -0.82 36.46
CA ALA B 193 9.04 -1.86 36.17
C ALA B 193 9.59 -3.21 36.58
N CYS B 194 8.73 -4.05 37.13
CA CYS B 194 9.03 -5.45 37.36
C CYS B 194 8.15 -6.27 36.41
N GLU B 195 8.78 -7.19 35.69
CA GLU B 195 8.14 -7.97 34.64
C GLU B 195 7.91 -9.38 35.14
N VAL B 196 6.66 -9.83 35.14
CA VAL B 196 6.27 -11.09 35.75
C VAL B 196 5.80 -12.06 34.67
N THR B 197 6.47 -13.20 34.59
CA THR B 197 6.01 -14.32 33.79
C THR B 197 5.53 -15.41 34.74
N HIS B 198 4.35 -15.97 34.46
CA HIS B 198 3.85 -17.05 35.29
C HIS B 198 2.90 -17.94 34.50
N GLN B 199 2.87 -19.20 34.90
CA GLN B 199 2.06 -20.22 34.23
C GLN B 199 0.58 -19.85 34.22
N GLY B 200 0.12 -19.11 35.23
CA GLY B 200 -1.26 -18.65 35.25
C GLY B 200 -1.50 -17.35 34.52
N LEU B 201 -0.45 -16.68 34.05
CA LEU B 201 -0.58 -15.44 33.30
C LEU B 201 -0.62 -15.77 31.81
N SER B 202 -1.68 -15.32 31.13
CA SER B 202 -1.83 -15.63 29.71
C SER B 202 -0.85 -14.87 28.83
N SER B 203 -0.22 -13.84 29.36
CA SER B 203 0.89 -13.15 28.71
C SER B 203 1.63 -12.35 29.77
N PRO B 204 2.96 -12.19 29.64
CA PRO B 204 3.74 -11.60 30.73
C PRO B 204 3.23 -10.21 31.11
N VAL B 205 3.14 -9.98 32.41
CA VAL B 205 2.57 -8.77 32.97
C VAL B 205 3.70 -7.95 33.60
N THR B 206 3.81 -6.70 33.17
CA THR B 206 4.77 -5.76 33.75
C THR B 206 4.02 -4.73 34.58
N LYS B 207 4.44 -4.56 35.83
CA LYS B 207 3.89 -3.56 36.74
C LYS B 207 4.95 -2.50 36.97
N SER B 208 4.56 -1.23 36.89
CA SER B 208 5.57 -0.18 36.83
C SER B 208 5.06 1.13 37.41
N PHE B 209 5.99 2.04 37.68
CA PHE B 209 5.68 3.40 38.07
C PHE B 209 6.75 4.34 37.50
N ASN B 210 6.39 5.61 37.37
CA ASN B 210 7.31 6.66 36.95
C ASN B 210 7.74 7.43 38.19
N ARG B 211 9.05 7.55 38.40
CA ARG B 211 9.55 8.24 39.59
C ARG B 211 9.01 9.65 39.64
N GLY B 212 8.21 9.94 40.67
CA GLY B 212 7.57 11.24 40.79
C GLY B 212 6.07 11.14 40.58
N GLU B 213 5.50 9.97 40.86
CA GLU B 213 4.07 9.71 40.68
C GLU B 213 3.62 9.99 39.25
N VAL C 2 5.93 7.96 -2.72
CA VAL C 2 7.19 8.43 -2.17
C VAL C 2 8.11 7.27 -1.79
N ARG C 3 9.42 7.47 -1.95
CA ARG C 3 10.41 6.49 -1.57
C ARG C 3 11.52 7.18 -0.80
N LEU C 4 11.90 6.60 0.34
CA LEU C 4 13.00 7.11 1.16
C LEU C 4 14.17 6.15 1.09
N GLN C 5 15.38 6.69 0.95
CA GLN C 5 16.58 5.89 0.70
C GLN C 5 17.73 6.47 1.50
N GLN C 6 18.29 5.65 2.39
CA GLN C 6 19.30 6.12 3.33
C GLN C 6 20.68 5.59 2.96
N SER C 7 21.71 6.26 3.46
CA SER C 7 23.07 5.89 3.18
C SER C 7 23.43 4.58 3.88
N GLY C 8 24.57 4.02 3.49
CA GLY C 8 24.99 2.72 3.96
C GLY C 8 25.49 2.75 5.39
N PRO C 9 25.86 1.57 5.88
CA PRO C 9 26.21 1.45 7.30
C PRO C 9 27.55 2.10 7.62
N GLU C 10 27.62 2.66 8.84
CA GLU C 10 28.81 3.31 9.35
C GLU C 10 29.40 2.48 10.48
N LEU C 11 30.74 2.39 10.50
CA LEU C 11 31.46 1.54 11.46
C LEU C 11 32.60 2.37 12.04
N VAL C 12 32.27 3.18 13.03
CA VAL C 12 33.20 4.19 13.53
C VAL C 12 33.69 3.80 14.92
N LYS C 13 34.66 4.56 15.41
CA LYS C 13 35.34 4.37 16.67
C LYS C 13 34.96 5.49 17.64
N PRO C 14 35.10 5.27 18.95
CA PRO C 14 34.61 6.25 19.92
C PRO C 14 35.16 7.65 19.68
N GLY C 15 34.33 8.65 19.93
CA GLY C 15 34.67 10.03 19.70
C GLY C 15 34.46 10.50 18.27
N ALA C 16 34.20 9.60 17.33
CA ALA C 16 34.06 10.00 15.94
C ALA C 16 32.73 10.70 15.72
N SER C 17 32.49 11.09 14.47
CA SER C 17 31.25 11.73 14.07
C SER C 17 31.00 11.38 12.61
N VAL C 18 29.72 11.33 12.24
CA VAL C 18 29.33 10.92 10.89
C VAL C 18 28.22 11.84 10.40
N ARG C 19 28.04 11.85 9.08
CA ARG C 19 26.88 12.48 8.45
C ARG C 19 26.16 11.44 7.61
N ILE C 20 24.89 11.20 7.94
CA ILE C 20 24.07 10.19 7.29
C ILE C 20 23.06 10.89 6.39
N SER C 21 22.79 10.30 5.23
CA SER C 21 21.90 10.89 4.24
C SER C 21 20.59 10.12 4.15
N CYS C 22 19.53 10.84 3.79
CA CYS C 22 18.23 10.24 3.49
C CYS C 22 17.67 10.95 2.26
N LYS C 23 17.71 10.26 1.12
CA LYS C 23 17.23 10.83 -0.13
C LYS C 23 15.75 10.51 -0.31
N ALA C 24 14.95 11.54 -0.55
CA ALA C 24 13.52 11.39 -0.78
C ALA C 24 13.21 11.53 -2.26
N SER C 25 12.29 10.72 -2.75
CA SER C 25 11.90 10.74 -4.16
C SER C 25 10.41 10.54 -4.28
N GLY C 26 9.87 10.95 -5.42
CA GLY C 26 8.44 10.94 -5.64
C GLY C 26 7.74 12.24 -5.27
N HIS C 27 8.49 13.29 -4.96
CA HIS C 27 7.94 14.57 -4.57
C HIS C 27 8.14 15.60 -5.67
N THR C 28 7.05 16.23 -6.08
CA THR C 28 7.10 17.33 -7.03
C THR C 28 7.22 18.68 -6.32
N PHE C 29 6.68 18.78 -5.12
CA PHE C 29 6.82 19.96 -4.28
C PHE C 29 7.73 19.64 -3.09
N THR C 30 8.15 20.69 -2.40
CA THR C 30 9.05 20.55 -1.25
C THR C 30 8.32 20.79 0.07
N SER C 31 6.99 20.68 0.07
CA SER C 31 6.21 20.98 1.26
C SER C 31 6.08 19.76 2.17
N TYR C 32 7.19 19.12 2.49
CA TYR C 32 7.17 17.93 3.35
C TYR C 32 8.25 18.04 4.41
N TYR C 33 8.05 17.29 5.49
CA TYR C 33 9.03 17.13 6.54
C TYR C 33 9.79 15.83 6.35
N ILE C 34 10.89 15.70 7.08
CA ILE C 34 11.55 14.42 7.30
C ILE C 34 11.92 14.33 8.77
N TYR C 35 11.53 13.23 9.41
CA TYR C 35 11.80 12.98 10.82
C TYR C 35 12.93 11.97 10.94
N TRP C 36 13.76 12.12 11.96
CA TRP C 36 14.87 11.21 12.21
C TRP C 36 14.67 10.52 13.55
N VAL C 37 14.93 9.21 13.58
CA VAL C 37 14.58 8.35 14.71
C VAL C 37 15.74 7.40 15.01
N LYS C 38 15.99 7.17 16.29
CA LYS C 38 17.06 6.30 16.77
C LYS C 38 16.48 5.02 17.35
N GLN C 39 17.11 3.89 17.02
CA GLN C 39 16.74 2.60 17.59
C GLN C 39 18.02 1.87 18.00
N ARG C 40 18.27 1.80 19.28
CA ARG C 40 19.35 0.94 19.72
C ARG C 40 18.99 -0.52 19.49
N PRO C 41 19.97 -1.44 19.41
CA PRO C 41 19.64 -2.84 19.10
C PRO C 41 19.13 -3.66 20.28
N GLY C 42 17.82 -3.92 20.30
CA GLY C 42 17.14 -4.58 21.40
C GLY C 42 16.16 -3.69 22.15
N GLN C 43 15.95 -2.46 21.68
CA GLN C 43 15.11 -1.46 22.34
C GLN C 43 14.18 -0.79 21.33
N GLY C 44 13.32 0.09 21.83
CA GLY C 44 12.36 0.82 21.01
C GLY C 44 12.94 2.09 20.41
N LEU C 45 12.04 2.98 20.01
CA LEU C 45 12.40 4.16 19.23
C LEU C 45 12.58 5.40 20.09
N GLU C 46 13.41 6.32 19.59
CA GLU C 46 13.67 7.61 20.21
C GLU C 46 13.80 8.64 19.09
N TRP C 47 13.12 9.77 19.23
CA TRP C 47 13.05 10.78 18.17
C TRP C 47 14.16 11.81 18.35
N ILE C 48 14.87 12.10 17.27
CA ILE C 48 16.00 13.02 17.30
C ILE C 48 15.60 14.44 16.90
N GLY C 49 14.78 14.58 15.86
CA GLY C 49 14.41 15.89 15.37
C GLY C 49 13.72 15.78 14.04
N TRP C 50 13.34 16.94 13.49
CA TRP C 50 12.77 16.97 12.15
C TRP C 50 13.29 18.18 11.38
N ILE C 51 13.22 18.06 10.05
CA ILE C 51 13.64 19.07 9.10
C ILE C 51 12.51 19.26 8.09
N TYR C 52 12.17 20.51 7.80
CA TYR C 52 11.07 20.83 6.90
C TYR C 52 11.64 21.35 5.59
N PHE C 53 11.32 20.68 4.49
CA PHE C 53 11.91 21.03 3.21
C PHE C 53 11.29 22.27 2.57
N GLY C 54 10.23 22.82 3.16
CA GLY C 54 9.66 24.04 2.61
C GLY C 54 10.59 25.23 2.76
N ASN C 55 11.15 25.38 3.97
CA ASN C 55 12.03 26.52 4.24
C ASN C 55 13.23 26.13 5.10
N ILE C 56 13.45 24.84 5.33
CA ILE C 56 14.54 24.32 6.16
C ILE C 56 14.40 24.83 7.59
N ASN C 57 13.16 24.94 8.06
CA ASN C 57 12.92 25.00 9.49
C ASN C 57 13.24 23.65 10.12
N LEU C 58 13.59 23.67 11.40
CA LEU C 58 13.98 22.43 12.05
C LEU C 58 13.74 22.51 13.55
N LYS C 59 13.59 21.33 14.15
CA LYS C 59 13.42 21.21 15.59
C LYS C 59 14.16 19.97 16.08
N TYR C 60 14.72 20.06 17.28
CA TYR C 60 15.49 18.98 17.88
C TYR C 60 14.82 18.51 19.17
N ASN C 61 15.05 17.24 19.51
CA ASN C 61 14.92 16.81 20.90
C ASN C 61 16.09 17.41 21.67
N GLU C 62 15.77 18.25 22.67
CA GLU C 62 16.80 18.98 23.40
C GLU C 62 17.91 18.07 23.91
N LYS C 63 17.59 16.80 24.16
CA LYS C 63 18.60 15.82 24.56
C LYS C 63 19.69 15.63 23.51
N PHE C 64 19.39 15.90 22.23
CA PHE C 64 20.33 15.68 21.14
C PHE C 64 21.00 16.96 20.67
N LYS C 65 20.77 18.08 21.35
CA LYS C 65 21.50 19.31 21.04
C LYS C 65 22.98 19.11 21.29
N GLY C 66 23.78 19.36 20.25
CA GLY C 66 25.21 19.09 20.29
C GLY C 66 25.55 17.70 19.80
N LYS C 67 24.72 16.71 20.14
CA LYS C 67 24.93 15.35 19.65
C LYS C 67 24.56 15.25 18.18
N ALA C 68 23.49 15.93 17.76
CA ALA C 68 22.98 15.83 16.40
C ALA C 68 22.81 17.22 15.79
N THR C 69 23.02 17.30 14.48
CA THR C 69 22.86 18.53 13.73
C THR C 69 22.25 18.20 12.37
N LEU C 70 21.11 18.83 12.08
CA LEU C 70 20.31 18.51 10.90
C LEU C 70 20.57 19.51 9.78
N THR C 71 20.75 18.99 8.56
CA THR C 71 20.86 19.81 7.36
C THR C 71 20.14 19.12 6.22
N ALA C 72 19.96 19.85 5.12
CA ALA C 72 19.33 19.30 3.93
C ALA C 72 19.88 19.98 2.68
N ASP C 73 20.07 19.20 1.63
CA ASP C 73 20.26 19.73 0.28
C ASP C 73 18.90 19.68 -0.41
N LYS C 74 18.28 20.85 -0.60
CA LYS C 74 16.98 20.91 -1.23
C LYS C 74 17.07 20.65 -2.72
N SER C 75 18.27 20.76 -3.32
CA SER C 75 18.42 20.53 -4.75
C SER C 75 18.22 19.06 -5.09
N SER C 76 18.85 18.16 -4.33
CA SER C 76 18.71 16.72 -4.54
C SER C 76 17.73 16.09 -3.55
N SER C 77 16.85 16.89 -2.95
CA SER C 77 15.78 16.42 -2.07
C SER C 77 16.30 15.38 -1.07
N THR C 78 17.41 15.72 -0.42
CA THR C 78 18.10 14.79 0.47
C THR C 78 18.34 15.44 1.81
N ALA C 79 17.96 14.76 2.87
CA ALA C 79 18.19 15.23 4.23
C ALA C 79 19.46 14.61 4.79
N TYR C 80 20.06 15.29 5.76
CA TYR C 80 21.31 14.84 6.36
C TYR C 80 21.25 15.05 7.87
N ILE C 81 21.69 14.03 8.61
CA ILE C 81 21.90 14.14 10.05
C ILE C 81 23.38 13.97 10.32
N GLN C 82 23.94 14.87 11.13
CA GLN C 82 25.31 14.80 11.58
C GLN C 82 25.29 14.34 13.03
N LEU C 83 25.92 13.20 13.30
CA LEU C 83 25.98 12.62 14.63
C LEU C 83 27.39 12.81 15.16
N SER C 84 27.52 13.48 16.30
CA SER C 84 28.79 14.08 16.71
C SER C 84 29.32 13.46 18.00
N SER C 85 30.66 13.39 18.08
CA SER C 85 31.41 12.90 19.23
C SER C 85 30.75 11.68 19.87
N LEU C 86 30.84 10.55 19.19
CA LEU C 86 29.98 9.42 19.46
C LEU C 86 30.54 8.52 20.57
N THR C 87 29.65 7.77 21.20
CA THR C 87 29.98 6.79 22.21
C THR C 87 29.26 5.49 21.88
N SER C 88 29.48 4.46 22.73
CA SER C 88 28.84 3.17 22.51
C SER C 88 27.32 3.31 22.52
N GLU C 89 26.80 4.19 23.39
CA GLU C 89 25.37 4.42 23.51
C GLU C 89 24.76 5.08 22.27
N ASP C 90 25.58 5.42 21.27
CA ASP C 90 25.08 5.90 19.99
C ASP C 90 25.07 4.82 18.92
N SER C 91 25.61 3.64 19.22
CA SER C 91 25.45 2.49 18.33
C SER C 91 23.97 2.16 18.21
N ALA C 92 23.43 2.34 17.01
CA ALA C 92 22.00 2.19 16.79
C ALA C 92 21.74 2.17 15.30
N VAL C 93 20.51 1.82 14.94
CA VAL C 93 19.99 2.05 13.60
C VAL C 93 19.29 3.40 13.61
N TYR C 94 19.59 4.22 12.60
CA TYR C 94 19.00 5.53 12.47
C TYR C 94 18.06 5.53 11.28
N PHE C 95 16.81 5.90 11.52
CA PHE C 95 15.76 5.88 10.50
C PHE C 95 15.36 7.31 10.16
N CYS C 96 15.09 7.54 8.88
CA CYS C 96 14.37 8.73 8.46
C CYS C 96 12.96 8.33 8.07
N ALA C 97 12.01 9.22 8.33
CA ALA C 97 10.60 8.96 8.06
C ALA C 97 9.96 10.23 7.55
N SER C 98 8.97 10.06 6.68
CA SER C 98 8.29 11.20 6.07
C SER C 98 6.85 10.83 5.78
N GLU C 99 5.98 11.84 5.84
CA GLU C 99 4.58 11.71 5.48
C GLU C 99 4.32 12.43 4.16
N ASP C 100 3.53 11.79 3.30
CA ASP C 100 3.09 12.40 2.04
C ASP C 100 1.58 12.21 1.96
N GLY C 101 0.84 13.26 2.26
CA GLY C 101 -0.61 13.19 2.28
C GLY C 101 -1.11 12.18 3.29
N PRO C 102 -1.93 11.23 2.83
CA PRO C 102 -2.46 10.21 3.74
C PRO C 102 -1.50 9.08 4.04
N GLY C 103 -0.36 9.00 3.36
CA GLY C 103 0.56 7.90 3.56
C GLY C 103 1.82 8.26 4.32
N ALA C 104 2.47 7.25 4.90
CA ALA C 104 3.70 7.42 5.67
C ALA C 104 4.76 6.46 5.16
N TYR C 105 6.01 6.90 5.24
CA TYR C 105 7.11 6.19 4.60
C TYR C 105 8.33 6.22 5.51
N TRP C 106 9.07 5.12 5.52
CA TRP C 106 10.28 5.01 6.32
C TRP C 106 11.43 4.54 5.44
N GLY C 107 12.62 5.07 5.70
CA GLY C 107 13.81 4.60 5.01
C GLY C 107 14.21 3.22 5.50
N GLN C 108 15.11 2.58 4.75
CA GLN C 108 15.52 1.23 5.12
C GLN C 108 16.40 1.21 6.36
N GLY C 109 16.80 2.37 6.86
CA GLY C 109 17.62 2.44 8.05
C GLY C 109 19.09 2.54 7.74
N THR C 110 19.83 3.17 8.67
CA THR C 110 21.28 3.25 8.58
C THR C 110 21.85 2.79 9.91
N LEU C 111 22.53 1.66 9.90
CA LEU C 111 23.14 1.10 11.10
C LEU C 111 24.45 1.81 11.38
N VAL C 112 24.58 2.37 12.58
CA VAL C 112 25.83 2.98 13.03
C VAL C 112 26.37 2.14 14.17
N THR C 113 27.61 1.69 14.03
CA THR C 113 28.31 0.96 15.08
C THR C 113 29.47 1.79 15.57
N VAL C 114 29.47 2.09 16.87
CA VAL C 114 30.55 2.81 17.52
C VAL C 114 31.25 1.83 18.45
N SER C 115 32.50 1.50 18.14
CA SER C 115 33.22 0.51 18.92
C SER C 115 34.72 0.80 18.87
N ALA C 116 35.39 0.46 19.97
CA ALA C 116 36.84 0.52 20.01
C ALA C 116 37.49 -0.66 19.31
N ALA C 117 36.71 -1.67 18.92
CA ALA C 117 37.28 -2.95 18.55
C ALA C 117 37.89 -2.93 17.16
N SER C 118 38.91 -3.78 16.97
CA SER C 118 39.52 -4.00 15.67
C SER C 118 38.95 -5.27 15.05
N THR C 119 39.18 -5.42 13.75
CA THR C 119 38.68 -6.58 13.02
C THR C 119 39.34 -7.86 13.53
N LYS C 120 38.52 -8.82 13.94
CA LYS C 120 38.98 -10.15 14.29
C LYS C 120 38.08 -11.19 13.66
N GLY C 121 38.70 -12.28 13.19
CA GLY C 121 37.97 -13.42 12.70
C GLY C 121 37.60 -14.37 13.82
N PRO C 122 36.48 -15.06 13.68
CA PRO C 122 35.98 -15.90 14.77
C PRO C 122 36.88 -17.09 15.05
N SER C 123 37.04 -17.39 16.34
CA SER C 123 37.55 -18.68 16.77
C SER C 123 36.37 -19.65 16.81
N VAL C 124 36.55 -20.81 16.17
CA VAL C 124 35.48 -21.79 16.03
C VAL C 124 35.82 -23.02 16.85
N PHE C 125 34.92 -23.39 17.75
CA PHE C 125 35.09 -24.51 18.67
C PHE C 125 33.90 -25.45 18.55
N PRO C 126 34.12 -26.76 18.61
CA PRO C 126 33.01 -27.69 18.43
C PRO C 126 32.25 -27.92 19.74
N LEU C 127 30.91 -27.90 19.70
CA LEU C 127 30.12 -28.41 20.82
C LEU C 127 29.83 -29.86 20.53
N ALA C 128 30.63 -30.73 21.14
CA ALA C 128 30.69 -32.16 20.88
C ALA C 128 29.50 -32.87 21.50
N PRO C 129 28.82 -33.74 20.76
CA PRO C 129 27.76 -34.56 21.34
C PRO C 129 28.33 -35.61 22.27
N SER C 130 27.46 -36.12 23.13
CA SER C 130 27.88 -37.10 24.13
C SER C 130 26.72 -38.04 24.49
N GLY C 136 15.40 -39.19 24.14
CA GLY C 136 16.42 -40.21 24.03
C GLY C 136 16.75 -40.57 22.59
N GLY C 137 15.87 -40.20 21.67
CA GLY C 137 16.16 -40.40 20.27
C GLY C 137 16.83 -39.22 19.61
N THR C 138 17.09 -38.16 20.37
CA THR C 138 17.64 -36.92 19.83
C THR C 138 18.97 -36.62 20.51
N ALA C 139 20.01 -36.44 19.70
CA ALA C 139 21.27 -35.88 20.16
C ALA C 139 21.39 -34.44 19.69
N ALA C 140 22.41 -33.75 20.20
CA ALA C 140 22.64 -32.35 19.85
C ALA C 140 24.13 -32.07 19.71
N LEU C 141 24.45 -31.16 18.78
CA LEU C 141 25.83 -30.82 18.43
C LEU C 141 25.81 -29.46 17.72
N GLY C 142 26.98 -28.85 17.61
CA GLY C 142 27.08 -27.59 16.90
C GLY C 142 28.50 -27.04 16.83
N CYS C 143 28.57 -25.72 16.59
CA CYS C 143 29.84 -25.01 16.53
C CYS C 143 29.70 -23.69 17.28
N LEU C 144 30.68 -23.39 18.11
CA LEU C 144 30.73 -22.15 18.89
C LEU C 144 31.62 -21.15 18.15
N VAL C 145 31.03 -20.04 17.73
CA VAL C 145 31.71 -19.03 16.93
C VAL C 145 32.05 -17.82 17.78
N LYS C 146 33.27 -17.77 18.29
CA LYS C 146 33.63 -16.91 19.41
C LYS C 146 34.57 -15.79 19.01
N ASP C 147 34.35 -14.60 19.59
CA ASP C 147 35.23 -13.45 19.48
C ASP C 147 35.47 -13.03 18.04
N TYR C 148 34.52 -12.30 17.46
CA TYR C 148 34.68 -11.74 16.12
C TYR C 148 34.12 -10.33 16.09
N PHE C 149 34.63 -9.54 15.15
CA PHE C 149 34.20 -8.16 14.97
C PHE C 149 34.54 -7.76 13.54
N PRO C 150 33.63 -7.07 12.83
CA PRO C 150 32.28 -6.70 13.24
C PRO C 150 31.27 -7.74 12.84
N GLU C 151 29.98 -7.40 12.95
CA GLU C 151 28.95 -8.25 12.38
C GLU C 151 29.07 -8.14 10.87
N PRO C 152 28.52 -9.08 10.12
CA PRO C 152 27.95 -10.40 10.45
C PRO C 152 28.88 -11.60 10.33
N VAL C 153 28.49 -12.72 10.91
CA VAL C 153 29.11 -14.00 10.57
C VAL C 153 28.05 -14.74 9.75
N THR C 154 28.41 -15.88 9.18
CA THR C 154 27.42 -16.69 8.49
C THR C 154 27.81 -18.14 8.68
N VAL C 155 26.82 -18.96 9.05
CA VAL C 155 27.06 -20.33 9.46
C VAL C 155 26.17 -21.26 8.64
N SER C 156 26.74 -22.38 8.21
CA SER C 156 26.03 -23.39 7.46
C SER C 156 26.45 -24.75 7.97
N TRP C 157 25.68 -25.78 7.61
CA TRP C 157 25.96 -27.13 8.07
C TRP C 157 26.00 -28.08 6.89
N ASN C 158 27.09 -28.85 6.79
CA ASN C 158 27.32 -29.80 5.70
C ASN C 158 27.12 -29.12 4.34
N SER C 159 27.75 -27.96 4.18
CA SER C 159 27.73 -27.21 2.92
C SER C 159 26.31 -26.92 2.45
N GLY C 160 25.39 -26.70 3.41
CA GLY C 160 24.01 -26.40 3.08
C GLY C 160 23.09 -27.60 2.99
N ALA C 161 23.62 -28.82 3.04
CA ALA C 161 22.77 -30.00 2.93
C ALA C 161 21.99 -30.27 4.22
N LEU C 162 22.43 -29.71 5.35
CA LEU C 162 21.79 -29.90 6.64
C LEU C 162 21.14 -28.60 7.05
N THR C 163 19.80 -28.60 7.13
CA THR C 163 19.04 -27.41 7.48
C THR C 163 17.90 -27.65 8.46
N SER C 164 17.33 -28.86 8.52
CA SER C 164 16.30 -29.14 9.50
C SER C 164 16.92 -29.24 10.89
N GLY C 165 16.24 -28.63 11.87
CA GLY C 165 16.73 -28.65 13.22
C GLY C 165 17.90 -27.74 13.51
N VAL C 166 18.30 -26.92 12.53
CA VAL C 166 19.45 -26.05 12.71
C VAL C 166 19.00 -24.76 13.39
N HIS C 167 19.69 -24.39 14.46
CA HIS C 167 19.45 -23.12 15.15
C HIS C 167 20.78 -22.36 15.23
N THR C 168 20.87 -21.26 14.49
CA THR C 168 21.98 -20.33 14.62
C THR C 168 21.49 -19.13 15.41
N PHE C 169 22.16 -18.85 16.53
CA PHE C 169 21.64 -17.89 17.50
C PHE C 169 22.12 -16.47 17.20
N PRO C 170 21.30 -15.48 17.55
CA PRO C 170 21.76 -14.09 17.49
C PRO C 170 22.99 -13.88 18.36
N ALA C 171 23.99 -13.18 17.82
CA ALA C 171 25.26 -13.04 18.51
C ALA C 171 25.10 -12.21 19.77
N VAL C 172 25.96 -12.49 20.75
CA VAL C 172 26.03 -11.72 21.98
C VAL C 172 27.32 -10.90 21.95
N LEU C 173 27.18 -9.60 22.23
CA LEU C 173 28.33 -8.74 22.40
C LEU C 173 28.96 -8.99 23.76
N GLN C 174 30.22 -9.39 23.78
CA GLN C 174 30.89 -9.73 25.02
C GLN C 174 31.54 -8.51 25.66
N SER C 175 32.04 -8.71 26.89
CA SER C 175 32.72 -7.65 27.61
C SER C 175 33.91 -7.10 26.84
N SER C 176 34.50 -7.91 25.97
CA SER C 176 35.67 -7.51 25.20
C SER C 176 35.34 -6.60 24.03
N GLY C 177 34.06 -6.37 23.75
CA GLY C 177 33.66 -5.66 22.56
C GLY C 177 33.59 -6.53 21.31
N LEU C 178 33.73 -7.84 21.46
CA LEU C 178 33.71 -8.76 20.34
C LEU C 178 32.46 -9.64 20.42
N TYR C 179 31.93 -10.01 19.25
CA TYR C 179 30.71 -10.79 19.17
C TYR C 179 31.01 -12.28 19.27
N SER C 180 29.98 -13.04 19.65
CA SER C 180 30.11 -14.48 19.81
C SER C 180 28.73 -15.12 19.73
N LEU C 181 28.67 -16.31 19.15
CA LEU C 181 27.41 -17.04 19.01
C LEU C 181 27.68 -18.53 18.97
N SER C 182 26.59 -19.29 19.00
CA SER C 182 26.61 -20.72 18.77
C SER C 182 25.60 -21.09 17.69
N SER C 183 25.98 -22.06 16.86
CA SER C 183 25.07 -22.69 15.91
C SER C 183 24.98 -24.16 16.25
N VAL C 184 23.76 -24.66 16.41
CA VAL C 184 23.52 -26.02 16.89
C VAL C 184 22.52 -26.72 15.98
N VAL C 185 22.49 -28.04 16.09
CA VAL C 185 21.53 -28.86 15.36
C VAL C 185 21.22 -30.10 16.19
N THR C 186 19.96 -30.52 16.16
CA THR C 186 19.52 -31.74 16.82
C THR C 186 19.37 -32.83 15.77
N VAL C 187 19.94 -34.00 16.06
CA VAL C 187 19.99 -35.10 15.10
C VAL C 187 19.57 -36.39 15.79
N PRO C 188 19.14 -37.39 15.02
CA PRO C 188 18.88 -38.70 15.60
C PRO C 188 20.11 -39.22 16.34
N SER C 189 19.92 -39.59 17.61
CA SER C 189 21.01 -40.14 18.39
C SER C 189 21.62 -41.36 17.71
N SER C 190 20.81 -42.10 16.95
CA SER C 190 21.31 -43.28 16.24
C SER C 190 22.31 -42.93 15.15
N SER C 191 22.44 -41.66 14.79
CA SER C 191 23.30 -41.27 13.68
C SER C 191 24.67 -40.78 14.12
N LEU C 192 24.91 -40.68 15.44
CA LEU C 192 26.06 -39.93 15.94
C LEU C 192 27.38 -40.43 15.37
N GLY C 193 27.55 -41.75 15.30
CA GLY C 193 28.79 -42.28 14.76
C GLY C 193 28.78 -42.56 13.28
N THR C 194 27.67 -42.30 12.60
CA THR C 194 27.45 -42.74 11.23
C THR C 194 27.45 -41.60 10.22
N GLN C 195 27.10 -40.39 10.64
CA GLN C 195 27.00 -39.23 9.75
C GLN C 195 28.01 -38.19 10.19
N THR C 196 28.87 -37.77 9.27
CA THR C 196 29.83 -36.72 9.57
C THR C 196 29.11 -35.36 9.56
N TYR C 197 29.26 -34.62 10.64
CA TYR C 197 28.64 -33.31 10.79
C TYR C 197 29.71 -32.24 10.75
N ILE C 198 29.53 -31.26 9.87
CA ILE C 198 30.50 -30.20 9.65
C ILE C 198 29.76 -28.87 9.62
N CYS C 199 30.29 -27.88 10.33
CA CYS C 199 29.78 -26.53 10.28
C CYS C 199 30.67 -25.66 9.40
N ASN C 200 30.05 -24.81 8.60
CA ASN C 200 30.76 -23.94 7.68
C ASN C 200 30.60 -22.50 8.16
N VAL C 201 31.71 -21.87 8.55
CA VAL C 201 31.69 -20.53 9.11
C VAL C 201 32.47 -19.59 8.19
N ASN C 202 31.90 -18.41 7.95
CA ASN C 202 32.53 -17.39 7.11
C ASN C 202 32.31 -16.04 7.77
N HIS C 203 33.37 -15.23 7.83
CA HIS C 203 33.31 -13.86 8.36
C HIS C 203 34.10 -12.98 7.40
N LYS C 204 33.39 -12.37 6.45
CA LYS C 204 34.05 -11.68 5.35
C LYS C 204 34.90 -10.47 5.75
N PRO C 205 34.55 -9.66 6.75
CA PRO C 205 35.41 -8.50 7.06
C PRO C 205 36.84 -8.86 7.41
N SER C 206 37.09 -10.08 7.90
CA SER C 206 38.45 -10.55 8.12
C SER C 206 38.85 -11.62 7.10
N ASN C 207 38.00 -11.85 6.08
CA ASN C 207 38.16 -12.92 5.10
C ASN C 207 38.48 -14.25 5.76
N THR C 208 37.88 -14.50 6.92
CA THR C 208 38.11 -15.74 7.64
C THR C 208 37.05 -16.76 7.22
N LYS C 209 37.51 -17.93 6.76
CA LYS C 209 36.65 -19.03 6.37
C LYS C 209 37.09 -20.28 7.10
N VAL C 210 36.16 -20.89 7.84
CA VAL C 210 36.47 -22.07 8.65
C VAL C 210 35.42 -23.14 8.41
N ASP C 211 35.89 -24.38 8.20
CA ASP C 211 35.05 -25.57 8.25
C ASP C 211 35.54 -26.43 9.40
N LYS C 212 34.65 -26.74 10.34
CA LYS C 212 34.99 -27.59 11.49
C LYS C 212 33.96 -28.71 11.58
N ARG C 213 34.43 -29.95 11.47
CA ARG C 213 33.58 -31.10 11.70
C ARG C 213 33.46 -31.38 13.19
N VAL C 214 32.32 -31.91 13.60
CA VAL C 214 32.00 -32.09 15.01
C VAL C 214 31.79 -33.58 15.26
N GLU C 215 32.53 -34.12 16.21
CA GLU C 215 32.45 -35.53 16.57
C GLU C 215 32.23 -35.69 18.06
N PRO C 216 31.61 -36.80 18.47
CA PRO C 216 31.50 -37.12 19.90
C PRO C 216 32.84 -37.52 20.51
N VAL D 2 -28.66 -9.32 81.71
CA VAL D 2 -29.99 -9.54 81.17
C VAL D 2 -29.93 -9.73 79.65
N ARG D 3 -30.75 -10.64 79.13
CA ARG D 3 -30.86 -10.87 77.70
C ARG D 3 -32.33 -11.04 77.37
N LEU D 4 -32.79 -10.35 76.32
CA LEU D 4 -34.17 -10.44 75.85
C LEU D 4 -34.20 -11.18 74.53
N GLN D 5 -35.10 -12.16 74.42
CA GLN D 5 -35.25 -12.96 73.21
C GLN D 5 -36.72 -12.92 72.79
N GLN D 6 -36.97 -12.45 71.57
CA GLN D 6 -38.32 -12.29 71.07
C GLN D 6 -38.68 -13.43 70.11
N SER D 7 -39.97 -13.63 69.94
CA SER D 7 -40.45 -14.64 68.99
C SER D 7 -40.19 -14.18 67.56
N GLY D 8 -40.30 -15.13 66.64
CA GLY D 8 -39.91 -14.91 65.27
C GLY D 8 -40.93 -14.10 64.49
N PRO D 9 -40.56 -13.77 63.25
CA PRO D 9 -41.43 -12.94 62.41
C PRO D 9 -42.74 -13.64 62.11
N GLU D 10 -43.79 -12.83 61.95
CA GLU D 10 -45.14 -13.32 61.76
C GLU D 10 -45.72 -12.81 60.45
N LEU D 11 -46.41 -13.70 59.74
CA LEU D 11 -47.20 -13.36 58.57
C LEU D 11 -48.66 -13.60 58.93
N VAL D 12 -49.46 -12.54 58.93
CA VAL D 12 -50.81 -12.59 59.48
C VAL D 12 -51.75 -11.79 58.58
N LYS D 13 -52.97 -12.28 58.44
CA LYS D 13 -53.96 -11.76 57.51
C LYS D 13 -54.63 -10.51 58.05
N PRO D 14 -55.13 -9.64 57.18
CA PRO D 14 -55.89 -8.48 57.64
C PRO D 14 -57.10 -8.90 58.46
N GLY D 15 -57.34 -8.17 59.54
CA GLY D 15 -58.42 -8.48 60.44
C GLY D 15 -58.13 -9.57 61.45
N ALA D 16 -57.03 -10.30 61.30
CA ALA D 16 -56.69 -11.37 62.23
C ALA D 16 -55.90 -10.80 63.40
N SER D 17 -55.36 -11.68 64.24
CA SER D 17 -54.62 -11.27 65.43
C SER D 17 -53.32 -12.06 65.52
N VAL D 18 -52.41 -11.55 66.35
CA VAL D 18 -51.11 -12.19 66.55
C VAL D 18 -50.62 -11.86 67.96
N ARG D 19 -49.84 -12.78 68.52
CA ARG D 19 -49.23 -12.61 69.83
C ARG D 19 -47.71 -12.75 69.72
N ILE D 20 -47.01 -11.66 70.00
CA ILE D 20 -45.56 -11.65 70.05
C ILE D 20 -45.13 -11.96 71.48
N SER D 21 -44.02 -12.68 71.64
CA SER D 21 -43.48 -12.99 72.96
C SER D 21 -42.11 -12.37 73.11
N CYS D 22 -41.74 -12.10 74.37
CA CYS D 22 -40.43 -11.57 74.73
C CYS D 22 -40.02 -12.21 76.05
N LYS D 23 -39.07 -13.13 75.98
CA LYS D 23 -38.58 -13.85 77.15
C LYS D 23 -37.37 -13.14 77.73
N ALA D 24 -37.44 -12.79 79.00
CA ALA D 24 -36.32 -12.19 79.71
C ALA D 24 -35.52 -13.26 80.43
N SER D 25 -34.20 -13.15 80.37
CA SER D 25 -33.31 -14.07 81.06
C SER D 25 -32.18 -13.29 81.71
N GLY D 26 -31.61 -13.87 82.75
CA GLY D 26 -30.58 -13.20 83.53
C GLY D 26 -31.09 -12.43 84.73
N HIS D 27 -32.35 -12.64 85.11
CA HIS D 27 -32.93 -12.02 86.28
C HIS D 27 -33.15 -13.05 87.37
N THR D 28 -32.76 -12.71 88.60
CA THR D 28 -33.17 -13.52 89.74
C THR D 28 -34.52 -13.06 90.27
N PHE D 29 -34.78 -11.76 90.23
CA PHE D 29 -35.98 -11.16 90.77
C PHE D 29 -36.95 -10.79 89.66
N THR D 30 -38.20 -10.58 90.06
CA THR D 30 -39.28 -10.23 89.14
C THR D 30 -39.48 -8.73 89.02
N SER D 31 -38.63 -7.92 89.65
CA SER D 31 -38.88 -6.49 89.78
C SER D 31 -38.29 -5.72 88.60
N TYR D 32 -38.78 -6.03 87.42
CA TYR D 32 -38.37 -5.33 86.21
C TYR D 32 -39.58 -5.14 85.30
N TYR D 33 -39.40 -4.26 84.32
CA TYR D 33 -40.46 -3.89 83.40
C TYR D 33 -40.13 -4.38 81.99
N ILE D 34 -41.17 -4.57 81.20
CA ILE D 34 -41.05 -4.78 79.75
C ILE D 34 -41.79 -3.64 79.06
N TYR D 35 -41.05 -2.85 78.29
CA TYR D 35 -41.62 -1.81 77.44
C TYR D 35 -41.74 -2.37 76.02
N TRP D 36 -42.79 -1.97 75.31
CA TRP D 36 -42.99 -2.38 73.93
C TRP D 36 -42.97 -1.16 73.02
N VAL D 37 -42.26 -1.28 71.89
CA VAL D 37 -42.01 -0.17 70.99
C VAL D 37 -42.26 -0.64 69.55
N LYS D 38 -42.89 0.22 68.76
CA LYS D 38 -43.24 -0.08 67.38
C LYS D 38 -42.38 0.75 66.44
N GLN D 39 -41.86 0.09 65.39
CA GLN D 39 -41.11 0.77 64.34
C GLN D 39 -41.65 0.32 62.99
N ARG D 40 -42.38 1.21 62.34
CA ARG D 40 -42.82 0.98 60.96
C ARG D 40 -41.62 1.17 60.03
N PRO D 41 -41.37 0.22 59.12
CA PRO D 41 -40.09 0.22 58.38
C PRO D 41 -39.84 1.53 57.66
N GLY D 42 -38.70 2.15 57.97
CA GLY D 42 -38.35 3.45 57.43
C GLY D 42 -38.75 4.62 58.30
N GLN D 43 -39.53 4.39 59.35
CA GLN D 43 -39.99 5.43 60.25
C GLN D 43 -39.33 5.27 61.61
N GLY D 44 -39.69 6.16 62.54
CA GLY D 44 -39.07 6.22 63.85
C GLY D 44 -39.73 5.27 64.84
N LEU D 45 -39.48 5.55 66.12
CA LEU D 45 -39.98 4.73 67.21
C LEU D 45 -41.27 5.32 67.80
N GLU D 46 -42.12 4.42 68.26
CA GLU D 46 -43.39 4.75 68.87
C GLU D 46 -43.63 3.81 70.04
N TRP D 47 -44.06 4.35 71.17
CA TRP D 47 -44.20 3.58 72.39
C TRP D 47 -45.63 3.08 72.55
N ILE D 48 -45.76 1.78 72.83
CA ILE D 48 -47.06 1.13 72.94
C ILE D 48 -47.53 1.04 74.38
N GLY D 49 -46.65 0.64 75.28
CA GLY D 49 -47.02 0.46 76.67
C GLY D 49 -45.89 -0.20 77.44
N TRP D 50 -46.14 -0.40 78.73
CA TRP D 50 -45.22 -1.18 79.54
C TRP D 50 -46.01 -2.05 80.51
N ILE D 51 -45.34 -3.10 81.01
CA ILE D 51 -45.90 -4.01 81.99
C ILE D 51 -44.83 -4.32 83.02
N TYR D 52 -45.22 -4.33 84.29
CA TYR D 52 -44.31 -4.63 85.39
C TYR D 52 -44.45 -6.10 85.76
N PHE D 53 -43.32 -6.81 85.79
CA PHE D 53 -43.38 -8.25 86.05
C PHE D 53 -43.74 -8.57 87.48
N GLY D 54 -43.40 -7.69 88.42
CA GLY D 54 -43.64 -7.99 89.82
C GLY D 54 -45.09 -8.30 90.14
N ASN D 55 -46.02 -7.58 89.50
CA ASN D 55 -47.44 -7.82 89.77
C ASN D 55 -48.34 -7.59 88.57
N ILE D 56 -47.78 -7.40 87.36
CA ILE D 56 -48.52 -7.46 86.10
C ILE D 56 -49.32 -6.17 85.90
N ASN D 57 -49.11 -5.18 86.77
CA ASN D 57 -49.69 -3.85 86.53
C ASN D 57 -49.03 -3.21 85.31
N LEU D 58 -49.83 -2.50 84.51
CA LEU D 58 -49.40 -2.07 83.18
C LEU D 58 -49.90 -0.65 82.89
N LYS D 59 -49.37 -0.09 81.80
CA LYS D 59 -49.70 1.26 81.35
C LYS D 59 -49.68 1.27 79.82
N TYR D 60 -50.79 1.66 79.21
CA TYR D 60 -50.90 1.69 77.76
C TYR D 60 -50.73 3.10 77.20
N ASN D 61 -50.27 3.18 75.95
CA ASN D 61 -50.47 4.36 75.13
C ASN D 61 -51.92 4.33 74.64
N GLU D 62 -52.66 5.40 74.91
CA GLU D 62 -54.09 5.41 74.59
C GLU D 62 -54.34 5.15 73.11
N LYS D 63 -53.39 5.49 72.25
CA LYS D 63 -53.54 5.21 70.83
C LYS D 63 -53.39 3.74 70.49
N PHE D 64 -53.15 2.87 71.48
CA PHE D 64 -53.05 1.44 71.23
C PHE D 64 -54.04 0.61 72.03
N LYS D 65 -54.90 1.24 72.83
CA LYS D 65 -56.01 0.54 73.47
C LYS D 65 -56.96 -0.01 72.43
N GLY D 66 -57.44 -1.24 72.66
CA GLY D 66 -58.24 -1.91 71.65
C GLY D 66 -57.47 -2.36 70.43
N LYS D 67 -56.19 -2.02 70.35
CA LYS D 67 -55.26 -2.49 69.32
C LYS D 67 -54.24 -3.46 69.87
N ALA D 68 -53.67 -3.18 71.04
CA ALA D 68 -52.67 -4.04 71.64
C ALA D 68 -53.11 -4.44 73.05
N THR D 69 -52.66 -5.62 73.46
CA THR D 69 -52.92 -6.13 74.80
C THR D 69 -51.63 -6.70 75.36
N LEU D 70 -51.25 -6.28 76.56
CA LEU D 70 -50.03 -6.73 77.20
C LEU D 70 -50.34 -7.73 78.30
N THR D 71 -49.55 -8.80 78.34
CA THR D 71 -49.61 -9.79 79.41
C THR D 71 -48.18 -10.20 79.77
N ALA D 72 -48.03 -10.83 80.93
CA ALA D 72 -46.72 -11.27 81.38
C ALA D 72 -46.89 -12.52 82.25
N ASP D 73 -46.24 -13.61 81.84
CA ASP D 73 -46.21 -14.84 82.61
C ASP D 73 -44.98 -14.81 83.52
N LYS D 74 -45.20 -14.61 84.83
CA LYS D 74 -44.08 -14.52 85.75
C LYS D 74 -43.27 -15.80 85.80
N SER D 75 -43.92 -16.96 85.62
CA SER D 75 -43.23 -18.23 85.80
C SER D 75 -42.19 -18.47 84.71
N SER D 76 -42.50 -18.09 83.47
CA SER D 76 -41.59 -18.32 82.35
C SER D 76 -40.81 -17.07 81.96
N SER D 77 -40.87 -16.01 82.76
CA SER D 77 -40.13 -14.77 82.52
C SER D 77 -40.40 -14.22 81.12
N THR D 78 -41.64 -14.35 80.67
CA THR D 78 -42.01 -13.99 79.31
C THR D 78 -43.14 -12.98 79.31
N ALA D 79 -42.93 -11.88 78.58
CA ALA D 79 -43.98 -10.92 78.29
C ALA D 79 -44.53 -11.19 76.89
N TYR D 80 -45.81 -10.87 76.71
CA TYR D 80 -46.49 -11.05 75.44
C TYR D 80 -47.24 -9.77 75.09
N ILE D 81 -47.20 -9.39 73.82
CA ILE D 81 -48.08 -8.35 73.28
C ILE D 81 -48.96 -8.99 72.22
N GLN D 82 -50.26 -8.77 72.33
CA GLN D 82 -51.24 -9.35 71.42
C GLN D 82 -51.88 -8.23 70.61
N LEU D 83 -51.64 -8.24 69.31
CA LEU D 83 -52.18 -7.25 68.39
C LEU D 83 -53.39 -7.85 67.68
N SER D 84 -54.50 -7.12 67.66
CA SER D 84 -55.77 -7.66 67.18
C SER D 84 -56.41 -6.74 66.15
N SER D 85 -57.20 -7.35 65.26
CA SER D 85 -57.87 -6.66 64.15
C SER D 85 -56.86 -5.90 63.31
N LEU D 86 -55.89 -6.66 62.81
CA LEU D 86 -54.70 -6.08 62.20
C LEU D 86 -55.02 -5.52 60.81
N THR D 87 -54.35 -4.43 60.47
CA THR D 87 -54.35 -3.84 59.14
C THR D 87 -52.92 -3.56 58.73
N SER D 88 -52.74 -3.05 57.51
CA SER D 88 -51.40 -2.71 57.03
C SER D 88 -50.77 -1.61 57.84
N GLU D 89 -51.57 -0.82 58.57
CA GLU D 89 -51.02 0.14 59.52
C GLU D 89 -50.22 -0.55 60.62
N ASP D 90 -50.48 -1.83 60.88
CA ASP D 90 -49.83 -2.56 61.94
C ASP D 90 -48.58 -3.31 61.49
N SER D 91 -48.33 -3.37 60.18
CA SER D 91 -47.11 -3.97 59.67
C SER D 91 -45.89 -3.19 60.16
N ALA D 92 -45.11 -3.79 61.04
CA ALA D 92 -44.00 -3.07 61.66
C ALA D 92 -43.11 -4.06 62.38
N VAL D 93 -41.94 -3.58 62.76
CA VAL D 93 -41.09 -4.27 63.72
C VAL D 93 -41.54 -3.88 65.12
N TYR D 94 -41.71 -4.86 65.99
CA TYR D 94 -42.08 -4.62 67.37
C TYR D 94 -40.93 -5.04 68.28
N PHE D 95 -40.41 -4.08 69.04
CA PHE D 95 -39.32 -4.31 69.97
C PHE D 95 -39.88 -4.42 71.39
N CYS D 96 -39.21 -5.22 72.21
CA CYS D 96 -39.38 -5.18 73.65
C CYS D 96 -38.10 -4.65 74.28
N ALA D 97 -38.25 -3.94 75.39
CA ALA D 97 -37.11 -3.28 76.02
C ALA D 97 -37.27 -3.31 77.52
N SER D 98 -36.13 -3.35 78.22
CA SER D 98 -36.11 -3.49 79.67
C SER D 98 -34.83 -2.89 80.22
N GLU D 99 -34.91 -2.42 81.46
CA GLU D 99 -33.76 -1.91 82.19
C GLU D 99 -33.50 -2.78 83.42
N ASP D 100 -32.22 -2.86 83.80
CA ASP D 100 -31.81 -3.54 85.02
C ASP D 100 -30.56 -2.86 85.54
N GLY D 101 -30.64 -2.34 86.76
CA GLY D 101 -29.59 -1.52 87.29
C GLY D 101 -29.31 -0.34 86.37
N PRO D 102 -28.04 -0.07 86.12
CA PRO D 102 -27.66 0.99 85.18
C PRO D 102 -27.61 0.59 83.71
N GLY D 103 -28.08 -0.61 83.35
CA GLY D 103 -28.04 -1.06 81.98
C GLY D 103 -29.40 -1.13 81.33
N ALA D 104 -29.43 -1.11 79.99
CA ALA D 104 -30.67 -1.15 79.23
C ALA D 104 -30.55 -2.19 78.12
N TYR D 105 -31.65 -2.90 77.87
CA TYR D 105 -31.63 -4.07 77.01
C TYR D 105 -32.81 -4.05 76.07
N TRP D 106 -32.58 -4.48 74.83
CA TRP D 106 -33.61 -4.53 73.80
C TRP D 106 -33.66 -5.93 73.20
N GLY D 107 -34.88 -6.41 72.96
CA GLY D 107 -35.04 -7.61 72.16
C GLY D 107 -34.69 -7.34 70.71
N GLN D 108 -34.46 -8.43 69.97
CA GLN D 108 -33.98 -8.27 68.60
C GLN D 108 -35.06 -7.82 67.64
N GLY D 109 -36.30 -7.66 68.11
CA GLY D 109 -37.35 -7.15 67.26
C GLY D 109 -38.12 -8.25 66.55
N THR D 110 -39.42 -8.08 66.42
CA THR D 110 -40.28 -9.04 65.71
C THR D 110 -41.01 -8.29 64.61
N LEU D 111 -40.72 -8.66 63.36
CA LEU D 111 -41.39 -8.06 62.22
C LEU D 111 -42.73 -8.74 61.98
N VAL D 112 -43.79 -7.93 61.92
CA VAL D 112 -45.12 -8.41 61.57
C VAL D 112 -45.47 -7.85 60.20
N THR D 113 -45.86 -8.74 59.29
CA THR D 113 -46.33 -8.34 57.97
C THR D 113 -47.80 -8.72 57.86
N VAL D 114 -48.65 -7.71 57.66
CA VAL D 114 -50.08 -7.93 57.52
C VAL D 114 -50.39 -8.02 56.03
N SER D 115 -50.78 -9.22 55.59
CA SER D 115 -51.02 -9.48 54.18
C SER D 115 -51.84 -10.74 54.04
N ALA D 116 -52.69 -10.76 53.02
CA ALA D 116 -53.45 -11.96 52.70
C ALA D 116 -52.65 -12.97 51.90
N ALA D 117 -51.52 -12.56 51.35
CA ALA D 117 -50.73 -13.45 50.52
C ALA D 117 -50.13 -14.59 51.35
N SER D 118 -49.84 -15.68 50.67
CA SER D 118 -49.28 -16.87 51.31
C SER D 118 -47.78 -16.71 51.49
N THR D 119 -47.23 -17.48 52.42
CA THR D 119 -45.80 -17.42 52.71
C THR D 119 -45.01 -18.27 51.73
N LYS D 120 -43.77 -17.84 51.48
CA LYS D 120 -42.90 -18.50 50.51
C LYS D 120 -41.47 -18.42 51.00
N GLY D 121 -40.81 -19.56 51.07
CA GLY D 121 -39.39 -19.61 51.32
C GLY D 121 -38.62 -19.24 50.08
N PRO D 122 -37.39 -18.75 50.26
CA PRO D 122 -36.62 -18.27 49.11
C PRO D 122 -36.11 -19.41 48.25
N SER D 123 -36.00 -19.12 46.95
CA SER D 123 -35.23 -19.93 46.02
C SER D 123 -33.81 -19.40 46.04
N VAL D 124 -32.84 -20.26 46.36
CA VAL D 124 -31.47 -19.84 46.60
C VAL D 124 -30.60 -20.34 45.47
N PHE D 125 -30.00 -19.41 44.73
CA PHE D 125 -29.21 -19.69 43.55
C PHE D 125 -27.77 -19.21 43.74
N PRO D 126 -26.78 -19.96 43.26
CA PRO D 126 -25.38 -19.58 43.48
C PRO D 126 -24.94 -18.48 42.52
N LEU D 127 -24.38 -17.41 43.09
CA LEU D 127 -23.72 -16.37 42.30
C LEU D 127 -22.26 -16.80 42.17
N ALA D 128 -21.97 -17.55 41.11
CA ALA D 128 -20.70 -18.25 41.01
C ALA D 128 -19.58 -17.28 40.66
N PRO D 129 -18.42 -17.36 41.34
CA PRO D 129 -17.27 -16.51 41.04
C PRO D 129 -16.63 -16.82 39.69
N GLY D 136 -8.32 -10.07 39.24
CA GLY D 136 -8.39 -8.78 39.90
C GLY D 136 -7.93 -8.85 41.35
N GLY D 137 -7.30 -9.96 41.70
CA GLY D 137 -6.87 -10.18 43.09
C GLY D 137 -7.97 -10.61 44.01
N THR D 138 -9.08 -9.87 44.03
CA THR D 138 -10.24 -10.22 44.83
C THR D 138 -11.29 -10.88 43.94
N ALA D 139 -11.86 -11.97 44.44
CA ALA D 139 -13.01 -12.59 43.80
C ALA D 139 -14.28 -12.25 44.58
N ALA D 140 -15.40 -12.25 43.87
CA ALA D 140 -16.70 -12.04 44.49
C ALA D 140 -17.60 -13.22 44.16
N LEU D 141 -18.36 -13.64 45.17
CA LEU D 141 -19.29 -14.75 45.04
C LEU D 141 -20.47 -14.47 45.96
N GLY D 142 -21.57 -15.16 45.72
CA GLY D 142 -22.73 -14.88 46.55
C GLY D 142 -23.85 -15.86 46.33
N CYS D 143 -25.00 -15.49 46.89
CA CYS D 143 -26.23 -16.26 46.79
C CYS D 143 -27.37 -15.31 46.45
N LEU D 144 -28.04 -15.58 45.33
CA LEU D 144 -29.27 -14.88 45.00
C LEU D 144 -30.41 -15.53 45.77
N VAL D 145 -31.07 -14.75 46.62
CA VAL D 145 -32.08 -15.24 47.54
C VAL D 145 -33.40 -14.63 47.08
N LYS D 146 -34.17 -15.40 46.30
CA LYS D 146 -35.17 -14.84 45.41
C LYS D 146 -36.57 -15.39 45.67
N ASP D 147 -37.56 -14.52 45.49
CA ASP D 147 -38.98 -14.89 45.47
C ASP D 147 -39.43 -15.47 46.81
N TYR D 148 -39.25 -14.67 47.86
CA TYR D 148 -39.70 -15.05 49.19
C TYR D 148 -40.67 -14.01 49.73
N PHE D 149 -41.53 -14.46 50.65
CA PHE D 149 -42.50 -13.59 51.30
C PHE D 149 -42.93 -14.24 52.60
N PRO D 150 -43.02 -13.48 53.69
CA PRO D 150 -42.75 -12.05 53.82
C PRO D 150 -41.30 -11.77 54.17
N GLU D 151 -40.99 -10.51 54.50
CA GLU D 151 -39.75 -10.22 55.20
C GLU D 151 -39.82 -10.83 56.60
N PRO D 152 -38.67 -11.11 57.23
CA PRO D 152 -37.31 -10.96 56.73
C PRO D 152 -36.66 -12.28 56.37
N VAL D 153 -35.43 -12.19 55.91
CA VAL D 153 -34.57 -13.34 55.67
C VAL D 153 -33.35 -13.20 56.58
N THR D 154 -32.64 -14.30 56.80
CA THR D 154 -31.36 -14.25 57.50
C THR D 154 -30.33 -15.05 56.71
N VAL D 155 -29.24 -14.39 56.31
CA VAL D 155 -28.16 -15.01 55.55
C VAL D 155 -26.87 -14.91 56.34
N SER D 156 -26.19 -16.05 56.49
CA SER D 156 -24.84 -16.10 57.02
C SER D 156 -23.98 -16.90 56.06
N TRP D 157 -22.67 -16.85 56.26
CA TRP D 157 -21.74 -17.58 55.40
C TRP D 157 -20.88 -18.50 56.25
N ASN D 158 -20.78 -19.75 55.80
CA ASN D 158 -20.02 -20.80 56.49
C ASN D 158 -20.38 -20.85 57.97
N SER D 159 -21.70 -20.81 58.24
CA SER D 159 -22.25 -20.98 59.59
C SER D 159 -21.72 -19.93 60.56
N GLY D 160 -21.52 -18.71 60.05
CA GLY D 160 -21.05 -17.61 60.86
C GLY D 160 -19.54 -17.44 60.90
N ALA D 161 -18.78 -18.37 60.31
CA ALA D 161 -17.32 -18.25 60.34
C ALA D 161 -16.80 -17.24 59.34
N LEU D 162 -17.63 -16.79 58.40
CA LEU D 162 -17.24 -15.82 57.39
C LEU D 162 -18.15 -14.61 57.50
N THR D 163 -17.57 -13.49 57.89
CA THR D 163 -18.28 -12.22 58.06
C THR D 163 -17.58 -11.07 57.36
N SER D 164 -16.25 -11.08 57.30
CA SER D 164 -15.52 -10.02 56.63
C SER D 164 -15.85 -10.00 55.14
N GLY D 165 -16.15 -8.82 54.62
CA GLY D 165 -16.43 -8.64 53.21
C GLY D 165 -17.81 -9.05 52.77
N VAL D 166 -18.69 -9.42 53.70
CA VAL D 166 -20.03 -9.84 53.34
C VAL D 166 -20.93 -8.63 53.18
N HIS D 167 -21.75 -8.63 52.13
CA HIS D 167 -22.84 -7.68 51.96
C HIS D 167 -24.11 -8.47 51.69
N THR D 168 -25.03 -8.46 52.64
CA THR D 168 -26.39 -8.93 52.40
C THR D 168 -27.26 -7.71 52.12
N PHE D 169 -27.75 -7.61 50.90
CA PHE D 169 -28.40 -6.39 50.47
C PHE D 169 -29.82 -6.27 51.02
N PRO D 170 -30.28 -5.05 51.25
CA PRO D 170 -31.71 -4.84 51.53
C PRO D 170 -32.55 -5.40 50.41
N ALA D 171 -33.58 -6.17 50.78
CA ALA D 171 -34.40 -6.81 49.77
C ALA D 171 -35.18 -5.79 48.97
N VAL D 172 -35.43 -6.13 47.71
CA VAL D 172 -36.29 -5.34 46.84
C VAL D 172 -37.59 -6.12 46.65
N LEU D 173 -38.71 -5.41 46.73
CA LEU D 173 -40.01 -6.00 46.40
C LEU D 173 -40.14 -6.06 44.88
N GLN D 174 -40.24 -7.27 44.34
CA GLN D 174 -40.41 -7.43 42.90
C GLN D 174 -41.86 -7.17 42.51
N SER D 175 -42.08 -7.04 41.20
CA SER D 175 -43.43 -6.81 40.70
C SER D 175 -44.38 -7.95 41.08
N SER D 176 -43.84 -9.13 41.32
CA SER D 176 -44.66 -10.28 41.72
C SER D 176 -45.16 -10.19 43.16
N GLY D 177 -44.89 -9.09 43.86
CA GLY D 177 -45.22 -9.00 45.26
C GLY D 177 -44.33 -9.82 46.17
N LEU D 178 -43.22 -10.34 45.66
CA LEU D 178 -42.30 -11.17 46.43
C LEU D 178 -40.97 -10.44 46.57
N TYR D 179 -40.26 -10.74 47.65
CA TYR D 179 -38.98 -10.10 47.92
C TYR D 179 -37.84 -10.90 47.31
N SER D 180 -36.75 -10.20 47.01
CA SER D 180 -35.55 -10.82 46.48
C SER D 180 -34.34 -10.00 46.88
N LEU D 181 -33.28 -10.69 47.28
CA LEU D 181 -32.04 -10.04 47.66
C LEU D 181 -30.87 -10.87 47.18
N SER D 182 -29.70 -10.25 47.13
CA SER D 182 -28.44 -10.93 46.93
C SER D 182 -27.57 -10.76 48.18
N SER D 183 -26.91 -11.83 48.58
CA SER D 183 -25.87 -11.79 49.61
C SER D 183 -24.55 -12.13 48.95
N VAL D 184 -23.60 -11.19 49.00
CA VAL D 184 -22.33 -11.35 48.31
C VAL D 184 -21.19 -11.28 49.32
N VAL D 185 -20.07 -11.88 48.94
CA VAL D 185 -18.84 -11.83 49.73
C VAL D 185 -17.68 -11.55 48.78
N THR D 186 -16.74 -10.73 49.23
CA THR D 186 -15.46 -10.56 48.56
C THR D 186 -14.42 -11.40 49.28
N VAL D 187 -13.69 -12.20 48.52
CA VAL D 187 -12.70 -13.14 49.06
C VAL D 187 -11.45 -13.10 48.20
N PRO D 188 -10.32 -13.55 48.74
CA PRO D 188 -9.12 -13.69 47.91
C PRO D 188 -9.36 -14.68 46.77
N SER D 189 -9.03 -14.26 45.56
CA SER D 189 -9.23 -15.12 44.39
C SER D 189 -8.42 -16.41 44.51
N SER D 190 -7.28 -16.36 45.21
CA SER D 190 -6.49 -17.57 45.44
C SER D 190 -7.26 -18.60 46.25
N SER D 191 -8.22 -18.16 47.06
CA SER D 191 -8.97 -19.06 47.93
C SER D 191 -10.09 -19.80 47.21
N LEU D 192 -10.37 -19.46 45.95
CA LEU D 192 -11.50 -20.07 45.25
C LEU D 192 -11.31 -21.57 45.09
N GLY D 193 -10.13 -22.01 44.69
CA GLY D 193 -9.91 -23.43 44.50
C GLY D 193 -9.56 -24.21 45.73
N THR D 194 -9.72 -23.62 46.92
CA THR D 194 -9.31 -24.27 48.17
C THR D 194 -10.30 -24.12 49.32
N GLN D 195 -11.08 -23.04 49.39
CA GLN D 195 -11.99 -22.79 50.51
C GLN D 195 -13.41 -23.07 50.07
N THR D 196 -14.15 -23.79 50.91
CA THR D 196 -15.56 -24.03 50.65
C THR D 196 -16.39 -22.83 51.10
N TYR D 197 -17.28 -22.38 50.23
CA TYR D 197 -18.14 -21.25 50.51
C TYR D 197 -19.60 -21.70 50.47
N ILE D 198 -20.29 -21.57 51.60
CA ILE D 198 -21.68 -21.98 51.74
C ILE D 198 -22.44 -20.82 52.38
N CYS D 199 -23.53 -20.41 51.74
CA CYS D 199 -24.43 -19.43 52.35
C CYS D 199 -25.54 -20.17 53.07
N ASN D 200 -25.84 -19.70 54.28
CA ASN D 200 -26.87 -20.30 55.13
C ASN D 200 -28.06 -19.36 55.15
N VAL D 201 -29.15 -19.78 54.51
CA VAL D 201 -30.34 -18.95 54.33
C VAL D 201 -31.44 -19.47 55.24
N ASN D 202 -32.04 -18.57 56.02
CA ASN D 202 -33.06 -18.92 57.02
C ASN D 202 -34.26 -18.00 56.82
N HIS D 203 -35.42 -18.61 56.54
CA HIS D 203 -36.67 -17.87 56.40
C HIS D 203 -37.70 -18.55 57.31
N LYS D 204 -37.90 -17.99 58.48
CA LYS D 204 -38.72 -18.58 59.53
C LYS D 204 -40.23 -18.62 59.24
N PRO D 205 -40.83 -17.63 58.55
CA PRO D 205 -42.27 -17.74 58.30
C PRO D 205 -42.67 -18.97 57.51
N SER D 206 -41.86 -19.39 56.55
CA SER D 206 -42.13 -20.60 55.78
C SER D 206 -41.32 -21.79 56.30
N ASN D 207 -40.69 -21.65 57.46
CA ASN D 207 -39.87 -22.70 58.07
C ASN D 207 -38.87 -23.27 57.06
N THR D 208 -38.10 -22.37 56.47
CA THR D 208 -37.14 -22.71 55.43
C THR D 208 -35.73 -22.45 55.90
N LYS D 209 -34.89 -23.49 55.85
CA LYS D 209 -33.46 -23.33 56.02
C LYS D 209 -32.77 -24.02 54.85
N VAL D 210 -32.01 -23.24 54.07
CA VAL D 210 -31.25 -23.73 52.94
C VAL D 210 -29.78 -23.46 53.21
N ASP D 211 -28.95 -24.47 53.02
CA ASP D 211 -27.51 -24.32 52.94
C ASP D 211 -27.10 -24.56 51.49
N LYS D 212 -26.62 -23.51 50.83
CA LYS D 212 -26.31 -23.55 49.42
C LYS D 212 -24.81 -23.37 49.24
N ARG D 213 -24.15 -24.38 48.69
CA ARG D 213 -22.74 -24.24 48.39
C ARG D 213 -22.56 -23.52 47.08
N VAL D 214 -21.56 -22.65 47.03
CA VAL D 214 -21.24 -21.88 45.83
C VAL D 214 -19.87 -22.33 45.34
N GLU D 215 -19.83 -22.93 44.17
CA GLU D 215 -18.60 -23.30 43.51
C GLU D 215 -18.37 -22.41 42.30
N PRO D 216 -17.11 -22.19 41.90
CA PRO D 216 -16.91 -21.58 40.59
C PRO D 216 -17.44 -22.48 39.48
N ASP E 1 -50.26 15.90 73.78
CA ASP E 1 -49.07 15.07 73.80
C ASP E 1 -47.83 15.91 73.49
N ILE E 2 -46.72 15.58 74.15
CA ILE E 2 -45.48 16.33 73.99
C ILE E 2 -44.80 15.90 72.70
N VAL E 3 -44.38 16.88 71.91
CA VAL E 3 -43.68 16.63 70.66
C VAL E 3 -42.19 16.88 70.88
N MET E 4 -41.36 15.95 70.43
CA MET E 4 -39.91 16.06 70.49
C MET E 4 -39.41 16.38 69.09
N THR E 5 -38.90 17.59 68.90
CA THR E 5 -38.44 18.05 67.60
C THR E 5 -36.92 18.05 67.55
N GLN E 6 -36.35 17.21 66.68
CA GLN E 6 -34.92 17.17 66.49
C GLN E 6 -34.54 18.12 65.36
N SER E 7 -33.43 18.85 65.55
CA SER E 7 -33.15 20.01 64.72
C SER E 7 -32.74 19.67 63.29
N GLN E 8 -32.31 18.44 63.04
CA GLN E 8 -31.90 18.03 61.71
C GLN E 8 -32.29 16.58 61.49
N LYS E 9 -32.67 16.24 60.26
CA LYS E 9 -32.90 14.85 59.91
C LYS E 9 -31.63 14.14 59.48
N PHE E 10 -30.67 14.87 58.90
CA PHE E 10 -29.40 14.30 58.48
C PHE E 10 -28.25 15.17 58.97
N MET E 11 -27.15 14.53 59.35
CA MET E 11 -25.93 15.23 59.72
C MET E 11 -24.73 14.47 59.18
N SER E 12 -23.84 15.18 58.50
CA SER E 12 -22.66 14.59 57.90
C SER E 12 -21.42 15.00 58.69
N THR E 13 -20.49 14.07 58.85
CA THR E 13 -19.30 14.34 59.64
C THR E 13 -18.18 13.39 59.23
N SER E 14 -16.98 13.71 59.70
CA SER E 14 -15.78 12.92 59.44
C SER E 14 -15.33 12.24 60.71
N VAL E 15 -14.53 11.19 60.54
CA VAL E 15 -13.97 10.48 61.68
C VAL E 15 -13.05 11.42 62.46
N GLY E 16 -13.26 11.48 63.77
CA GLY E 16 -12.53 12.38 64.63
C GLY E 16 -13.23 13.68 64.94
N ASP E 17 -14.25 14.03 64.15
CA ASP E 17 -14.98 15.27 64.37
C ASP E 17 -15.82 15.21 65.64
N ARG E 18 -16.42 16.34 65.97
CA ARG E 18 -17.43 16.45 67.02
C ARG E 18 -18.76 16.84 66.39
N VAL E 19 -19.83 16.19 66.81
CA VAL E 19 -21.16 16.42 66.27
C VAL E 19 -22.14 16.61 67.41
N SER E 20 -23.11 17.49 67.23
CA SER E 20 -24.13 17.78 68.23
C SER E 20 -25.50 17.64 67.59
N VAL E 21 -26.31 16.74 68.13
CA VAL E 21 -27.71 16.61 67.77
C VAL E 21 -28.53 17.27 68.86
N THR E 22 -29.36 18.24 68.48
CA THR E 22 -30.21 18.93 69.45
C THR E 22 -31.66 18.55 69.26
N CYS E 23 -32.43 18.72 70.33
CA CYS E 23 -33.81 18.26 70.42
C CYS E 23 -34.58 19.25 71.30
N LYS E 24 -35.75 19.70 70.83
CA LYS E 24 -36.58 20.62 71.58
C LYS E 24 -37.90 19.97 71.92
N ALA E 25 -38.28 20.01 73.19
CA ALA E 25 -39.59 19.56 73.62
C ALA E 25 -40.60 20.69 73.50
N SER E 26 -41.84 20.32 73.19
CA SER E 26 -42.91 21.30 73.11
C SER E 26 -43.41 21.75 74.48
N GLN E 27 -43.06 21.02 75.54
CA GLN E 27 -43.33 21.43 76.91
C GLN E 27 -42.08 21.18 77.74
N ASN E 28 -42.09 21.68 78.97
CA ASN E 28 -41.01 21.38 79.90
C ASN E 28 -41.08 19.91 80.29
N VAL E 29 -39.97 19.19 80.11
CA VAL E 29 -39.89 17.79 80.48
C VAL E 29 -38.81 17.55 81.53
N GLY E 30 -38.41 18.60 82.23
CA GLY E 30 -37.42 18.45 83.30
C GLY E 30 -36.10 17.93 82.75
N THR E 31 -35.56 16.91 83.40
CA THR E 31 -34.41 16.18 82.89
C THR E 31 -34.79 14.79 82.40
N ASN E 32 -36.09 14.49 82.31
CA ASN E 32 -36.55 13.15 81.96
C ASN E 32 -36.53 12.97 80.44
N VAL E 33 -35.31 12.93 79.91
CA VAL E 33 -35.07 12.77 78.48
C VAL E 33 -34.06 11.66 78.27
N ALA E 34 -34.31 10.79 77.29
CA ALA E 34 -33.40 9.72 76.94
C ALA E 34 -32.92 9.88 75.49
N TRP E 35 -31.76 9.31 75.20
CA TRP E 35 -31.19 9.29 73.86
C TRP E 35 -30.92 7.86 73.43
N TYR E 36 -31.11 7.58 72.15
CA TYR E 36 -30.91 6.24 71.61
C TYR E 36 -30.11 6.30 70.31
N GLN E 37 -29.36 5.23 70.08
CA GLN E 37 -28.63 4.98 68.84
C GLN E 37 -29.24 3.77 68.17
N GLN E 38 -29.51 3.87 66.87
CA GLN E 38 -29.97 2.73 66.09
C GLN E 38 -29.13 2.59 64.83
N LYS E 39 -28.31 1.55 64.79
CA LYS E 39 -27.49 1.24 63.64
C LYS E 39 -28.32 0.45 62.62
N PRO E 40 -27.91 0.43 61.36
CA PRO E 40 -28.68 -0.26 60.33
C PRO E 40 -28.89 -1.74 60.66
N GLY E 41 -30.14 -2.18 60.56
CA GLY E 41 -30.49 -3.57 60.77
C GLY E 41 -30.46 -4.03 62.22
N GLN E 42 -30.36 -3.11 63.17
CA GLN E 42 -30.25 -3.45 64.58
C GLN E 42 -31.38 -2.85 65.38
N SER E 43 -31.54 -3.36 66.59
CA SER E 43 -32.43 -2.75 67.56
C SER E 43 -31.81 -1.45 68.06
N PRO E 44 -32.63 -0.56 68.61
CA PRO E 44 -32.07 0.62 69.27
C PRO E 44 -31.19 0.23 70.44
N LYS E 45 -30.21 1.08 70.72
CA LYS E 45 -29.41 0.99 71.95
C LYS E 45 -29.58 2.29 72.72
N ALA E 46 -29.96 2.17 73.99
CA ALA E 46 -30.14 3.34 74.84
C ALA E 46 -28.78 3.87 75.27
N LEU E 47 -28.53 5.15 75.01
CA LEU E 47 -27.26 5.79 75.38
C LEU E 47 -27.36 6.59 76.66
N ILE E 48 -28.39 7.41 76.80
CA ILE E 48 -28.48 8.41 77.86
C ILE E 48 -29.82 8.31 78.57
N TYR E 49 -29.79 8.46 79.89
CA TYR E 49 -31.01 8.70 80.67
C TYR E 49 -30.81 9.93 81.53
N SER E 50 -31.93 10.50 81.99
CA SER E 50 -31.92 11.73 82.77
C SER E 50 -31.10 12.82 82.08
N ALA E 51 -31.18 12.86 80.76
CA ALA E 51 -30.60 13.91 79.92
C ALA E 51 -29.08 13.85 79.86
N SER E 52 -28.41 13.32 80.87
CA SER E 52 -26.95 13.39 80.88
C SER E 52 -26.27 12.16 81.47
N TYR E 53 -27.00 11.10 81.81
CA TYR E 53 -26.40 9.94 82.45
C TYR E 53 -26.31 8.79 81.47
N ARG E 54 -25.12 8.18 81.39
CA ARG E 54 -24.87 7.10 80.47
C ARG E 54 -25.35 5.77 81.02
N TYR E 55 -26.00 4.99 80.17
CA TYR E 55 -26.29 3.61 80.49
C TYR E 55 -25.01 2.78 80.48
N SER E 56 -25.10 1.56 80.97
CA SER E 56 -23.95 0.67 80.97
C SER E 56 -23.41 0.49 79.55
N GLY E 57 -22.08 0.46 79.44
CA GLY E 57 -21.43 0.13 78.19
C GLY E 57 -21.33 1.26 77.19
N VAL E 58 -21.61 2.50 77.58
CA VAL E 58 -21.58 3.64 76.69
C VAL E 58 -20.35 4.47 77.01
N PRO E 59 -19.50 4.76 76.02
CA PRO E 59 -18.26 5.49 76.30
C PRO E 59 -18.49 6.99 76.49
N ASP E 60 -17.54 7.62 77.17
CA ASP E 60 -17.72 8.99 77.63
C ASP E 60 -17.68 10.01 76.50
N ARG E 61 -17.33 9.62 75.28
CA ARG E 61 -17.43 10.55 74.17
C ARG E 61 -18.87 10.80 73.73
N PHE E 62 -19.83 10.09 74.33
CA PHE E 62 -21.25 10.36 74.14
C PHE E 62 -21.74 11.18 75.32
N THR E 63 -21.96 12.47 75.09
CA THR E 63 -22.35 13.41 76.13
C THR E 63 -23.78 13.87 75.88
N GLY E 64 -24.59 13.86 76.93
CA GLY E 64 -25.93 14.42 76.89
C GLY E 64 -26.01 15.62 77.82
N SER E 65 -26.81 16.61 77.43
CA SER E 65 -26.93 17.83 78.21
C SER E 65 -28.32 18.40 78.02
N GLY E 66 -28.72 19.27 78.94
CA GLY E 66 -29.95 20.03 78.81
C GLY E 66 -30.92 19.74 79.93
N SER E 67 -31.89 20.65 80.04
CA SER E 67 -33.01 20.50 80.97
C SER E 67 -34.14 21.39 80.47
N GLY E 68 -35.35 21.08 80.93
CA GLY E 68 -36.50 21.87 80.53
C GLY E 68 -37.03 21.49 79.16
N THR E 69 -36.65 22.26 78.13
CA THR E 69 -37.14 22.03 76.78
C THR E 69 -36.06 21.75 75.75
N ASP E 70 -34.79 21.99 76.06
CA ASP E 70 -33.74 21.97 75.06
C ASP E 70 -32.63 21.01 75.48
N PHE E 71 -32.34 20.04 74.62
CA PHE E 71 -31.49 18.90 74.96
C PHE E 71 -30.55 18.62 73.79
N THR E 72 -29.31 18.26 74.12
CA THR E 72 -28.28 18.04 73.12
C THR E 72 -27.56 16.72 73.39
N LEU E 73 -27.43 15.91 72.35
CA LEU E 73 -26.52 14.76 72.35
C LEU E 73 -25.27 15.16 71.57
N THR E 74 -24.13 15.15 72.25
CA THR E 74 -22.86 15.45 71.62
C THR E 74 -22.05 14.18 71.48
N ILE E 75 -21.61 13.89 70.25
CA ILE E 75 -20.71 12.78 69.97
C ILE E 75 -19.34 13.38 69.66
N SER E 76 -18.36 13.04 70.49
CA SER E 76 -16.99 13.49 70.31
C SER E 76 -16.15 12.37 69.71
N ASN E 77 -15.10 12.77 68.99
CA ASN E 77 -14.19 11.87 68.29
C ASN E 77 -14.99 10.79 67.56
N VAL E 78 -15.83 11.24 66.64
CA VAL E 78 -16.75 10.36 65.94
C VAL E 78 -15.97 9.24 65.28
N GLN E 79 -16.39 8.01 65.55
CA GLN E 79 -15.84 6.84 64.88
C GLN E 79 -16.74 6.42 63.73
N SER E 80 -16.16 5.73 62.76
CA SER E 80 -16.92 5.28 61.61
C SER E 80 -18.13 4.44 62.02
N GLU E 81 -17.99 3.66 63.08
CA GLU E 81 -19.07 2.80 63.56
C GLU E 81 -20.17 3.56 64.30
N ASP E 82 -20.00 4.87 64.51
CA ASP E 82 -21.09 5.68 65.06
C ASP E 82 -22.20 5.91 64.05
N LEU E 83 -22.07 5.41 62.83
CA LEU E 83 -23.09 5.62 61.80
C LEU E 83 -24.41 5.02 62.24
N ALA E 84 -25.40 5.86 62.47
CA ALA E 84 -26.67 5.39 63.00
C ALA E 84 -27.69 6.51 62.92
N GLU E 85 -28.93 6.16 63.26
CA GLU E 85 -29.99 7.13 63.48
C GLU E 85 -30.13 7.35 64.98
N TYR E 86 -30.18 8.61 65.39
CA TYR E 86 -30.21 8.97 66.80
C TYR E 86 -31.55 9.59 67.14
N PHE E 87 -32.16 9.12 68.23
CA PHE E 87 -33.47 9.57 68.67
C PHE E 87 -33.37 10.18 70.06
N CYS E 88 -34.00 11.33 70.25
CA CYS E 88 -34.30 11.80 71.59
C CYS E 88 -35.69 11.30 71.98
N GLN E 89 -35.93 11.24 73.29
CA GLN E 89 -37.22 10.78 73.80
C GLN E 89 -37.47 11.41 75.15
N GLN E 90 -38.73 11.78 75.40
CA GLN E 90 -39.16 12.23 76.71
C GLN E 90 -39.92 11.12 77.40
N TYR E 91 -39.75 11.02 78.71
CA TYR E 91 -40.58 10.14 79.54
C TYR E 91 -41.08 10.88 80.77
N ASN E 92 -41.26 12.19 80.65
CA ASN E 92 -41.82 12.99 81.73
C ASN E 92 -43.34 12.89 81.76
N SER E 93 -43.96 12.59 80.62
CA SER E 93 -45.41 12.62 80.52
C SER E 93 -45.86 11.51 79.57
N TYR E 94 -47.12 11.11 79.74
CA TYR E 94 -47.70 10.13 78.85
C TYR E 94 -48.49 10.81 77.74
N PRO E 95 -48.46 10.29 76.51
CA PRO E 95 -47.68 9.14 76.03
C PRO E 95 -46.20 9.49 75.95
N LEU E 96 -45.33 8.54 76.28
CA LEU E 96 -43.90 8.71 76.05
C LEU E 96 -43.67 8.88 74.56
N THR E 97 -42.91 9.91 74.17
CA THR E 97 -42.78 10.27 72.76
C THR E 97 -41.33 10.41 72.36
N PHE E 98 -40.99 9.81 71.22
CA PHE E 98 -39.69 9.93 70.58
C PHE E 98 -39.67 11.09 69.60
N GLY E 99 -38.45 11.55 69.30
CA GLY E 99 -38.27 12.46 68.18
C GLY E 99 -38.21 11.69 66.86
N ALA E 100 -38.20 12.45 65.76
CA ALA E 100 -38.24 11.84 64.44
C ALA E 100 -36.93 11.20 64.03
N GLY E 101 -35.87 11.34 64.82
CA GLY E 101 -34.61 10.70 64.51
C GLY E 101 -33.68 11.56 63.69
N THR E 102 -32.39 11.45 63.96
CA THR E 102 -31.37 12.19 63.23
C THR E 102 -30.33 11.21 62.71
N LYS E 103 -30.14 11.21 61.39
CA LYS E 103 -29.27 10.24 60.72
C LYS E 103 -27.86 10.79 60.61
N LEU E 104 -26.90 10.08 61.22
CA LEU E 104 -25.50 10.44 61.13
C LEU E 104 -24.87 9.77 59.93
N GLU E 105 -24.13 10.54 59.13
CA GLU E 105 -23.52 10.05 57.91
C GLU E 105 -22.05 10.45 57.91
N LEU E 106 -21.20 9.55 57.41
CA LEU E 106 -19.75 9.71 57.51
C LEU E 106 -19.18 10.14 56.16
N LYS E 107 -18.48 11.28 56.17
CA LYS E 107 -17.71 11.69 55.00
C LYS E 107 -16.40 10.91 54.95
N ARG E 108 -15.93 10.62 53.74
CA ARG E 108 -14.66 9.95 53.58
C ARG E 108 -14.11 10.26 52.19
N THR E 109 -12.90 9.76 51.92
CA THR E 109 -12.28 9.94 50.62
C THR E 109 -13.08 9.21 49.55
N VAL E 110 -12.99 9.72 48.32
CA VAL E 110 -13.70 9.10 47.20
C VAL E 110 -13.11 7.72 46.96
N ALA E 111 -14.00 6.73 46.78
CA ALA E 111 -13.60 5.36 46.55
C ALA E 111 -14.39 4.80 45.38
N ALA E 112 -13.69 4.31 44.36
CA ALA E 112 -14.33 3.75 43.19
C ALA E 112 -14.81 2.32 43.48
N PRO E 113 -15.91 1.91 42.86
CA PRO E 113 -16.45 0.57 43.13
C PRO E 113 -15.62 -0.50 42.44
N SER E 114 -15.49 -1.65 43.12
CA SER E 114 -15.10 -2.89 42.46
C SER E 114 -16.33 -3.49 41.81
N VAL E 115 -16.22 -3.83 40.53
CA VAL E 115 -17.37 -4.24 39.73
C VAL E 115 -17.24 -5.72 39.39
N PHE E 116 -18.31 -6.47 39.66
CA PHE E 116 -18.38 -7.89 39.38
C PHE E 116 -19.73 -8.19 38.70
N ILE E 117 -19.73 -9.13 37.78
CA ILE E 117 -20.95 -9.54 37.09
C ILE E 117 -21.12 -11.04 37.22
N PHE E 118 -22.35 -11.49 37.45
CA PHE E 118 -22.67 -12.89 37.66
C PHE E 118 -23.69 -13.36 36.65
N PRO E 119 -23.41 -14.43 35.89
CA PRO E 119 -24.43 -14.99 35.01
C PRO E 119 -25.47 -15.76 35.82
N PRO E 120 -26.61 -16.08 35.23
CA PRO E 120 -27.57 -16.93 35.94
C PRO E 120 -27.03 -18.33 36.12
N SER E 121 -27.34 -18.93 37.26
CA SER E 121 -26.97 -20.32 37.50
C SER E 121 -27.83 -21.24 36.63
N ASP E 122 -27.29 -22.42 36.34
CA ASP E 122 -28.03 -23.39 35.54
C ASP E 122 -29.32 -23.81 36.22
N GLU E 123 -29.33 -23.82 37.56
CA GLU E 123 -30.54 -24.22 38.28
C GLU E 123 -31.67 -23.22 38.08
N GLN E 124 -31.34 -21.92 38.08
CA GLN E 124 -32.36 -20.92 37.77
C GLN E 124 -32.83 -21.04 36.33
N LEU E 125 -31.91 -21.33 35.42
CA LEU E 125 -32.27 -21.44 34.00
C LEU E 125 -33.28 -22.55 33.76
N LYS E 126 -33.31 -23.56 34.63
CA LYS E 126 -34.36 -24.57 34.54
C LYS E 126 -35.74 -23.94 34.62
N SER E 127 -35.90 -22.97 35.52
CA SER E 127 -37.21 -22.47 35.92
C SER E 127 -37.81 -21.48 34.93
N GLY E 128 -37.13 -21.16 33.84
CA GLY E 128 -37.68 -20.26 32.85
C GLY E 128 -37.36 -18.79 33.05
N THR E 129 -36.63 -18.44 34.11
CA THR E 129 -36.23 -17.06 34.35
C THR E 129 -34.74 -17.00 34.56
N ALA E 130 -34.14 -15.88 34.16
CA ALA E 130 -32.70 -15.69 34.25
C ALA E 130 -32.43 -14.35 34.91
N SER E 131 -31.66 -14.38 36.00
CA SER E 131 -31.25 -13.17 36.71
C SER E 131 -29.76 -12.98 36.51
N VAL E 132 -29.39 -11.86 35.89
CA VAL E 132 -28.00 -11.47 35.73
C VAL E 132 -27.73 -10.37 36.74
N VAL E 133 -26.74 -10.59 37.60
CA VAL E 133 -26.49 -9.73 38.76
C VAL E 133 -25.17 -9.00 38.56
N CYS E 134 -25.17 -7.70 38.88
CA CYS E 134 -23.99 -6.85 38.83
C CYS E 134 -23.77 -6.27 40.21
N LEU E 135 -22.53 -6.34 40.70
CA LEU E 135 -22.19 -5.90 42.05
C LEU E 135 -21.20 -4.74 41.98
N LEU E 136 -21.53 -3.65 42.66
CA LEU E 136 -20.64 -2.50 42.83
C LEU E 136 -20.24 -2.49 44.31
N ASN E 137 -18.95 -2.71 44.57
CA ASN E 137 -18.49 -3.05 45.91
C ASN E 137 -17.70 -1.90 46.52
N ASN E 138 -18.15 -1.45 47.70
CA ASN E 138 -17.39 -0.56 48.58
C ASN E 138 -16.95 0.72 47.85
N PHE E 139 -17.94 1.54 47.50
CA PHE E 139 -17.66 2.79 46.82
C PHE E 139 -18.16 3.97 47.65
N TYR E 140 -17.65 5.16 47.28
CA TYR E 140 -18.05 6.43 47.87
C TYR E 140 -17.71 7.58 46.92
N PRO E 141 -18.60 8.55 46.75
CA PRO E 141 -19.93 8.70 47.39
C PRO E 141 -21.01 7.77 46.84
N ARG E 142 -22.25 7.97 47.27
CA ARG E 142 -23.31 7.01 46.99
C ARG E 142 -23.76 7.02 45.53
N GLU E 143 -23.59 8.14 44.83
CA GLU E 143 -24.14 8.27 43.48
C GLU E 143 -23.42 7.35 42.51
N ALA E 144 -24.18 6.42 41.91
CA ALA E 144 -23.64 5.51 40.91
C ALA E 144 -24.71 5.20 39.89
N LYS E 145 -24.28 4.91 38.67
CA LYS E 145 -25.19 4.50 37.60
C LYS E 145 -24.76 3.15 37.04
N VAL E 146 -25.72 2.25 36.91
CA VAL E 146 -25.53 0.97 36.23
C VAL E 146 -26.35 1.01 34.94
N GLN E 147 -25.71 0.68 33.83
CA GLN E 147 -26.39 0.53 32.56
C GLN E 147 -26.15 -0.87 32.03
N TRP E 148 -27.22 -1.64 31.89
CA TRP E 148 -27.12 -2.97 31.32
C TRP E 148 -27.09 -2.88 29.80
N LYS E 149 -26.27 -3.72 29.19
CA LYS E 149 -26.21 -3.83 27.74
C LYS E 149 -26.27 -5.29 27.35
N VAL E 150 -27.15 -5.62 26.40
CA VAL E 150 -27.32 -6.97 25.91
C VAL E 150 -27.09 -6.96 24.41
N ASP E 151 -26.03 -7.63 23.96
CA ASP E 151 -25.54 -7.52 22.59
C ASP E 151 -25.44 -6.06 22.18
N ASN E 152 -24.88 -5.27 23.09
CA ASN E 152 -24.60 -3.85 22.92
C ASN E 152 -25.85 -2.99 22.79
N ALA E 153 -27.03 -3.56 23.07
CA ALA E 153 -28.26 -2.79 23.12
C ALA E 153 -28.52 -2.40 24.57
N LEU E 154 -28.70 -1.10 24.81
CA LEU E 154 -28.90 -0.61 26.16
C LEU E 154 -30.28 -1.01 26.68
N GLN E 155 -30.33 -1.42 27.94
CA GLN E 155 -31.55 -1.97 28.53
C GLN E 155 -32.20 -0.98 29.48
N SER E 156 -33.49 -1.15 29.69
CA SER E 156 -34.23 -0.27 30.59
C SER E 156 -35.50 -0.98 31.03
N GLY E 157 -35.90 -0.70 32.27
CA GLY E 157 -37.13 -1.23 32.82
C GLY E 157 -37.11 -2.69 33.22
N ASN E 158 -36.04 -3.42 32.94
CA ASN E 158 -35.96 -4.84 33.28
C ASN E 158 -34.91 -5.13 34.34
N SER E 159 -34.57 -4.14 35.17
CA SER E 159 -33.57 -4.32 36.21
C SER E 159 -33.99 -3.58 37.47
N GLN E 160 -33.55 -4.10 38.62
CA GLN E 160 -33.83 -3.50 39.91
C GLN E 160 -32.54 -3.34 40.69
N GLU E 161 -32.48 -2.27 41.50
CA GLU E 161 -31.29 -1.90 42.24
C GLU E 161 -31.53 -2.01 43.74
N SER E 162 -30.44 -2.27 44.48
CA SER E 162 -30.45 -2.23 45.93
C SER E 162 -29.10 -1.69 46.41
N VAL E 163 -29.14 -0.75 47.34
CA VAL E 163 -27.94 -0.12 47.88
C VAL E 163 -27.91 -0.35 49.37
N THR E 164 -26.75 -0.74 49.89
CA THR E 164 -26.62 -0.96 51.32
C THR E 164 -26.64 0.37 52.07
N GLU E 165 -26.88 0.30 53.37
CA GLU E 165 -26.55 1.40 54.24
C GLU E 165 -25.03 1.53 54.33
N GLN E 166 -24.57 2.73 54.68
CA GLN E 166 -23.15 3.02 54.71
C GLN E 166 -22.44 2.12 55.71
N ASP E 167 -21.24 1.66 55.34
CA ASP E 167 -20.55 0.62 56.10
C ASP E 167 -19.98 1.18 57.39
N SER E 168 -20.04 0.38 58.45
CA SER E 168 -19.61 0.85 59.76
C SER E 168 -18.10 0.90 59.91
N LYS E 169 -17.35 0.24 59.03
CA LYS E 169 -15.91 0.16 59.16
C LYS E 169 -15.16 1.06 58.18
N ASP E 170 -15.56 1.08 56.90
CA ASP E 170 -14.90 1.90 55.90
C ASP E 170 -15.82 2.95 55.27
N SER E 171 -17.05 3.07 55.76
CA SER E 171 -17.98 4.14 55.37
C SER E 171 -18.28 4.14 53.87
N THR E 172 -18.31 2.96 53.26
CA THR E 172 -18.62 2.85 51.85
C THR E 172 -20.07 2.40 51.64
N TYR E 173 -20.51 2.52 50.41
CA TYR E 173 -21.77 1.94 49.95
C TYR E 173 -21.47 0.81 48.98
N SER E 174 -22.35 -0.18 48.96
CA SER E 174 -22.33 -1.24 47.96
C SER E 174 -23.69 -1.28 47.27
N LEU E 175 -23.68 -1.61 45.99
CA LEU E 175 -24.89 -1.61 45.20
C LEU E 175 -24.99 -2.89 44.39
N SER E 176 -26.20 -3.44 44.30
CA SER E 176 -26.47 -4.60 43.47
C SER E 176 -27.53 -4.22 42.45
N SER E 177 -27.30 -4.60 41.20
CA SER E 177 -28.28 -4.42 40.13
C SER E 177 -28.58 -5.78 39.53
N THR E 178 -29.87 -6.12 39.46
CA THR E 178 -30.31 -7.43 38.99
C THR E 178 -31.15 -7.26 37.74
N LEU E 179 -30.62 -7.75 36.61
CA LEU E 179 -31.34 -7.76 35.35
C LEU E 179 -32.04 -9.11 35.20
N THR E 180 -33.37 -9.09 35.16
CA THR E 180 -34.16 -10.31 35.09
C THR E 180 -34.80 -10.42 33.71
N LEU E 181 -34.64 -11.59 33.09
CA LEU E 181 -35.17 -11.87 31.76
C LEU E 181 -35.81 -13.24 31.79
N SER E 182 -36.55 -13.55 30.73
CA SER E 182 -37.03 -14.91 30.54
C SER E 182 -35.90 -15.79 30.01
N LYS E 183 -36.00 -17.09 30.29
CA LYS E 183 -35.03 -18.03 29.75
C LYS E 183 -34.89 -17.88 28.25
N ALA E 184 -36.02 -17.68 27.55
CA ALA E 184 -36.00 -17.57 26.10
C ALA E 184 -35.29 -16.31 25.62
N ASP E 185 -35.41 -15.20 26.35
CA ASP E 185 -34.72 -13.98 25.95
C ASP E 185 -33.25 -14.01 26.35
N TYR E 186 -32.91 -14.71 27.43
CA TYR E 186 -31.51 -14.90 27.78
C TYR E 186 -30.80 -15.74 26.73
N GLU E 187 -31.42 -16.84 26.30
CA GLU E 187 -30.80 -17.74 25.35
C GLU E 187 -30.69 -17.13 23.95
N LYS E 188 -31.43 -16.06 23.66
CA LYS E 188 -31.39 -15.49 22.31
C LYS E 188 -30.19 -14.58 22.08
N HIS E 189 -29.59 -14.05 23.14
CA HIS E 189 -28.54 -13.04 23.01
C HIS E 189 -27.22 -13.55 23.58
N LYS E 190 -26.14 -12.86 23.24
CA LYS E 190 -24.79 -13.37 23.48
C LYS E 190 -24.05 -12.62 24.58
N VAL E 191 -23.88 -11.30 24.44
CA VAL E 191 -22.99 -10.55 25.31
C VAL E 191 -23.82 -9.84 26.38
N TYR E 192 -23.50 -10.10 27.65
CA TYR E 192 -24.20 -9.50 28.78
C TYR E 192 -23.21 -8.65 29.58
N ALA E 193 -23.47 -7.35 29.62
CA ALA E 193 -22.57 -6.38 30.20
C ALA E 193 -23.32 -5.47 31.16
N CYS E 194 -22.69 -5.14 32.28
CA CYS E 194 -23.14 -4.05 33.13
C CYS E 194 -22.07 -2.98 33.13
N GLU E 195 -22.47 -1.76 32.81
CA GLU E 195 -21.56 -0.62 32.69
C GLU E 195 -21.80 0.31 33.87
N VAL E 196 -20.74 0.63 34.60
CA VAL E 196 -20.81 1.37 35.85
C VAL E 196 -20.09 2.70 35.68
N THR E 197 -20.76 3.78 36.07
CA THR E 197 -20.14 5.10 36.16
C THR E 197 -20.19 5.58 37.60
N HIS E 198 -19.11 6.21 38.04
CA HIS E 198 -18.97 6.68 39.41
C HIS E 198 -17.90 7.76 39.44
N GLN E 199 -18.01 8.66 40.42
CA GLN E 199 -17.10 9.79 40.50
C GLN E 199 -15.65 9.35 40.59
N GLY E 200 -15.38 8.24 41.28
CA GLY E 200 -14.03 7.71 41.35
C GLY E 200 -13.54 7.02 40.11
N LEU E 201 -14.38 6.88 39.08
CA LEU E 201 -14.01 6.22 37.84
C LEU E 201 -13.93 7.27 36.74
N SER E 202 -12.71 7.50 36.22
CA SER E 202 -12.53 8.49 35.17
C SER E 202 -13.23 8.07 33.88
N SER E 203 -13.30 6.77 33.62
CA SER E 203 -14.06 6.20 32.53
C SER E 203 -15.02 5.17 33.07
N PRO E 204 -16.16 4.97 32.42
CA PRO E 204 -17.08 3.91 32.85
C PRO E 204 -16.38 2.56 32.83
N VAL E 205 -16.61 1.77 33.87
CA VAL E 205 -16.04 0.44 33.99
C VAL E 205 -17.11 -0.57 33.60
N THR E 206 -16.83 -1.35 32.57
CA THR E 206 -17.76 -2.36 32.07
C THR E 206 -17.24 -3.76 32.39
N LYS E 207 -18.13 -4.61 32.88
CA LYS E 207 -17.83 -6.03 33.09
C LYS E 207 -18.90 -6.84 32.36
N SER E 208 -18.47 -7.94 31.74
CA SER E 208 -19.38 -8.65 30.85
C SER E 208 -18.99 -10.12 30.77
N PHE E 209 -19.89 -10.91 30.18
CA PHE E 209 -19.62 -12.31 29.87
C PHE E 209 -20.37 -12.69 28.60
N ASN E 210 -19.89 -13.74 27.95
CA ASN E 210 -20.58 -14.34 26.81
C ASN E 210 -21.39 -15.53 27.32
N ARG E 211 -22.69 -15.56 27.01
CA ARG E 211 -23.49 -16.71 27.38
C ARG E 211 -22.90 -17.95 26.73
N GLY E 212 -22.27 -18.78 27.53
CA GLY E 212 -21.38 -19.82 27.06
C GLY E 212 -20.24 -19.89 28.04
N GLU E 213 -19.84 -18.73 28.56
CA GLU E 213 -19.03 -18.64 29.75
C GLU E 213 -19.92 -18.91 30.96
N ASP F 1 10.45 14.93 29.25
CA ASP F 1 9.93 13.84 28.43
C ASP F 1 8.66 13.27 29.05
N ILE F 2 7.74 12.85 28.18
CA ILE F 2 6.52 12.16 28.60
C ILE F 2 6.72 10.67 28.37
N VAL F 3 6.38 9.87 29.38
CA VAL F 3 6.62 8.44 29.35
C VAL F 3 5.42 7.74 28.70
N MET F 4 5.69 6.90 27.71
CA MET F 4 4.68 6.03 27.11
C MET F 4 4.95 4.62 27.60
N THR F 5 4.04 4.09 28.41
CA THR F 5 4.21 2.77 29.00
C THR F 5 3.37 1.76 28.25
N GLN F 6 4.02 0.69 27.79
CA GLN F 6 3.33 -0.47 27.22
C GLN F 6 3.56 -1.63 28.18
N SER F 7 2.53 -1.93 28.98
CA SER F 7 2.65 -2.94 30.03
C SER F 7 2.82 -4.35 29.50
N GLN F 8 2.67 -4.55 28.20
CA GLN F 8 2.82 -5.86 27.57
C GLN F 8 4.09 -5.84 26.72
N LYS F 9 5.10 -6.62 27.11
CA LYS F 9 6.28 -6.80 26.27
C LYS F 9 6.11 -7.93 25.29
N PHE F 10 5.23 -8.90 25.59
CA PHE F 10 4.87 -9.96 24.67
C PHE F 10 3.38 -10.23 24.81
N MET F 11 2.77 -10.66 23.71
CA MET F 11 1.37 -11.09 23.70
C MET F 11 1.24 -12.28 22.77
N SER F 12 0.54 -13.31 23.24
CA SER F 12 0.36 -14.56 22.51
C SER F 12 -1.04 -14.59 21.90
N THR F 13 -1.11 -14.93 20.62
CA THR F 13 -2.39 -14.92 19.92
C THR F 13 -2.42 -16.00 18.85
N SER F 14 -3.64 -16.35 18.47
CA SER F 14 -3.92 -17.25 17.37
C SER F 14 -4.44 -16.47 16.17
N VAL F 15 -4.36 -17.10 15.00
CA VAL F 15 -4.90 -16.48 13.79
C VAL F 15 -6.42 -16.45 13.88
N GLY F 16 -7.00 -15.28 13.61
CA GLY F 16 -8.40 -15.05 13.79
C GLY F 16 -8.77 -14.41 15.11
N ASP F 17 -7.87 -14.40 16.07
CA ASP F 17 -8.13 -13.83 17.38
C ASP F 17 -8.21 -12.30 17.31
N ARG F 18 -8.58 -11.71 18.43
CA ARG F 18 -8.53 -10.27 18.65
C ARG F 18 -7.53 -9.98 19.76
N VAL F 19 -6.64 -9.03 19.51
CA VAL F 19 -5.61 -8.64 20.47
C VAL F 19 -5.74 -7.14 20.71
N SER F 20 -5.51 -6.73 21.96
CA SER F 20 -5.50 -5.32 22.33
C SER F 20 -4.16 -5.00 22.96
N VAL F 21 -3.36 -4.19 22.26
CA VAL F 21 -2.12 -3.67 22.80
C VAL F 21 -2.41 -2.32 23.43
N THR F 22 -2.10 -2.20 24.72
CA THR F 22 -2.40 -0.99 25.48
C THR F 22 -1.15 -0.13 25.65
N CYS F 23 -1.37 1.16 25.84
CA CYS F 23 -0.29 2.14 25.97
C CYS F 23 -0.79 3.28 26.83
N LYS F 24 -0.06 3.58 27.91
CA LYS F 24 -0.44 4.63 28.84
C LYS F 24 0.61 5.73 28.85
N ALA F 25 0.13 6.98 28.82
CA ALA F 25 1.01 8.14 28.87
C ALA F 25 1.08 8.67 30.29
N SER F 26 2.28 9.10 30.70
CA SER F 26 2.45 9.64 32.04
C SER F 26 1.64 10.91 32.26
N GLN F 27 1.33 11.64 31.18
CA GLN F 27 0.53 12.84 31.29
C GLN F 27 -0.33 12.97 30.04
N ASN F 28 -1.30 13.88 30.11
CA ASN F 28 -2.26 14.07 29.04
C ASN F 28 -1.57 14.40 27.74
N VAL F 29 -1.86 13.62 26.70
CA VAL F 29 -1.40 13.89 25.35
C VAL F 29 -2.57 13.99 24.37
N GLY F 30 -3.76 14.28 24.89
CA GLY F 30 -4.93 14.53 24.06
C GLY F 30 -5.36 13.33 23.25
N THR F 31 -5.28 13.46 21.92
CA THR F 31 -5.45 12.33 21.00
C THR F 31 -4.32 12.30 19.98
N ASN F 32 -3.18 12.92 20.29
CA ASN F 32 -2.06 13.02 19.35
C ASN F 32 -1.10 11.85 19.57
N VAL F 33 -1.58 10.66 19.20
CA VAL F 33 -0.86 9.41 19.41
C VAL F 33 -0.79 8.65 18.10
N ALA F 34 0.37 8.06 17.82
CA ALA F 34 0.59 7.24 16.64
C ALA F 34 0.96 5.81 17.04
N TRP F 35 0.79 4.89 16.10
CA TRP F 35 1.11 3.48 16.31
C TRP F 35 1.92 2.96 15.13
N TYR F 36 2.90 2.10 15.43
CA TYR F 36 3.79 1.55 14.42
C TYR F 36 3.89 0.04 14.56
N GLN F 37 4.09 -0.61 13.42
CA GLN F 37 4.36 -2.04 13.35
C GLN F 37 5.80 -2.22 12.87
N GLN F 38 6.51 -3.19 13.47
CA GLN F 38 7.85 -3.51 13.02
C GLN F 38 8.05 -5.02 13.10
N LYS F 39 8.53 -5.59 12.02
CA LYS F 39 8.92 -6.99 11.95
C LYS F 39 10.43 -7.11 12.09
N PRO F 40 10.93 -8.26 12.54
CA PRO F 40 12.38 -8.45 12.66
C PRO F 40 13.13 -8.15 11.37
N GLY F 41 14.05 -7.19 11.42
CA GLY F 41 14.85 -6.85 10.27
C GLY F 41 14.17 -5.99 9.23
N GLN F 42 13.08 -5.32 9.58
CA GLN F 42 12.39 -4.43 8.66
C GLN F 42 12.17 -3.08 9.32
N SER F 43 12.01 -2.06 8.49
CA SER F 43 11.78 -0.72 9.01
C SER F 43 10.41 -0.67 9.71
N PRO F 44 10.25 0.23 10.68
CA PRO F 44 8.93 0.46 11.25
C PRO F 44 7.94 0.89 10.18
N LYS F 45 6.68 0.52 10.38
CA LYS F 45 5.60 0.80 9.43
C LYS F 45 4.48 1.51 10.18
N ALA F 46 4.19 2.74 9.77
CA ALA F 46 3.19 3.54 10.46
C ALA F 46 1.79 3.00 10.18
N LEU F 47 1.02 2.81 11.25
CA LEU F 47 -0.35 2.28 11.18
C LEU F 47 -1.39 3.34 11.45
N ILE F 48 -1.26 4.04 12.57
CA ILE F 48 -2.30 4.91 13.09
C ILE F 48 -1.70 6.26 13.42
N TYR F 49 -2.50 7.31 13.22
CA TYR F 49 -2.20 8.64 13.74
C TYR F 49 -3.48 9.22 14.32
N SER F 50 -3.34 10.29 15.08
CA SER F 50 -4.45 10.92 15.79
C SER F 50 -5.22 9.88 16.60
N ALA F 51 -4.47 8.92 17.16
CA ALA F 51 -4.98 7.88 18.05
C ALA F 51 -5.80 6.82 17.32
N SER F 52 -6.44 7.16 16.20
CA SER F 52 -7.32 6.18 15.59
C SER F 52 -7.44 6.28 14.07
N TYR F 53 -6.67 7.14 13.40
CA TYR F 53 -6.77 7.32 11.95
C TYR F 53 -5.72 6.46 11.26
N ARG F 54 -6.14 5.72 10.25
CA ARG F 54 -5.23 4.84 9.52
C ARG F 54 -4.46 5.58 8.44
N TYR F 55 -3.18 5.25 8.30
CA TYR F 55 -2.40 5.66 7.15
C TYR F 55 -2.76 4.81 5.94
N SER F 56 -2.30 5.25 4.77
CA SER F 56 -2.57 4.51 3.54
C SER F 56 -2.04 3.08 3.64
N GLY F 57 -2.81 2.14 3.09
CA GLY F 57 -2.39 0.75 3.02
C GLY F 57 -2.66 -0.09 4.25
N VAL F 58 -3.20 0.49 5.31
CA VAL F 58 -3.38 -0.21 6.58
C VAL F 58 -4.75 -0.85 6.60
N PRO F 59 -4.87 -2.16 6.80
CA PRO F 59 -6.18 -2.81 6.78
C PRO F 59 -7.04 -2.40 7.96
N ASP F 60 -8.36 -2.50 7.77
CA ASP F 60 -9.31 -2.03 8.77
C ASP F 60 -9.30 -2.84 10.05
N ARG F 61 -8.67 -4.01 10.06
CA ARG F 61 -8.60 -4.81 11.29
C ARG F 61 -7.67 -4.19 12.33
N PHE F 62 -6.96 -3.12 11.99
CA PHE F 62 -6.21 -2.32 12.95
C PHE F 62 -7.06 -1.13 13.36
N THR F 63 -7.56 -1.12 14.59
CA THR F 63 -8.35 -0.02 15.12
C THR F 63 -7.67 0.55 16.36
N GLY F 64 -7.51 1.87 16.38
CA GLY F 64 -6.92 2.57 17.51
C GLY F 64 -7.99 3.29 18.30
N SER F 65 -7.71 3.52 19.59
CA SER F 65 -8.67 4.16 20.47
C SER F 65 -7.93 4.81 21.62
N GLY F 66 -8.64 5.67 22.35
CA GLY F 66 -8.15 6.24 23.59
C GLY F 66 -7.99 7.74 23.52
N SER F 67 -7.73 8.32 24.69
CA SER F 67 -7.47 9.75 24.82
C SER F 67 -6.83 9.99 26.18
N GLY F 68 -6.30 11.20 26.34
CA GLY F 68 -5.73 11.62 27.60
C GLY F 68 -4.47 10.87 27.96
N THR F 69 -4.62 9.84 28.79
CA THR F 69 -3.49 9.04 29.23
C THR F 69 -3.51 7.60 28.72
N ASP F 70 -4.62 7.13 28.17
CA ASP F 70 -4.80 5.71 27.90
C ASP F 70 -5.20 5.49 26.45
N PHE F 71 -4.44 4.65 25.76
CA PHE F 71 -4.59 4.41 24.34
C PHE F 71 -4.41 2.93 24.04
N THR F 72 -5.13 2.44 23.04
CA THR F 72 -5.13 1.02 22.72
C THR F 72 -5.13 0.82 21.21
N LEU F 73 -4.25 -0.08 20.75
CA LEU F 73 -4.27 -0.58 19.39
C LEU F 73 -4.87 -1.98 19.41
N THR F 74 -6.09 -2.12 18.89
CA THR F 74 -6.74 -3.41 18.77
C THR F 74 -6.50 -3.98 17.38
N ILE F 75 -6.03 -5.21 17.32
CA ILE F 75 -5.90 -5.95 16.06
C ILE F 75 -6.93 -7.08 16.11
N SER F 76 -7.96 -6.96 15.28
CA SER F 76 -9.01 -7.96 15.18
C SER F 76 -8.69 -8.92 14.04
N ASN F 77 -9.19 -10.15 14.18
CA ASN F 77 -9.06 -11.17 13.14
C ASN F 77 -7.60 -11.30 12.69
N VAL F 78 -6.74 -11.59 13.68
CA VAL F 78 -5.30 -11.49 13.49
C VAL F 78 -4.86 -12.39 12.36
N GLN F 79 -4.05 -11.84 11.46
CA GLN F 79 -3.46 -12.59 10.36
C GLN F 79 -2.00 -12.90 10.66
N SER F 80 -1.48 -13.92 9.97
CA SER F 80 -0.08 -14.29 10.15
C SER F 80 0.84 -13.11 9.83
N GLU F 81 0.48 -12.32 8.82
CA GLU F 81 1.25 -11.13 8.47
C GLU F 81 1.26 -10.08 9.58
N ASP F 82 0.40 -10.22 10.59
CA ASP F 82 0.36 -9.24 11.67
C ASP F 82 1.31 -9.56 12.82
N LEU F 83 1.96 -10.72 12.80
CA LEU F 83 2.87 -11.09 13.87
C LEU F 83 4.11 -10.21 13.80
N ALA F 84 4.24 -9.28 14.74
CA ALA F 84 5.28 -8.26 14.69
C ALA F 84 5.33 -7.55 16.03
N GLU F 85 6.25 -6.59 16.14
CA GLU F 85 6.33 -5.71 17.29
C GLU F 85 5.56 -4.43 17.03
N TYR F 86 4.91 -3.91 18.07
CA TYR F 86 4.04 -2.75 17.95
C TYR F 86 4.43 -1.70 18.96
N PHE F 87 4.63 -0.47 18.48
CA PHE F 87 5.04 0.66 19.31
C PHE F 87 3.97 1.74 19.27
N CYS F 88 3.69 2.32 20.43
CA CYS F 88 2.90 3.54 20.49
C CYS F 88 3.83 4.74 20.58
N GLN F 89 3.27 5.92 20.33
CA GLN F 89 4.04 7.16 20.38
C GLN F 89 3.08 8.32 20.61
N GLN F 90 3.53 9.27 21.43
CA GLN F 90 2.83 10.54 21.57
C GLN F 90 3.58 11.62 20.80
N TYR F 91 2.82 12.54 20.20
CA TYR F 91 3.41 13.72 19.59
C TYR F 91 2.62 14.97 19.95
N ASN F 92 2.05 14.98 21.16
CA ASN F 92 1.34 16.15 21.65
C ASN F 92 2.27 17.25 22.12
N SER F 93 3.45 16.88 22.64
CA SER F 93 4.40 17.85 23.14
C SER F 93 5.82 17.30 22.96
N TYR F 94 6.79 18.23 22.91
CA TYR F 94 8.19 17.87 22.70
C TYR F 94 8.86 17.50 24.02
N PRO F 95 9.78 16.53 23.99
CA PRO F 95 10.17 15.72 22.82
C PRO F 95 9.18 14.61 22.52
N LEU F 96 9.01 14.27 21.24
CA LEU F 96 8.14 13.15 20.87
C LEU F 96 8.73 11.86 21.41
N THR F 97 7.90 11.05 22.07
CA THR F 97 8.37 9.87 22.76
C THR F 97 7.55 8.64 22.39
N PHE F 98 8.24 7.50 22.26
CA PHE F 98 7.64 6.22 21.94
C PHE F 98 7.41 5.40 23.20
N GLY F 99 6.68 4.28 23.03
CA GLY F 99 6.67 3.23 24.02
C GLY F 99 7.73 2.18 23.73
N ALA F 100 7.89 1.25 24.67
CA ALA F 100 8.96 0.26 24.58
C ALA F 100 8.64 -0.90 23.65
N GLY F 101 7.41 -1.04 23.21
CA GLY F 101 7.12 -2.03 22.19
C GLY F 101 6.46 -3.27 22.75
N THR F 102 5.60 -3.88 21.94
CA THR F 102 4.90 -5.11 22.29
C THR F 102 5.01 -6.08 21.12
N LYS F 103 5.68 -7.20 21.36
CA LYS F 103 5.81 -8.24 20.33
C LYS F 103 4.60 -9.14 20.34
N LEU F 104 4.00 -9.34 19.17
CA LEU F 104 2.94 -10.33 18.98
C LEU F 104 3.56 -11.64 18.52
N GLU F 105 3.20 -12.73 19.19
CA GLU F 105 3.73 -14.04 18.86
C GLU F 105 2.60 -15.06 18.85
N LEU F 106 2.87 -16.20 18.21
CA LEU F 106 1.84 -17.17 17.89
C LEU F 106 1.60 -18.13 19.06
N LYS F 107 0.33 -18.29 19.44
CA LYS F 107 -0.04 -19.30 20.41
C LYS F 107 0.15 -20.70 19.83
N ARG F 108 0.66 -21.60 20.67
CA ARG F 108 0.70 -23.02 20.34
C ARG F 108 0.70 -23.79 21.65
N THR F 109 0.59 -25.11 21.57
CA THR F 109 0.56 -25.91 22.77
C THR F 109 1.91 -25.82 23.49
N VAL F 110 1.87 -26.06 24.81
CA VAL F 110 3.10 -26.05 25.59
C VAL F 110 3.99 -27.19 25.13
N ALA F 111 5.28 -26.89 24.99
CA ALA F 111 6.26 -27.89 24.58
C ALA F 111 7.47 -27.79 25.50
N ALA F 112 7.82 -28.90 26.15
CA ALA F 112 8.95 -28.88 27.05
C ALA F 112 10.25 -28.79 26.27
N PRO F 113 11.26 -28.08 26.79
CA PRO F 113 12.53 -28.00 26.08
C PRO F 113 13.30 -29.30 26.17
N SER F 114 13.95 -29.66 25.07
CA SER F 114 15.08 -30.59 25.12
C SER F 114 16.30 -29.82 25.57
N VAL F 115 16.99 -30.32 26.60
CA VAL F 115 18.08 -29.61 27.24
C VAL F 115 19.37 -30.38 27.03
N PHE F 116 20.42 -29.65 26.68
CA PHE F 116 21.72 -30.23 26.39
C PHE F 116 22.81 -29.34 26.99
N ILE F 117 23.97 -29.93 27.25
CA ILE F 117 25.05 -29.25 27.95
C ILE F 117 26.38 -29.65 27.31
N PHE F 118 27.18 -28.65 26.97
CA PHE F 118 28.48 -28.89 26.33
C PHE F 118 29.62 -28.35 27.18
N PRO F 119 30.60 -29.16 27.56
CA PRO F 119 31.80 -28.64 28.20
C PRO F 119 32.63 -27.87 27.19
N PRO F 120 33.64 -27.12 27.65
CA PRO F 120 34.55 -26.48 26.68
C PRO F 120 35.32 -27.52 25.90
N SER F 121 35.48 -27.25 24.61
CA SER F 121 36.41 -28.06 23.82
C SER F 121 37.83 -27.75 24.25
N ASP F 122 38.66 -28.79 24.36
CA ASP F 122 40.03 -28.58 24.79
C ASP F 122 40.81 -27.73 23.80
N GLU F 123 40.32 -27.61 22.55
CA GLU F 123 40.89 -26.64 21.63
C GLU F 123 40.66 -25.20 22.12
N GLN F 124 39.58 -24.97 22.86
CA GLN F 124 39.40 -23.69 23.52
C GLN F 124 40.26 -23.58 24.77
N LEU F 125 40.39 -24.67 25.52
CA LEU F 125 41.08 -24.61 26.79
C LEU F 125 42.57 -24.31 26.63
N LYS F 126 43.16 -24.71 25.49
CA LYS F 126 44.54 -24.37 25.23
C LYS F 126 44.74 -22.87 25.08
N SER F 127 43.68 -22.13 24.79
CA SER F 127 43.73 -20.68 24.70
C SER F 127 43.43 -19.99 26.02
N GLY F 128 43.26 -20.76 27.11
CA GLY F 128 43.03 -20.20 28.42
C GLY F 128 41.61 -19.76 28.70
N THR F 129 40.74 -19.74 27.71
CA THR F 129 39.33 -19.40 27.89
C THR F 129 38.50 -20.67 27.93
N ALA F 130 37.37 -20.61 28.64
CA ALA F 130 36.46 -21.74 28.74
C ALA F 130 35.04 -21.25 28.53
N SER F 131 34.32 -21.90 27.61
CA SER F 131 32.90 -21.66 27.39
C SER F 131 32.14 -22.95 27.65
N VAL F 132 31.27 -22.94 28.63
CA VAL F 132 30.32 -24.02 28.87
C VAL F 132 28.97 -23.56 28.34
N VAL F 133 28.44 -24.30 27.38
CA VAL F 133 27.24 -23.90 26.65
C VAL F 133 26.09 -24.82 27.02
N CYS F 134 24.94 -24.23 27.30
CA CYS F 134 23.71 -24.96 27.61
C CYS F 134 22.65 -24.60 26.57
N LEU F 135 21.88 -25.60 26.15
CA LEU F 135 20.94 -25.43 25.04
C LEU F 135 19.55 -25.90 25.45
N LEU F 136 18.57 -25.01 25.32
CA LEU F 136 17.16 -25.37 25.43
C LEU F 136 16.57 -25.34 24.02
N ASN F 137 16.03 -26.48 23.57
CA ASN F 137 15.72 -26.66 22.16
C ASN F 137 14.23 -26.84 21.94
N ASN F 138 13.66 -26.01 21.06
CA ASN F 138 12.29 -26.15 20.56
C ASN F 138 11.27 -26.31 21.69
N PHE F 139 11.13 -25.25 22.48
CA PHE F 139 10.19 -25.21 23.58
C PHE F 139 9.19 -24.07 23.39
N TYR F 140 8.11 -24.14 24.18
CA TYR F 140 7.09 -23.10 24.19
C TYR F 140 6.34 -23.19 25.50
N PRO F 141 6.04 -22.06 26.17
CA PRO F 141 6.30 -20.68 25.75
C PRO F 141 7.74 -20.21 25.91
N ARG F 142 7.97 -18.98 25.45
CA ARG F 142 9.32 -18.42 25.38
C ARG F 142 9.99 -18.32 26.74
N GLU F 143 9.20 -18.16 27.80
CA GLU F 143 9.74 -17.80 29.10
C GLU F 143 10.37 -19.01 29.79
N ALA F 144 11.61 -18.83 30.26
CA ALA F 144 12.31 -19.88 30.98
C ALA F 144 13.28 -19.26 31.98
N LYS F 145 13.58 -20.04 33.02
CA LYS F 145 14.54 -19.67 34.05
C LYS F 145 15.70 -20.66 33.97
N VAL F 146 16.88 -20.16 33.65
CA VAL F 146 18.08 -20.98 33.54
C VAL F 146 19.11 -20.43 34.52
N GLN F 147 19.69 -21.32 35.32
CA GLN F 147 20.67 -20.95 36.33
C GLN F 147 21.85 -21.91 36.23
N TRP F 148 23.05 -21.38 36.42
CA TRP F 148 24.27 -22.18 36.36
C TRP F 148 24.70 -22.57 37.77
N LYS F 149 24.93 -23.87 37.99
CA LYS F 149 25.54 -24.36 39.21
C LYS F 149 26.93 -24.87 38.89
N VAL F 150 27.93 -24.34 39.60
CA VAL F 150 29.30 -24.83 39.52
C VAL F 150 29.69 -25.30 40.91
N ASP F 151 29.88 -26.60 41.07
CA ASP F 151 30.05 -27.22 42.38
C ASP F 151 28.93 -26.77 43.32
N ASN F 152 27.70 -26.95 42.84
CA ASN F 152 26.47 -26.59 43.54
C ASN F 152 26.30 -25.10 43.76
N ALA F 153 27.27 -24.30 43.32
CA ALA F 153 27.27 -22.87 43.61
C ALA F 153 26.55 -22.11 42.48
N LEU F 154 25.49 -21.42 42.85
CA LEU F 154 24.75 -20.56 41.93
C LEU F 154 25.62 -19.44 41.39
N GLN F 155 25.77 -19.39 40.07
CA GLN F 155 26.59 -18.37 39.42
C GLN F 155 25.79 -17.11 39.13
N SER F 156 26.50 -16.03 38.85
CA SER F 156 25.90 -14.78 38.43
C SER F 156 26.96 -13.96 37.69
N GLY F 157 26.50 -13.18 36.72
CA GLY F 157 27.36 -12.24 36.05
C GLY F 157 28.25 -12.83 34.97
N ASN F 158 28.51 -14.13 35.04
CA ASN F 158 29.45 -14.77 34.13
C ASN F 158 28.75 -15.58 33.03
N SER F 159 27.47 -15.32 32.78
CA SER F 159 26.72 -16.05 31.78
C SER F 159 25.99 -15.08 30.87
N GLN F 160 25.76 -15.52 29.62
CA GLN F 160 25.01 -14.76 28.64
C GLN F 160 24.02 -15.68 27.94
N GLU F 161 22.81 -15.18 27.70
CA GLU F 161 21.76 -15.95 27.06
C GLU F 161 21.40 -15.33 25.72
N SER F 162 21.07 -16.20 24.76
CA SER F 162 20.60 -15.81 23.44
C SER F 162 19.40 -16.65 23.06
N VAL F 163 18.36 -16.00 22.57
CA VAL F 163 17.10 -16.67 22.23
C VAL F 163 16.85 -16.47 20.74
N THR F 164 16.26 -17.49 20.11
CA THR F 164 15.85 -17.36 18.73
C THR F 164 14.57 -16.51 18.65
N GLU F 165 14.29 -16.02 17.44
CA GLU F 165 12.95 -15.61 17.12
C GLU F 165 12.07 -16.86 16.98
N GLN F 166 10.75 -16.67 17.07
CA GLN F 166 9.85 -17.81 17.00
C GLN F 166 9.96 -18.50 15.65
N ASP F 167 10.02 -19.83 15.68
CA ASP F 167 10.20 -20.61 14.46
C ASP F 167 8.95 -20.53 13.59
N SER F 168 9.16 -20.49 12.27
CA SER F 168 8.07 -20.24 11.35
C SER F 168 7.20 -21.47 11.09
N LYS F 169 7.69 -22.67 11.41
CA LYS F 169 6.97 -23.89 11.11
C LYS F 169 6.40 -24.59 12.33
N ASP F 170 7.11 -24.59 13.47
CA ASP F 170 6.62 -25.21 14.70
C ASP F 170 6.32 -24.20 15.80
N SER F 171 6.61 -22.92 15.60
CA SER F 171 6.24 -21.85 16.52
C SER F 171 6.88 -22.01 17.89
N THR F 172 8.03 -22.68 17.96
CA THR F 172 8.74 -22.82 19.23
C THR F 172 9.88 -21.81 19.31
N TYR F 173 10.53 -21.81 20.46
CA TYR F 173 11.75 -21.04 20.68
C TYR F 173 12.87 -21.98 21.07
N SER F 174 14.09 -21.58 20.75
CA SER F 174 15.29 -22.21 21.25
C SER F 174 16.14 -21.16 21.95
N LEU F 175 16.80 -21.58 23.02
CA LEU F 175 17.56 -20.65 23.86
C LEU F 175 18.91 -21.26 24.19
N SER F 176 19.97 -20.49 23.96
CA SER F 176 21.31 -20.88 24.35
C SER F 176 21.77 -20.03 25.53
N SER F 177 22.45 -20.66 26.48
CA SER F 177 23.05 -19.98 27.62
C SER F 177 24.51 -20.40 27.71
N THR F 178 25.41 -19.42 27.81
CA THR F 178 26.84 -19.67 27.76
C THR F 178 27.50 -19.12 29.02
N LEU F 179 28.15 -19.99 29.77
CA LEU F 179 28.92 -19.63 30.94
C LEU F 179 30.40 -19.60 30.56
N THR F 180 31.00 -18.43 30.61
CA THR F 180 32.41 -18.25 30.28
C THR F 180 33.25 -18.15 31.54
N LEU F 181 34.40 -18.80 31.53
CA LEU F 181 35.30 -18.80 32.67
C LEU F 181 36.74 -18.75 32.16
N SER F 182 37.66 -18.50 33.08
CA SER F 182 39.08 -18.69 32.82
C SER F 182 39.44 -20.16 33.03
N LYS F 183 40.34 -20.67 32.19
CA LYS F 183 40.80 -22.05 32.25
C LYS F 183 41.16 -22.55 33.64
N ASP F 185 40.10 -21.35 36.48
CA ASP F 185 38.87 -21.50 37.22
C ASP F 185 38.14 -22.79 36.85
N TYR F 186 38.08 -23.10 35.55
CA TYR F 186 37.48 -24.36 35.11
C TYR F 186 38.21 -25.54 35.70
N GLU F 187 39.52 -25.39 35.93
CA GLU F 187 40.28 -26.42 36.62
C GLU F 187 39.92 -26.50 38.09
N LYS F 188 39.54 -25.38 38.71
CA LYS F 188 39.34 -25.34 40.15
C LYS F 188 38.09 -26.08 40.60
N HIS F 189 37.12 -26.27 39.71
CA HIS F 189 35.82 -26.82 40.07
C HIS F 189 35.50 -28.04 39.22
N LYS F 190 34.60 -28.89 39.73
CA LYS F 190 34.42 -30.23 39.22
C LYS F 190 33.07 -30.47 38.55
N VAL F 191 31.99 -29.88 39.04
CA VAL F 191 30.64 -30.19 38.58
C VAL F 191 30.04 -28.93 37.97
N TYR F 192 29.70 -28.99 36.68
CA TYR F 192 29.09 -27.88 35.96
C TYR F 192 27.70 -28.27 35.48
N ALA F 193 26.73 -27.38 35.70
CA ALA F 193 25.35 -27.69 35.40
C ALA F 193 24.59 -26.42 35.02
N CYS F 194 23.61 -26.59 34.14
CA CYS F 194 22.58 -25.58 33.90
C CYS F 194 21.24 -26.15 34.34
N GLU F 195 20.44 -25.31 34.98
CA GLU F 195 19.22 -25.73 35.67
C GLU F 195 18.04 -25.00 35.04
N VAL F 196 17.14 -25.76 34.43
CA VAL F 196 16.10 -25.20 33.56
C VAL F 196 14.75 -25.40 34.22
N THR F 197 14.04 -24.30 34.47
CA THR F 197 12.65 -24.34 34.89
C THR F 197 11.79 -23.87 33.73
N HIS F 198 10.85 -24.70 33.31
CA HIS F 198 9.95 -24.35 32.21
C HIS F 198 8.60 -25.01 32.42
N GLN F 199 7.58 -24.35 31.87
CA GLN F 199 6.19 -24.74 32.11
C GLN F 199 5.90 -26.15 31.62
N GLY F 200 6.59 -26.61 30.57
CA GLY F 200 6.35 -27.94 30.04
C GLY F 200 6.99 -29.06 30.83
N LEU F 201 7.94 -28.74 31.71
CA LEU F 201 8.63 -29.73 32.51
C LEU F 201 7.86 -29.99 33.79
N SER F 202 7.70 -31.27 34.14
CA SER F 202 7.01 -31.62 35.38
C SER F 202 7.72 -31.03 36.59
N SER F 203 9.04 -30.89 36.51
CA SER F 203 9.84 -30.24 37.54
C SER F 203 11.13 -29.76 36.90
N PRO F 204 11.81 -28.79 37.49
CA PRO F 204 13.03 -28.25 36.86
C PRO F 204 14.04 -29.35 36.54
N VAL F 205 14.71 -29.18 35.40
CA VAL F 205 15.63 -30.19 34.88
C VAL F 205 17.04 -29.63 34.93
N THR F 206 17.97 -30.43 35.44
CA THR F 206 19.39 -30.11 35.45
C THR F 206 20.13 -31.05 34.52
N LYS F 207 21.04 -30.50 33.72
CA LYS F 207 21.97 -31.27 32.91
C LYS F 207 23.39 -30.83 33.26
N SER F 208 24.29 -31.81 33.41
CA SER F 208 25.58 -31.52 34.05
C SER F 208 26.65 -32.47 33.54
N PHE F 209 27.89 -32.16 33.90
CA PHE F 209 29.02 -33.05 33.66
C PHE F 209 30.03 -32.91 34.80
N ASN F 210 30.75 -33.98 35.08
CA ASN F 210 31.68 -34.04 36.21
C ASN F 210 33.13 -33.95 35.73
N ARG F 211 33.49 -32.81 35.16
CA ARG F 211 34.87 -32.62 34.73
C ARG F 211 35.21 -31.14 34.71
N GLY F 212 36.41 -30.81 35.18
CA GLY F 212 36.89 -29.44 35.14
C GLY F 212 38.34 -29.31 35.57
N VAL G 2 -31.86 33.57 11.93
CA VAL G 2 -32.87 32.53 11.76
C VAL G 2 -33.65 32.30 13.04
N ARG G 3 -34.95 32.05 12.91
CA ARG G 3 -35.82 31.77 14.03
C ARG G 3 -36.73 30.61 13.67
N LEU G 4 -36.92 29.69 14.62
CA LEU G 4 -37.80 28.53 14.43
C LEU G 4 -38.96 28.63 15.42
N GLN G 5 -40.19 28.57 14.89
CA GLN G 5 -41.40 28.65 15.69
C GLN G 5 -42.22 27.39 15.44
N GLN G 6 -42.51 26.65 16.51
CA GLN G 6 -43.25 25.40 16.40
C GLN G 6 -44.69 25.59 16.83
N SER G 7 -45.52 24.60 16.47
CA SER G 7 -46.92 24.64 16.82
C SER G 7 -47.12 24.37 18.31
N GLY G 8 -48.35 24.53 18.76
CA GLY G 8 -48.67 24.42 20.17
C GLY G 8 -48.72 22.98 20.65
N PRO G 9 -48.92 22.79 21.95
CA PRO G 9 -48.95 21.43 22.50
C PRO G 9 -50.18 20.67 22.03
N GLU G 10 -50.05 19.34 22.03
CA GLU G 10 -51.02 18.46 21.39
C GLU G 10 -51.52 17.43 22.40
N LEU G 11 -52.83 17.33 22.52
CA LEU G 11 -53.49 16.22 23.19
C LEU G 11 -54.17 15.37 22.13
N VAL G 12 -53.84 14.09 22.08
CA VAL G 12 -54.30 13.20 21.01
C VAL G 12 -54.51 11.81 21.60
N LYS G 13 -55.58 11.14 21.14
CA LYS G 13 -55.99 9.83 21.61
C LYS G 13 -55.01 8.75 21.15
N PRO G 14 -54.87 7.67 21.91
CA PRO G 14 -54.11 6.52 21.44
C PRO G 14 -54.66 5.99 20.12
N GLY G 15 -53.76 5.56 19.25
CA GLY G 15 -54.13 5.09 17.93
C GLY G 15 -54.38 6.18 16.91
N ALA G 16 -54.55 7.43 17.32
CA ALA G 16 -54.80 8.53 16.39
C ALA G 16 -53.49 9.01 15.77
N SER G 17 -53.49 10.23 15.22
CA SER G 17 -52.29 10.80 14.62
C SER G 17 -52.26 12.30 14.85
N VAL G 18 -51.06 12.89 14.71
CA VAL G 18 -50.84 14.32 14.94
C VAL G 18 -49.79 14.86 13.97
N ARG G 19 -49.87 16.17 13.72
CA ARG G 19 -49.04 16.84 12.71
C ARG G 19 -48.46 18.13 13.30
N ILE G 20 -47.21 18.05 13.78
CA ILE G 20 -46.51 19.22 14.33
C ILE G 20 -45.95 20.05 13.19
N SER G 21 -45.89 21.37 13.38
CA SER G 21 -45.32 22.28 12.40
C SER G 21 -44.12 23.00 13.00
N CYS G 22 -43.26 23.48 12.11
CA CYS G 22 -42.06 24.23 12.50
C CYS G 22 -41.81 25.26 11.38
N LYS G 23 -42.17 26.50 11.63
CA LYS G 23 -42.00 27.55 10.64
C LYS G 23 -40.65 28.24 10.84
N ALA G 24 -39.86 28.29 9.79
CA ALA G 24 -38.60 29.01 9.81
C ALA G 24 -38.81 30.44 9.34
N SER G 25 -37.99 31.34 9.86
CA SER G 25 -37.93 32.72 9.39
C SER G 25 -36.48 33.17 9.42
N GLY G 26 -36.20 34.25 8.69
CA GLY G 26 -34.86 34.76 8.58
C GLY G 26 -34.02 34.14 7.49
N HIS G 27 -34.64 33.41 6.56
CA HIS G 27 -33.94 32.76 5.46
C HIS G 27 -34.30 33.45 4.15
N THR G 28 -33.28 33.74 3.34
CA THR G 28 -33.50 34.22 1.98
C THR G 28 -33.53 33.07 0.98
N PHE G 29 -32.84 31.97 1.29
CA PHE G 29 -32.72 30.83 0.41
C PHE G 29 -33.33 29.59 1.04
N THR G 30 -33.54 28.57 0.22
CA THR G 30 -34.12 27.31 0.66
C THR G 30 -33.06 26.27 1.06
N SER G 31 -31.77 26.60 0.90
CA SER G 31 -30.71 25.61 1.09
C SER G 31 -30.38 25.43 2.57
N TYR G 32 -31.39 24.98 3.32
CA TYR G 32 -31.21 24.64 4.72
C TYR G 32 -32.00 23.37 5.04
N TYR G 33 -31.75 22.84 6.23
CA TYR G 33 -32.35 21.59 6.67
C TYR G 33 -33.22 21.84 7.90
N ILE G 34 -34.15 20.93 8.14
CA ILE G 34 -34.88 20.84 9.39
C ILE G 34 -34.64 19.45 9.97
N TYR G 35 -34.00 19.41 11.13
CA TYR G 35 -33.82 18.17 11.89
C TYR G 35 -34.90 18.09 12.95
N TRP G 36 -35.43 16.89 13.17
CA TRP G 36 -36.44 16.66 14.20
C TRP G 36 -35.87 15.75 15.28
N VAL G 37 -36.11 16.11 16.54
CA VAL G 37 -35.53 15.43 17.69
C VAL G 37 -36.62 15.18 18.72
N LYS G 38 -36.58 14.02 19.37
CA LYS G 38 -37.57 13.61 20.35
C LYS G 38 -36.94 13.57 21.73
N GLN G 39 -37.66 14.10 22.72
CA GLN G 39 -37.22 14.05 24.12
C GLN G 39 -38.41 13.73 25.00
N ARG G 40 -38.35 12.58 25.67
CA ARG G 40 -39.30 12.29 26.73
C ARG G 40 -38.92 13.03 28.00
N PRO G 41 -39.89 13.42 28.81
CA PRO G 41 -39.57 14.13 30.07
C PRO G 41 -38.61 13.31 30.94
N GLY G 42 -37.57 13.98 31.43
CA GLY G 42 -36.55 13.31 32.21
C GLY G 42 -35.64 12.39 31.42
N GLN G 43 -35.81 12.32 30.10
CA GLN G 43 -35.02 11.45 29.24
C GLN G 43 -34.10 12.29 28.35
N GLY G 44 -33.38 11.62 27.45
CA GLY G 44 -32.42 12.26 26.59
C GLY G 44 -33.00 12.62 25.23
N LEU G 45 -32.10 12.97 24.31
CA LEU G 45 -32.49 13.31 22.95
C LEU G 45 -32.38 12.10 22.04
N GLU G 46 -33.30 12.01 21.08
CA GLU G 46 -33.25 11.00 20.03
C GLU G 46 -33.59 11.64 18.70
N TRP G 47 -32.78 11.37 17.68
CA TRP G 47 -32.97 11.95 16.37
C TRP G 47 -34.01 11.16 15.58
N ILE G 48 -34.98 11.87 15.02
CA ILE G 48 -36.03 11.23 14.23
C ILE G 48 -35.69 11.21 12.74
N GLY G 49 -35.17 12.32 12.23
CA GLY G 49 -34.86 12.43 10.82
C GLY G 49 -34.54 13.85 10.46
N TRP G 50 -34.16 14.05 9.19
CA TRP G 50 -33.99 15.40 8.68
C TRP G 50 -34.59 15.50 7.29
N ILE G 51 -34.89 16.74 6.90
CA ILE G 51 -35.44 17.07 5.59
C ILE G 51 -34.70 18.29 5.06
N TYR G 52 -34.45 18.30 3.75
CA TYR G 52 -33.75 19.40 3.10
C TYR G 52 -34.77 20.23 2.33
N PHE G 53 -34.73 21.55 2.53
CA PHE G 53 -35.75 22.40 1.95
C PHE G 53 -35.48 22.76 0.49
N GLY G 54 -34.27 22.50 0.00
CA GLY G 54 -33.99 22.76 -1.41
C GLY G 54 -34.87 21.95 -2.34
N ASN G 55 -35.02 20.65 -2.05
CA ASN G 55 -35.80 19.78 -2.92
C ASN G 55 -36.59 18.72 -2.17
N ILE G 56 -36.73 18.85 -0.85
CA ILE G 56 -37.65 18.03 -0.04
C ILE G 56 -37.12 16.59 0.01
N ASN G 57 -35.82 16.40 -0.20
CA ASN G 57 -35.21 15.11 0.06
C ASN G 57 -34.91 14.97 1.56
N LEU G 58 -35.04 13.75 2.06
CA LEU G 58 -35.07 13.50 3.50
C LEU G 58 -34.28 12.26 3.85
N LYS G 59 -34.12 12.04 5.17
CA LYS G 59 -33.42 10.88 5.71
C LYS G 59 -34.03 10.57 7.07
N TYR G 60 -34.48 9.34 7.25
CA TYR G 60 -35.14 8.92 8.48
C TYR G 60 -34.20 8.14 9.39
N ASN G 61 -34.42 8.26 10.69
CA ASN G 61 -33.93 7.27 11.63
C ASN G 61 -34.75 6.00 11.43
N GLU G 62 -34.07 4.89 11.19
CA GLU G 62 -34.74 3.68 10.69
C GLU G 62 -35.89 3.26 11.60
N LYS G 63 -35.74 3.40 12.92
CA LYS G 63 -36.77 2.94 13.84
C LYS G 63 -37.97 3.87 13.91
N PHE G 64 -37.96 4.99 13.19
CA PHE G 64 -39.11 5.88 13.15
C PHE G 64 -39.90 5.79 11.85
N LYS G 65 -39.50 4.92 10.92
CA LYS G 65 -40.23 4.77 9.67
C LYS G 65 -41.61 4.20 9.93
N GLY G 66 -42.60 4.71 9.19
CA GLY G 66 -44.00 4.41 9.48
C GLY G 66 -44.56 5.16 10.66
N LYS G 67 -43.80 5.24 11.75
CA LYS G 67 -44.23 6.03 12.90
C LYS G 67 -44.23 7.52 12.57
N ALA G 68 -43.22 7.98 11.84
CA ALA G 68 -43.04 9.40 11.55
C ALA G 68 -42.99 9.65 10.05
N THR G 69 -43.50 10.81 9.63
CA THR G 69 -43.50 11.20 8.23
C THR G 69 -43.15 12.68 8.13
N LEU G 70 -42.00 12.98 7.55
CA LEU G 70 -41.53 14.36 7.41
C LEU G 70 -41.93 14.93 6.07
N THR G 71 -42.43 16.18 6.10
CA THR G 71 -42.73 16.94 4.89
C THR G 71 -42.30 18.38 5.09
N ALA G 72 -42.26 19.13 4.00
CA ALA G 72 -41.84 20.53 4.02
C ALA G 72 -42.63 21.31 2.98
N ASP G 73 -42.78 22.61 3.24
CA ASP G 73 -43.43 23.53 2.31
C ASP G 73 -42.51 24.74 2.13
N LYS G 74 -42.05 24.95 0.89
CA LYS G 74 -41.23 26.11 0.58
C LYS G 74 -42.02 27.41 0.70
N SER G 75 -43.31 27.38 0.36
CA SER G 75 -44.11 28.61 0.33
C SER G 75 -44.20 29.24 1.71
N SER G 76 -44.77 28.52 2.67
CA SER G 76 -44.84 29.00 4.04
C SER G 76 -43.52 28.85 4.78
N SER G 77 -42.48 28.32 4.13
CA SER G 77 -41.20 28.00 4.75
C SER G 77 -41.41 27.29 6.09
N THR G 78 -42.16 26.19 6.02
CA THR G 78 -42.60 25.48 7.20
C THR G 78 -42.39 23.99 7.03
N ALA G 79 -41.83 23.35 8.05
CA ALA G 79 -41.67 21.90 8.05
C ALA G 79 -42.74 21.27 8.93
N TYR G 80 -43.15 20.05 8.55
CA TYR G 80 -44.13 19.28 9.29
C TYR G 80 -43.58 17.89 9.57
N ILE G 81 -43.82 17.41 10.79
CA ILE G 81 -43.59 16.01 11.14
C ILE G 81 -44.94 15.43 11.56
N GLN G 82 -45.37 14.39 10.86
CA GLN G 82 -46.59 13.68 11.22
C GLN G 82 -46.22 12.43 12.01
N LEU G 83 -46.89 12.22 13.13
CA LEU G 83 -46.72 11.04 13.96
C LEU G 83 -48.00 10.23 13.92
N SER G 84 -47.89 8.95 13.60
CA SER G 84 -49.06 8.11 13.37
C SER G 84 -49.09 6.94 14.36
N SER G 85 -50.29 6.38 14.51
CA SER G 85 -50.54 5.24 15.39
C SER G 85 -49.95 5.47 16.77
N LEU G 86 -50.38 6.54 17.43
CA LEU G 86 -49.68 6.97 18.64
C LEU G 86 -49.99 6.08 19.82
N THR G 87 -49.00 5.98 20.70
CA THR G 87 -49.04 5.20 21.91
C THR G 87 -48.40 6.04 23.01
N SER G 88 -48.41 5.49 24.23
CA SER G 88 -47.81 6.21 25.36
C SER G 88 -46.32 6.42 25.13
N GLU G 89 -45.67 5.48 24.44
CA GLU G 89 -44.25 5.64 24.13
C GLU G 89 -43.97 6.86 23.26
N ASP G 90 -45.01 7.45 22.67
CA ASP G 90 -44.85 8.62 21.82
C ASP G 90 -45.00 9.95 22.56
N SER G 91 -45.49 9.92 23.79
CA SER G 91 -45.61 11.15 24.58
C SER G 91 -44.23 11.72 24.85
N ALA G 92 -43.96 12.90 24.29
CA ALA G 92 -42.64 13.49 24.36
C ALA G 92 -42.70 14.91 23.85
N VAL G 93 -41.63 15.66 24.11
CA VAL G 93 -41.40 16.93 23.46
C VAL G 93 -40.71 16.67 22.13
N TYR G 94 -41.16 17.36 21.08
CA TYR G 94 -40.56 17.23 19.76
C TYR G 94 -39.96 18.57 19.37
N PHE G 95 -38.66 18.57 19.12
CA PHE G 95 -37.91 19.76 18.74
C PHE G 95 -37.60 19.72 17.25
N CYS G 96 -37.67 20.87 16.60
CA CYS G 96 -37.06 21.05 15.30
C CYS G 96 -35.80 21.89 15.44
N ALA G 97 -34.82 21.63 14.59
CA ALA G 97 -33.54 22.30 14.69
C ALA G 97 -32.96 22.49 13.30
N SER G 98 -32.20 23.57 13.13
CA SER G 98 -31.63 23.91 11.84
C SER G 98 -30.32 24.66 12.05
N GLU G 99 -29.48 24.62 11.03
CA GLU G 99 -28.23 25.36 11.01
C GLU G 99 -28.24 26.37 9.87
N ASP G 100 -27.52 27.47 10.09
CA ASP G 100 -27.35 28.51 9.09
C ASP G 100 -25.94 29.05 9.29
N GLY G 101 -25.09 28.90 8.28
CA GLY G 101 -23.70 29.25 8.41
C GLY G 101 -23.10 28.68 9.68
N PRO G 102 -22.46 29.53 10.47
CA PRO G 102 -21.86 29.09 11.73
C PRO G 102 -22.80 29.09 12.93
N GLY G 103 -24.11 29.21 12.72
CA GLY G 103 -25.06 29.29 13.82
C GLY G 103 -26.04 28.13 13.79
N ALA G 104 -26.59 27.82 14.97
CA ALA G 104 -27.49 26.69 15.15
C ALA G 104 -28.73 27.15 15.90
N TYR G 105 -29.89 26.66 15.48
CA TYR G 105 -31.18 27.17 15.95
C TYR G 105 -32.12 26.02 16.27
N TRP G 106 -32.90 26.20 17.34
CA TRP G 106 -33.84 25.19 17.81
C TRP G 106 -35.19 25.83 18.07
N GLY G 107 -36.25 25.09 17.75
CA GLY G 107 -37.59 25.52 18.10
C GLY G 107 -37.86 25.39 19.58
N GLN G 108 -38.95 26.03 20.02
CA GLN G 108 -39.26 26.00 21.45
C GLN G 108 -39.78 24.65 21.91
N GLY G 109 -40.01 23.72 21.00
CA GLY G 109 -40.50 22.40 21.37
C GLY G 109 -42.01 22.32 21.33
N THR G 110 -42.50 21.12 21.03
CA THR G 110 -43.93 20.83 21.02
C THR G 110 -44.18 19.56 21.83
N LEU G 111 -44.96 19.69 22.89
CA LEU G 111 -45.25 18.58 23.77
C LEU G 111 -46.50 17.85 23.28
N VAL G 112 -46.35 16.55 23.02
CA VAL G 112 -47.47 15.70 22.62
C VAL G 112 -47.80 14.78 23.79
N THR G 113 -49.06 14.79 24.19
CA THR G 113 -49.57 13.88 25.21
C THR G 113 -50.53 12.91 24.56
N VAL G 114 -50.20 11.63 24.60
CA VAL G 114 -51.04 10.57 24.06
C VAL G 114 -51.84 10.00 25.21
N SER G 115 -53.12 10.34 25.28
CA SER G 115 -53.96 9.90 26.38
C SER G 115 -55.41 9.90 25.92
N ALA G 116 -56.19 8.99 26.52
CA ALA G 116 -57.63 8.95 26.25
C ALA G 116 -58.38 10.03 27.01
N ALA G 117 -57.80 10.53 28.10
CA ALA G 117 -58.49 11.50 28.93
C ALA G 117 -58.75 12.79 28.16
N SER G 118 -59.79 13.51 28.59
CA SER G 118 -60.20 14.73 27.93
C SER G 118 -59.43 15.92 28.49
N THR G 119 -59.59 17.06 27.84
CA THR G 119 -58.93 18.27 28.29
C THR G 119 -59.68 18.88 29.47
N LYS G 120 -58.92 19.39 30.44
CA LYS G 120 -59.46 20.14 31.56
C LYS G 120 -58.64 21.41 31.71
N GLY G 121 -59.29 22.55 31.59
CA GLY G 121 -58.65 23.83 31.78
C GLY G 121 -58.42 24.11 33.25
N PRO G 122 -57.36 24.84 33.56
CA PRO G 122 -56.93 24.98 34.95
C PRO G 122 -57.82 25.94 35.73
N SER G 123 -57.82 25.73 37.04
CA SER G 123 -58.41 26.67 37.99
C SER G 123 -57.28 27.47 38.62
N VAL G 124 -57.42 28.79 38.64
CA VAL G 124 -56.37 29.69 39.11
C VAL G 124 -56.87 30.38 40.37
N PHE G 125 -56.14 30.17 41.48
CA PHE G 125 -56.46 30.74 42.77
C PHE G 125 -55.29 31.57 43.29
N PRO G 126 -55.55 32.67 43.99
CA PRO G 126 -54.46 33.49 44.51
C PRO G 126 -53.86 32.88 45.77
N LEU G 127 -52.55 33.04 45.90
CA LEU G 127 -51.82 32.72 47.13
C LEU G 127 -51.51 34.06 47.79
N ALA G 128 -52.42 34.51 48.65
CA ALA G 128 -52.40 35.88 49.14
C ALA G 128 -51.30 36.07 50.19
N PRO G 129 -50.52 37.14 50.09
CA PRO G 129 -49.44 37.39 51.06
C PRO G 129 -50.02 37.74 52.43
N SER G 130 -49.64 36.96 53.44
CA SER G 130 -50.09 37.19 54.80
C SER G 130 -49.43 38.45 55.38
N GLY G 136 -38.42 40.03 57.63
CA GLY G 136 -39.73 40.61 57.39
C GLY G 136 -39.74 41.65 56.29
N GLY G 137 -38.56 41.92 55.71
CA GLY G 137 -38.47 42.89 54.64
C GLY G 137 -38.94 42.35 53.30
N THR G 138 -39.08 41.04 53.17
CA THR G 138 -39.41 40.39 51.91
C THR G 138 -40.70 39.59 52.05
N ALA G 139 -41.52 39.60 51.02
CA ALA G 139 -42.83 38.96 51.05
C ALA G 139 -42.98 38.04 49.85
N ALA G 140 -43.83 37.02 50.01
CA ALA G 140 -44.11 36.07 48.94
C ALA G 140 -45.60 36.09 48.60
N LEU G 141 -45.88 36.07 47.31
CA LEU G 141 -47.22 36.01 46.78
C LEU G 141 -47.20 35.09 45.56
N GLY G 142 -48.35 34.55 45.20
CA GLY G 142 -48.33 33.61 44.10
C GLY G 142 -49.72 33.26 43.61
N CYS G 143 -49.73 32.28 42.69
CA CYS G 143 -50.94 31.74 42.11
C CYS G 143 -50.87 30.22 42.12
N LEU G 144 -51.96 29.60 42.56
CA LEU G 144 -52.11 28.15 42.57
C LEU G 144 -52.93 27.75 41.34
N VAL G 145 -52.29 27.03 40.42
CA VAL G 145 -52.92 26.58 39.18
C VAL G 145 -53.26 25.11 39.36
N LYS G 146 -54.54 24.80 39.50
CA LYS G 146 -54.98 23.51 40.02
C LYS G 146 -55.85 22.76 39.02
N ASP G 147 -55.62 21.44 38.94
CA ASP G 147 -56.49 20.49 38.24
C ASP G 147 -56.66 20.84 36.77
N TYR G 148 -55.65 20.53 35.97
CA TYR G 148 -55.69 20.68 34.52
C TYR G 148 -55.10 19.44 33.89
N PHE G 149 -55.40 19.26 32.59
CA PHE G 149 -54.80 18.19 31.82
C PHE G 149 -54.92 18.53 30.34
N PRO G 150 -53.89 18.29 29.54
CA PRO G 150 -52.57 17.75 29.91
C PRO G 150 -51.56 18.85 30.22
N GLU G 151 -50.29 18.49 30.28
CA GLU G 151 -49.24 19.50 30.28
C GLU G 151 -49.17 20.14 28.89
N PRO G 152 -48.60 21.35 28.78
CA PRO G 152 -48.05 22.21 29.82
C PRO G 152 -48.91 23.45 30.08
N VAL G 153 -48.53 24.27 31.04
CA VAL G 153 -49.21 25.53 31.31
C VAL G 153 -48.15 26.62 31.35
N THR G 154 -48.38 27.68 30.57
CA THR G 154 -47.54 28.86 30.60
C THR G 154 -48.04 29.80 31.69
N VAL G 155 -47.12 30.26 32.54
CA VAL G 155 -47.45 31.20 33.60
C VAL G 155 -46.52 32.40 33.48
N SER G 156 -47.10 33.59 33.54
CA SER G 156 -46.37 34.84 33.46
C SER G 156 -46.85 35.76 34.57
N TRP G 157 -46.02 36.73 34.92
CA TRP G 157 -46.36 37.70 35.96
C TRP G 157 -46.29 39.11 35.39
N ASN G 158 -47.36 39.88 35.61
CA ASN G 158 -47.50 41.23 35.09
C ASN G 158 -47.13 41.31 33.62
N SER G 159 -47.66 40.34 32.86
CA SER G 159 -47.53 40.28 31.40
C SER G 159 -46.07 40.20 30.96
N GLY G 160 -45.22 39.55 31.76
CA GLY G 160 -43.82 39.44 31.45
C GLY G 160 -42.93 40.51 32.06
N ALA G 161 -43.50 41.54 32.68
CA ALA G 161 -42.70 42.60 33.26
C ALA G 161 -42.01 42.18 34.55
N LEU G 162 -42.49 41.11 35.19
CA LEU G 162 -41.95 40.64 36.46
C LEU G 162 -41.35 39.25 36.26
N THR G 163 -40.03 39.16 36.43
CA THR G 163 -39.36 37.88 36.24
C THR G 163 -38.40 37.55 37.38
N SER G 164 -37.82 38.57 38.00
CA SER G 164 -36.92 38.34 39.14
C SER G 164 -37.71 37.80 40.32
N GLY G 165 -37.16 36.75 40.95
CA GLY G 165 -37.79 36.16 42.10
C GLY G 165 -38.98 35.27 41.80
N VAL G 166 -39.30 35.04 40.53
CA VAL G 166 -40.41 34.18 40.17
C VAL G 166 -39.95 32.73 40.20
N HIS G 167 -40.74 31.87 40.83
CA HIS G 167 -40.56 30.43 40.74
C HIS G 167 -41.87 29.81 40.27
N THR G 168 -41.87 29.23 39.07
CA THR G 168 -42.97 28.40 38.62
C THR G 168 -42.54 26.95 38.77
N PHE G 169 -43.24 26.21 39.61
CA PHE G 169 -42.80 24.89 40.02
C PHE G 169 -43.20 23.83 38.99
N PRO G 170 -42.40 22.78 38.84
CA PRO G 170 -42.82 21.65 38.01
C PRO G 170 -44.14 21.09 38.53
N ALA G 171 -45.07 20.87 37.62
CA ALA G 171 -46.40 20.41 37.99
C ALA G 171 -46.32 19.05 38.66
N VAL G 172 -47.32 18.75 39.49
CA VAL G 172 -47.43 17.48 40.17
C VAL G 172 -48.70 16.79 39.70
N LEU G 173 -48.57 15.54 39.31
CA LEU G 173 -49.72 14.72 38.93
C LEU G 173 -50.44 14.27 40.19
N GLN G 174 -51.63 14.81 40.42
CA GLN G 174 -52.43 14.40 41.56
C GLN G 174 -53.09 13.06 41.30
N SER G 175 -53.46 12.37 42.38
CA SER G 175 -54.12 11.07 42.26
C SER G 175 -55.46 11.17 41.54
N SER G 176 -55.96 12.38 41.32
CA SER G 176 -57.14 12.61 40.48
C SER G 176 -56.86 12.43 39.00
N GLY G 177 -55.61 12.19 38.61
CA GLY G 177 -55.28 12.16 37.20
C GLY G 177 -55.19 13.52 36.56
N LEU G 178 -55.06 14.58 37.36
CA LEU G 178 -54.95 15.94 36.87
C LEU G 178 -53.70 16.60 37.43
N TYR G 179 -53.16 17.53 36.67
CA TYR G 179 -51.95 18.24 37.07
C TYR G 179 -52.29 19.48 37.87
N SER G 180 -51.32 19.93 38.66
CA SER G 180 -51.44 21.18 39.39
C SER G 180 -50.05 21.68 39.70
N LEU G 181 -49.89 23.01 39.65
CA LEU G 181 -48.63 23.64 40.01
C LEU G 181 -48.90 24.94 40.75
N SER G 182 -47.83 25.50 41.30
CA SER G 182 -47.86 26.81 41.91
C SER G 182 -46.79 27.69 41.28
N SER G 183 -47.13 28.95 41.05
CA SER G 183 -46.19 29.97 40.64
C SER G 183 -46.16 31.05 41.71
N VAL G 184 -44.96 31.34 42.22
CA VAL G 184 -44.79 32.27 43.32
C VAL G 184 -43.76 33.33 42.93
N VAL G 185 -43.85 34.48 43.60
CA VAL G 185 -42.89 35.56 43.44
C VAL G 185 -42.50 36.05 44.82
N THR G 186 -41.22 36.38 44.97
CA THR G 186 -40.73 37.12 46.15
C THR G 186 -40.53 38.57 45.75
N VAL G 187 -41.14 39.47 46.52
CA VAL G 187 -41.10 40.91 46.25
C VAL G 187 -40.82 41.64 47.56
N PRO G 188 -40.41 42.91 47.48
CA PRO G 188 -40.28 43.70 48.71
C PRO G 188 -41.60 43.85 49.42
N SER G 189 -41.60 43.56 50.73
CA SER G 189 -42.81 43.69 51.53
C SER G 189 -43.39 45.10 51.45
N SER G 190 -42.54 46.11 51.26
CA SER G 190 -43.00 47.49 51.18
C SER G 190 -43.85 47.75 49.94
N SER G 191 -43.80 46.87 48.94
CA SER G 191 -44.47 47.10 47.68
C SER G 191 -45.89 46.54 47.64
N LEU G 192 -46.28 45.74 48.62
CA LEU G 192 -47.48 44.93 48.53
C LEU G 192 -48.72 45.77 48.24
N GLY G 193 -49.00 46.75 49.10
CA GLY G 193 -50.18 47.57 48.91
C GLY G 193 -50.07 48.60 47.80
N THR G 194 -48.93 48.69 47.13
CA THR G 194 -48.68 49.75 46.16
C THR G 194 -48.44 49.25 44.74
N GLN G 195 -47.98 48.00 44.57
CA GLN G 195 -47.71 47.44 43.26
C GLN G 195 -48.75 46.38 42.94
N THR G 196 -49.35 46.49 41.75
CA THR G 196 -50.28 45.47 41.30
C THR G 196 -49.51 44.21 40.89
N TYR G 197 -49.97 43.06 41.35
CA TYR G 197 -49.37 41.78 40.99
C TYR G 197 -50.44 40.89 40.38
N ILE G 198 -50.25 40.53 39.12
CA ILE G 198 -51.19 39.72 38.36
C ILE G 198 -50.42 38.56 37.74
N CYS G 199 -50.96 37.35 37.87
CA CYS G 199 -50.39 36.19 37.22
C CYS G 199 -51.20 35.86 35.97
N ASN G 200 -50.50 35.58 34.88
CA ASN G 200 -51.12 35.29 33.59
C ASN G 200 -50.93 33.82 33.28
N VAL G 201 -52.04 33.09 33.19
CA VAL G 201 -52.03 31.64 33.05
C VAL G 201 -52.63 31.30 31.69
N ASN G 202 -51.93 30.43 30.95
CA ASN G 202 -52.32 30.08 29.59
C ASN G 202 -52.16 28.58 29.40
N HIS G 203 -53.29 27.86 29.35
CA HIS G 203 -53.32 26.44 29.06
C HIS G 203 -53.83 26.27 27.63
N LYS G 204 -52.89 26.17 26.69
CA LYS G 204 -53.24 26.10 25.28
C LYS G 204 -54.19 24.95 24.92
N PRO G 205 -54.03 23.72 25.43
CA PRO G 205 -54.94 22.64 24.98
C PRO G 205 -56.40 22.87 25.30
N SER G 206 -56.72 23.65 26.33
CA SER G 206 -58.11 23.93 26.67
C SER G 206 -58.55 25.31 26.20
N ASN G 207 -57.66 26.09 25.60
CA ASN G 207 -57.92 27.49 25.25
C ASN G 207 -58.39 28.26 26.48
N THR G 208 -57.67 28.07 27.59
CA THR G 208 -57.96 28.75 28.84
C THR G 208 -56.89 29.81 29.08
N LYS G 209 -57.31 31.07 29.05
CA LYS G 209 -56.48 32.20 29.43
C LYS G 209 -57.08 32.84 30.68
N VAL G 210 -56.29 32.95 31.74
CA VAL G 210 -56.75 33.59 32.97
C VAL G 210 -55.68 34.60 33.41
N ASP G 211 -56.12 35.82 33.71
CA ASP G 211 -55.31 36.82 34.39
C ASP G 211 -55.94 37.04 35.77
N LYS G 212 -55.20 36.69 36.82
CA LYS G 212 -55.72 36.70 38.18
C LYS G 212 -54.87 37.63 39.03
N ARG G 213 -55.51 38.62 39.66
CA ARG G 213 -54.79 39.55 40.51
C ARG G 213 -54.67 38.98 41.92
N VAL G 214 -53.51 39.20 42.54
CA VAL G 214 -53.18 38.62 43.84
C VAL G 214 -53.05 39.77 44.83
N GLU G 215 -54.11 40.01 45.59
CA GLU G 215 -54.08 41.06 46.60
C GLU G 215 -53.99 40.47 47.99
N PRO G 216 -53.39 41.20 48.95
CA PRO G 216 -53.24 40.72 50.34
C PRO G 216 -54.56 40.39 51.00
N ASP H 1 -25.28 0.04 15.30
CA ASP H 1 -25.50 1.42 15.71
C ASP H 1 -24.46 1.83 16.74
N ILE H 2 -24.15 3.13 16.78
CA ILE H 2 -23.05 3.66 17.58
C ILE H 2 -23.61 4.18 18.89
N VAL H 3 -22.98 3.78 19.99
CA VAL H 3 -23.36 4.21 21.33
C VAL H 3 -22.39 5.30 21.77
N MET H 4 -22.94 6.40 22.28
CA MET H 4 -22.15 7.49 22.86
C MET H 4 -22.29 7.39 24.38
N THR H 5 -21.18 7.06 25.05
CA THR H 5 -21.18 6.86 26.50
C THR H 5 -20.49 8.06 27.15
N GLN H 6 -21.26 8.83 27.92
CA GLN H 6 -20.71 9.94 28.67
C GLN H 6 -20.27 9.43 30.04
N SER H 7 -19.07 9.85 30.46
CA SER H 7 -18.38 9.18 31.56
C SER H 7 -19.04 9.41 32.91
N GLN H 8 -19.82 10.47 33.05
CA GLN H 8 -20.46 10.78 34.33
C GLN H 8 -21.90 11.19 34.07
N LYS H 9 -22.79 10.77 34.97
CA LYS H 9 -24.18 11.21 34.91
C LYS H 9 -24.38 12.56 35.60
N PHE H 10 -23.64 12.81 36.68
CA PHE H 10 -23.69 14.09 37.39
C PHE H 10 -22.26 14.60 37.58
N MET H 11 -22.10 15.92 37.50
CA MET H 11 -20.83 16.54 37.82
C MET H 11 -21.09 17.82 38.61
N SER H 12 -20.30 18.03 39.65
CA SER H 12 -20.57 19.06 40.64
C SER H 12 -19.33 19.94 40.79
N THR H 13 -19.53 21.25 40.63
CA THR H 13 -18.41 22.18 40.54
C THR H 13 -18.82 23.53 41.08
N SER H 14 -17.82 24.37 41.34
CA SER H 14 -18.05 25.71 41.86
C SER H 14 -17.87 26.75 40.76
N VAL H 15 -18.38 27.95 41.03
CA VAL H 15 -18.17 29.07 40.12
C VAL H 15 -16.69 29.39 40.07
N GLY H 16 -16.17 29.48 38.85
CA GLY H 16 -14.76 29.73 38.62
C GLY H 16 -13.95 28.49 38.31
N ASP H 17 -14.47 27.31 38.62
CA ASP H 17 -13.73 26.08 38.40
C ASP H 17 -13.68 25.74 36.91
N ARG H 18 -12.98 24.65 36.61
CA ARG H 18 -12.98 24.05 35.28
C ARG H 18 -13.50 22.63 35.41
N VAL H 19 -14.46 22.27 34.56
CA VAL H 19 -15.04 20.93 34.56
C VAL H 19 -14.90 20.35 33.15
N SER H 20 -14.58 19.06 33.08
CA SER H 20 -14.37 18.35 31.81
C SER H 20 -15.36 17.20 31.73
N VAL H 21 -16.21 17.22 30.71
CA VAL H 21 -17.12 16.13 30.43
C VAL H 21 -16.56 15.33 29.25
N THR H 22 -16.36 14.03 29.46
CA THR H 22 -15.83 13.16 28.43
C THR H 22 -16.92 12.23 27.90
N CYS H 23 -16.73 11.79 26.66
CA CYS H 23 -17.72 11.00 25.95
C CYS H 23 -16.98 10.06 25.00
N LYS H 24 -17.27 8.76 25.08
CA LYS H 24 -16.60 7.76 24.26
C LYS H 24 -17.58 7.11 23.30
N ALA H 25 -17.22 7.09 22.02
CA ALA H 25 -18.01 6.40 21.02
C ALA H 25 -17.61 4.93 20.94
N SER H 26 -18.58 4.10 20.59
CA SER H 26 -18.32 2.67 20.43
C SER H 26 -17.63 2.34 19.12
N GLN H 27 -17.62 3.27 18.16
CA GLN H 27 -16.93 3.12 16.89
C GLN H 27 -16.07 4.36 16.67
N ASN H 28 -15.19 4.29 15.68
CA ASN H 28 -14.52 5.50 15.22
C ASN H 28 -15.55 6.40 14.56
N VAL H 29 -15.69 7.61 15.07
CA VAL H 29 -16.56 8.61 14.47
C VAL H 29 -15.78 9.81 13.96
N GLY H 30 -14.46 9.69 13.90
CA GLY H 30 -13.63 10.78 13.38
C GLY H 30 -13.69 11.99 14.29
N THR H 31 -14.07 13.13 13.72
CA THR H 31 -14.37 14.33 14.49
C THR H 31 -15.80 14.79 14.30
N ASN H 32 -16.67 13.93 13.73
CA ASN H 32 -18.07 14.29 13.50
C ASN H 32 -18.87 14.13 14.79
N VAL H 33 -18.55 14.97 15.77
CA VAL H 33 -19.16 14.92 17.08
C VAL H 33 -19.61 16.32 17.48
N ALA H 34 -20.82 16.42 18.02
CA ALA H 34 -21.37 17.69 18.47
C ALA H 34 -21.64 17.65 19.96
N TRP H 35 -21.62 18.83 20.58
CA TRP H 35 -21.95 18.99 21.99
C TRP H 35 -23.12 19.95 22.14
N TYR H 36 -24.02 19.65 23.08
CA TYR H 36 -25.20 20.46 23.31
C TYR H 36 -25.34 20.79 24.79
N GLN H 37 -25.95 21.94 25.06
CA GLN H 37 -26.28 22.39 26.40
C GLN H 37 -27.79 22.55 26.49
N GLN H 38 -28.40 21.90 27.48
CA GLN H 38 -29.83 22.05 27.72
C GLN H 38 -30.05 22.54 29.15
N LYS H 39 -30.52 23.77 29.27
CA LYS H 39 -30.88 24.32 30.56
C LYS H 39 -32.32 23.95 30.90
N PRO H 40 -32.65 23.86 32.20
CA PRO H 40 -33.99 23.39 32.59
C PRO H 40 -35.08 24.27 32.02
N GLY H 41 -36.08 23.63 31.42
CA GLY H 41 -37.17 24.35 30.80
C GLY H 41 -36.85 24.99 29.47
N GLN H 42 -35.72 24.63 28.85
CA GLN H 42 -35.34 25.18 27.56
C GLN H 42 -35.11 24.10 26.53
N SER H 43 -35.06 24.53 25.28
CA SER H 43 -34.61 23.68 24.21
C SER H 43 -33.09 23.54 24.27
N PRO H 44 -32.55 22.46 23.72
CA PRO H 44 -31.09 22.32 23.65
C PRO H 44 -30.48 23.44 22.82
N LYS H 45 -29.27 23.83 23.21
CA LYS H 45 -28.46 24.77 22.44
C LYS H 45 -27.20 24.06 21.98
N ALA H 46 -26.92 24.13 20.68
CA ALA H 46 -25.72 23.51 20.14
C ALA H 46 -24.50 24.35 20.48
N LEU H 47 -23.55 23.77 21.19
CA LEU H 47 -22.35 24.51 21.58
C LEU H 47 -21.22 24.32 20.58
N ILE H 48 -20.99 23.08 20.13
CA ILE H 48 -19.77 22.74 19.40
C ILE H 48 -20.10 21.74 18.30
N TYR H 49 -19.45 21.90 17.15
CA TYR H 49 -19.55 20.96 16.05
C TYR H 49 -18.13 20.58 15.60
N SER H 50 -18.05 19.48 14.86
CA SER H 50 -16.77 18.96 14.37
C SER H 50 -15.78 18.80 15.52
N ALA H 51 -16.29 18.43 16.68
CA ALA H 51 -15.49 18.04 17.85
C ALA H 51 -14.83 19.23 18.54
N SER H 52 -14.50 20.30 17.81
CA SER H 52 -13.77 21.38 18.46
C SER H 52 -14.12 22.77 17.96
N TYR H 53 -15.14 22.92 17.11
CA TYR H 53 -15.48 24.22 16.56
C TYR H 53 -16.74 24.76 17.21
N ARG H 54 -16.68 26.00 17.69
CA ARG H 54 -17.78 26.62 18.39
C ARG H 54 -18.82 27.16 17.41
N TYR H 55 -20.09 26.91 17.72
CA TYR H 55 -21.18 27.58 17.02
C TYR H 55 -21.20 29.06 17.41
N SER H 56 -22.00 29.83 16.68
CA SER H 56 -22.11 31.25 16.96
C SER H 56 -22.65 31.48 18.36
N GLY H 57 -22.15 32.52 19.02
CA GLY H 57 -22.64 32.92 20.32
C GLY H 57 -22.06 32.17 21.50
N VAL H 58 -21.14 31.23 21.27
CA VAL H 58 -20.58 30.40 22.32
C VAL H 58 -19.24 31.00 22.74
N PRO H 59 -19.04 31.31 24.02
CA PRO H 59 -17.77 31.89 24.46
C PRO H 59 -16.67 30.85 24.51
N ASP H 60 -15.42 31.34 24.42
CA ASP H 60 -14.28 30.45 24.24
C ASP H 60 -13.95 29.66 25.49
N ARG H 61 -14.61 29.90 26.63
CA ARG H 61 -14.40 29.03 27.77
C ARG H 61 -15.08 27.68 27.60
N PHE H 62 -15.83 27.48 26.52
CA PHE H 62 -16.35 26.17 26.12
C PHE H 62 -15.45 25.64 25.03
N THR H 63 -14.56 24.71 25.39
CA THR H 63 -13.61 24.13 24.45
C THR H 63 -13.89 22.65 24.29
N GLY H 64 -14.03 22.21 23.05
CA GLY H 64 -14.22 20.81 22.71
C GLY H 64 -12.94 20.26 22.09
N SER H 65 -12.70 18.98 22.32
CA SER H 65 -11.50 18.33 21.79
C SER H 65 -11.77 16.84 21.68
N GLY H 66 -10.89 16.15 20.96
CA GLY H 66 -11.00 14.72 20.75
C GLY H 66 -11.00 14.38 19.27
N SER H 67 -10.85 13.09 19.03
CA SER H 67 -10.86 12.53 17.68
C SER H 67 -10.90 11.01 17.80
N GLY H 68 -11.61 10.38 16.89
CA GLY H 68 -11.70 8.92 16.85
C GLY H 68 -12.85 8.40 17.71
N THR H 69 -12.52 7.89 18.90
CA THR H 69 -13.53 7.36 19.80
C THR H 69 -13.81 8.25 21.00
N ASP H 70 -12.86 9.09 21.39
CA ASP H 70 -12.91 9.79 22.67
C ASP H 70 -13.02 11.30 22.46
N PHE H 71 -13.89 11.93 23.23
CA PHE H 71 -14.20 13.34 23.04
C PHE H 71 -14.45 14.01 24.38
N THR H 72 -14.07 15.28 24.46
CA THR H 72 -14.10 16.01 25.73
C THR H 72 -14.64 17.41 25.52
N LEU H 73 -15.64 17.78 26.32
CA LEU H 73 -16.08 19.15 26.46
C LEU H 73 -15.58 19.70 27.78
N THR H 74 -14.74 20.74 27.71
CA THR H 74 -14.21 21.38 28.90
C THR H 74 -14.86 22.75 29.06
N ILE H 75 -15.43 23.00 30.24
CA ILE H 75 -15.98 24.30 30.60
C ILE H 75 -15.02 24.95 31.58
N SER H 76 -14.43 26.07 31.20
CA SER H 76 -13.55 26.83 32.06
C SER H 76 -14.28 28.04 32.63
N ASN H 77 -13.83 28.47 33.80
CA ASN H 77 -14.43 29.58 34.55
C ASN H 77 -15.95 29.41 34.59
N VAL H 78 -16.36 28.29 35.20
CA VAL H 78 -17.78 27.92 35.23
C VAL H 78 -18.59 29.05 35.86
N GLN H 79 -19.70 29.38 35.21
CA GLN H 79 -20.65 30.35 35.72
C GLN H 79 -21.90 29.63 36.20
N SER H 80 -22.66 30.31 37.06
CA SER H 80 -23.90 29.72 37.56
C SER H 80 -24.88 29.47 36.42
N GLU H 81 -24.86 30.31 35.39
CA GLU H 81 -25.70 30.10 34.22
C GLU H 81 -25.38 28.80 33.50
N ASP H 82 -24.22 28.21 33.75
CA ASP H 82 -23.85 26.94 33.13
C ASP H 82 -24.61 25.75 33.70
N LEU H 83 -25.45 25.96 34.71
CA LEU H 83 -26.33 24.91 35.22
C LEU H 83 -27.16 24.36 34.06
N ALA H 84 -26.86 23.12 33.66
CA ALA H 84 -27.50 22.55 32.47
C ALA H 84 -27.12 21.08 32.38
N GLU H 85 -27.79 20.38 31.48
CA GLU H 85 -27.40 19.04 31.06
C GLU H 85 -26.69 19.12 29.72
N TYR H 86 -25.59 18.38 29.60
CA TYR H 86 -24.74 18.44 28.43
C TYR H 86 -24.74 17.09 27.72
N PHE H 87 -24.95 17.13 26.40
CA PHE H 87 -25.06 15.94 25.57
C PHE H 87 -23.96 15.95 24.52
N CYS H 88 -23.29 14.82 24.34
CA CYS H 88 -22.48 14.61 23.15
C CYS H 88 -23.34 13.92 22.10
N GLN H 89 -22.90 14.01 20.84
CA GLN H 89 -23.63 13.38 19.75
C GLN H 89 -22.68 13.11 18.60
N GLN H 90 -22.75 11.90 18.06
CA GLN H 90 -22.05 11.58 16.83
C GLN H 90 -22.99 11.77 15.65
N TYR H 91 -22.47 12.35 14.57
CA TYR H 91 -23.21 12.43 13.32
C TYR H 91 -22.35 11.88 12.18
N ASN H 92 -21.46 10.94 12.50
CA ASN H 92 -20.63 10.29 11.50
C ASN H 92 -21.36 9.17 10.78
N SER H 93 -22.32 8.54 11.45
CA SER H 93 -22.98 7.36 10.91
C SER H 93 -24.44 7.36 11.33
N TYR H 94 -25.25 6.63 10.57
CA TYR H 94 -26.68 6.57 10.83
C TYR H 94 -27.05 5.30 11.58
N PRO H 95 -27.96 5.39 12.55
CA PRO H 95 -28.68 6.59 13.02
C PRO H 95 -27.77 7.54 13.78
N LEU H 96 -28.01 8.85 13.68
CA LEU H 96 -27.32 9.80 14.53
C LEU H 96 -27.73 9.56 15.98
N THR H 97 -26.75 9.55 16.87
CA THR H 97 -27.00 9.14 18.25
C THR H 97 -26.41 10.12 19.24
N PHE H 98 -27.18 10.42 20.28
CA PHE H 98 -26.76 11.27 21.40
C PHE H 98 -26.26 10.41 22.55
N GLY H 99 -25.43 11.02 23.40
CA GLY H 99 -25.12 10.43 24.68
C GLY H 99 -26.28 10.56 25.66
N ALA H 100 -26.15 9.89 26.79
CA ALA H 100 -27.22 9.88 27.78
C ALA H 100 -27.30 11.17 28.60
N GLY H 101 -26.34 12.07 28.43
CA GLY H 101 -26.41 13.33 29.14
C GLY H 101 -25.59 13.35 30.41
N THR H 102 -25.03 14.51 30.72
CA THR H 102 -24.30 14.74 31.95
C THR H 102 -24.81 16.02 32.59
N LYS H 103 -25.38 15.90 33.79
CA LYS H 103 -25.98 17.03 34.48
C LYS H 103 -24.91 17.77 35.27
N LEU H 104 -24.74 19.06 34.98
CA LEU H 104 -23.79 19.90 35.70
C LEU H 104 -24.50 20.61 36.84
N GLU H 105 -23.96 20.46 38.05
CA GLU H 105 -24.51 21.07 39.25
C GLU H 105 -23.48 22.01 39.86
N LEU H 106 -23.95 23.01 40.58
CA LEU H 106 -23.08 24.04 41.14
C LEU H 106 -23.06 23.99 42.66
N LYS H 107 -21.86 24.00 43.22
CA LYS H 107 -21.66 24.13 44.66
C LYS H 107 -21.77 25.59 45.05
N ARG H 108 -22.27 25.83 46.26
CA ARG H 108 -22.30 27.18 46.82
C ARG H 108 -22.38 27.08 48.33
N THR H 109 -22.36 28.24 48.98
CA THR H 109 -22.48 28.28 50.43
C THR H 109 -23.90 27.89 50.85
N VAL H 110 -24.02 27.45 52.11
CA VAL H 110 -25.32 27.08 52.65
C VAL H 110 -26.22 28.30 52.71
N ALA H 111 -27.47 28.13 52.30
CA ALA H 111 -28.46 29.20 52.36
C ALA H 111 -29.73 28.64 52.98
N ALA H 112 -30.20 29.29 54.04
CA ALA H 112 -31.42 28.82 54.68
C ALA H 112 -32.63 29.23 53.86
N PRO H 113 -33.68 28.40 53.83
CA PRO H 113 -34.89 28.78 53.09
C PRO H 113 -35.64 29.89 53.79
N SER H 114 -36.12 30.84 53.00
CA SER H 114 -37.17 31.75 53.46
C SER H 114 -38.49 30.99 53.39
N VAL H 115 -39.18 30.87 54.51
CA VAL H 115 -40.37 30.05 54.61
C VAL H 115 -41.60 30.94 54.60
N PHE H 116 -42.56 30.59 53.74
CA PHE H 116 -43.82 31.30 53.65
C PHE H 116 -44.95 30.29 53.61
N ILE H 117 -46.09 30.67 54.19
CA ILE H 117 -47.28 29.81 54.22
C ILE H 117 -48.46 30.61 53.69
N PHE H 118 -49.35 29.93 52.96
CA PHE H 118 -50.51 30.57 52.35
C PHE H 118 -51.77 29.83 52.73
N PRO H 119 -52.77 30.50 53.30
CA PRO H 119 -54.07 29.87 53.48
C PRO H 119 -54.77 29.71 52.14
N PRO H 120 -55.71 28.78 52.03
CA PRO H 120 -56.46 28.67 50.78
C PRO H 120 -57.25 29.93 50.50
N SER H 121 -57.50 30.17 49.22
CA SER H 121 -58.35 31.29 48.84
C SER H 121 -59.79 30.99 49.25
N ASP H 122 -60.53 32.05 49.56
CA ASP H 122 -61.97 31.90 49.76
C ASP H 122 -62.66 31.50 48.47
N GLU H 123 -62.05 31.80 47.32
CA GLU H 123 -62.59 31.32 46.05
C GLU H 123 -62.45 29.81 45.94
N GLN H 124 -61.32 29.26 46.39
CA GLN H 124 -61.16 27.80 46.37
C GLN H 124 -62.09 27.15 47.39
N LEU H 125 -62.26 27.79 48.56
CA LEU H 125 -63.16 27.25 49.57
C LEU H 125 -64.60 27.19 49.05
N LYS H 126 -64.99 28.17 48.23
CA LYS H 126 -66.28 28.10 47.56
C LYS H 126 -66.39 26.88 46.64
N SER H 127 -65.26 26.34 46.20
CA SER H 127 -65.25 25.19 45.30
C SER H 127 -65.16 23.86 46.03
N GLY H 128 -65.12 23.86 47.36
CA GLY H 128 -65.20 22.64 48.13
C GLY H 128 -63.88 22.02 48.54
N THR H 129 -62.76 22.60 48.14
CA THR H 129 -61.45 22.04 48.45
C THR H 129 -60.56 23.13 49.05
N ALA H 130 -59.69 22.73 49.97
CA ALA H 130 -58.76 23.65 50.61
C ALA H 130 -57.34 23.17 50.37
N SER H 131 -56.54 24.01 49.71
CA SER H 131 -55.13 23.74 49.45
C SER H 131 -54.30 24.74 50.26
N VAL H 132 -53.65 24.26 51.30
CA VAL H 132 -52.71 25.07 52.07
C VAL H 132 -51.31 24.86 51.47
N VAL H 133 -50.65 25.95 51.12
CA VAL H 133 -49.39 25.92 50.39
C VAL H 133 -48.29 26.49 51.27
N CYS H 134 -47.16 25.78 51.33
CA CYS H 134 -45.98 26.23 52.05
C CYS H 134 -44.82 26.34 51.08
N LEU H 135 -44.14 27.48 51.11
CA LEU H 135 -43.04 27.78 50.18
C LEU H 135 -41.72 27.84 50.94
N LEU H 136 -40.72 27.14 50.41
CA LEU H 136 -39.34 27.25 50.86
C LEU H 136 -38.55 27.87 49.72
N ASN H 137 -38.04 29.07 49.94
CA ASN H 137 -37.53 29.91 48.86
C ASN H 137 -36.02 30.02 48.91
N ASN H 138 -35.36 29.66 47.81
CA ASN H 138 -33.95 29.92 47.57
C ASN H 138 -33.07 29.42 48.73
N PHE H 139 -33.02 28.10 48.86
CA PHE H 139 -32.20 27.46 49.87
C PHE H 139 -31.15 26.56 49.21
N TYR H 140 -30.17 26.15 50.02
CA TYR H 140 -29.11 25.25 49.60
C TYR H 140 -28.45 24.68 50.84
N PRO H 141 -28.14 23.37 50.87
CA PRO H 141 -28.30 22.37 49.79
C PRO H 141 -29.74 22.01 49.54
N ARG H 142 -29.94 21.06 48.62
CA ARG H 142 -31.29 20.71 48.20
C ARG H 142 -32.05 19.96 49.30
N GLU H 143 -31.34 19.24 50.16
CA GLU H 143 -32.00 18.45 51.21
C GLU H 143 -32.75 19.36 52.17
N ALA H 144 -34.05 19.13 52.30
CA ALA H 144 -34.90 19.85 53.23
C ALA H 144 -36.08 18.97 53.58
N LYS H 145 -36.60 19.14 54.80
CA LYS H 145 -37.78 18.40 55.22
C LYS H 145 -38.86 19.36 55.68
N VAL H 146 -40.08 19.11 55.24
CA VAL H 146 -41.24 19.91 55.63
C VAL H 146 -42.23 19.00 56.33
N GLN H 147 -42.64 19.40 57.52
CA GLN H 147 -43.63 18.67 58.31
C GLN H 147 -44.85 19.55 58.51
N TRP H 148 -45.99 19.11 58.00
CA TRP H 148 -47.23 19.84 58.23
C TRP H 148 -47.80 19.50 59.60
N LYS H 149 -48.37 20.50 60.24
CA LYS H 149 -49.04 20.31 61.52
C LYS H 149 -50.41 20.97 61.50
N VAL H 150 -51.38 20.26 62.09
CA VAL H 150 -52.76 20.74 62.17
C VAL H 150 -53.23 20.55 63.61
N ASP H 151 -53.60 21.66 64.26
CA ASP H 151 -53.94 21.67 65.68
C ASP H 151 -52.88 20.92 66.48
N ASN H 152 -51.62 21.18 66.13
CA ASN H 152 -50.42 20.62 66.75
C ASN H 152 -50.18 19.15 66.40
N ALA H 153 -51.15 18.48 65.78
CA ALA H 153 -50.91 17.12 65.35
C ALA H 153 -50.11 17.09 64.05
N LEU H 154 -49.43 15.97 63.81
CA LEU H 154 -48.59 15.80 62.64
C LEU H 154 -49.38 15.15 61.51
N GLN H 155 -49.23 15.67 60.31
CA GLN H 155 -49.95 15.21 59.13
C GLN H 155 -49.09 14.28 58.29
N SER H 156 -49.75 13.52 57.42
CA SER H 156 -49.06 12.59 56.54
C SER H 156 -49.99 12.19 55.41
N GLY H 157 -49.39 11.83 54.28
CA GLY H 157 -50.12 11.29 53.15
C GLY H 157 -50.96 12.27 52.37
N ASN H 158 -51.20 13.48 52.89
CA ASN H 158 -52.07 14.45 52.25
C ASN H 158 -51.28 15.67 51.74
N SER H 159 -49.99 15.53 51.54
CA SER H 159 -49.14 16.64 51.14
C SER H 159 -48.30 16.23 49.94
N GLN H 160 -48.23 17.10 48.94
CA GLN H 160 -47.45 16.90 47.74
C GLN H 160 -46.40 17.99 47.63
N GLU H 161 -45.20 17.61 47.20
CA GLU H 161 -44.07 18.53 47.17
C GLU H 161 -43.51 18.64 45.76
N SER H 162 -43.07 19.84 45.41
CA SER H 162 -42.44 20.12 44.13
C SER H 162 -41.22 20.97 44.36
N VAL H 163 -40.14 20.67 43.64
CA VAL H 163 -38.86 21.34 43.82
C VAL H 163 -38.38 21.85 42.47
N THR H 164 -37.95 23.12 42.44
CA THR H 164 -37.42 23.68 41.22
C THR H 164 -36.10 23.01 40.85
N GLU H 165 -35.70 23.18 39.60
CA GLU H 165 -34.32 22.94 39.24
C GLU H 165 -33.45 24.03 39.85
N GLN H 166 -32.14 23.78 39.90
CA GLN H 166 -31.23 24.72 40.52
C GLN H 166 -31.22 26.04 39.76
N ASP H 167 -31.23 27.14 40.49
CA ASP H 167 -31.40 28.45 39.88
C ASP H 167 -30.11 28.89 39.18
N SER H 168 -30.28 29.53 38.03
CA SER H 168 -29.15 29.84 37.16
C SER H 168 -28.32 31.04 37.62
N LYS H 169 -28.78 31.79 38.62
CA LYS H 169 -28.07 32.99 39.04
C LYS H 169 -27.54 32.91 40.46
N ASP H 170 -28.29 32.32 41.40
CA ASP H 170 -27.81 32.15 42.77
C ASP H 170 -27.61 30.70 43.18
N SER H 171 -27.84 29.74 42.28
CA SER H 171 -27.56 28.32 42.50
C SER H 171 -28.35 27.71 43.65
N THR H 172 -29.49 28.30 44.00
CA THR H 172 -30.31 27.77 45.08
C THR H 172 -31.45 26.92 44.51
N TYR H 173 -32.15 26.26 45.42
CA TYR H 173 -33.37 25.53 45.11
C TYR H 173 -34.54 26.18 45.82
N SER H 174 -35.75 25.91 45.31
CA SER H 174 -36.98 26.28 45.96
C SER H 174 -37.94 25.10 45.96
N LEU H 175 -38.78 25.04 46.99
CA LEU H 175 -39.65 23.89 47.19
C LEU H 175 -41.03 24.38 47.62
N SER H 176 -42.07 23.79 47.03
CA SER H 176 -43.44 24.03 47.45
C SER H 176 -44.01 22.74 48.02
N SER H 177 -44.72 22.85 49.15
CA SER H 177 -45.42 21.74 49.75
C SER H 177 -46.89 22.13 49.85
N THR H 178 -47.76 21.32 49.26
CA THR H 178 -49.18 21.63 49.18
C THR H 178 -49.98 20.59 49.95
N LEU H 179 -50.65 21.05 51.02
CA LEU H 179 -51.53 20.20 51.82
C LEU H 179 -52.97 20.40 51.34
N THR H 180 -53.58 19.34 50.85
CA THR H 180 -54.93 19.39 50.30
C THR H 180 -55.90 18.67 51.22
N LEU H 181 -57.05 19.31 51.47
CA LEU H 181 -58.04 18.79 52.39
C LEU H 181 -59.42 19.02 51.81
N SER H 182 -60.40 18.33 52.37
CA SER H 182 -61.80 18.70 52.15
C SER H 182 -62.09 20.02 52.83
N LYS H 183 -63.02 20.79 52.26
CA LYS H 183 -63.46 22.02 52.90
C LYS H 183 -63.99 21.75 54.31
N ALA H 184 -64.65 20.61 54.51
CA ALA H 184 -65.19 20.28 55.82
C ALA H 184 -64.08 20.07 56.85
N ASP H 185 -63.01 19.38 56.47
CA ASP H 185 -61.90 19.21 57.39
C ASP H 185 -61.13 20.51 57.60
N TYR H 186 -61.05 21.35 56.58
CA TYR H 186 -60.43 22.66 56.78
C TYR H 186 -61.17 23.46 57.83
N GLU H 187 -62.51 23.46 57.75
CA GLU H 187 -63.31 24.18 58.74
C GLU H 187 -63.27 23.52 60.10
N LYS H 188 -62.97 22.22 60.19
CA LYS H 188 -62.99 21.55 61.48
C LYS H 188 -61.82 21.99 62.37
N HIS H 189 -60.64 22.15 61.79
CA HIS H 189 -59.43 22.45 62.53
C HIS H 189 -59.11 23.94 62.44
N LYS H 190 -58.21 24.40 63.30
CA LYS H 190 -58.00 25.84 63.45
C LYS H 190 -56.56 26.30 63.26
N VAL H 191 -55.56 25.54 63.71
CA VAL H 191 -54.17 25.96 63.60
C VAL H 191 -53.49 25.15 62.50
N TYR H 192 -52.96 25.85 61.50
CA TYR H 192 -52.21 25.25 60.40
C TYR H 192 -50.78 25.75 60.42
N ALA H 193 -49.84 24.84 60.22
CA ALA H 193 -48.42 25.18 60.30
C ALA H 193 -47.62 24.24 59.42
N CYS H 194 -46.60 24.79 58.76
CA CYS H 194 -45.57 23.98 58.11
C CYS H 194 -44.25 24.24 58.82
N GLU H 195 -43.63 23.16 59.28
CA GLU H 195 -42.37 23.22 60.03
C GLU H 195 -41.25 22.77 59.10
N VAL H 196 -40.24 23.62 58.94
CA VAL H 196 -39.17 23.43 57.97
C VAL H 196 -37.86 23.18 58.70
N THR H 197 -37.18 22.09 58.35
CA THR H 197 -35.86 21.79 58.88
C THR H 197 -34.86 21.70 57.73
N HIS H 198 -33.70 22.31 57.93
CA HIS H 198 -32.72 22.47 56.87
C HIS H 198 -31.35 22.75 57.49
N GLN H 199 -30.30 22.38 56.77
CA GLN H 199 -28.95 22.52 57.28
C GLN H 199 -28.64 23.96 57.67
N GLY H 200 -29.13 24.93 56.90
CA GLY H 200 -28.93 26.33 57.21
C GLY H 200 -29.78 26.88 58.33
N LEU H 201 -30.70 26.09 58.87
CA LEU H 201 -31.54 26.51 59.98
C LEU H 201 -31.04 25.83 61.25
N SER H 202 -30.59 26.62 62.22
CA SER H 202 -30.03 26.05 63.45
C SER H 202 -31.05 25.19 64.17
N SER H 203 -32.33 25.54 64.08
CA SER H 203 -33.42 24.71 64.55
C SER H 203 -34.60 24.96 63.65
N PRO H 204 -35.57 24.03 63.57
CA PRO H 204 -36.64 24.16 62.58
C PRO H 204 -37.39 25.48 62.67
N VAL H 205 -37.81 25.97 61.52
CA VAL H 205 -38.58 27.20 61.39
C VAL H 205 -40.01 26.83 61.03
N THR H 206 -40.96 27.26 61.85
CA THR H 206 -42.38 27.01 61.63
C THR H 206 -43.06 28.31 61.19
N LYS H 207 -43.97 28.19 60.23
CA LYS H 207 -44.84 29.28 59.82
C LYS H 207 -46.28 28.79 59.88
N SER H 208 -47.17 29.63 60.40
CA SER H 208 -48.49 29.15 60.77
C SER H 208 -49.55 30.23 60.60
N PHE H 209 -50.81 29.80 60.59
CA PHE H 209 -51.94 30.72 60.62
C PHE H 209 -53.11 30.06 61.35
N ASN H 210 -53.99 30.90 61.89
CA ASN H 210 -55.17 30.49 62.65
C ASN H 210 -56.39 30.71 61.75
N ARG H 211 -56.80 29.67 61.03
CA ARG H 211 -57.85 29.74 60.00
C ARG H 211 -58.98 30.69 60.41
N GLY H 212 -59.34 31.61 59.53
CA GLY H 212 -60.12 32.75 59.94
C GLY H 212 -59.20 33.73 60.64
N GLU H 213 -58.46 34.49 59.83
CA GLU H 213 -57.25 35.16 60.31
C GLU H 213 -57.11 36.58 59.77
N ASP I 1 -31.40 21.12 -7.08
CA ASP I 1 -30.25 20.31 -7.44
C ASP I 1 -29.11 21.19 -7.93
N ILE I 2 -27.88 20.78 -7.65
CA ILE I 2 -26.70 21.62 -7.85
C ILE I 2 -26.01 21.23 -9.14
N VAL I 3 -25.71 22.22 -9.97
CA VAL I 3 -25.02 22.01 -11.25
C VAL I 3 -23.54 22.28 -11.05
N MET I 4 -22.71 21.31 -11.42
CA MET I 4 -21.26 21.45 -11.38
C MET I 4 -20.76 21.73 -12.79
N THR I 5 -20.34 22.97 -13.04
CA THR I 5 -19.95 23.41 -14.37
C THR I 5 -18.42 23.40 -14.48
N GLN I 6 -17.89 22.53 -15.33
CA GLN I 6 -16.46 22.52 -15.62
C GLN I 6 -16.20 23.37 -16.86
N SER I 7 -15.15 24.19 -16.79
CA SER I 7 -15.01 25.30 -17.72
C SER I 7 -14.61 24.87 -19.12
N GLN I 8 -14.02 23.69 -19.28
CA GLN I 8 -13.56 23.22 -20.58
C GLN I 8 -13.91 21.75 -20.74
N LYS I 9 -14.33 21.36 -21.94
CA LYS I 9 -14.51 19.95 -22.23
C LYS I 9 -13.18 19.29 -22.61
N PHE I 10 -12.25 20.06 -23.16
CA PHE I 10 -10.93 19.55 -23.56
C PHE I 10 -9.85 20.52 -23.10
N MET I 11 -8.68 19.96 -22.79
CA MET I 11 -7.50 20.78 -22.49
C MET I 11 -6.26 20.03 -22.99
N SER I 12 -5.42 20.75 -23.73
CA SER I 12 -4.21 20.19 -24.33
C SER I 12 -2.99 20.70 -23.58
N THR I 13 -2.03 19.82 -23.33
CA THR I 13 -0.84 20.18 -22.57
C THR I 13 0.33 19.36 -23.09
N SER I 14 1.44 19.44 -22.37
CA SER I 14 2.67 18.76 -22.76
C SER I 14 3.30 18.16 -21.52
N VAL I 15 4.14 17.15 -21.73
CA VAL I 15 4.82 16.49 -20.62
C VAL I 15 5.72 17.49 -19.90
N GLY I 16 5.53 17.62 -18.59
CA GLY I 16 6.25 18.57 -17.78
C GLY I 16 5.47 19.83 -17.47
N ASP I 17 4.37 20.07 -18.17
CA ASP I 17 3.61 21.30 -18.02
C ASP I 17 2.76 21.28 -16.75
N ARG I 18 2.07 22.39 -16.53
CA ARG I 18 1.07 22.53 -15.47
C ARG I 18 -0.28 22.82 -16.11
N VAL I 19 -1.32 22.17 -15.58
CA VAL I 19 -2.67 22.31 -16.11
C VAL I 19 -3.62 22.51 -14.93
N SER I 20 -4.58 23.43 -15.09
CA SER I 20 -5.57 23.70 -14.06
C SER I 20 -6.96 23.46 -14.63
N VAL I 21 -7.61 22.39 -14.19
CA VAL I 21 -9.02 22.15 -14.49
C VAL I 21 -9.84 22.81 -13.39
N THR I 22 -10.79 23.64 -13.79
CA THR I 22 -11.57 24.43 -12.85
C THR I 22 -13.05 24.07 -12.95
N CYS I 23 -13.76 24.24 -11.83
CA CYS I 23 -15.12 23.72 -11.67
C CYS I 23 -15.90 24.69 -10.79
N LYS I 24 -17.08 25.08 -11.24
CA LYS I 24 -17.91 26.05 -10.54
C LYS I 24 -19.25 25.43 -10.18
N ALA I 25 -19.69 25.64 -8.94
CA ALA I 25 -20.95 25.12 -8.45
C ALA I 25 -22.02 26.21 -8.49
N SER I 26 -23.26 25.79 -8.74
CA SER I 26 -24.36 26.74 -8.79
C SER I 26 -24.78 27.21 -7.40
N GLN I 27 -24.38 26.49 -6.35
CA GLN I 27 -24.64 26.87 -4.97
C GLN I 27 -23.36 26.64 -4.16
N ASN I 28 -23.36 27.15 -2.93
CA ASN I 28 -22.21 26.93 -2.06
C ASN I 28 -22.19 25.47 -1.60
N VAL I 29 -21.09 24.79 -1.88
CA VAL I 29 -20.91 23.40 -1.47
C VAL I 29 -19.80 23.27 -0.45
N GLY I 30 -19.42 24.37 0.21
CA GLY I 30 -18.42 24.31 1.26
C GLY I 30 -17.07 23.92 0.70
N THR I 31 -16.52 22.83 1.23
CA THR I 31 -15.35 22.17 0.64
C THR I 31 -15.66 20.71 0.31
N ASN I 32 -16.94 20.32 0.29
CA ASN I 32 -17.32 18.95 0.01
C ASN I 32 -17.35 18.70 -1.50
N VAL I 33 -16.16 18.79 -2.10
CA VAL I 33 -15.96 18.57 -3.53
C VAL I 33 -14.90 17.50 -3.72
N ALA I 34 -15.16 16.58 -4.64
CA ALA I 34 -14.22 15.52 -4.98
C ALA I 34 -13.78 15.66 -6.43
N TRP I 35 -12.60 15.12 -6.73
CA TRP I 35 -12.06 15.10 -8.08
C TRP I 35 -11.72 13.67 -8.47
N TYR I 36 -12.04 13.31 -9.71
CA TYR I 36 -11.83 11.96 -10.21
C TYR I 36 -11.05 11.99 -11.51
N GLN I 37 -10.32 10.91 -11.76
CA GLN I 37 -9.58 10.69 -12.99
C GLN I 37 -10.08 9.40 -13.62
N GLN I 38 -10.53 9.48 -14.88
CA GLN I 38 -10.94 8.28 -15.62
C GLN I 38 -10.09 8.16 -16.87
N LYS I 39 -9.25 7.13 -16.90
CA LYS I 39 -8.43 6.83 -18.05
C LYS I 39 -9.23 5.98 -19.05
N PRO I 40 -8.88 6.02 -20.33
CA PRO I 40 -9.66 5.27 -21.33
C PRO I 40 -9.66 3.78 -21.04
N GLY I 41 -10.85 3.20 -21.03
CA GLY I 41 -11.03 1.79 -20.73
C GLY I 41 -11.01 1.44 -19.26
N GLN I 42 -10.90 2.43 -18.38
CA GLN I 42 -10.79 2.19 -16.95
C GLN I 42 -11.98 2.76 -16.20
N SER I 43 -12.13 2.29 -14.96
CA SER I 43 -13.06 2.90 -14.04
C SER I 43 -12.49 4.22 -13.53
N PRO I 44 -13.34 5.12 -13.05
CA PRO I 44 -12.84 6.34 -12.42
C PRO I 44 -12.00 6.03 -11.20
N LYS I 45 -11.06 6.93 -10.92
CA LYS I 45 -10.13 6.81 -9.81
C LYS I 45 -10.17 8.12 -9.03
N ALA I 46 -10.51 8.04 -7.75
CA ALA I 46 -10.68 9.24 -6.94
C ALA I 46 -9.32 9.83 -6.59
N LEU I 47 -9.15 11.12 -6.84
CA LEU I 47 -7.89 11.81 -6.58
C LEU I 47 -7.96 12.70 -5.33
N ILE I 48 -9.03 13.48 -5.20
CA ILE I 48 -9.13 14.50 -4.16
C ILE I 48 -10.44 14.33 -3.42
N TYR I 49 -10.40 14.53 -2.10
CA TYR I 49 -11.61 14.71 -1.30
C TYR I 49 -11.45 15.97 -0.46
N SER I 50 -12.59 16.48 0.02
CA SER I 50 -12.63 17.72 0.78
C SER I 50 -11.88 18.85 0.06
N ALA I 51 -12.04 18.87 -1.26
CA ALA I 51 -11.53 19.95 -2.12
C ALA I 51 -10.02 19.96 -2.25
N SER I 52 -9.28 19.54 -1.22
CA SER I 52 -7.83 19.68 -1.26
C SER I 52 -7.05 18.51 -0.70
N TYR I 53 -7.70 17.41 -0.30
CA TYR I 53 -7.00 16.31 0.33
C TYR I 53 -6.86 15.14 -0.62
N ARG I 54 -5.65 14.60 -0.71
CA ARG I 54 -5.36 13.49 -1.61
C ARG I 54 -5.80 12.16 -1.02
N TYR I 55 -6.40 11.32 -1.85
CA TYR I 55 -6.65 9.94 -1.48
C TYR I 55 -5.35 9.14 -1.50
N SER I 56 -5.42 7.91 -1.01
CA SER I 56 -4.25 7.05 -1.01
C SER I 56 -3.76 6.78 -2.43
N GLY I 57 -2.45 6.79 -2.61
CA GLY I 57 -1.84 6.46 -3.88
C GLY I 57 -1.66 7.62 -4.83
N VAL I 58 -2.08 8.82 -4.47
CA VAL I 58 -2.09 9.97 -5.36
C VAL I 58 -0.83 10.79 -5.09
N PRO I 59 0.00 11.08 -6.10
CA PRO I 59 1.21 11.85 -5.86
C PRO I 59 0.92 13.34 -5.69
N ASP I 60 1.87 14.03 -5.06
CA ASP I 60 1.64 15.41 -4.64
C ASP I 60 1.53 16.39 -5.79
N ARG I 61 1.79 15.96 -7.03
CA ARG I 61 1.61 16.86 -8.16
C ARG I 61 0.15 17.01 -8.59
N PHE I 62 -0.77 16.32 -7.92
CA PHE I 62 -2.20 16.53 -8.09
C PHE I 62 -2.69 17.34 -6.88
N THR I 63 -2.87 18.64 -7.07
CA THR I 63 -3.27 19.54 -6.00
C THR I 63 -4.67 20.07 -6.28
N GLY I 64 -5.55 19.93 -5.29
CA GLY I 64 -6.88 20.49 -5.34
C GLY I 64 -6.98 21.72 -4.45
N SER I 65 -7.86 22.64 -4.84
CA SER I 65 -8.05 23.87 -4.09
C SER I 65 -9.43 24.43 -4.39
N GLY I 66 -9.85 25.38 -3.58
CA GLY I 66 -11.13 26.05 -3.74
C GLY I 66 -12.02 25.89 -2.53
N SER I 67 -13.10 26.67 -2.54
CA SER I 67 -14.11 26.62 -1.49
C SER I 67 -15.35 27.36 -1.99
N GLY I 68 -16.49 27.06 -1.37
CA GLY I 68 -17.73 27.73 -1.69
C GLY I 68 -18.32 27.31 -3.02
N THR I 69 -18.00 28.05 -4.09
CA THR I 69 -18.54 27.76 -5.40
C THR I 69 -17.49 27.54 -6.47
N ASP I 70 -16.20 27.72 -6.17
CA ASP I 70 -15.15 27.74 -7.18
C ASP I 70 -14.03 26.82 -6.76
N PHE I 71 -13.71 25.85 -7.60
CA PHE I 71 -12.78 24.78 -7.26
C PHE I 71 -11.86 24.49 -8.43
N THR I 72 -10.61 24.19 -8.12
CA THR I 72 -9.59 23.94 -9.12
C THR I 72 -8.83 22.66 -8.79
N LEU I 73 -8.68 21.81 -9.80
CA LEU I 73 -7.72 20.71 -9.76
C LEU I 73 -6.53 21.09 -10.63
N THR I 74 -5.36 21.19 -10.04
CA THR I 74 -4.14 21.53 -10.75
C THR I 74 -3.24 20.32 -10.85
N ILE I 75 -2.86 19.97 -12.07
CA ILE I 75 -1.90 18.90 -12.33
C ILE I 75 -0.57 19.56 -12.67
N SER I 76 0.45 19.29 -11.87
CA SER I 76 1.79 19.78 -12.12
C SER I 76 2.65 18.67 -12.68
N ASN I 77 3.64 19.05 -13.49
CA ASN I 77 4.62 18.11 -14.03
C ASN I 77 3.92 16.97 -14.76
N VAL I 78 3.05 17.35 -15.70
CA VAL I 78 2.16 16.40 -16.35
C VAL I 78 2.96 15.27 -16.96
N GLN I 79 2.56 14.04 -16.67
CA GLN I 79 3.15 12.87 -17.27
C GLN I 79 2.29 12.36 -18.41
N SER I 80 2.91 11.59 -19.30
CA SER I 80 2.18 11.05 -20.45
C SER I 80 0.94 10.28 -20.01
N GLU I 81 1.03 9.56 -18.89
CA GLU I 81 -0.05 8.71 -18.43
C GLU I 81 -1.18 9.49 -17.75
N ASP I 82 -1.05 10.80 -17.60
CA ASP I 82 -2.11 11.60 -16.98
C ASP I 82 -3.28 11.86 -17.92
N LEU I 83 -3.21 11.42 -19.18
CA LEU I 83 -4.29 11.67 -20.11
C LEU I 83 -5.53 10.90 -19.68
N ALA I 84 -6.62 11.61 -19.47
CA ALA I 84 -7.82 11.02 -18.89
C ALA I 84 -8.94 12.05 -18.93
N GLU I 85 -10.14 11.57 -18.65
CA GLU I 85 -11.26 12.45 -18.35
C GLU I 85 -11.25 12.78 -16.87
N TYR I 86 -11.33 14.06 -16.54
CA TYR I 86 -11.28 14.51 -15.16
C TYR I 86 -12.62 15.12 -14.78
N PHE I 87 -13.23 14.60 -13.71
CA PHE I 87 -14.53 15.04 -13.23
C PHE I 87 -14.38 15.69 -11.86
N CYS I 88 -15.09 16.80 -11.67
CA CYS I 88 -15.34 17.30 -10.32
C CYS I 88 -16.70 16.80 -9.86
N GLN I 89 -16.90 16.82 -8.55
CA GLN I 89 -18.16 16.35 -7.98
C GLN I 89 -18.38 17.05 -6.65
N GLN I 90 -19.62 17.47 -6.41
CA GLN I 90 -20.02 17.95 -5.10
C GLN I 90 -20.74 16.84 -4.35
N TYR I 91 -20.49 16.74 -3.06
CA TYR I 91 -21.23 15.82 -2.19
C TYR I 91 -21.73 16.55 -0.95
N ASN I 92 -22.01 17.85 -1.09
CA ASN I 92 -22.53 18.63 0.02
C ASN I 92 -24.05 18.54 0.13
N SER I 93 -24.73 18.27 -0.98
CA SER I 93 -26.19 18.26 -1.01
C SER I 93 -26.69 17.17 -1.93
N TYR I 94 -27.91 16.71 -1.67
CA TYR I 94 -28.48 15.63 -2.45
C TYR I 94 -29.40 16.16 -3.53
N PRO I 95 -29.36 15.57 -4.73
CA PRO I 95 -28.51 14.45 -5.15
C PRO I 95 -27.05 14.86 -5.33
N LEU I 96 -26.11 13.97 -5.06
CA LEU I 96 -24.71 14.22 -5.38
C LEU I 96 -24.55 14.35 -6.89
N THR I 97 -23.79 15.33 -7.34
CA THR I 97 -23.72 15.64 -8.76
C THR I 97 -22.28 15.81 -9.23
N PHE I 98 -22.02 15.33 -10.45
CA PHE I 98 -20.74 15.40 -11.12
C PHE I 98 -20.76 16.50 -12.17
N GLY I 99 -19.58 17.05 -12.46
CA GLY I 99 -19.42 17.89 -13.63
C GLY I 99 -19.38 17.05 -14.90
N ALA I 100 -19.43 17.76 -16.04
CA ALA I 100 -19.49 17.07 -17.33
C ALA I 100 -18.15 16.47 -17.74
N GLY I 101 -17.08 16.75 -17.01
CA GLY I 101 -15.79 16.15 -17.33
C GLY I 101 -14.95 17.03 -18.22
N THR I 102 -13.64 16.98 -18.00
CA THR I 102 -12.66 17.69 -18.81
C THR I 102 -11.62 16.69 -19.32
N LYS I 103 -11.56 16.54 -20.63
CA LYS I 103 -10.65 15.58 -21.26
C LYS I 103 -9.27 16.21 -21.42
N LEU I 104 -8.25 15.54 -20.92
CA LEU I 104 -6.88 16.03 -20.97
C LEU I 104 -6.14 15.35 -22.11
N GLU I 105 -5.47 16.16 -22.94
CA GLU I 105 -4.77 15.68 -24.13
C GLU I 105 -3.31 16.10 -24.05
N LEU I 106 -2.42 15.25 -24.56
CA LEU I 106 -0.99 15.50 -24.55
C LEU I 106 -0.50 15.86 -25.94
N LYS I 107 0.23 16.98 -26.04
CA LYS I 107 0.92 17.34 -27.26
C LYS I 107 2.30 16.71 -27.28
N ARG I 108 2.74 16.31 -28.46
CA ARG I 108 4.04 15.68 -28.62
C ARG I 108 4.56 15.96 -30.02
N THR I 109 5.78 15.51 -30.28
CA THR I 109 6.35 15.67 -31.62
C THR I 109 5.54 14.87 -32.63
N VAL I 110 5.61 15.32 -33.89
CA VAL I 110 4.93 14.60 -34.96
C VAL I 110 5.55 13.22 -35.11
N ALA I 111 4.70 12.22 -35.33
CA ALA I 111 5.17 10.85 -35.55
C ALA I 111 4.36 10.25 -36.68
N ALA I 112 5.04 9.85 -37.76
CA ALA I 112 4.35 9.26 -38.89
C ALA I 112 3.85 7.87 -38.55
N PRO I 113 2.73 7.46 -39.15
CA PRO I 113 2.19 6.11 -38.87
C PRO I 113 2.95 5.03 -39.62
N SER I 114 3.20 3.93 -38.92
CA SER I 114 3.59 2.69 -39.57
C SER I 114 2.34 2.04 -40.14
N VAL I 115 2.34 1.76 -41.44
CA VAL I 115 1.15 1.29 -42.14
C VAL I 115 1.31 -0.19 -42.46
N PHE I 116 0.27 -0.97 -42.16
CA PHE I 116 0.23 -2.39 -42.43
C PHE I 116 -1.11 -2.71 -43.07
N ILE I 117 -1.12 -3.72 -43.94
CA ILE I 117 -2.34 -4.15 -44.61
C ILE I 117 -2.49 -5.65 -44.45
N PHE I 118 -3.70 -6.08 -44.10
CA PHE I 118 -3.99 -7.50 -43.84
C PHE I 118 -4.99 -8.00 -44.86
N PRO I 119 -4.68 -9.04 -45.62
CA PRO I 119 -5.67 -9.64 -46.52
C PRO I 119 -6.70 -10.42 -45.72
N PRO I 120 -7.91 -10.60 -46.27
CA PRO I 120 -8.91 -11.40 -45.56
C PRO I 120 -8.46 -12.84 -45.42
N SER I 121 -8.67 -13.39 -44.22
CA SER I 121 -8.28 -14.76 -43.96
C SER I 121 -9.17 -15.72 -44.73
N ASP I 122 -8.57 -16.85 -45.13
CA ASP I 122 -9.33 -17.89 -45.81
C ASP I 122 -10.42 -18.46 -44.93
N GLU I 123 -10.28 -18.36 -43.61
CA GLU I 123 -11.37 -18.74 -42.72
C GLU I 123 -12.58 -17.84 -42.95
N GLN I 124 -12.37 -16.53 -43.08
CA GLN I 124 -13.47 -15.63 -43.35
C GLN I 124 -14.00 -15.81 -44.78
N LEU I 125 -13.11 -16.02 -45.74
CA LEU I 125 -13.54 -16.21 -47.11
C LEU I 125 -14.48 -17.39 -47.24
N LYS I 126 -14.23 -18.47 -46.49
CA LYS I 126 -15.11 -19.62 -46.56
C LYS I 126 -16.53 -19.28 -46.08
N SER I 127 -16.70 -18.16 -45.38
CA SER I 127 -18.01 -17.73 -44.90
C SER I 127 -18.75 -16.83 -45.86
N GLY I 128 -18.11 -16.36 -46.93
CA GLY I 128 -18.75 -15.51 -47.91
C GLY I 128 -18.51 -14.03 -47.73
N THR I 129 -17.76 -13.63 -46.72
CA THR I 129 -17.44 -12.22 -46.48
C THR I 129 -15.93 -12.04 -46.49
N ALA I 130 -15.48 -10.89 -47.00
CA ALA I 130 -14.07 -10.54 -47.02
C ALA I 130 -13.88 -9.20 -46.31
N SER I 131 -13.09 -9.19 -45.25
CA SER I 131 -12.75 -7.97 -44.53
C SER I 131 -11.25 -7.72 -44.68
N VAL I 132 -10.91 -6.61 -45.32
CA VAL I 132 -9.53 -6.19 -45.52
C VAL I 132 -9.22 -5.08 -44.53
N VAL I 133 -8.13 -5.23 -43.79
CA VAL I 133 -7.81 -4.35 -42.68
C VAL I 133 -6.53 -3.59 -42.99
N CYS I 134 -6.59 -2.27 -42.85
CA CYS I 134 -5.43 -1.39 -42.97
C CYS I 134 -5.18 -0.75 -41.61
N LEU I 135 -3.96 -0.92 -41.10
CA LEU I 135 -3.61 -0.48 -39.75
C LEU I 135 -2.61 0.66 -39.82
N LEU I 136 -2.91 1.74 -39.09
CA LEU I 136 -1.99 2.86 -38.90
C LEU I 136 -1.55 2.86 -37.45
N ASN I 137 -0.26 2.66 -37.22
CA ASN I 137 0.24 2.34 -35.88
C ASN I 137 1.06 3.50 -35.31
N ASN I 138 0.69 3.92 -34.10
CA ASN I 138 1.46 4.85 -33.26
C ASN I 138 1.86 6.10 -34.04
N PHE I 139 0.86 6.95 -34.27
CA PHE I 139 1.07 8.17 -35.02
C PHE I 139 0.50 9.37 -34.27
N TYR I 140 1.00 10.56 -34.64
CA TYR I 140 0.57 11.82 -34.08
C TYR I 140 0.94 12.93 -35.06
N PRO I 141 0.06 13.91 -35.28
CA PRO I 141 -1.24 14.13 -34.64
C PRO I 141 -2.35 13.19 -35.14
N ARG I 142 -3.55 13.41 -34.63
CA ARG I 142 -4.64 12.45 -34.81
C ARG I 142 -5.16 12.42 -36.24
N GLU I 143 -5.06 13.54 -36.95
CA GLU I 143 -5.75 13.70 -38.23
C GLU I 143 -5.02 12.94 -39.33
N ALA I 144 -5.73 11.98 -39.93
CA ALA I 144 -5.15 11.16 -40.99
C ALA I 144 -6.23 10.76 -41.98
N LYS I 145 -5.83 10.63 -43.23
CA LYS I 145 -6.70 10.14 -44.29
C LYS I 145 -6.21 8.76 -44.73
N VAL I 146 -7.16 7.83 -44.86
CA VAL I 146 -6.90 6.53 -45.47
C VAL I 146 -7.95 6.32 -46.55
N GLN I 147 -7.51 5.83 -47.70
CA GLN I 147 -8.42 5.58 -48.81
C GLN I 147 -8.12 4.21 -49.41
N TRP I 148 -9.17 3.44 -49.63
CA TRP I 148 -9.05 2.11 -50.21
C TRP I 148 -9.12 2.19 -51.72
N LYS I 149 -8.19 1.50 -52.38
CA LYS I 149 -8.19 1.37 -53.83
C LYS I 149 -8.28 -0.11 -54.18
N VAL I 150 -9.33 -0.48 -54.92
CA VAL I 150 -9.48 -1.84 -55.43
C VAL I 150 -9.28 -1.78 -56.94
N ASP I 151 -8.19 -2.37 -57.42
CA ASP I 151 -7.75 -2.23 -58.80
C ASP I 151 -7.80 -0.77 -59.24
N ASN I 152 -7.27 0.10 -58.38
CA ASN I 152 -7.10 1.53 -58.57
C ASN I 152 -8.40 2.32 -58.57
N ALA I 153 -9.53 1.69 -58.29
CA ALA I 153 -10.79 2.42 -58.15
C ALA I 153 -10.95 2.85 -56.69
N LEU I 154 -11.11 4.15 -56.47
CA LEU I 154 -11.31 4.67 -55.12
C LEU I 154 -12.62 4.15 -54.53
N GLN I 155 -12.56 3.73 -53.27
CA GLN I 155 -13.69 3.11 -52.61
C GLN I 155 -14.40 4.08 -51.68
N SER I 156 -15.72 3.89 -51.55
CA SER I 156 -16.53 4.73 -50.69
C SER I 156 -17.71 3.93 -50.17
N GLY I 157 -18.11 4.25 -48.94
CA GLY I 157 -19.27 3.63 -48.33
C GLY I 157 -19.08 2.23 -47.82
N ASN I 158 -17.98 1.56 -48.14
CA ASN I 158 -17.77 0.16 -47.78
C ASN I 158 -16.62 -0.03 -46.79
N SER I 159 -16.27 1.00 -46.03
CA SER I 159 -15.18 0.88 -45.06
C SER I 159 -15.53 1.66 -43.80
N GLN I 160 -14.98 1.18 -42.68
CA GLN I 160 -15.22 1.76 -41.36
C GLN I 160 -13.89 1.98 -40.64
N GLU I 161 -13.80 3.08 -39.90
CA GLU I 161 -12.60 3.44 -39.16
C GLU I 161 -12.83 3.32 -37.66
N SER I 162 -11.76 2.97 -36.94
CA SER I 162 -11.73 3.02 -35.49
C SER I 162 -10.37 3.57 -35.07
N VAL I 163 -10.40 4.53 -34.14
CA VAL I 163 -9.19 5.20 -33.68
C VAL I 163 -9.05 4.94 -32.18
N THR I 164 -7.85 4.58 -31.75
CA THR I 164 -7.62 4.39 -30.33
C THR I 164 -7.64 5.74 -29.61
N GLU I 165 -7.86 5.69 -28.30
CA GLU I 165 -7.53 6.83 -27.46
C GLU I 165 -6.02 6.99 -27.39
N GLN I 166 -5.59 8.19 -27.03
CA GLN I 166 -4.17 8.50 -27.00
C GLN I 166 -3.44 7.58 -26.01
N ASP I 167 -2.25 7.15 -26.41
CA ASP I 167 -1.50 6.16 -25.64
C ASP I 167 -0.89 6.79 -24.40
N SER I 168 -0.96 6.07 -23.28
CA SER I 168 -0.53 6.62 -22.00
C SER I 168 0.99 6.68 -21.86
N LYS I 169 1.75 6.03 -22.74
CA LYS I 169 3.21 6.06 -22.64
C LYS I 169 3.84 7.01 -23.66
N ASP I 170 3.40 6.96 -24.93
CA ASP I 170 4.01 7.78 -25.98
C ASP I 170 3.04 8.72 -26.67
N SER I 171 1.81 8.84 -26.18
CA SER I 171 0.87 9.88 -26.61
C SER I 171 0.54 9.81 -28.10
N THR I 172 0.66 8.65 -28.70
CA THR I 172 0.30 8.48 -30.10
C THR I 172 -1.09 7.86 -30.22
N TYR I 173 -1.63 7.95 -31.43
CA TYR I 173 -2.88 7.30 -31.80
C TYR I 173 -2.59 6.14 -32.73
N SER I 174 -3.56 5.22 -32.81
CA SER I 174 -3.55 4.17 -33.81
C SER I 174 -4.95 4.07 -34.41
N LEU I 175 -4.99 3.77 -35.71
CA LEU I 175 -6.23 3.74 -36.45
C LEU I 175 -6.33 2.45 -37.25
N SER I 176 -7.50 1.82 -37.21
CA SER I 176 -7.82 0.71 -38.09
C SER I 176 -8.89 1.13 -39.07
N SER I 177 -8.70 0.78 -40.33
CA SER I 177 -9.71 0.98 -41.38
C SER I 177 -10.00 -0.38 -41.98
N THR I 178 -11.26 -0.82 -41.89
CA THR I 178 -11.67 -2.13 -42.37
C THR I 178 -12.59 -1.97 -43.56
N LEU I 179 -12.17 -2.51 -44.71
CA LEU I 179 -12.98 -2.56 -45.91
C LEU I 179 -13.62 -3.94 -45.99
N THR I 180 -14.95 -3.98 -45.99
CA THR I 180 -15.69 -5.23 -46.00
C THR I 180 -16.39 -5.40 -47.34
N LEU I 181 -16.18 -6.54 -47.98
CA LEU I 181 -16.76 -6.87 -49.26
C LEU I 181 -17.37 -8.26 -49.17
N SER I 182 -18.17 -8.61 -50.17
CA SER I 182 -18.57 -10.00 -50.31
C SER I 182 -17.42 -10.82 -50.87
N LYS I 183 -17.45 -12.12 -50.60
CA LYS I 183 -16.45 -13.02 -51.17
C LYS I 183 -16.41 -12.90 -52.69
N ALA I 184 -17.58 -12.80 -53.31
CA ALA I 184 -17.65 -12.70 -54.77
C ALA I 184 -16.98 -11.42 -55.27
N ASP I 185 -17.23 -10.29 -54.60
CA ASP I 185 -16.60 -9.04 -55.01
C ASP I 185 -15.09 -9.08 -54.77
N TYR I 186 -14.66 -9.66 -53.64
CA TYR I 186 -13.24 -9.73 -53.35
C TYR I 186 -12.49 -10.55 -54.38
N GLU I 187 -13.09 -11.66 -54.83
CA GLU I 187 -12.45 -12.50 -55.84
C GLU I 187 -12.71 -12.02 -57.25
N LYS I 188 -13.58 -11.01 -57.42
CA LYS I 188 -13.76 -10.38 -58.73
C LYS I 188 -12.63 -9.46 -59.09
N HIS I 189 -11.82 -9.01 -58.12
CA HIS I 189 -10.79 -8.01 -58.34
C HIS I 189 -9.44 -8.53 -57.81
N LYS I 190 -8.38 -7.79 -58.12
CA LYS I 190 -7.03 -8.33 -57.96
C LYS I 190 -6.15 -7.54 -57.01
N VAL I 191 -6.05 -6.21 -57.15
CA VAL I 191 -5.13 -5.41 -56.37
C VAL I 191 -5.88 -4.69 -55.26
N TYR I 192 -5.37 -4.78 -54.03
CA TYR I 192 -5.98 -4.19 -52.86
C TYR I 192 -4.96 -3.32 -52.15
N ALA I 193 -5.31 -2.05 -51.95
CA ALA I 193 -4.38 -1.05 -51.44
C ALA I 193 -5.10 -0.08 -50.53
N CYS I 194 -4.39 0.39 -49.51
CA CYS I 194 -4.83 1.52 -48.71
C CYS I 194 -3.76 2.59 -48.77
N GLU I 195 -4.18 3.83 -49.02
CA GLU I 195 -3.28 4.97 -49.20
C GLU I 195 -3.48 5.92 -48.02
N VAL I 196 -2.38 6.27 -47.36
CA VAL I 196 -2.42 6.99 -46.09
C VAL I 196 -1.74 8.34 -46.26
N THR I 197 -2.47 9.41 -45.96
CA THR I 197 -1.90 10.74 -45.89
C THR I 197 -1.90 11.20 -44.43
N HIS I 198 -0.76 11.71 -43.99
CA HIS I 198 -0.58 12.15 -42.61
C HIS I 198 0.53 13.19 -42.57
N GLN I 199 0.45 14.07 -41.57
CA GLN I 199 1.40 15.17 -41.46
C GLN I 199 2.84 14.69 -41.38
N GLY I 200 3.07 13.55 -40.73
CA GLY I 200 4.41 12.99 -40.64
C GLY I 200 4.90 12.30 -41.89
N LEU I 201 4.03 12.11 -42.88
CA LEU I 201 4.40 11.47 -44.14
C LEU I 201 4.53 12.54 -45.21
N SER I 202 5.78 12.80 -45.65
CA SER I 202 6.02 13.81 -46.66
C SER I 202 5.26 13.51 -47.95
N SER I 203 5.00 12.24 -48.22
CA SER I 203 4.16 11.81 -49.34
C SER I 203 3.30 10.66 -48.87
N PRO I 204 2.09 10.53 -49.42
CA PRO I 204 1.19 9.46 -48.96
C PRO I 204 1.82 8.08 -49.14
N VAL I 205 1.74 7.28 -48.08
CA VAL I 205 2.26 5.92 -48.09
C VAL I 205 1.15 4.96 -48.49
N THR I 206 1.41 4.13 -49.49
CA THR I 206 0.48 3.10 -49.94
C THR I 206 1.04 1.73 -49.56
N LYS I 207 0.17 0.89 -49.00
CA LYS I 207 0.48 -0.51 -48.76
C LYS I 207 -0.57 -1.35 -49.47
N SER I 208 -0.15 -2.46 -50.08
CA SER I 208 -1.03 -3.16 -51.01
C SER I 208 -0.66 -4.63 -51.08
N PHE I 209 -1.56 -5.41 -51.65
CA PHE I 209 -1.29 -6.81 -51.97
C PHE I 209 -2.10 -7.20 -53.20
N ASN I 210 -1.69 -8.29 -53.85
CA ASN I 210 -2.45 -8.90 -54.92
C ASN I 210 -3.11 -10.15 -54.38
N ARG I 211 -4.41 -10.29 -54.60
CA ARG I 211 -5.13 -11.46 -54.13
C ARG I 211 -4.51 -12.73 -54.69
N GLY I 212 -4.04 -13.59 -53.80
CA GLY I 212 -3.41 -14.83 -54.19
C GLY I 212 -1.89 -14.82 -54.20
N GLU I 213 -1.26 -13.67 -53.95
CA GLU I 213 0.20 -13.60 -53.96
C GLU I 213 0.79 -14.31 -52.76
N VAL J 2 -8.34 -3.25 0.21
CA VAL J 2 -9.70 -3.55 -0.24
C VAL J 2 -9.72 -3.69 -1.76
N ARG J 3 -10.56 -4.61 -2.25
CA ARG J 3 -10.74 -4.86 -3.68
C ARG J 3 -12.21 -5.08 -3.94
N LEU J 4 -12.75 -4.41 -4.96
CA LEU J 4 -14.14 -4.56 -5.37
C LEU J 4 -14.20 -5.29 -6.70
N GLN J 5 -15.06 -6.30 -6.78
CA GLN J 5 -15.24 -7.08 -8.00
C GLN J 5 -16.71 -7.17 -8.33
N GLN J 6 -17.07 -6.74 -9.54
CA GLN J 6 -18.45 -6.70 -9.98
C GLN J 6 -18.78 -7.88 -10.87
N SER J 7 -20.08 -8.14 -11.02
CA SER J 7 -20.53 -9.19 -11.90
C SER J 7 -20.25 -8.84 -13.35
N GLY J 8 -20.42 -9.82 -14.22
CA GLY J 8 -20.12 -9.65 -15.63
C GLY J 8 -21.16 -8.82 -16.35
N PRO J 9 -20.93 -8.56 -17.62
CA PRO J 9 -21.90 -7.79 -18.40
C PRO J 9 -23.18 -8.57 -18.63
N GLU J 10 -24.27 -7.84 -18.84
CA GLU J 10 -25.59 -8.44 -18.96
C GLU J 10 -26.34 -7.83 -20.14
N LEU J 11 -27.07 -8.70 -20.84
CA LEU J 11 -27.99 -8.32 -21.89
C LEU J 11 -29.41 -8.61 -21.41
N VAL J 12 -30.21 -7.56 -21.28
CA VAL J 12 -31.58 -7.71 -20.81
C VAL J 12 -32.53 -7.10 -21.86
N LYS J 13 -33.73 -7.65 -21.92
CA LYS J 13 -34.76 -7.15 -22.80
C LYS J 13 -35.46 -5.95 -22.17
N PRO J 14 -36.03 -5.06 -23.00
CA PRO J 14 -36.83 -3.96 -22.45
C PRO J 14 -37.94 -4.49 -21.55
N GLY J 15 -38.17 -3.77 -20.45
CA GLY J 15 -39.16 -4.17 -19.47
C GLY J 15 -38.69 -5.21 -18.46
N ALA J 16 -37.51 -5.79 -18.65
CA ALA J 16 -37.05 -6.84 -17.76
C ALA J 16 -36.43 -6.23 -16.50
N SER J 17 -35.69 -7.05 -15.75
CA SER J 17 -34.93 -6.61 -14.60
C SER J 17 -33.54 -7.23 -14.66
N VAL J 18 -32.57 -6.55 -14.04
CA VAL J 18 -31.22 -7.07 -13.93
C VAL J 18 -30.70 -6.75 -12.53
N ARG J 19 -29.90 -7.67 -12.00
CA ARG J 19 -29.27 -7.50 -10.69
C ARG J 19 -27.76 -7.60 -10.86
N ILE J 20 -27.05 -6.57 -10.45
CA ILE J 20 -25.59 -6.50 -10.54
C ILE J 20 -25.01 -6.73 -9.15
N SER J 21 -23.93 -7.50 -9.07
CA SER J 21 -23.26 -7.74 -7.81
C SER J 21 -21.96 -6.97 -7.73
N CYS J 22 -21.52 -6.71 -6.50
CA CYS J 22 -20.25 -6.05 -6.24
C CYS J 22 -19.73 -6.59 -4.92
N LYS J 23 -18.82 -7.57 -4.98
CA LYS J 23 -18.23 -8.14 -3.78
C LYS J 23 -17.05 -7.29 -3.33
N ALA J 24 -17.13 -6.79 -2.10
CA ALA J 24 -15.99 -6.17 -1.45
C ALA J 24 -15.19 -7.24 -0.72
N SER J 25 -13.86 -7.12 -0.80
CA SER J 25 -12.98 -8.01 -0.08
C SER J 25 -11.88 -7.18 0.58
N GLY J 26 -11.19 -7.80 1.52
CA GLY J 26 -10.20 -7.09 2.31
C GLY J 26 -10.77 -6.32 3.48
N HIS J 27 -12.01 -6.57 3.86
CA HIS J 27 -12.64 -5.91 5.00
C HIS J 27 -12.81 -6.91 6.13
N THR J 28 -12.42 -6.50 7.34
CA THR J 28 -12.70 -7.26 8.55
C THR J 28 -13.94 -6.76 9.26
N PHE J 29 -14.27 -5.49 9.11
CA PHE J 29 -15.45 -4.88 9.70
C PHE J 29 -16.45 -4.50 8.61
N THR J 30 -17.68 -4.20 9.06
CA THR J 30 -18.77 -3.88 8.14
C THR J 30 -19.03 -2.39 8.02
N SER J 31 -18.27 -1.55 8.72
CA SER J 31 -18.56 -0.12 8.76
C SER J 31 -17.95 0.57 7.54
N TYR J 32 -18.50 0.24 6.37
CA TYR J 32 -18.13 0.90 5.13
C TYR J 32 -19.36 1.04 4.24
N TYR J 33 -19.22 1.82 3.18
CA TYR J 33 -20.31 2.14 2.28
C TYR J 33 -20.01 1.59 0.89
N ILE J 34 -21.07 1.34 0.13
CA ILE J 34 -20.99 1.07 -1.29
C ILE J 34 -21.83 2.09 -2.02
N TYR J 35 -21.18 2.90 -2.86
CA TYR J 35 -21.84 3.86 -3.73
C TYR J 35 -21.96 3.23 -5.12
N TRP J 36 -23.06 3.51 -5.81
CA TRP J 36 -23.26 3.06 -7.18
C TRP J 36 -23.34 4.26 -8.11
N VAL J 37 -22.65 4.17 -9.24
CA VAL J 37 -22.54 5.27 -10.20
C VAL J 37 -22.89 4.74 -11.59
N LYS J 38 -23.53 5.59 -12.39
CA LYS J 38 -23.95 5.24 -13.74
C LYS J 38 -23.18 6.07 -14.76
N GLN J 39 -22.74 5.40 -15.83
CA GLN J 39 -22.04 6.07 -16.93
C GLN J 39 -22.56 5.50 -18.25
N ARG J 40 -23.34 6.29 -18.96
CA ARG J 40 -23.70 5.89 -20.31
C ARG J 40 -22.50 6.08 -21.25
N PRO J 41 -22.32 5.18 -22.22
CA PRO J 41 -21.07 5.19 -23.01
C PRO J 41 -20.80 6.54 -23.65
N GLY J 42 -19.55 6.99 -23.53
CA GLY J 42 -19.13 8.29 -23.99
C GLY J 42 -19.57 9.45 -23.12
N GLN J 43 -20.31 9.22 -22.05
CA GLN J 43 -20.87 10.32 -21.28
C GLN J 43 -20.22 10.40 -19.90
N GLY J 44 -20.85 11.18 -19.03
CA GLY J 44 -20.34 11.48 -17.71
C GLY J 44 -20.91 10.58 -16.63
N LEU J 45 -20.71 11.00 -15.38
CA LEU J 45 -20.99 10.17 -14.23
C LEU J 45 -22.23 10.67 -13.50
N GLU J 46 -23.01 9.72 -12.96
CA GLU J 46 -24.28 10.02 -12.31
C GLU J 46 -24.44 9.09 -11.11
N TRP J 47 -24.74 9.66 -9.95
CA TRP J 47 -24.81 8.90 -8.71
C TRP J 47 -26.21 8.35 -8.49
N ILE J 48 -26.29 7.06 -8.21
CA ILE J 48 -27.58 6.40 -8.00
C ILE J 48 -27.97 6.36 -6.53
N GLY J 49 -27.04 6.01 -5.66
CA GLY J 49 -27.33 5.88 -4.25
C GLY J 49 -26.15 5.26 -3.53
N TRP J 50 -26.24 5.25 -2.19
CA TRP J 50 -25.29 4.53 -1.37
C TRP J 50 -26.02 3.69 -0.34
N ILE J 51 -25.33 2.65 0.12
CA ILE J 51 -25.80 1.78 1.18
C ILE J 51 -24.66 1.56 2.16
N TYR J 52 -24.98 1.52 3.44
CA TYR J 52 -23.99 1.35 4.51
C TYR J 52 -24.07 -0.08 5.02
N PHE J 53 -22.92 -0.74 5.10
CA PHE J 53 -22.93 -2.18 5.37
C PHE J 53 -23.10 -2.51 6.85
N GLY J 54 -22.89 -1.55 7.74
CA GLY J 54 -23.09 -1.78 9.15
C GLY J 54 -24.50 -2.24 9.50
N ASN J 55 -25.50 -1.42 9.17
CA ASN J 55 -26.90 -1.71 9.46
C ASN J 55 -27.78 -1.53 8.23
N ILE J 56 -27.20 -1.75 7.04
CA ILE J 56 -27.86 -1.72 5.73
C ILE J 56 -28.82 -0.54 5.54
N ASN J 57 -28.53 0.60 6.17
CA ASN J 57 -29.25 1.83 5.88
C ASN J 57 -28.65 2.52 4.67
N LEU J 58 -29.49 3.27 3.95
CA LEU J 58 -29.14 3.66 2.59
C LEU J 58 -29.77 5.01 2.24
N LYS J 59 -29.43 5.49 1.03
CA LYS J 59 -29.88 6.79 0.54
C LYS J 59 -29.85 6.77 -0.98
N TYR J 60 -31.00 7.01 -1.62
CA TYR J 60 -31.09 7.00 -3.07
C TYR J 60 -31.01 8.41 -3.65
N ASN J 61 -30.58 8.47 -4.92
CA ASN J 61 -30.88 9.61 -5.76
C ASN J 61 -32.37 9.58 -6.10
N GLU J 62 -33.01 10.75 -6.02
CA GLU J 62 -34.47 10.79 -6.11
C GLU J 62 -34.98 10.23 -7.44
N LYS J 63 -34.33 10.58 -8.54
CA LYS J 63 -34.78 10.13 -9.85
C LYS J 63 -34.49 8.66 -10.12
N PHE J 64 -33.83 7.96 -9.20
CA PHE J 64 -33.61 6.53 -9.33
C PHE J 64 -34.48 5.72 -8.37
N LYS J 65 -35.33 6.37 -7.60
CA LYS J 65 -36.36 5.66 -6.83
C LYS J 65 -37.23 4.85 -7.79
N GLY J 66 -37.51 3.61 -7.41
CA GLY J 66 -38.34 2.75 -8.23
C GLY J 66 -37.55 2.07 -9.33
N LYS J 67 -36.57 2.78 -9.90
CA LYS J 67 -35.70 2.19 -10.89
C LYS J 67 -34.68 1.26 -10.25
N ALA J 68 -34.06 1.70 -9.15
CA ALA J 68 -32.95 1.00 -8.54
C ALA J 68 -33.30 0.56 -7.12
N THR J 69 -32.90 -0.66 -6.78
CA THR J 69 -33.02 -1.21 -5.43
C THR J 69 -31.65 -1.68 -4.98
N LEU J 70 -31.17 -1.14 -3.85
CA LEU J 70 -29.88 -1.48 -3.30
C LEU J 70 -30.02 -2.47 -2.15
N THR J 71 -29.11 -3.43 -2.09
CA THR J 71 -29.02 -4.35 -0.96
C THR J 71 -27.56 -4.62 -0.64
N ALA J 72 -27.32 -5.05 0.59
CA ALA J 72 -25.99 -5.33 1.09
C ALA J 72 -26.04 -6.63 1.88
N ASP J 73 -25.41 -7.68 1.37
CA ASP J 73 -25.30 -8.95 2.07
C ASP J 73 -24.03 -8.91 2.92
N LYS J 74 -24.22 -8.81 4.24
CA LYS J 74 -23.06 -8.77 5.14
C LYS J 74 -22.32 -10.09 5.16
N SER J 75 -23.03 -11.21 4.99
CA SER J 75 -22.40 -12.53 5.15
C SER J 75 -21.39 -12.82 4.06
N SER J 76 -21.69 -12.45 2.82
CA SER J 76 -20.75 -12.58 1.72
C SER J 76 -20.05 -11.27 1.39
N SER J 77 -20.30 -10.23 2.18
CA SER J 77 -19.76 -8.89 1.97
C SER J 77 -19.89 -8.48 0.50
N THR J 78 -21.12 -8.60 -0.01
CA THR J 78 -21.42 -8.32 -1.40
C THR J 78 -22.59 -7.35 -1.48
N ALA J 79 -22.47 -6.33 -2.32
CA ALA J 79 -23.55 -5.40 -2.58
C ALA J 79 -24.22 -5.74 -3.90
N TYR J 80 -25.53 -5.48 -3.96
CA TYR J 80 -26.33 -5.71 -5.15
C TYR J 80 -27.14 -4.47 -5.48
N ILE J 81 -27.19 -4.13 -6.75
CA ILE J 81 -28.14 -3.15 -7.26
C ILE J 81 -29.05 -3.85 -8.25
N GLN J 82 -30.35 -3.78 -8.03
CA GLN J 82 -31.35 -4.32 -8.92
C GLN J 82 -31.99 -3.19 -9.71
N LEU J 83 -31.97 -3.31 -11.03
CA LEU J 83 -32.52 -2.30 -11.92
C LEU J 83 -33.76 -2.88 -12.58
N SER J 84 -34.88 -2.17 -12.49
CA SER J 84 -36.19 -2.73 -12.84
C SER J 84 -36.84 -1.98 -14.01
N SER J 85 -37.67 -2.73 -14.74
CA SER J 85 -38.34 -2.29 -15.98
C SER J 85 -37.37 -1.50 -16.86
N LEU J 86 -36.44 -2.21 -17.50
CA LEU J 86 -35.37 -1.54 -18.23
C LEU J 86 -35.89 -0.84 -19.48
N THR J 87 -35.29 0.31 -19.77
CA THR J 87 -35.51 1.06 -20.99
C THR J 87 -34.15 1.39 -21.59
N SER J 88 -34.17 1.93 -22.81
CA SER J 88 -32.91 2.13 -23.54
C SER J 88 -31.97 3.07 -22.81
N GLU J 89 -32.51 4.06 -22.10
CA GLU J 89 -31.64 4.97 -21.36
C GLU J 89 -30.99 4.31 -20.14
N ASP J 90 -31.36 3.07 -19.81
CA ASP J 90 -30.68 2.32 -18.77
C ASP J 90 -29.42 1.63 -19.26
N SER J 91 -29.21 1.55 -20.58
CA SER J 91 -27.98 1.00 -21.12
C SER J 91 -26.80 1.85 -20.68
N ALA J 92 -25.93 1.28 -19.87
CA ALA J 92 -24.83 2.04 -19.29
C ALA J 92 -23.86 1.10 -18.61
N VAL J 93 -22.69 1.65 -18.26
CA VAL J 93 -21.77 1.01 -17.35
C VAL J 93 -22.14 1.44 -15.94
N TYR J 94 -22.26 0.48 -15.04
CA TYR J 94 -22.60 0.75 -13.65
C TYR J 94 -21.40 0.38 -12.78
N PHE J 95 -20.88 1.37 -12.05
CA PHE J 95 -19.75 1.20 -11.17
C PHE J 95 -20.22 1.15 -9.72
N CYS J 96 -19.60 0.28 -8.92
CA CYS J 96 -19.66 0.40 -7.48
C CYS J 96 -18.36 1.03 -6.99
N ALA J 97 -18.46 1.76 -5.88
CA ALA J 97 -17.33 2.49 -5.34
C ALA J 97 -17.39 2.49 -3.82
N SER J 98 -16.22 2.52 -3.19
CA SER J 98 -16.14 2.43 -1.75
C SER J 98 -14.86 3.10 -1.26
N GLU J 99 -14.93 3.58 -0.01
CA GLU J 99 -13.79 4.18 0.67
C GLU J 99 -13.43 3.34 1.89
N ASP J 100 -12.14 3.23 2.16
CA ASP J 100 -11.66 2.53 3.35
C ASP J 100 -10.44 3.28 3.87
N GLY J 101 -10.55 3.82 5.09
CA GLY J 101 -9.54 4.70 5.60
C GLY J 101 -9.35 5.89 4.67
N PRO J 102 -8.11 6.19 4.33
CA PRO J 102 -7.87 7.29 3.38
C PRO J 102 -7.76 6.82 1.94
N GLY J 103 -8.26 5.62 1.65
CA GLY J 103 -8.22 5.09 0.30
C GLY J 103 -9.58 5.02 -0.36
N ALA J 104 -9.59 4.97 -1.69
CA ALA J 104 -10.83 4.89 -2.47
C ALA J 104 -10.69 3.83 -3.54
N TYR J 105 -11.81 3.15 -3.83
CA TYR J 105 -11.79 1.98 -4.70
C TYR J 105 -13.05 1.97 -5.55
N TRP J 106 -12.89 1.57 -6.81
CA TRP J 106 -14.01 1.39 -7.73
C TRP J 106 -13.97 -0.01 -8.31
N GLY J 107 -15.15 -0.59 -8.51
CA GLY J 107 -15.23 -1.83 -9.26
C GLY J 107 -14.86 -1.62 -10.71
N GLN J 108 -14.69 -2.73 -11.43
CA GLN J 108 -14.30 -2.63 -12.83
C GLN J 108 -15.43 -2.17 -13.74
N GLY J 109 -16.66 -2.15 -13.24
CA GLY J 109 -17.79 -1.73 -14.04
C GLY J 109 -18.56 -2.91 -14.60
N THR J 110 -19.87 -2.74 -14.69
CA THR J 110 -20.76 -3.76 -15.27
C THR J 110 -21.60 -3.09 -16.33
N LEU J 111 -21.42 -3.52 -17.58
CA LEU J 111 -22.12 -2.93 -18.71
C LEU J 111 -23.46 -3.64 -18.91
N VAL J 112 -24.54 -2.88 -18.83
CA VAL J 112 -25.88 -3.38 -19.11
C VAL J 112 -26.30 -2.86 -20.48
N THR J 113 -26.71 -3.78 -21.35
CA THR J 113 -27.30 -3.44 -22.64
C THR J 113 -28.74 -3.93 -22.64
N VAL J 114 -29.69 -3.01 -22.75
CA VAL J 114 -31.10 -3.34 -22.83
C VAL J 114 -31.50 -3.29 -24.29
N SER J 115 -31.92 -4.44 -24.82
CA SER J 115 -32.21 -4.61 -26.23
C SER J 115 -32.98 -5.91 -26.40
N ALA J 116 -33.82 -5.96 -27.42
CA ALA J 116 -34.51 -7.19 -27.76
C ALA J 116 -33.69 -8.11 -28.64
N ALA J 117 -32.57 -7.62 -29.17
CA ALA J 117 -31.78 -8.40 -30.11
C ALA J 117 -31.10 -9.58 -29.42
N SER J 118 -30.84 -10.62 -30.20
CA SER J 118 -30.19 -11.81 -29.68
C SER J 118 -28.70 -11.55 -29.47
N THR J 119 -28.14 -12.23 -28.47
CA THR J 119 -26.70 -12.17 -28.28
C THR J 119 -25.99 -13.00 -29.34
N LYS J 120 -24.91 -12.45 -29.87
CA LYS J 120 -24.06 -13.14 -30.84
C LYS J 120 -22.66 -13.22 -30.26
N GLY J 121 -22.11 -14.43 -30.20
CA GLY J 121 -20.72 -14.60 -29.89
C GLY J 121 -19.86 -14.12 -31.04
N PRO J 122 -18.62 -13.76 -30.75
CA PRO J 122 -17.75 -13.22 -31.82
C PRO J 122 -17.24 -14.30 -32.75
N SER J 123 -17.12 -13.91 -34.02
CA SER J 123 -16.36 -14.68 -35.00
C SER J 123 -14.94 -14.12 -35.03
N VAL J 124 -13.97 -14.97 -34.71
CA VAL J 124 -12.58 -14.54 -34.58
C VAL J 124 -11.79 -15.08 -35.76
N PHE J 125 -11.13 -14.18 -36.48
CA PHE J 125 -10.31 -14.48 -37.64
C PHE J 125 -8.90 -13.94 -37.43
N PRO J 126 -7.89 -14.58 -38.01
CA PRO J 126 -6.52 -14.08 -37.87
C PRO J 126 -6.28 -12.89 -38.79
N LEU J 127 -5.44 -11.98 -38.31
CA LEU J 127 -4.86 -10.92 -39.14
C LEU J 127 -3.41 -11.32 -39.34
N ALA J 128 -3.17 -12.09 -40.40
CA ALA J 128 -1.89 -12.78 -40.54
C ALA J 128 -0.78 -11.80 -40.89
N PRO J 129 0.37 -11.89 -40.23
CA PRO J 129 1.52 -11.06 -40.63
C PRO J 129 2.01 -11.46 -42.01
N SER J 130 2.36 -10.45 -42.81
CA SER J 130 2.77 -10.70 -44.18
C SER J 130 4.07 -9.95 -44.51
N GLY J 136 11.42 -3.40 -42.24
CA GLY J 136 10.98 -4.78 -42.12
C GLY J 136 11.47 -5.43 -40.84
N GLY J 137 11.77 -4.61 -39.84
CA GLY J 137 12.22 -5.10 -38.56
C GLY J 137 11.07 -5.32 -37.60
N THR J 138 9.95 -4.66 -37.86
CA THR J 138 8.73 -4.81 -37.08
C THR J 138 7.61 -5.33 -37.96
N ALA J 139 6.84 -6.27 -37.43
CA ALA J 139 5.70 -6.84 -38.14
C ALA J 139 4.45 -6.68 -37.31
N ALA J 140 3.32 -6.53 -37.99
CA ALA J 140 2.03 -6.42 -37.34
C ALA J 140 1.20 -7.67 -37.59
N LEU J 141 0.56 -8.16 -36.52
CA LEU J 141 -0.35 -9.28 -36.59
C LEU J 141 -1.48 -9.01 -35.61
N GLY J 142 -2.61 -9.68 -35.81
CA GLY J 142 -3.71 -9.43 -34.92
C GLY J 142 -4.84 -10.43 -35.10
N CYS J 143 -5.98 -10.06 -34.53
CA CYS J 143 -7.20 -10.84 -34.61
C CYS J 143 -8.37 -9.92 -34.93
N LEU J 144 -9.15 -10.30 -35.94
CA LEU J 144 -10.41 -9.62 -36.25
C LEU J 144 -11.50 -10.29 -35.44
N VAL J 145 -12.17 -9.53 -34.58
CA VAL J 145 -13.17 -10.04 -33.66
C VAL J 145 -14.50 -9.44 -34.11
N LYS J 146 -15.26 -10.20 -34.89
CA LYS J 146 -16.29 -9.64 -35.75
C LYS J 146 -17.67 -10.23 -35.44
N ASP J 147 -18.68 -9.35 -35.52
CA ASP J 147 -20.09 -9.74 -35.51
C ASP J 147 -20.51 -10.33 -34.16
N TYR J 148 -20.24 -9.59 -33.09
CA TYR J 148 -20.70 -9.95 -31.76
C TYR J 148 -21.71 -8.93 -31.26
N PHE J 149 -22.51 -9.37 -30.29
CA PHE J 149 -23.50 -8.50 -29.64
C PHE J 149 -23.86 -9.11 -28.30
N PRO J 150 -23.93 -8.33 -27.23
CA PRO J 150 -23.66 -6.89 -27.17
C PRO J 150 -22.22 -6.62 -26.75
N GLU J 151 -21.90 -5.36 -26.46
CA GLU J 151 -20.66 -5.05 -25.77
C GLU J 151 -20.68 -5.67 -24.38
N PRO J 152 -19.50 -5.90 -23.77
CA PRO J 152 -18.16 -5.70 -24.29
C PRO J 152 -17.49 -7.01 -24.66
N VAL J 153 -16.34 -6.89 -25.34
CA VAL J 153 -15.45 -8.01 -25.58
C VAL J 153 -14.21 -7.81 -24.71
N THR J 154 -13.45 -8.88 -24.50
CA THR J 154 -12.16 -8.77 -23.83
C THR J 154 -11.13 -9.57 -24.62
N VAL J 155 -10.01 -8.92 -24.96
CA VAL J 155 -8.95 -9.55 -25.74
C VAL J 155 -7.63 -9.44 -25.00
N SER J 156 -6.94 -10.56 -24.85
CA SER J 156 -5.57 -10.59 -24.39
C SER J 156 -4.72 -11.33 -25.42
N TRP J 157 -3.41 -11.27 -25.24
CA TRP J 157 -2.47 -11.93 -26.14
C TRP J 157 -1.56 -12.84 -25.34
N ASN J 158 -1.46 -14.10 -25.78
CA ASN J 158 -0.65 -15.12 -25.11
C ASN J 158 -0.96 -15.18 -23.62
N SER J 159 -2.26 -15.23 -23.31
CA SER J 159 -2.75 -15.41 -21.95
C SER J 159 -2.22 -14.32 -21.00
N GLY J 160 -2.09 -13.10 -21.53
CA GLY J 160 -1.64 -11.97 -20.75
C GLY J 160 -0.15 -11.73 -20.77
N ALA J 161 0.64 -12.61 -21.40
CA ALA J 161 2.09 -12.46 -21.40
C ALA J 161 2.59 -11.46 -22.43
N LEU J 162 1.75 -11.04 -23.37
CA LEU J 162 2.12 -10.07 -24.39
C LEU J 162 1.22 -8.86 -24.25
N THR J 163 1.82 -7.71 -23.94
CA THR J 163 1.05 -6.49 -23.73
C THR J 163 1.70 -5.31 -24.45
N SER J 164 3.02 -5.30 -24.53
CA SER J 164 3.71 -4.23 -25.24
C SER J 164 3.29 -4.21 -26.70
N GLY J 165 2.83 -3.05 -27.16
CA GLY J 165 2.47 -2.88 -28.54
C GLY J 165 1.09 -3.38 -28.93
N VAL J 166 0.27 -3.78 -27.96
CA VAL J 166 -1.08 -4.23 -28.25
C VAL J 166 -1.99 -3.02 -28.41
N HIS J 167 -2.79 -3.02 -29.47
CA HIS J 167 -3.90 -2.09 -29.62
C HIS J 167 -5.16 -2.90 -29.87
N THR J 168 -6.07 -2.90 -28.90
CA THR J 168 -7.42 -3.42 -29.09
C THR J 168 -8.32 -2.24 -29.39
N PHE J 169 -8.86 -2.20 -30.60
CA PHE J 169 -9.53 -0.99 -31.05
C PHE J 169 -10.94 -0.91 -30.46
N PRO J 170 -11.42 0.31 -30.19
CA PRO J 170 -12.83 0.47 -29.80
C PRO J 170 -13.75 -0.11 -30.87
N ALA J 171 -14.76 -0.84 -30.41
CA ALA J 171 -15.65 -1.52 -31.34
C ALA J 171 -16.42 -0.53 -32.18
N VAL J 172 -16.61 -0.87 -33.45
CA VAL J 172 -17.50 -0.13 -34.33
C VAL J 172 -18.82 -0.89 -34.37
N LEU J 173 -19.93 -0.15 -34.34
CA LEU J 173 -21.24 -0.72 -34.60
C LEU J 173 -21.43 -0.86 -36.11
N GLN J 174 -21.58 -2.08 -36.58
CA GLN J 174 -21.80 -2.29 -38.01
C GLN J 174 -23.27 -2.04 -38.37
N SER J 175 -23.52 -1.93 -39.67
CA SER J 175 -24.86 -1.67 -40.16
C SER J 175 -25.86 -2.68 -39.61
N SER J 176 -25.40 -3.91 -39.39
CA SER J 176 -26.25 -5.00 -38.93
C SER J 176 -26.69 -4.86 -37.48
N GLY J 177 -26.23 -3.82 -36.76
CA GLY J 177 -26.42 -3.75 -35.34
C GLY J 177 -25.46 -4.59 -34.54
N LEU J 178 -24.51 -5.24 -35.18
CA LEU J 178 -23.52 -6.08 -34.53
C LEU J 178 -22.18 -5.35 -34.42
N TYR J 179 -21.45 -5.65 -33.36
CA TYR J 179 -20.18 -5.01 -33.09
C TYR J 179 -19.04 -5.79 -33.73
N SER J 180 -17.94 -5.09 -33.97
CA SER J 180 -16.75 -5.69 -34.55
C SER J 180 -15.54 -4.82 -34.19
N LEU J 181 -14.43 -5.48 -33.86
CA LEU J 181 -13.19 -4.77 -33.58
C LEU J 181 -12.02 -5.61 -34.07
N SER J 182 -10.86 -4.96 -34.12
CA SER J 182 -9.59 -5.64 -34.35
C SER J 182 -8.70 -5.43 -33.14
N SER J 183 -7.95 -6.48 -32.78
CA SER J 183 -6.88 -6.39 -31.80
C SER J 183 -5.58 -6.73 -32.52
N VAL J 184 -4.61 -5.81 -32.46
CA VAL J 184 -3.36 -5.97 -33.20
C VAL J 184 -2.18 -5.82 -32.24
N VAL J 185 -1.04 -6.36 -32.68
CA VAL J 185 0.22 -6.23 -31.96
C VAL J 185 1.32 -5.96 -32.98
N THR J 186 2.30 -5.16 -32.58
CA THR J 186 3.54 -5.02 -33.33
C THR J 186 4.63 -5.84 -32.64
N VAL J 187 5.23 -6.75 -33.38
CA VAL J 187 6.26 -7.64 -32.85
C VAL J 187 7.46 -7.57 -33.77
N PRO J 188 8.65 -7.93 -33.29
CA PRO J 188 9.81 -8.03 -34.19
C PRO J 188 9.58 -9.11 -35.24
N SER J 189 9.78 -8.74 -36.51
CA SER J 189 9.54 -9.66 -37.61
C SER J 189 10.38 -10.93 -37.47
N SER J 190 11.55 -10.82 -36.83
CA SER J 190 12.40 -12.00 -36.62
C SER J 190 11.71 -13.06 -35.76
N SER J 191 10.70 -12.69 -34.99
CA SER J 191 10.02 -13.62 -34.10
C SER J 191 8.91 -14.40 -34.80
N LEU J 192 8.59 -14.08 -36.05
CA LEU J 192 7.41 -14.65 -36.69
C LEU J 192 7.51 -16.16 -36.84
N GLY J 193 8.70 -16.69 -37.06
CA GLY J 193 8.82 -18.13 -37.24
C GLY J 193 9.01 -18.93 -35.98
N THR J 194 9.18 -18.26 -34.83
CA THR J 194 9.66 -18.94 -33.63
C THR J 194 8.75 -18.72 -32.43
N GLN J 195 8.07 -17.58 -32.37
CA GLN J 195 7.26 -17.22 -31.21
C GLN J 195 5.78 -17.43 -31.54
N THR J 196 5.10 -18.23 -30.72
CA THR J 196 3.68 -18.46 -30.93
C THR J 196 2.88 -17.24 -30.50
N TYR J 197 1.90 -16.87 -31.32
CA TYR J 197 1.03 -15.74 -31.03
C TYR J 197 -0.41 -16.21 -31.02
N ILE J 198 -1.07 -16.09 -29.87
CA ILE J 198 -2.45 -16.48 -29.69
C ILE J 198 -3.18 -15.29 -29.09
N CYS J 199 -4.26 -14.87 -29.74
CA CYS J 199 -5.17 -13.90 -29.15
C CYS J 199 -6.26 -14.64 -28.38
N ASN J 200 -6.56 -14.15 -27.19
CA ASN J 200 -7.55 -14.76 -26.32
C ASN J 200 -8.76 -13.85 -26.26
N VAL J 201 -9.89 -14.33 -26.77
CA VAL J 201 -11.10 -13.53 -26.90
C VAL J 201 -12.14 -14.04 -25.90
N ASN J 202 -12.67 -13.12 -25.12
CA ASN J 202 -13.68 -13.39 -24.10
C ASN J 202 -14.93 -12.59 -24.40
N HIS J 203 -16.07 -13.27 -24.49
CA HIS J 203 -17.37 -12.62 -24.63
C HIS J 203 -18.33 -13.29 -23.66
N LYS J 204 -18.51 -12.68 -22.51
CA LYS J 204 -19.28 -13.26 -21.41
C LYS J 204 -20.79 -13.34 -21.67
N PRO J 205 -21.41 -12.40 -22.41
CA PRO J 205 -22.84 -12.58 -22.71
C PRO J 205 -23.15 -13.85 -23.48
N SER J 206 -22.28 -14.27 -24.38
CA SER J 206 -22.45 -15.53 -25.09
C SER J 206 -21.66 -16.66 -24.44
N ASN J 207 -20.96 -16.39 -23.35
CA ASN J 207 -20.08 -17.35 -22.69
C ASN J 207 -19.11 -17.96 -23.69
N THR J 208 -18.58 -17.12 -24.57
CA THR J 208 -17.61 -17.54 -25.58
C THR J 208 -16.21 -17.25 -25.08
N LYS J 209 -15.38 -18.29 -25.03
CA LYS J 209 -13.97 -18.17 -24.70
C LYS J 209 -13.18 -18.80 -25.84
N VAL J 210 -12.58 -17.98 -26.68
CA VAL J 210 -11.90 -18.45 -27.88
C VAL J 210 -10.42 -18.12 -27.79
N ASP J 211 -9.57 -19.07 -28.19
CA ASP J 211 -8.15 -18.83 -28.39
C ASP J 211 -7.86 -19.04 -29.87
N LYS J 212 -7.31 -18.01 -30.52
CA LYS J 212 -7.03 -18.06 -31.95
C LYS J 212 -5.53 -17.97 -32.17
N ARG J 213 -4.95 -19.02 -32.76
CA ARG J 213 -3.56 -19.02 -33.16
C ARG J 213 -3.40 -18.20 -34.43
N VAL J 214 -2.45 -17.26 -34.42
CA VAL J 214 -2.18 -16.39 -35.56
C VAL J 214 -0.79 -16.70 -36.08
N GLU J 215 -0.71 -17.20 -37.30
CA GLU J 215 0.53 -17.59 -37.95
C GLU J 215 0.66 -16.88 -39.29
N PRO J 216 1.89 -16.60 -39.75
CA PRO J 216 2.07 -15.87 -41.02
C PRO J 216 1.47 -16.59 -42.23
N VAL K 2 -11.07 40.80 -69.45
CA VAL K 2 -12.09 39.78 -69.66
C VAL K 2 -12.86 39.52 -68.37
N ARG K 3 -14.15 39.23 -68.49
CA ARG K 3 -14.90 38.68 -67.36
C ARG K 3 -15.98 37.76 -67.91
N LEU K 4 -16.33 36.76 -67.11
CA LEU K 4 -17.27 35.71 -67.50
C LEU K 4 -18.50 35.78 -66.61
N GLN K 5 -19.68 35.74 -67.24
CA GLN K 5 -20.94 35.82 -66.54
C GLN K 5 -21.77 34.58 -66.84
N GLN K 6 -22.11 33.83 -65.79
CA GLN K 6 -22.86 32.60 -65.93
C GLN K 6 -24.34 32.81 -65.59
N SER K 7 -25.17 31.90 -66.09
CA SER K 7 -26.59 31.92 -65.78
C SER K 7 -26.82 31.53 -64.32
N GLY K 8 -28.06 31.67 -63.89
CA GLY K 8 -28.41 31.47 -62.50
C GLY K 8 -28.60 30.01 -62.16
N PRO K 9 -28.82 29.75 -60.87
CA PRO K 9 -28.94 28.37 -60.40
C PRO K 9 -30.19 27.69 -60.95
N GLU K 10 -30.11 26.37 -61.09
CA GLU K 10 -31.11 25.59 -61.77
C GLU K 10 -31.67 24.51 -60.86
N LEU K 11 -32.99 24.46 -60.76
CA LEU K 11 -33.71 23.34 -60.17
C LEU K 11 -34.36 22.56 -61.30
N VAL K 12 -34.04 21.27 -61.38
CA VAL K 12 -34.40 20.46 -62.54
C VAL K 12 -34.71 19.04 -62.09
N LYS K 13 -35.72 18.44 -62.74
CA LYS K 13 -36.20 17.11 -62.43
C LYS K 13 -35.21 16.04 -62.91
N PRO K 14 -35.17 14.90 -62.22
CA PRO K 14 -34.35 13.78 -62.72
C PRO K 14 -34.82 13.32 -64.09
N GLY K 15 -33.86 12.89 -64.91
CA GLY K 15 -34.14 12.52 -66.28
C GLY K 15 -34.41 13.69 -67.21
N ALA K 16 -34.59 14.89 -66.69
CA ALA K 16 -34.77 16.07 -67.52
C ALA K 16 -33.39 16.63 -67.89
N SER K 17 -33.37 17.79 -68.53
CA SER K 17 -32.15 18.35 -69.07
C SER K 17 -32.08 19.84 -68.73
N VAL K 18 -30.86 20.37 -68.70
CA VAL K 18 -30.64 21.77 -68.38
C VAL K 18 -29.50 22.30 -69.26
N ARG K 19 -29.54 23.61 -69.50
CA ARG K 19 -28.55 24.27 -70.35
C ARG K 19 -28.03 25.52 -69.65
N ILE K 20 -26.80 25.45 -69.16
CA ILE K 20 -26.11 26.55 -68.51
C ILE K 20 -25.40 27.39 -69.58
N SER K 21 -25.28 28.69 -69.34
CA SER K 21 -24.63 29.60 -70.28
C SER K 21 -23.52 30.37 -69.58
N CYS K 22 -22.57 30.85 -70.39
CA CYS K 22 -21.41 31.59 -69.90
C CYS K 22 -21.06 32.65 -70.94
N LYS K 23 -21.43 33.90 -70.65
CA LYS K 23 -21.15 35.00 -71.57
C LYS K 23 -19.79 35.62 -71.24
N ALA K 24 -18.94 35.73 -72.24
CA ALA K 24 -17.65 36.41 -72.10
C ALA K 24 -17.78 37.84 -72.59
N SER K 25 -17.23 38.77 -71.82
CA SER K 25 -17.15 40.16 -72.24
C SER K 25 -15.72 40.64 -72.07
N GLY K 26 -15.37 41.66 -72.84
CA GLY K 26 -14.01 42.17 -72.86
C GLY K 26 -13.12 41.57 -73.91
N HIS K 27 -13.68 40.91 -74.91
CA HIS K 27 -12.91 40.30 -75.99
C HIS K 27 -13.24 40.99 -77.30
N THR K 28 -12.21 41.43 -78.02
CA THR K 28 -12.37 41.92 -79.38
C THR K 28 -12.29 40.78 -80.40
N PHE K 29 -11.47 39.78 -80.12
CA PHE K 29 -11.24 38.66 -81.01
C PHE K 29 -11.89 37.39 -80.47
N THR K 30 -12.02 36.40 -81.36
CA THR K 30 -12.66 35.15 -81.03
C THR K 30 -11.67 34.03 -80.70
N SER K 31 -10.37 34.33 -80.71
CA SER K 31 -9.35 33.30 -80.47
C SER K 31 -9.13 33.08 -78.97
N TYR K 32 -10.19 32.60 -78.32
CA TYR K 32 -10.12 32.21 -76.92
C TYR K 32 -10.97 30.98 -76.69
N TYR K 33 -10.74 30.33 -75.56
CA TYR K 33 -11.42 29.10 -75.21
C TYR K 33 -12.35 29.31 -74.01
N ILE K 34 -13.34 28.45 -73.90
CA ILE K 34 -14.13 28.29 -72.68
C ILE K 34 -13.97 26.86 -72.20
N TYR K 35 -13.37 26.69 -71.04
CA TYR K 35 -13.28 25.41 -70.35
C TYR K 35 -14.44 25.30 -69.36
N TRP K 36 -14.93 24.09 -69.15
CA TRP K 36 -16.01 23.83 -68.21
C TRP K 36 -15.53 22.84 -67.14
N VAL K 37 -15.85 23.14 -65.89
CA VAL K 37 -15.36 22.37 -64.74
C VAL K 37 -16.52 22.12 -63.77
N LYS K 38 -16.55 20.92 -63.20
CA LYS K 38 -17.61 20.50 -62.29
C LYS K 38 -17.07 20.33 -60.88
N GLN K 39 -17.82 20.83 -59.90
CA GLN K 39 -17.49 20.68 -58.48
C GLN K 39 -18.74 20.32 -57.71
N ARG K 40 -18.77 19.13 -57.14
CA ARG K 40 -19.82 18.80 -56.19
C ARG K 40 -19.52 19.46 -54.85
N PRO K 41 -20.56 19.79 -54.07
CA PRO K 41 -20.33 20.35 -52.74
C PRO K 41 -19.40 19.49 -51.90
N GLY K 42 -18.35 20.11 -51.37
CA GLY K 42 -17.39 19.41 -50.56
C GLY K 42 -16.48 18.46 -51.31
N GLN K 43 -16.39 18.60 -52.63
CA GLN K 43 -15.53 17.76 -53.46
C GLN K 43 -14.61 18.65 -54.30
N GLY K 44 -13.75 18.00 -55.09
CA GLY K 44 -12.76 18.68 -55.88
C GLY K 44 -13.26 19.11 -57.25
N LEU K 45 -12.31 19.41 -58.13
CA LEU K 45 -12.61 19.84 -59.50
C LEU K 45 -12.48 18.68 -60.47
N GLU K 46 -13.39 18.64 -61.44
CA GLU K 46 -13.37 17.67 -62.52
C GLU K 46 -13.61 18.40 -63.83
N TRP K 47 -12.74 18.16 -64.81
CA TRP K 47 -12.84 18.86 -66.09
C TRP K 47 -13.83 18.15 -67.01
N ILE K 48 -14.71 18.93 -67.62
CA ILE K 48 -15.74 18.40 -68.50
C ILE K 48 -15.32 18.48 -69.96
N GLY K 49 -14.80 19.63 -70.39
CA GLY K 49 -14.44 19.81 -71.78
C GLY K 49 -14.01 21.24 -72.03
N TRP K 50 -13.69 21.52 -73.29
CA TRP K 50 -13.44 22.88 -73.70
C TRP K 50 -13.92 23.09 -75.13
N ILE K 51 -14.15 24.35 -75.47
CA ILE K 51 -14.60 24.75 -76.80
C ILE K 51 -13.89 26.03 -77.19
N TYR K 52 -13.56 26.15 -78.47
CA TYR K 52 -12.80 27.27 -79.01
C TYR K 52 -13.72 28.17 -79.80
N PHE K 53 -13.66 29.48 -79.54
CA PHE K 53 -14.62 30.38 -80.15
C PHE K 53 -14.25 30.78 -81.57
N GLY K 54 -13.02 30.50 -82.02
CA GLY K 54 -12.69 30.75 -83.40
C GLY K 54 -13.41 29.79 -84.34
N ASN K 55 -13.40 28.50 -84.01
CA ASN K 55 -13.90 27.47 -84.90
C ASN K 55 -15.14 26.75 -84.41
N ILE K 56 -15.41 26.79 -83.09
CA ILE K 56 -16.44 25.98 -82.45
C ILE K 56 -15.88 24.55 -82.32
N ASN K 57 -14.60 24.40 -82.61
CA ASN K 57 -13.94 23.11 -82.37
C ASN K 57 -13.75 22.90 -80.87
N LEU K 58 -13.83 21.65 -80.44
CA LEU K 58 -13.99 21.34 -79.03
C LEU K 58 -13.33 20.00 -78.69
N LYS K 59 -13.26 19.72 -77.39
CA LYS K 59 -12.71 18.49 -76.83
C LYS K 59 -13.47 18.14 -75.56
N TYR K 60 -13.96 16.91 -75.48
CA TYR K 60 -14.70 16.44 -74.32
C TYR K 60 -13.84 15.56 -73.42
N ASN K 61 -14.15 15.58 -72.13
CA ASN K 61 -13.76 14.51 -71.24
C ASN K 61 -14.62 13.29 -71.56
N GLU K 62 -13.98 12.14 -71.72
CA GLU K 62 -14.68 10.97 -72.26
C GLU K 62 -15.86 10.55 -71.38
N LYS K 63 -15.69 10.62 -70.05
CA LYS K 63 -16.78 10.18 -69.17
C LYS K 63 -17.97 11.12 -69.20
N PHE K 64 -17.86 12.27 -69.84
CA PHE K 64 -18.97 13.22 -69.94
C PHE K 64 -19.62 13.24 -71.33
N LYS K 65 -19.12 12.45 -72.28
CA LYS K 65 -19.71 12.41 -73.61
C LYS K 65 -21.16 11.94 -73.54
N GLY K 66 -22.03 12.60 -74.28
CA GLY K 66 -23.46 12.33 -74.17
C GLY K 66 -24.13 13.07 -73.04
N LYS K 67 -23.53 13.02 -71.85
CA LYS K 67 -24.04 13.80 -70.72
C LYS K 67 -23.92 15.30 -70.99
N ALA K 68 -22.76 15.74 -71.46
CA ALA K 68 -22.48 17.15 -71.69
C ALA K 68 -22.39 17.44 -73.18
N THR K 69 -22.99 18.54 -73.59
CA THR K 69 -22.92 19.02 -74.97
C THR K 69 -22.49 20.48 -74.94
N LEU K 70 -21.30 20.76 -75.46
CA LEU K 70 -20.76 22.11 -75.49
C LEU K 70 -21.12 22.79 -76.80
N THR K 71 -21.59 24.03 -76.72
CA THR K 71 -21.82 24.87 -77.90
C THR K 71 -21.35 26.28 -77.58
N ALA K 72 -21.25 27.10 -78.63
CA ALA K 72 -20.80 28.47 -78.47
C ALA K 72 -21.48 29.35 -79.51
N ASP K 73 -22.13 30.43 -79.05
CA ASP K 73 -22.69 31.43 -79.95
C ASP K 73 -21.65 32.53 -80.10
N LYS K 74 -20.98 32.55 -81.26
CA LYS K 74 -19.91 33.52 -81.48
C LYS K 74 -20.43 34.96 -81.47
N SER K 75 -21.69 35.15 -81.80
CA SER K 75 -22.22 36.52 -81.94
C SER K 75 -22.46 37.17 -80.58
N SER K 76 -23.18 36.49 -79.69
CA SER K 76 -23.34 36.98 -78.32
C SER K 76 -22.14 36.63 -77.45
N SER K 77 -21.09 36.06 -78.04
CA SER K 77 -19.91 35.59 -77.33
C SER K 77 -20.29 34.84 -76.06
N THR K 78 -21.21 33.89 -76.22
CA THR K 78 -21.77 33.13 -75.11
C THR K 78 -21.53 31.65 -75.35
N ALA K 79 -20.98 30.98 -74.35
CA ALA K 79 -20.80 29.54 -74.39
C ALA K 79 -21.93 28.87 -73.61
N TYR K 80 -22.36 27.70 -74.09
CA TYR K 80 -23.42 26.94 -73.46
C TYR K 80 -22.96 25.51 -73.23
N ILE K 81 -23.30 24.97 -72.07
CA ILE K 81 -23.16 23.55 -71.78
C ILE K 81 -24.54 23.01 -71.45
N GLN K 82 -24.96 21.96 -72.16
CA GLN K 82 -26.22 21.29 -71.90
C GLN K 82 -25.94 19.95 -71.23
N LEU K 83 -26.66 19.67 -70.15
CA LEU K 83 -26.52 18.44 -69.39
C LEU K 83 -27.80 17.63 -69.55
N SER K 84 -27.66 16.35 -69.88
CA SER K 84 -28.79 15.54 -70.30
C SER K 84 -29.04 14.38 -69.34
N SER K 85 -30.31 13.94 -69.34
CA SER K 85 -30.83 12.86 -68.48
C SER K 85 -30.22 12.94 -67.08
N LEU K 86 -30.64 13.93 -66.32
CA LEU K 86 -29.92 14.31 -65.11
C LEU K 86 -30.21 13.33 -63.97
N THR K 87 -29.15 12.95 -63.26
CA THR K 87 -29.23 12.13 -62.07
C THR K 87 -28.78 12.94 -60.87
N SER K 88 -28.82 12.30 -59.70
CA SER K 88 -28.39 12.96 -58.48
C SER K 88 -26.91 13.33 -58.54
N GLU K 89 -26.09 12.46 -59.12
CA GLU K 89 -24.66 12.73 -59.24
C GLU K 89 -24.36 13.93 -60.14
N ASP K 90 -25.37 14.46 -60.85
CA ASP K 90 -25.19 15.67 -61.63
C ASP K 90 -25.36 16.93 -60.80
N SER K 91 -25.94 16.83 -59.60
CA SER K 91 -26.13 17.99 -58.73
C SER K 91 -24.77 18.53 -58.31
N ALA K 92 -24.40 19.71 -58.82
CA ALA K 92 -23.07 20.24 -58.60
C ALA K 92 -23.04 21.70 -59.03
N VAL K 93 -21.94 22.35 -58.71
CA VAL K 93 -21.61 23.67 -59.24
C VAL K 93 -20.85 23.47 -60.54
N TYR K 94 -21.22 24.24 -61.57
CA TYR K 94 -20.56 24.17 -62.86
C TYR K 94 -19.91 25.52 -63.16
N PHE K 95 -18.59 25.52 -63.30
CA PHE K 95 -17.81 26.71 -63.60
C PHE K 95 -17.44 26.74 -65.07
N CYS K 96 -17.43 27.94 -65.66
CA CYS K 96 -16.73 28.16 -66.90
C CYS K 96 -15.46 28.94 -66.61
N ALA K 97 -14.45 28.75 -67.46
CA ALA K 97 -13.16 29.38 -67.25
C ALA K 97 -12.50 29.65 -68.58
N SER K 98 -11.69 30.71 -68.63
CA SER K 98 -11.08 31.16 -69.87
C SER K 98 -9.76 31.85 -69.57
N GLU K 99 -8.89 31.88 -70.57
CA GLU K 99 -7.60 32.54 -70.49
C GLU K 99 -7.50 33.61 -71.56
N ASP K 100 -6.79 34.68 -71.24
CA ASP K 100 -6.54 35.77 -72.19
C ASP K 100 -5.16 36.33 -71.89
N GLY K 101 -4.24 36.15 -72.84
CA GLY K 101 -2.86 36.51 -72.63
C GLY K 101 -2.30 35.81 -71.42
N PRO K 102 -1.66 36.57 -70.53
CA PRO K 102 -1.13 35.99 -69.29
C PRO K 102 -2.15 35.87 -68.16
N GLY K 103 -3.42 36.13 -68.41
CA GLY K 103 -4.42 36.10 -67.34
C GLY K 103 -5.44 34.98 -67.48
N ALA K 104 -6.11 34.64 -66.37
CA ALA K 104 -7.11 33.60 -66.33
C ALA K 104 -8.34 34.10 -65.61
N TYR K 105 -9.50 33.61 -66.05
CA TYR K 105 -10.78 34.12 -65.58
C TYR K 105 -11.75 32.97 -65.38
N TRP K 106 -12.59 33.07 -64.35
CA TRP K 106 -13.58 32.06 -64.03
C TRP K 106 -14.94 32.71 -63.84
N GLY K 107 -15.98 31.98 -64.22
CA GLY K 107 -17.33 32.40 -63.92
C GLY K 107 -17.66 32.17 -62.45
N GLN K 108 -18.76 32.79 -62.01
CA GLN K 108 -19.12 32.66 -60.60
C GLN K 108 -19.70 31.30 -60.25
N GLY K 109 -19.92 30.44 -61.24
CA GLY K 109 -20.47 29.13 -60.98
C GLY K 109 -21.98 29.11 -61.09
N THR K 110 -22.49 27.98 -61.57
CA THR K 110 -23.93 27.74 -61.68
C THR K 110 -24.24 26.45 -60.94
N LEU K 111 -25.08 26.54 -59.92
CA LEU K 111 -25.46 25.38 -59.12
C LEU K 111 -26.67 24.71 -59.72
N VAL K 112 -26.54 23.42 -60.03
CA VAL K 112 -27.66 22.60 -60.48
C VAL K 112 -28.05 21.67 -59.34
N THR K 113 -29.34 21.66 -59.01
CA THR K 113 -29.88 20.69 -58.06
C THR K 113 -30.88 19.82 -58.81
N VAL K 114 -30.61 18.53 -58.87
CA VAL K 114 -31.49 17.58 -59.54
C VAL K 114 -32.38 16.94 -58.47
N SER K 115 -33.67 17.29 -58.49
CA SER K 115 -34.57 16.78 -57.47
C SER K 115 -36.00 16.82 -57.98
N ALA K 116 -36.83 15.94 -57.42
CA ALA K 116 -38.25 15.93 -57.76
C ALA K 116 -39.01 17.03 -57.04
N ALA K 117 -38.47 17.54 -55.94
CA ALA K 117 -39.21 18.46 -55.10
C ALA K 117 -39.45 19.79 -55.82
N SER K 118 -40.55 20.44 -55.46
CA SER K 118 -40.89 21.74 -55.99
C SER K 118 -40.05 22.82 -55.33
N THR K 119 -39.93 23.95 -56.02
CA THR K 119 -39.15 25.06 -55.49
C THR K 119 -39.97 25.83 -54.46
N LYS K 120 -39.26 26.38 -53.46
CA LYS K 120 -39.88 26.92 -52.26
C LYS K 120 -39.10 28.15 -51.84
N GLY K 121 -39.79 29.29 -51.76
CA GLY K 121 -39.16 30.53 -51.38
C GLY K 121 -39.02 30.66 -49.88
N PRO K 122 -38.06 31.45 -49.44
CA PRO K 122 -37.79 31.55 -48.00
C PRO K 122 -38.71 32.54 -47.31
N SER K 123 -38.96 32.26 -46.03
CA SER K 123 -39.45 33.27 -45.11
C SER K 123 -38.27 33.99 -44.49
N VAL K 124 -38.34 35.32 -44.43
CA VAL K 124 -37.27 36.13 -43.89
C VAL K 124 -37.79 36.82 -42.64
N PHE K 125 -37.11 36.59 -41.52
CA PHE K 125 -37.49 37.11 -40.22
C PHE K 125 -36.33 37.88 -39.61
N PRO K 126 -36.60 38.98 -38.92
CA PRO K 126 -35.51 39.81 -38.38
C PRO K 126 -34.96 39.25 -37.08
N LEU K 127 -33.64 39.19 -36.98
CA LEU K 127 -32.96 38.89 -35.71
C LEU K 127 -32.60 40.22 -35.08
N ALA K 128 -33.57 40.79 -34.35
CA ALA K 128 -33.48 42.18 -33.94
C ALA K 128 -32.44 42.36 -32.83
N PRO K 129 -31.66 43.44 -32.87
CA PRO K 129 -30.65 43.66 -31.83
C PRO K 129 -31.26 44.12 -30.51
N SER K 130 -31.11 43.29 -29.48
CA SER K 130 -31.59 43.64 -28.14
C SER K 130 -30.81 44.83 -27.58
N GLY K 136 -18.55 44.85 -26.03
CA GLY K 136 -19.37 45.57 -25.06
C GLY K 136 -19.95 46.82 -25.69
N GLY K 137 -19.17 47.42 -26.58
CA GLY K 137 -19.67 48.46 -27.45
C GLY K 137 -20.21 47.93 -28.75
N THR K 138 -20.26 46.61 -28.90
CA THR K 138 -20.64 45.95 -30.14
C THR K 138 -22.03 45.36 -30.02
N ALA K 139 -22.85 45.56 -31.05
CA ALA K 139 -24.16 44.96 -31.16
C ALA K 139 -24.18 43.93 -32.28
N ALA K 140 -25.22 43.11 -32.29
CA ALA K 140 -25.40 42.09 -33.31
C ALA K 140 -26.85 42.11 -33.80
N LEU K 141 -27.01 42.04 -35.11
CA LEU K 141 -28.33 41.99 -35.73
C LEU K 141 -28.24 41.09 -36.95
N GLY K 142 -29.38 40.61 -37.42
CA GLY K 142 -29.34 39.69 -38.53
C GLY K 142 -30.70 39.38 -39.09
N CYS K 143 -30.71 38.41 -40.01
CA CYS K 143 -31.92 37.92 -40.67
C CYS K 143 -31.89 36.41 -40.67
N LEU K 144 -33.03 35.81 -40.31
CA LEU K 144 -33.22 34.37 -40.43
C LEU K 144 -33.94 34.09 -41.74
N VAL K 145 -33.33 33.25 -42.57
CA VAL K 145 -33.85 32.94 -43.90
C VAL K 145 -34.24 31.47 -43.88
N LYS K 146 -35.55 31.19 -43.74
CA LYS K 146 -36.02 29.89 -43.30
C LYS K 146 -36.87 29.21 -44.37
N ASP K 147 -36.66 27.89 -44.49
CA ASP K 147 -37.52 26.98 -45.26
C ASP K 147 -37.55 27.35 -46.74
N TYR K 148 -36.41 27.13 -47.39
CA TYR K 148 -36.29 27.36 -48.82
C TYR K 148 -35.67 26.15 -49.50
N PHE K 149 -35.97 26.02 -50.79
CA PHE K 149 -35.42 24.94 -51.61
C PHE K 149 -35.47 25.36 -53.06
N PRO K 150 -34.40 25.13 -53.83
CA PRO K 150 -33.13 24.54 -53.42
C PRO K 150 -32.09 25.60 -53.07
N GLU K 151 -30.85 25.17 -52.87
CA GLU K 151 -29.76 26.12 -52.79
C GLU K 151 -29.57 26.80 -54.16
N PRO K 152 -28.97 27.99 -54.18
CA PRO K 152 -28.56 28.82 -53.06
C PRO K 152 -29.43 30.06 -52.91
N VAL K 153 -29.47 30.64 -51.72
CA VAL K 153 -30.04 31.96 -51.54
C VAL K 153 -28.87 32.92 -51.64
N THR K 154 -29.14 34.22 -51.68
CA THR K 154 -28.10 35.23 -51.59
C THR K 154 -28.56 36.32 -50.66
N VAL K 155 -27.72 36.68 -49.69
CA VAL K 155 -28.06 37.70 -48.70
C VAL K 155 -27.06 38.84 -48.83
N SER K 156 -27.59 40.06 -48.91
CA SER K 156 -26.80 41.27 -48.93
C SER K 156 -27.31 42.20 -47.83
N TRP K 157 -26.45 43.11 -47.39
CA TRP K 157 -26.81 44.07 -46.36
C TRP K 157 -26.67 45.48 -46.90
N ASN K 158 -27.75 46.25 -46.81
CA ASN K 158 -27.81 47.64 -47.25
C ASN K 158 -27.36 47.77 -48.70
N SER K 159 -27.91 46.89 -49.55
CA SER K 159 -27.67 46.91 -51.00
C SER K 159 -26.18 46.81 -51.32
N GLY K 160 -25.42 46.12 -50.48
CA GLY K 160 -24.00 45.96 -50.68
C GLY K 160 -23.13 46.94 -49.92
N ALA K 161 -23.71 47.96 -49.30
CA ALA K 161 -22.93 48.98 -48.61
C ALA K 161 -22.38 48.51 -47.28
N LEU K 162 -22.83 47.37 -46.76
CA LEU K 162 -22.37 46.83 -45.49
C LEU K 162 -21.79 45.44 -45.73
N THR K 163 -20.50 45.28 -45.47
CA THR K 163 -19.85 43.99 -45.66
C THR K 163 -18.98 43.61 -44.47
N SER K 164 -18.31 44.60 -43.87
CA SER K 164 -17.48 44.33 -42.71
C SER K 164 -18.30 43.72 -41.59
N GLY K 165 -17.78 42.63 -41.02
CA GLY K 165 -18.44 41.99 -39.89
C GLY K 165 -19.69 41.22 -40.23
N VAL K 166 -19.96 40.96 -41.50
CA VAL K 166 -21.13 40.18 -41.90
C VAL K 166 -20.75 38.70 -41.90
N HIS K 167 -21.64 37.87 -41.37
CA HIS K 167 -21.49 36.42 -41.43
C HIS K 167 -22.78 35.83 -41.96
N THR K 168 -22.76 35.34 -43.19
CA THR K 168 -23.86 34.58 -43.75
C THR K 168 -23.50 33.10 -43.66
N PHE K 169 -24.26 32.36 -42.88
CA PHE K 169 -23.83 31.02 -42.52
C PHE K 169 -24.13 30.02 -43.62
N PRO K 170 -23.29 28.98 -43.75
CA PRO K 170 -23.66 27.83 -44.58
C PRO K 170 -25.02 27.28 -44.16
N ALA K 171 -25.95 27.19 -45.11
CA ALA K 171 -27.29 26.76 -44.78
C ALA K 171 -27.29 25.35 -44.20
N VAL K 172 -28.28 25.08 -43.36
CA VAL K 172 -28.47 23.75 -42.80
C VAL K 172 -29.75 23.16 -43.39
N LEU K 173 -29.69 21.89 -43.74
CA LEU K 173 -30.85 21.16 -44.25
C LEU K 173 -31.70 20.71 -43.07
N GLN K 174 -32.89 21.29 -42.93
CA GLN K 174 -33.80 20.85 -41.89
C GLN K 174 -34.39 19.49 -42.25
N SER K 175 -34.90 18.80 -41.22
CA SER K 175 -35.48 17.47 -41.43
C SER K 175 -36.73 17.50 -42.30
N SER K 176 -37.29 18.69 -42.56
CA SER K 176 -38.40 18.81 -43.50
C SER K 176 -37.93 18.73 -44.95
N GLY K 177 -36.63 18.66 -45.20
CA GLY K 177 -36.10 18.68 -46.55
C GLY K 177 -35.85 20.05 -47.11
N LEU K 178 -36.03 21.10 -46.31
CA LEU K 178 -35.85 22.48 -46.75
C LEU K 178 -34.65 23.10 -46.04
N TYR K 179 -33.99 24.01 -46.74
CA TYR K 179 -32.81 24.66 -46.17
C TYR K 179 -33.20 25.89 -45.36
N SER K 180 -32.37 26.19 -44.37
CA SER K 180 -32.51 27.38 -43.55
C SER K 180 -31.14 27.94 -43.24
N LEU K 181 -31.04 29.26 -43.12
CA LEU K 181 -29.76 29.87 -42.76
C LEU K 181 -30.00 31.20 -42.07
N SER K 182 -29.01 31.60 -41.28
CA SER K 182 -28.96 32.92 -40.66
C SER K 182 -27.86 33.75 -41.31
N SER K 183 -28.17 35.02 -41.54
CA SER K 183 -27.17 36.02 -41.91
C SER K 183 -27.14 37.06 -40.80
N VAL K 184 -25.96 37.28 -40.23
CA VAL K 184 -25.79 38.17 -39.09
C VAL K 184 -24.68 39.17 -39.39
N VAL K 185 -24.67 40.26 -38.64
CA VAL K 185 -23.64 41.28 -38.77
C VAL K 185 -23.42 41.93 -37.42
N THR K 186 -22.15 42.20 -37.10
CA THR K 186 -21.80 42.96 -35.91
C THR K 186 -21.63 44.43 -36.29
N VAL K 187 -22.28 45.30 -35.53
CA VAL K 187 -22.19 46.74 -35.74
C VAL K 187 -21.94 47.44 -34.42
N PRO K 188 -21.35 48.63 -34.47
CA PRO K 188 -21.19 49.41 -33.23
C PRO K 188 -22.54 49.73 -32.61
N SER K 189 -22.66 49.45 -31.31
CA SER K 189 -23.94 49.63 -30.62
C SER K 189 -24.40 51.09 -30.67
N SER K 190 -23.45 52.03 -30.76
CA SER K 190 -23.81 53.43 -30.84
C SER K 190 -24.57 53.76 -32.12
N SER K 191 -24.55 52.87 -33.11
CA SER K 191 -25.20 53.11 -34.39
C SER K 191 -26.59 52.49 -34.48
N LEU K 192 -27.04 51.79 -33.44
CA LEU K 192 -28.29 51.05 -33.53
C LEU K 192 -29.48 51.97 -33.79
N GLY K 193 -29.54 53.11 -33.09
CA GLY K 193 -30.67 54.00 -33.27
C GLY K 193 -30.59 54.91 -34.47
N THR K 194 -29.45 54.96 -35.15
CA THR K 194 -29.19 55.99 -36.15
C THR K 194 -29.05 55.48 -37.57
N GLN K 195 -28.56 54.25 -37.76
CA GLN K 195 -28.32 53.71 -39.09
C GLN K 195 -29.38 52.66 -39.42
N THR K 196 -30.00 52.81 -40.58
CA THR K 196 -30.97 51.82 -41.05
C THR K 196 -30.24 50.59 -41.53
N TYR K 197 -30.61 49.43 -40.98
CA TYR K 197 -30.01 48.16 -41.37
C TYR K 197 -31.05 47.29 -42.04
N ILE K 198 -30.75 46.85 -43.26
CA ILE K 198 -31.67 46.10 -44.10
C ILE K 198 -30.90 44.92 -44.70
N CYS K 199 -31.53 43.75 -44.69
CA CYS K 199 -30.96 42.57 -45.34
C CYS K 199 -31.70 42.30 -46.64
N ASN K 200 -30.94 42.13 -47.72
CA ASN K 200 -31.50 41.91 -49.05
C ASN K 200 -31.36 40.43 -49.38
N VAL K 201 -32.49 39.76 -49.54
CA VAL K 201 -32.53 38.32 -49.77
C VAL K 201 -33.06 38.06 -51.18
N ASN K 202 -32.33 37.27 -51.95
CA ASN K 202 -32.72 36.89 -53.31
C ASN K 202 -32.60 35.39 -53.44
N HIS K 203 -33.73 34.70 -53.57
CA HIS K 203 -33.77 33.27 -53.88
C HIS K 203 -34.25 33.14 -55.32
N LYS K 204 -33.30 32.97 -56.23
CA LYS K 204 -33.52 33.03 -57.67
C LYS K 204 -34.43 31.95 -58.24
N PRO K 205 -34.35 30.68 -57.80
CA PRO K 205 -35.24 29.67 -58.39
C PRO K 205 -36.72 29.91 -58.18
N SER K 206 -37.11 30.77 -57.24
CA SER K 206 -38.52 31.12 -57.07
C SER K 206 -38.75 32.62 -57.25
N ASN K 207 -37.83 33.30 -57.91
CA ASN K 207 -37.86 34.75 -58.15
C ASN K 207 -38.30 35.49 -56.89
N THR K 208 -37.78 35.08 -55.74
CA THR K 208 -38.20 35.65 -54.46
C THR K 208 -37.18 36.69 -54.03
N LYS K 209 -37.63 37.94 -53.94
CA LYS K 209 -36.80 39.05 -53.47
C LYS K 209 -37.46 39.64 -52.23
N VAL K 210 -36.68 39.76 -51.16
CA VAL K 210 -37.15 40.32 -49.90
C VAL K 210 -36.11 41.32 -49.39
N ASP K 211 -36.56 42.52 -49.06
CA ASP K 211 -35.77 43.49 -48.31
C ASP K 211 -36.40 43.64 -46.94
N LYS K 212 -35.63 43.31 -45.90
CA LYS K 212 -36.14 43.28 -44.54
C LYS K 212 -35.37 44.25 -43.67
N ARG K 213 -36.07 45.23 -43.12
CA ARG K 213 -35.50 46.07 -42.08
C ARG K 213 -35.25 45.26 -40.82
N VAL K 214 -34.28 45.68 -40.03
CA VAL K 214 -34.02 45.10 -38.71
C VAL K 214 -33.96 46.26 -37.72
N GLU K 215 -35.12 46.65 -37.20
CA GLU K 215 -35.15 47.59 -36.09
C GLU K 215 -34.74 46.88 -34.80
N PRO K 216 -34.17 47.61 -33.84
CA PRO K 216 -33.93 47.01 -32.53
C PRO K 216 -35.22 46.66 -31.80
N ASP L 1 -6.13 7.41 -67.23
CA ASP L 1 -6.16 8.68 -66.51
C ASP L 1 -4.93 8.86 -65.64
N ILE L 2 -4.34 10.05 -65.70
CA ILE L 2 -3.25 10.41 -64.80
C ILE L 2 -3.84 10.85 -63.48
N VAL L 3 -3.28 10.34 -62.38
CA VAL L 3 -3.73 10.66 -61.04
C VAL L 3 -2.74 11.64 -60.42
N MET L 4 -3.27 12.74 -59.87
CA MET L 4 -2.46 13.77 -59.23
C MET L 4 -2.64 13.64 -57.72
N THR L 5 -1.57 13.24 -57.02
CA THR L 5 -1.63 12.98 -55.60
C THR L 5 -1.00 14.14 -54.84
N GLN L 6 -1.82 14.89 -54.13
CA GLN L 6 -1.34 15.98 -53.29
C GLN L 6 -0.99 15.41 -51.92
N SER L 7 0.17 15.84 -51.39
CA SER L 7 0.79 15.14 -50.28
C SER L 7 0.09 15.36 -48.94
N GLN L 8 -0.86 16.29 -48.86
CA GLN L 8 -1.57 16.54 -47.62
C GLN L 8 -2.99 16.98 -47.95
N LYS L 9 -3.95 16.56 -47.14
CA LYS L 9 -5.33 17.02 -47.30
C LYS L 9 -5.61 18.29 -46.50
N PHE L 10 -5.05 18.40 -45.31
CA PHE L 10 -5.08 19.63 -44.53
C PHE L 10 -3.65 20.02 -44.17
N MET L 11 -3.37 21.33 -44.19
CA MET L 11 -2.13 21.87 -43.64
C MET L 11 -2.45 23.12 -42.84
N SER L 12 -1.60 23.41 -41.86
CA SER L 12 -1.82 24.52 -40.94
C SER L 12 -0.54 25.34 -40.81
N THR L 13 -0.70 26.67 -40.85
CA THR L 13 0.44 27.56 -40.88
C THR L 13 0.09 28.89 -40.23
N SER L 14 1.12 29.64 -39.87
CA SER L 14 0.96 30.95 -39.25
C SER L 14 1.27 32.06 -40.25
N VAL L 15 0.71 33.24 -40.00
CA VAL L 15 1.00 34.39 -40.84
C VAL L 15 2.49 34.67 -40.80
N GLY L 16 3.09 34.85 -41.98
CA GLY L 16 4.51 35.04 -42.11
C GLY L 16 5.28 33.77 -42.41
N ASP L 17 4.72 32.61 -42.08
CA ASP L 17 5.41 31.35 -42.30
C ASP L 17 5.53 31.06 -43.79
N ARG L 18 6.27 29.99 -44.09
CA ARG L 18 6.35 29.42 -45.42
C ARG L 18 5.72 28.03 -45.39
N VAL L 19 4.92 27.71 -46.40
CA VAL L 19 4.31 26.41 -46.54
C VAL L 19 4.53 25.90 -47.96
N SER L 20 4.92 24.64 -48.08
CA SER L 20 5.16 24.00 -49.36
C SER L 20 4.18 22.85 -49.53
N VAL L 21 3.40 22.89 -50.61
CA VAL L 21 2.46 21.83 -50.95
C VAL L 21 2.99 21.11 -52.17
N THR L 22 3.21 19.80 -52.05
CA THR L 22 3.75 19.01 -53.14
C THR L 22 2.66 18.14 -53.76
N CYS L 23 2.88 17.78 -55.02
CA CYS L 23 1.91 17.06 -55.83
C CYS L 23 2.67 16.11 -56.75
N LYS L 24 2.29 14.84 -56.76
CA LYS L 24 2.95 13.82 -57.56
C LYS L 24 2.01 13.27 -58.62
N ALA L 25 2.51 13.14 -59.84
CA ALA L 25 1.76 12.57 -60.94
C ALA L 25 2.12 11.10 -61.13
N SER L 26 1.11 10.30 -61.48
CA SER L 26 1.35 8.89 -61.75
C SER L 26 2.05 8.65 -63.07
N GLN L 27 2.10 9.65 -63.95
CA GLN L 27 2.79 9.56 -65.23
C GLN L 27 3.68 10.79 -65.38
N ASN L 28 4.47 10.80 -66.46
CA ASN L 28 5.25 11.98 -66.79
C ASN L 28 4.34 13.01 -67.45
N VAL L 29 4.28 14.21 -66.87
CA VAL L 29 3.50 15.31 -67.43
C VAL L 29 4.38 16.51 -67.77
N GLY L 30 5.69 16.32 -67.78
CA GLY L 30 6.59 17.40 -68.17
C GLY L 30 6.47 18.57 -67.20
N THR L 31 6.17 19.74 -67.75
CA THR L 31 5.88 20.92 -66.95
C THR L 31 4.45 21.40 -67.13
N ASN L 32 3.60 20.64 -67.80
CA ASN L 32 2.23 21.05 -68.06
C ASN L 32 1.35 20.82 -66.83
N VAL L 33 1.68 21.56 -65.77
CA VAL L 33 0.99 21.48 -64.49
C VAL L 33 0.55 22.87 -64.08
N ALA L 34 -0.67 22.97 -63.56
CA ALA L 34 -1.21 24.23 -63.07
C ALA L 34 -1.55 24.10 -61.59
N TRP L 35 -1.61 25.25 -60.90
CA TRP L 35 -2.00 25.32 -59.51
C TRP L 35 -3.13 26.32 -59.35
N TYR L 36 -4.15 25.94 -58.58
CA TYR L 36 -5.31 26.78 -58.35
C TYR L 36 -5.51 27.04 -56.87
N GLN L 37 -6.15 28.16 -56.58
CA GLN L 37 -6.52 28.56 -55.23
C GLN L 37 -8.02 28.76 -55.20
N GLN L 38 -8.71 28.08 -54.27
CA GLN L 38 -10.14 28.26 -54.09
C GLN L 38 -10.41 28.70 -52.65
N LYS L 39 -10.77 29.96 -52.49
CA LYS L 39 -11.14 30.51 -51.21
C LYS L 39 -12.57 30.10 -50.87
N PRO L 40 -12.95 30.14 -49.59
CA PRO L 40 -14.31 29.75 -49.22
C PRO L 40 -15.37 30.60 -49.94
N GLY L 41 -16.27 29.91 -50.63
CA GLY L 41 -17.38 30.59 -51.28
C GLY L 41 -17.02 31.28 -52.57
N GLN L 42 -15.87 30.96 -53.17
CA GLN L 42 -15.42 31.60 -54.39
C GLN L 42 -15.16 30.55 -55.47
N SER L 43 -15.13 31.02 -56.71
CA SER L 43 -14.64 30.19 -57.79
C SER L 43 -13.13 30.00 -57.65
N PRO L 44 -12.58 28.97 -58.26
CA PRO L 44 -11.12 28.81 -58.27
C PRO L 44 -10.43 29.99 -58.95
N LYS L 45 -9.25 30.32 -58.45
CA LYS L 45 -8.36 31.27 -59.10
C LYS L 45 -7.09 30.53 -59.52
N ALA L 46 -6.71 30.68 -60.79
CA ALA L 46 -5.50 30.05 -61.29
C ALA L 46 -4.29 30.86 -60.87
N LEU L 47 -3.28 30.20 -60.32
CA LEU L 47 -2.08 30.85 -59.80
C LEU L 47 -0.85 30.59 -60.65
N ILE L 48 -0.62 29.34 -61.03
CA ILE L 48 0.59 28.93 -61.72
C ILE L 48 0.21 28.14 -62.96
N TYR L 49 0.96 28.34 -64.04
CA TYR L 49 0.89 27.49 -65.21
C TYR L 49 2.31 27.13 -65.64
N SER L 50 2.40 26.08 -66.46
CA SER L 50 3.69 25.53 -66.87
C SER L 50 4.60 25.30 -65.68
N ALA L 51 4.00 24.87 -64.57
CA ALA L 51 4.71 24.39 -63.38
C ALA L 51 5.36 25.51 -62.58
N SER L 52 5.72 26.63 -63.22
CA SER L 52 6.44 27.65 -62.47
C SER L 52 6.09 29.09 -62.82
N TYR L 53 5.28 29.35 -63.84
CA TYR L 53 5.02 30.71 -64.28
C TYR L 53 3.69 31.21 -63.71
N ARG L 54 3.69 32.46 -63.27
CA ARG L 54 2.53 33.05 -62.61
C ARG L 54 1.57 33.66 -63.62
N TYR L 55 0.28 33.52 -63.34
CA TYR L 55 -0.74 34.25 -64.07
C TYR L 55 -0.78 35.70 -63.62
N SER L 56 -1.49 36.51 -64.39
CA SER L 56 -1.73 37.90 -64.01
C SER L 56 -2.35 37.99 -62.62
N GLY L 57 -1.85 38.94 -61.84
CA GLY L 57 -2.42 39.25 -60.54
C GLY L 57 -1.99 38.35 -59.40
N VAL L 58 -0.93 37.58 -59.57
CA VAL L 58 -0.50 36.60 -58.57
C VAL L 58 0.75 37.14 -57.88
N PRO L 59 0.74 37.28 -56.56
CA PRO L 59 1.91 37.82 -55.86
C PRO L 59 3.13 36.91 -55.99
N ASP L 60 4.30 37.51 -55.77
CA ASP L 60 5.56 36.79 -55.91
C ASP L 60 5.76 35.74 -54.83
N ARG L 61 5.02 35.83 -53.72
CA ARG L 61 5.18 34.86 -52.64
C ARG L 61 4.64 33.49 -53.02
N PHE L 62 4.00 33.36 -54.18
CA PHE L 62 3.56 32.09 -54.73
C PHE L 62 4.58 31.65 -55.78
N THR L 63 5.29 30.57 -55.51
CA THR L 63 6.28 30.03 -56.45
C THR L 63 5.95 28.57 -56.75
N GLY L 64 6.09 28.20 -58.01
CA GLY L 64 5.88 26.83 -58.46
C GLY L 64 7.20 26.25 -58.96
N SER L 65 7.36 24.94 -58.80
CA SER L 65 8.57 24.25 -59.21
C SER L 65 8.24 22.80 -59.52
N GLY L 66 9.17 22.13 -60.20
CA GLY L 66 9.03 20.72 -60.49
C GLY L 66 8.93 20.40 -61.96
N SER L 67 9.15 19.13 -62.31
CA SER L 67 9.02 18.69 -63.69
C SER L 67 8.91 17.17 -63.70
N GLY L 68 8.35 16.64 -64.78
CA GLY L 68 8.20 15.20 -64.94
C GLY L 68 7.07 14.63 -64.13
N THR L 69 7.31 14.36 -62.85
CA THR L 69 6.31 13.77 -61.98
C THR L 69 6.24 14.36 -60.58
N ASP L 70 7.15 15.25 -60.21
CA ASP L 70 7.23 15.82 -58.87
C ASP L 70 7.08 17.32 -58.97
N PHE L 71 6.10 17.87 -58.26
CA PHE L 71 5.75 19.27 -58.38
C PHE L 71 5.46 19.87 -57.01
N THR L 72 5.73 21.16 -56.87
CA THR L 72 5.62 21.83 -55.58
C THR L 72 5.13 23.25 -55.77
N LEU L 73 4.10 23.61 -55.00
CA LEU L 73 3.67 24.99 -54.82
C LEU L 73 4.14 25.45 -53.44
N THR L 74 4.90 26.54 -53.40
CA THR L 74 5.36 27.12 -52.15
C THR L 74 4.71 28.47 -51.94
N ILE L 75 4.17 28.69 -50.74
CA ILE L 75 3.58 29.96 -50.34
C ILE L 75 4.47 30.52 -49.24
N SER L 76 5.36 31.44 -49.60
CA SER L 76 6.17 32.13 -48.62
C SER L 76 5.41 33.31 -48.05
N ASN L 77 5.80 33.73 -46.85
CA ASN L 77 5.23 34.88 -46.16
C ASN L 77 3.70 34.82 -46.19
N VAL L 78 3.18 33.72 -45.64
CA VAL L 78 1.76 33.43 -45.73
C VAL L 78 0.96 34.59 -45.15
N GLN L 79 -0.06 35.02 -45.89
CA GLN L 79 -0.96 36.06 -45.45
C GLN L 79 -2.29 35.46 -45.03
N SER L 80 -3.04 36.24 -44.26
CA SER L 80 -4.34 35.79 -43.79
C SER L 80 -5.28 35.53 -44.96
N GLU L 81 -5.18 36.32 -46.02
CA GLU L 81 -6.04 36.10 -47.17
C GLU L 81 -5.70 34.84 -47.95
N ASP L 82 -4.58 34.18 -47.64
CA ASP L 82 -4.19 32.98 -48.35
C ASP L 82 -4.94 31.74 -47.87
N LEU L 83 -5.98 31.90 -47.05
CA LEU L 83 -6.76 30.75 -46.59
C LEU L 83 -7.61 30.22 -47.73
N ALA L 84 -7.33 29.00 -48.18
CA ALA L 84 -8.04 28.44 -49.32
C ALA L 84 -7.71 26.96 -49.41
N GLU L 85 -8.38 26.29 -50.35
CA GLU L 85 -7.99 24.97 -50.81
C GLU L 85 -7.18 25.13 -52.09
N TYR L 86 -6.06 24.42 -52.17
CA TYR L 86 -5.12 24.54 -53.27
C TYR L 86 -5.09 23.24 -54.05
N PHE L 87 -5.32 23.34 -55.36
CA PHE L 87 -5.39 22.20 -56.25
C PHE L 87 -4.23 22.24 -57.24
N CYS L 88 -3.56 21.10 -57.41
CA CYS L 88 -2.69 20.94 -58.57
C CYS L 88 -3.50 20.31 -59.71
N GLN L 89 -2.99 20.49 -60.92
CA GLN L 89 -3.66 19.94 -62.10
C GLN L 89 -2.62 19.68 -63.16
N GLN L 90 -2.76 18.55 -63.85
CA GLN L 90 -1.98 18.27 -65.04
C GLN L 90 -2.86 18.53 -66.27
N TYR L 91 -2.27 19.12 -67.30
CA TYR L 91 -2.94 19.26 -68.58
C TYR L 91 -2.06 18.78 -69.72
N ASN L 92 -1.25 17.74 -69.45
CA ASN L 92 -0.35 17.20 -70.45
C ASN L 92 -1.00 16.11 -71.30
N SER L 93 -1.96 15.38 -70.76
CA SER L 93 -2.70 14.39 -71.53
C SER L 93 -4.14 14.36 -71.05
N TYR L 94 -4.98 13.68 -71.83
CA TYR L 94 -6.41 13.67 -71.57
C TYR L 94 -6.84 12.37 -70.91
N PRO L 95 -7.79 12.45 -69.97
CA PRO L 95 -8.48 13.65 -69.49
C PRO L 95 -7.58 14.55 -68.63
N LEU L 96 -7.78 15.86 -68.68
CA LEU L 96 -7.10 16.76 -67.76
C LEU L 96 -7.60 16.49 -66.35
N THR L 97 -6.67 16.32 -65.41
CA THR L 97 -7.02 15.85 -64.08
C THR L 97 -6.47 16.76 -62.98
N PHE L 98 -7.33 17.08 -62.02
CA PHE L 98 -6.97 17.82 -60.83
C PHE L 98 -6.55 16.89 -59.71
N GLY L 99 -5.75 17.40 -58.78
CA GLY L 99 -5.57 16.74 -57.52
C GLY L 99 -6.78 16.91 -56.62
N ALA L 100 -6.78 16.19 -55.51
CA ALA L 100 -7.92 16.21 -54.59
C ALA L 100 -7.97 17.47 -53.74
N GLY L 101 -6.95 18.31 -53.79
CA GLY L 101 -6.96 19.56 -53.05
C GLY L 101 -6.28 19.48 -51.71
N THR L 102 -5.58 20.56 -51.34
CA THR L 102 -4.96 20.69 -50.03
C THR L 102 -5.56 21.91 -49.34
N LYS L 103 -6.22 21.67 -48.21
CA LYS L 103 -6.86 22.74 -47.45
C LYS L 103 -5.82 23.43 -46.58
N LEU L 104 -5.69 24.75 -46.73
CA LEU L 104 -4.75 25.53 -45.95
C LEU L 104 -5.48 26.22 -44.81
N GLU L 105 -5.04 25.97 -43.59
CA GLU L 105 -5.61 26.53 -42.37
C GLU L 105 -4.58 27.39 -41.69
N LEU L 106 -5.02 28.38 -40.93
CA LEU L 106 -4.11 29.34 -40.31
C LEU L 106 -4.14 29.26 -38.79
N LYS L 107 -2.96 29.13 -38.20
CA LYS L 107 -2.79 29.26 -36.77
C LYS L 107 -2.94 30.73 -36.36
N ARG L 108 -3.56 30.97 -35.21
CA ARG L 108 -3.63 32.31 -34.68
C ARG L 108 -3.86 32.26 -33.18
N THR L 109 -3.80 33.43 -32.55
CA THR L 109 -3.98 33.52 -31.11
C THR L 109 -5.42 33.18 -30.72
N VAL L 110 -5.57 32.72 -29.48
CA VAL L 110 -6.90 32.37 -28.98
C VAL L 110 -7.77 33.62 -28.96
N ALA L 111 -9.02 33.44 -29.38
CA ALA L 111 -9.98 34.55 -29.40
C ALA L 111 -11.31 34.03 -28.86
N ALA L 112 -11.80 34.67 -27.80
CA ALA L 112 -13.05 34.22 -27.21
C ALA L 112 -14.22 34.65 -28.10
N PRO L 113 -15.28 33.85 -28.16
CA PRO L 113 -16.45 34.26 -28.95
C PRO L 113 -17.22 35.37 -28.25
N SER L 114 -17.63 36.36 -29.03
CA SER L 114 -18.66 37.28 -28.60
C SER L 114 -20.01 36.58 -28.76
N VAL L 115 -20.73 36.43 -27.67
CA VAL L 115 -21.93 35.58 -27.63
C VAL L 115 -23.16 36.47 -27.62
N PHE L 116 -24.09 36.20 -28.54
CA PHE L 116 -25.34 36.92 -28.66
C PHE L 116 -26.49 35.93 -28.77
N ILE L 117 -27.67 36.35 -28.31
CA ILE L 117 -28.87 35.53 -28.39
C ILE L 117 -30.01 36.39 -28.92
N PHE L 118 -30.85 35.78 -29.75
CA PHE L 118 -31.97 36.46 -30.39
C PHE L 118 -33.26 35.70 -30.12
N PRO L 119 -34.29 36.33 -29.56
CA PRO L 119 -35.59 35.68 -29.43
C PRO L 119 -36.24 35.55 -30.80
N PRO L 120 -37.25 34.70 -30.94
CA PRO L 120 -37.95 34.62 -32.23
C PRO L 120 -38.71 35.91 -32.49
N SER L 121 -38.60 36.39 -33.71
CA SER L 121 -39.41 37.53 -34.13
C SER L 121 -40.88 37.18 -34.03
N ASP L 122 -41.66 38.10 -33.47
CA ASP L 122 -43.09 37.87 -33.35
C ASP L 122 -43.77 37.77 -34.71
N GLU L 123 -43.10 38.21 -35.78
CA GLU L 123 -43.60 37.95 -37.12
C GLU L 123 -43.41 36.48 -37.50
N GLN L 124 -42.43 35.81 -36.90
CA GLN L 124 -42.33 34.36 -37.06
C GLN L 124 -43.36 33.63 -36.20
N LEU L 125 -43.63 34.16 -35.01
CA LEU L 125 -44.57 33.49 -34.11
C LEU L 125 -45.97 33.42 -34.70
N LYS L 126 -46.36 34.39 -35.52
CA LYS L 126 -47.66 34.32 -36.18
C LYS L 126 -47.70 33.28 -37.28
N SER L 127 -46.60 32.60 -37.56
CA SER L 127 -46.59 31.47 -38.48
C SER L 127 -46.63 30.13 -37.76
N GLY L 128 -46.60 30.13 -36.43
CA GLY L 128 -46.74 28.91 -35.66
C GLY L 128 -45.44 28.30 -35.17
N THR L 129 -44.30 28.84 -35.55
CA THR L 129 -43.01 28.31 -35.12
C THR L 129 -42.18 29.40 -34.46
N ALA L 130 -41.26 28.97 -33.59
CA ALA L 130 -40.35 29.86 -32.90
C ALA L 130 -38.93 29.37 -33.09
N SER L 131 -38.08 30.24 -33.63
CA SER L 131 -36.66 29.96 -33.79
C SER L 131 -35.86 30.92 -32.94
N VAL L 132 -35.14 30.37 -31.97
CA VAL L 132 -34.23 31.13 -31.12
C VAL L 132 -32.82 30.89 -31.62
N VAL L 133 -32.08 31.97 -31.86
CA VAL L 133 -30.77 31.91 -32.50
C VAL L 133 -29.73 32.37 -31.50
N CYS L 134 -28.69 31.55 -31.31
CA CYS L 134 -27.53 31.89 -30.49
C CYS L 134 -26.32 32.02 -31.40
N LEU L 135 -25.66 33.18 -31.35
CA LEU L 135 -24.55 33.49 -32.24
C LEU L 135 -23.25 33.55 -31.45
N LEU L 136 -22.25 32.81 -31.92
CA LEU L 136 -20.88 32.89 -31.42
C LEU L 136 -20.04 33.55 -32.49
N ASN L 137 -19.46 34.71 -32.19
CA ASN L 137 -18.89 35.58 -33.20
C ASN L 137 -17.37 35.62 -33.10
N ASN L 138 -16.70 35.39 -34.22
CA ASN L 138 -15.26 35.59 -34.40
C ASN L 138 -14.44 35.01 -33.25
N PHE L 139 -14.35 33.68 -33.18
CA PHE L 139 -13.60 32.99 -32.15
C PHE L 139 -12.58 32.05 -32.78
N TYR L 140 -11.61 31.64 -31.96
CA TYR L 140 -10.57 30.69 -32.37
C TYR L 140 -10.00 30.01 -31.13
N PRO L 141 -9.80 28.69 -31.16
CA PRO L 141 -9.99 27.75 -32.28
C PRO L 141 -11.45 27.40 -32.55
N ARG L 142 -11.70 26.55 -33.55
CA ARG L 142 -13.06 26.22 -33.94
C ARG L 142 -13.82 25.47 -32.85
N GLU L 143 -13.12 24.86 -31.90
CA GLU L 143 -13.82 24.04 -30.91
C GLU L 143 -14.63 24.90 -29.96
N ALA L 144 -15.91 24.56 -29.83
CA ALA L 144 -16.81 25.25 -28.91
C ALA L 144 -17.98 24.33 -28.60
N LYS L 145 -18.56 24.52 -27.41
CA LYS L 145 -19.75 23.81 -26.98
C LYS L 145 -20.86 24.82 -26.72
N VAL L 146 -22.01 24.61 -27.35
CA VAL L 146 -23.21 25.41 -27.13
C VAL L 146 -24.26 24.50 -26.52
N GLN L 147 -24.73 24.85 -25.33
CA GLN L 147 -25.76 24.07 -24.64
C GLN L 147 -26.97 24.96 -24.42
N TRP L 148 -28.11 24.52 -24.93
CA TRP L 148 -29.36 25.25 -24.81
C TRP L 148 -30.07 24.86 -23.51
N LYS L 149 -30.50 25.86 -22.75
CA LYS L 149 -31.28 25.66 -21.55
C LYS L 149 -32.59 26.42 -21.66
N VAL L 150 -33.70 25.74 -21.43
CA VAL L 150 -35.02 26.35 -21.38
C VAL L 150 -35.59 26.12 -20.00
N ASP L 151 -35.74 27.21 -19.25
CA ASP L 151 -36.06 27.14 -17.82
C ASP L 151 -35.11 26.17 -17.13
N ASN L 152 -33.84 26.23 -17.53
CA ASN L 152 -32.75 25.40 -17.01
C ASN L 152 -32.91 23.92 -17.30
N ALA L 153 -33.94 23.56 -18.07
CA ALA L 153 -34.00 22.21 -18.64
C ALA L 153 -33.06 22.16 -19.83
N LEU L 154 -32.04 21.30 -19.74
CA LEU L 154 -31.09 21.17 -20.83
C LEU L 154 -31.77 20.56 -22.05
N GLN L 155 -31.56 21.18 -23.20
CA GLN L 155 -32.22 20.78 -24.43
C GLN L 155 -31.32 19.87 -25.26
N SER L 156 -31.95 19.05 -26.08
CA SER L 156 -31.21 18.12 -26.93
C SER L 156 -32.13 17.67 -28.06
N GLY L 157 -31.51 17.45 -29.22
CA GLY L 157 -32.24 16.99 -30.39
C GLY L 157 -33.17 17.99 -31.02
N ASN L 158 -33.21 19.24 -30.55
CA ASN L 158 -34.11 20.23 -31.11
C ASN L 158 -33.37 21.49 -31.55
N SER L 159 -32.07 21.35 -31.87
CA SER L 159 -31.29 22.49 -32.33
C SER L 159 -30.34 22.07 -33.43
N GLN L 160 -29.97 23.02 -34.28
CA GLN L 160 -29.04 22.80 -35.37
C GLN L 160 -27.95 23.86 -35.33
N GLU L 161 -26.73 23.45 -35.70
CA GLU L 161 -25.56 24.33 -35.66
C GLU L 161 -24.97 24.50 -37.05
N SER L 162 -24.48 25.70 -37.32
CA SER L 162 -23.74 26.01 -38.54
C SER L 162 -22.54 26.87 -38.18
N VAL L 163 -21.40 26.54 -38.77
CA VAL L 163 -20.14 27.22 -38.53
C VAL L 163 -19.67 27.81 -39.84
N THR L 164 -19.06 28.98 -39.80
CA THR L 164 -18.46 29.53 -40.99
C THR L 164 -17.11 28.87 -41.25
N GLU L 165 -16.59 29.10 -42.46
CA GLU L 165 -15.20 28.84 -42.71
C GLU L 165 -14.34 29.92 -42.04
N GLN L 166 -13.06 29.62 -41.90
CA GLN L 166 -12.15 30.56 -41.27
C GLN L 166 -12.11 31.86 -42.06
N ASP L 167 -12.03 32.99 -41.34
CA ASP L 167 -12.12 34.28 -42.00
C ASP L 167 -10.80 34.64 -42.68
N SER L 168 -10.91 35.30 -43.83
CA SER L 168 -9.73 35.71 -44.57
C SER L 168 -9.03 36.92 -43.96
N LYS L 169 -9.72 37.71 -43.15
CA LYS L 169 -9.10 38.88 -42.55
C LYS L 169 -8.51 38.60 -41.18
N ASP L 170 -9.29 38.01 -40.28
CA ASP L 170 -8.86 37.80 -38.89
C ASP L 170 -8.69 36.34 -38.51
N SER L 171 -8.93 35.40 -39.42
CA SER L 171 -8.66 33.98 -39.22
C SER L 171 -9.48 33.35 -38.10
N THR L 172 -10.66 33.91 -37.80
CA THR L 172 -11.51 33.35 -36.77
C THR L 172 -12.66 32.56 -37.40
N TYR L 173 -13.46 31.94 -36.53
CA TYR L 173 -14.68 31.26 -36.93
C TYR L 173 -15.87 31.94 -36.27
N SER L 174 -17.05 31.72 -36.86
CA SER L 174 -18.31 32.13 -36.26
C SER L 174 -19.29 30.97 -36.36
N LEU L 175 -20.23 30.91 -35.41
CA LEU L 175 -21.11 29.77 -35.30
C LEU L 175 -22.51 30.22 -34.91
N SER L 176 -23.51 29.68 -35.61
CA SER L 176 -24.90 29.82 -35.20
C SER L 176 -25.37 28.50 -34.61
N SER L 177 -26.10 28.59 -33.50
CA SER L 177 -26.86 27.47 -32.97
C SER L 177 -28.32 27.93 -32.89
N THR L 178 -29.20 27.24 -33.60
CA THR L 178 -30.59 27.65 -33.73
C THR L 178 -31.48 26.63 -33.05
N LEU L 179 -32.26 27.09 -32.11
CA LEU L 179 -33.19 26.25 -31.36
C LEU L 179 -34.59 26.52 -31.92
N THR L 180 -35.20 25.50 -32.52
CA THR L 180 -36.50 25.63 -33.16
C THR L 180 -37.55 24.94 -32.31
N LEU L 181 -38.64 25.65 -32.01
CA LEU L 181 -39.76 25.12 -31.26
C LEU L 181 -41.06 25.47 -31.96
N SER L 182 -42.11 24.76 -31.60
CA SER L 182 -43.45 25.22 -31.93
C SER L 182 -43.77 26.47 -31.13
N LYS L 183 -44.70 27.28 -31.65
CA LYS L 183 -45.19 28.41 -30.90
C LYS L 183 -45.70 27.97 -29.53
N ALA L 184 -46.40 26.83 -29.49
CA ALA L 184 -46.98 26.34 -28.25
C ALA L 184 -45.92 26.10 -27.19
N ASP L 185 -44.84 25.41 -27.55
CA ASP L 185 -43.81 25.08 -26.56
C ASP L 185 -43.02 26.32 -26.14
N TYR L 186 -42.81 27.27 -27.06
CA TYR L 186 -42.16 28.52 -26.71
C TYR L 186 -43.02 29.32 -25.73
N GLU L 187 -44.34 29.32 -25.93
CA GLU L 187 -45.23 30.11 -25.10
C GLU L 187 -45.46 29.51 -23.72
N LYS L 188 -44.98 28.29 -23.47
CA LYS L 188 -45.11 27.71 -22.13
C LYS L 188 -44.04 28.24 -21.20
N HIS L 189 -42.80 28.27 -21.67
CA HIS L 189 -41.64 28.52 -20.84
C HIS L 189 -41.30 30.00 -20.79
N LYS L 190 -40.37 30.34 -19.88
CA LYS L 190 -40.02 31.74 -19.67
C LYS L 190 -38.55 32.04 -19.98
N VAL L 191 -37.62 31.29 -19.38
CA VAL L 191 -36.20 31.62 -19.45
C VAL L 191 -35.56 30.84 -20.59
N TYR L 192 -34.89 31.55 -21.50
CA TYR L 192 -34.18 30.97 -22.62
C TYR L 192 -32.73 31.38 -22.55
N ALA L 193 -31.83 30.41 -22.55
CA ALA L 193 -30.41 30.67 -22.38
C ALA L 193 -29.60 29.71 -23.24
N CYS L 194 -28.53 30.23 -23.85
CA CYS L 194 -27.53 29.39 -24.49
C CYS L 194 -26.21 29.59 -23.76
N GLU L 195 -25.51 28.49 -23.50
CA GLU L 195 -24.32 28.46 -22.68
C GLU L 195 -23.12 28.04 -23.53
N VAL L 196 -22.07 28.86 -23.51
CA VAL L 196 -20.94 28.72 -24.42
C VAL L 196 -19.68 28.50 -23.60
N THR L 197 -19.00 27.37 -23.83
CA THR L 197 -17.67 27.13 -23.29
C THR L 197 -16.67 27.04 -24.43
N HIS L 198 -15.51 27.67 -24.23
CA HIS L 198 -14.52 27.82 -25.26
C HIS L 198 -13.18 28.13 -24.61
N GLN L 199 -12.10 27.76 -25.30
CA GLN L 199 -10.75 27.89 -24.74
C GLN L 199 -10.46 29.31 -24.28
N GLY L 200 -10.95 30.31 -25.00
CA GLY L 200 -10.74 31.69 -24.64
C GLY L 200 -11.58 32.23 -23.51
N LEU L 201 -12.51 31.42 -22.99
CA LEU L 201 -13.37 31.83 -21.90
C LEU L 201 -12.91 31.11 -20.63
N SER L 202 -12.59 31.89 -19.58
CA SER L 202 -12.15 31.29 -18.33
C SER L 202 -13.20 30.34 -17.78
N SER L 203 -14.46 30.73 -17.84
CA SER L 203 -15.59 29.91 -17.43
C SER L 203 -16.70 30.12 -18.45
N PRO L 204 -17.61 29.16 -18.61
CA PRO L 204 -18.61 29.26 -19.67
C PRO L 204 -19.45 30.53 -19.55
N VAL L 205 -19.80 31.07 -20.71
CA VAL L 205 -20.56 32.31 -20.81
C VAL L 205 -21.99 31.97 -21.23
N THR L 206 -22.96 32.31 -20.38
CA THR L 206 -24.36 32.13 -20.68
C THR L 206 -24.97 33.46 -21.10
N LYS L 207 -25.77 33.43 -22.16
CA LYS L 207 -26.60 34.55 -22.56
C LYS L 207 -28.06 34.13 -22.50
N SER L 208 -28.92 35.00 -21.97
CA SER L 208 -30.29 34.59 -21.67
C SER L 208 -31.26 35.74 -21.91
N PHE L 209 -32.53 35.38 -22.10
CA PHE L 209 -33.61 36.34 -22.14
C PHE L 209 -34.86 35.68 -21.58
N ASN L 210 -35.77 36.49 -21.07
CA ASN L 210 -37.08 36.05 -20.64
C ASN L 210 -38.11 36.43 -21.69
N ARG L 211 -38.86 35.44 -22.17
CA ARG L 211 -39.93 35.69 -23.11
C ARG L 211 -40.91 36.71 -22.54
N GLY L 212 -40.93 37.91 -23.13
CA GLY L 212 -41.77 38.99 -22.65
C GLY L 212 -40.99 40.27 -22.42
N VAL M 2 27.05 14.74 -84.06
CA VAL M 2 28.41 15.10 -83.68
C VAL M 2 29.20 13.89 -83.18
N ARG M 3 30.53 13.97 -83.32
CA ARG M 3 31.44 12.92 -82.91
C ARG M 3 32.60 13.55 -82.14
N LEU M 4 33.06 12.87 -81.09
CA LEU M 4 34.20 13.32 -80.30
C LEU M 4 35.31 12.28 -80.40
N GLN M 5 36.45 12.70 -80.95
CA GLN M 5 37.59 11.83 -81.16
C GLN M 5 38.73 12.27 -80.23
N GLN M 6 39.17 11.36 -79.38
CA GLN M 6 40.20 11.65 -78.39
C GLN M 6 41.55 11.10 -78.85
N SER M 7 42.60 11.63 -78.24
CA SER M 7 43.96 11.20 -78.56
C SER M 7 44.28 9.87 -77.88
N GLY M 8 45.41 9.28 -78.27
CA GLY M 8 45.77 7.96 -77.84
C GLY M 8 46.28 7.92 -76.41
N PRO M 9 46.54 6.70 -75.94
CA PRO M 9 46.90 6.50 -74.53
C PRO M 9 48.33 6.89 -74.21
N GLU M 10 48.52 7.29 -72.95
CA GLU M 10 49.78 7.81 -72.45
C GLU M 10 50.32 6.89 -71.36
N LEU M 11 51.63 6.64 -71.39
CA LEU M 11 52.32 5.85 -70.39
C LEU M 11 53.62 6.56 -70.05
N VAL M 12 53.71 7.14 -68.85
CA VAL M 12 54.79 8.05 -68.48
C VAL M 12 55.25 7.75 -67.06
N LYS M 13 56.39 8.34 -66.72
CA LYS M 13 56.93 8.33 -65.36
C LYS M 13 56.31 9.46 -64.54
N PRO M 14 56.32 9.35 -63.22
CA PRO M 14 55.88 10.47 -62.39
C PRO M 14 56.74 11.70 -62.58
N GLY M 15 56.10 12.87 -62.55
CA GLY M 15 56.77 14.11 -62.86
C GLY M 15 56.65 14.55 -64.30
N ALA M 16 56.20 13.66 -65.19
CA ALA M 16 55.98 14.05 -66.57
C ALA M 16 54.68 14.83 -66.70
N SER M 17 54.45 15.35 -67.90
CA SER M 17 53.20 16.02 -68.25
C SER M 17 52.70 15.48 -69.57
N VAL M 18 51.39 15.50 -69.75
CA VAL M 18 50.75 15.04 -70.97
C VAL M 18 49.67 16.03 -71.37
N ARG M 19 49.39 16.07 -72.68
CA ARG M 19 48.29 16.88 -73.22
C ARG M 19 47.38 15.98 -74.04
N ILE M 20 46.15 15.81 -73.58
CA ILE M 20 45.13 15.03 -74.27
C ILE M 20 44.28 15.98 -75.11
N SER M 21 43.78 15.51 -76.24
CA SER M 21 42.95 16.31 -77.12
C SER M 21 41.62 15.63 -77.39
N CYS M 22 40.61 16.44 -77.70
CA CYS M 22 39.26 15.96 -77.98
C CYS M 22 38.73 16.79 -79.15
N LYS M 23 38.79 16.21 -80.35
CA LYS M 23 38.35 16.90 -81.56
C LYS M 23 36.86 16.68 -81.77
N ALA M 24 36.11 17.78 -81.85
CA ALA M 24 34.67 17.74 -82.05
C ALA M 24 34.36 17.97 -83.52
N SER M 25 33.62 17.05 -84.13
CA SER M 25 33.16 17.20 -85.50
C SER M 25 31.64 17.07 -85.52
N GLY M 26 31.03 17.72 -86.51
CA GLY M 26 29.57 17.73 -86.63
C GLY M 26 28.92 19.05 -86.29
N HIS M 27 29.69 20.05 -85.85
CA HIS M 27 29.16 21.37 -85.57
C HIS M 27 29.43 22.32 -86.73
N THR M 28 28.41 23.12 -87.08
CA THR M 28 28.62 24.27 -87.94
C THR M 28 28.87 25.54 -87.13
N PHE M 29 28.49 25.54 -85.85
CA PHE M 29 28.61 26.70 -84.98
C PHE M 29 29.45 26.36 -83.76
N THR M 30 29.95 27.40 -83.09
CA THR M 30 30.80 27.26 -81.92
C THR M 30 30.03 27.27 -80.61
N SER M 31 28.70 27.23 -80.66
CA SER M 31 27.89 27.42 -79.47
C SER M 31 27.74 26.15 -78.64
N TYR M 32 28.85 25.51 -78.29
CA TYR M 32 28.81 24.25 -77.56
C TYR M 32 29.92 24.19 -76.54
N TYR M 33 29.79 23.24 -75.61
CA TYR M 33 30.74 23.04 -74.53
C TYR M 33 31.46 21.70 -74.72
N ILE M 34 32.68 21.63 -74.19
CA ILE M 34 33.39 20.37 -74.00
C ILE M 34 33.70 20.22 -72.52
N TYR M 35 33.11 19.20 -71.90
CA TYR M 35 33.39 18.84 -70.52
C TYR M 35 34.51 17.80 -70.50
N TRP M 36 35.20 17.69 -69.36
CA TRP M 36 36.23 16.69 -69.16
C TRP M 36 35.96 15.94 -67.86
N VAL M 37 36.18 14.63 -67.88
CA VAL M 37 35.81 13.75 -66.78
C VAL M 37 36.90 12.71 -66.56
N LYS M 38 37.20 12.43 -65.29
CA LYS M 38 38.19 11.44 -64.90
C LYS M 38 37.50 10.17 -64.39
N GLN M 39 38.04 9.01 -64.75
CA GLN M 39 37.56 7.73 -64.24
C GLN M 39 38.76 6.90 -63.79
N ARG M 40 38.89 6.74 -62.47
CA ARG M 40 39.94 5.85 -61.97
C ARG M 40 39.48 4.39 -62.07
N PRO M 41 40.39 3.45 -62.35
CA PRO M 41 39.97 2.06 -62.54
C PRO M 41 39.23 1.54 -61.32
N GLY M 42 38.15 0.81 -61.59
CA GLY M 42 37.29 0.27 -60.58
C GLY M 42 36.38 1.28 -59.89
N GLN M 43 36.53 2.56 -60.16
CA GLN M 43 35.81 3.59 -59.42
C GLN M 43 35.01 4.51 -60.33
N GLY M 44 34.52 5.62 -59.77
CA GLY M 44 33.53 6.46 -60.42
C GLY M 44 34.12 7.63 -61.18
N LEU M 45 33.23 8.55 -61.55
CA LEU M 45 33.56 9.67 -62.42
C LEU M 45 33.79 10.94 -61.61
N GLU M 46 34.83 11.68 -61.96
CA GLU M 46 35.09 13.01 -61.45
C GLU M 46 34.96 14.03 -62.57
N TRP M 47 34.27 15.13 -62.31
CA TRP M 47 34.25 16.24 -63.24
C TRP M 47 35.51 17.08 -63.06
N ILE M 48 36.23 17.30 -64.16
CA ILE M 48 37.46 18.09 -64.10
C ILE M 48 37.20 19.55 -64.44
N GLY M 49 36.41 19.81 -65.47
CA GLY M 49 36.11 21.17 -65.87
C GLY M 49 35.33 21.18 -67.18
N TRP M 50 35.08 22.39 -67.67
CA TRP M 50 34.51 22.53 -69.01
C TRP M 50 35.07 23.77 -69.69
N ILE M 51 34.98 23.77 -71.01
CA ILE M 51 35.44 24.86 -71.86
C ILE M 51 34.39 25.10 -72.93
N TYR M 52 34.01 26.36 -73.13
CA TYR M 52 32.97 26.74 -74.07
C TYR M 52 33.60 27.30 -75.33
N PHE M 53 33.13 26.83 -76.49
CA PHE M 53 33.80 27.19 -77.73
C PHE M 53 33.30 28.49 -78.35
N GLY M 54 32.26 29.09 -77.79
CA GLY M 54 31.88 30.42 -78.26
C GLY M 54 32.92 31.47 -77.91
N ASN M 55 33.35 31.51 -76.64
CA ASN M 55 34.24 32.55 -76.16
C ASN M 55 35.41 32.01 -75.33
N ILE M 56 35.64 30.70 -75.33
CA ILE M 56 36.77 30.07 -74.65
C ILE M 56 36.61 30.27 -73.13
N ASN M 57 35.39 30.55 -72.70
CA ASN M 57 35.12 30.61 -71.26
C ASN M 57 35.45 29.26 -70.60
N LEU M 58 35.82 29.33 -69.34
CA LEU M 58 36.47 28.23 -68.65
C LEU M 58 35.88 28.06 -67.26
N LYS M 59 35.67 26.81 -66.85
CA LYS M 59 35.37 26.50 -65.46
C LYS M 59 36.11 25.24 -65.07
N TYR M 60 36.79 25.29 -63.92
CA TYR M 60 37.50 24.15 -63.36
C TYR M 60 36.78 23.63 -62.13
N ASN M 61 36.90 22.33 -61.91
CA ASN M 61 36.71 21.80 -60.57
C ASN M 61 37.81 22.37 -59.69
N GLU M 62 37.42 23.05 -58.60
CA GLU M 62 38.40 23.67 -57.72
C GLU M 62 39.48 22.68 -57.29
N LYS M 63 39.12 21.39 -57.18
CA LYS M 63 40.08 20.38 -56.75
C LYS M 63 41.19 20.16 -57.77
N PHE M 64 40.92 20.40 -59.06
CA PHE M 64 41.83 20.00 -60.12
C PHE M 64 42.73 21.11 -60.62
N LYS M 65 42.63 22.32 -60.07
CA LYS M 65 43.51 23.40 -60.51
C LYS M 65 44.95 23.13 -60.10
N GLY M 66 45.88 23.47 -60.97
CA GLY M 66 47.27 23.13 -60.78
C GLY M 66 47.60 21.80 -61.42
N LYS M 67 46.61 20.90 -61.43
CA LYS M 67 46.78 19.61 -62.08
C LYS M 67 46.37 19.67 -63.54
N ALA M 68 45.29 20.37 -63.85
CA ALA M 68 44.70 20.36 -65.18
C ALA M 68 44.65 21.77 -65.76
N THR M 69 45.04 21.89 -67.02
CA THR M 69 44.92 23.13 -67.78
C THR M 69 44.07 22.85 -69.02
N LEU M 70 42.96 23.57 -69.13
CA LEU M 70 42.04 23.41 -70.24
C LEU M 70 42.31 24.48 -71.30
N THR M 71 42.43 24.06 -72.55
CA THR M 71 42.61 24.96 -73.68
C THR M 71 41.80 24.44 -74.85
N ALA M 72 41.57 25.32 -75.83
CA ALA M 72 40.78 24.94 -77.00
C ALA M 72 41.23 25.74 -78.21
N ASP M 73 41.22 25.09 -79.37
CA ASP M 73 41.43 25.74 -80.66
C ASP M 73 40.12 25.68 -81.44
N LYS M 74 39.58 26.86 -81.75
CA LYS M 74 38.30 26.93 -82.47
C LYS M 74 38.46 26.53 -83.93
N SER M 75 39.61 26.85 -84.54
CA SER M 75 39.79 26.56 -85.96
C SER M 75 39.69 25.07 -86.25
N SER M 76 40.31 24.24 -85.42
CA SER M 76 40.23 22.79 -85.56
C SER M 76 39.13 22.18 -84.71
N SER M 77 38.31 23.02 -84.07
CA SER M 77 37.24 22.57 -83.17
C SER M 77 37.72 21.45 -82.26
N THR M 78 38.86 21.69 -81.61
CA THR M 78 39.50 20.69 -80.77
C THR M 78 39.74 21.27 -79.39
N ALA M 79 39.35 20.53 -78.36
CA ALA M 79 39.64 20.89 -76.99
C ALA M 79 40.87 20.11 -76.50
N TYR M 80 41.58 20.69 -75.55
CA TYR M 80 42.76 20.06 -74.96
C TYR M 80 42.68 20.15 -73.44
N ILE M 81 43.19 19.12 -72.79
CA ILE M 81 43.49 19.16 -71.36
C ILE M 81 44.93 18.74 -71.18
N GLN M 82 45.69 19.54 -70.43
CA GLN M 82 47.05 19.19 -70.06
C GLN M 82 47.06 18.74 -68.60
N LEU M 83 47.62 17.57 -68.35
CA LEU M 83 47.78 17.03 -67.01
C LEU M 83 49.26 17.03 -66.68
N SER M 84 49.63 17.75 -65.62
CA SER M 84 51.02 18.05 -65.33
C SER M 84 51.40 17.54 -63.94
N SER M 85 52.72 17.49 -63.71
CA SER M 85 53.31 17.00 -62.45
C SER M 85 52.67 15.68 -62.04
N LEU M 86 52.72 14.73 -62.97
CA LEU M 86 51.89 13.55 -62.87
C LEU M 86 52.36 12.63 -61.75
N THR M 87 51.38 12.03 -61.07
CA THR M 87 51.62 11.10 -59.97
C THR M 87 50.79 9.85 -60.21
N SER M 88 51.16 8.78 -59.50
CA SER M 88 50.43 7.52 -59.59
C SER M 88 48.92 7.72 -59.53
N GLU M 89 48.45 8.56 -58.62
CA GLU M 89 47.02 8.75 -58.43
C GLU M 89 46.39 9.64 -59.50
N ASP M 90 47.15 10.07 -60.50
CA ASP M 90 46.57 10.67 -61.70
C ASP M 90 46.20 9.62 -62.74
N SER M 91 46.70 8.39 -62.60
CA SER M 91 46.41 7.32 -63.55
C SER M 91 44.91 7.07 -63.61
N ALA M 92 44.35 7.22 -64.81
CA ALA M 92 42.92 7.09 -65.00
C ALA M 92 42.62 7.11 -66.49
N VAL M 93 41.35 6.89 -66.81
CA VAL M 93 40.82 7.16 -68.13
C VAL M 93 40.21 8.55 -68.11
N TYR M 94 40.53 9.35 -69.12
CA TYR M 94 40.03 10.72 -69.21
C TYR M 94 39.09 10.83 -70.40
N PHE M 95 37.84 11.19 -70.14
CA PHE M 95 36.82 11.35 -71.15
C PHE M 95 36.56 12.82 -71.42
N CYS M 96 36.12 13.12 -72.63
CA CYS M 96 35.47 14.38 -72.94
C CYS M 96 34.01 14.10 -73.30
N ALA M 97 33.16 15.08 -73.03
CA ALA M 97 31.74 14.93 -73.30
C ALA M 97 31.18 16.27 -73.74
N SER M 98 30.09 16.22 -74.51
CA SER M 98 29.51 17.43 -75.08
C SER M 98 28.02 17.18 -75.36
N GLU M 99 27.28 18.28 -75.45
CA GLU M 99 25.86 18.24 -75.73
C GLU M 99 25.55 19.04 -76.99
N ASP M 100 24.59 18.57 -77.76
CA ASP M 100 24.15 19.25 -78.97
C ASP M 100 22.66 18.98 -79.15
N GLY M 101 21.85 20.04 -79.09
CA GLY M 101 20.42 19.90 -79.15
C GLY M 101 19.92 18.97 -78.06
N PRO M 102 19.13 17.96 -78.44
CA PRO M 102 18.66 16.97 -77.47
C PRO M 102 19.61 15.81 -77.25
N GLY M 103 20.78 15.81 -77.88
CA GLY M 103 21.70 14.67 -77.84
C GLY M 103 22.94 14.97 -77.02
N ALA M 104 23.54 13.91 -76.48
CA ALA M 104 24.73 14.00 -75.66
C ALA M 104 25.77 13.01 -76.18
N TYR M 105 27.04 13.40 -76.14
CA TYR M 105 28.09 12.66 -76.82
C TYR M 105 29.32 12.57 -75.94
N TRP M 106 30.03 11.45 -76.06
CA TRP M 106 31.25 11.21 -75.30
C TRP M 106 32.33 10.70 -76.25
N GLY M 107 33.58 10.99 -75.87
CA GLY M 107 34.71 10.44 -76.60
C GLY M 107 35.03 9.02 -76.16
N GLN M 108 35.90 8.37 -76.93
CA GLN M 108 36.23 6.99 -76.60
C GLN M 108 37.12 6.87 -75.37
N GLY M 109 37.56 7.97 -74.81
CA GLY M 109 38.39 7.94 -73.62
C GLY M 109 39.87 7.90 -73.96
N THR M 110 40.67 8.44 -73.04
CA THR M 110 42.12 8.40 -73.14
C THR M 110 42.68 7.89 -71.82
N LEU M 111 43.32 6.73 -71.86
CA LEU M 111 43.95 6.17 -70.68
C LEU M 111 45.31 6.82 -70.44
N VAL M 112 45.51 7.32 -69.23
CA VAL M 112 46.81 7.82 -68.80
C VAL M 112 47.33 6.89 -67.72
N THR M 113 48.52 6.35 -67.92
CA THR M 113 49.19 5.48 -66.96
C THR M 113 50.51 6.15 -66.58
N VAL M 114 50.71 6.34 -65.28
CA VAL M 114 51.92 6.98 -64.78
C VAL M 114 52.43 6.19 -63.59
N SER M 115 53.61 5.60 -63.74
CA SER M 115 54.21 4.75 -62.73
C SER M 115 55.71 4.76 -62.91
N ALA M 116 56.43 4.58 -61.80
CA ALA M 116 57.88 4.55 -61.83
C ALA M 116 58.44 3.22 -62.33
N ALA M 117 57.60 2.19 -62.42
CA ALA M 117 58.09 0.87 -62.75
C ALA M 117 58.70 0.84 -64.14
N SER M 118 59.63 -0.09 -64.32
CA SER M 118 60.22 -0.36 -65.63
C SER M 118 59.41 -1.43 -66.34
N THR M 119 59.52 -1.44 -67.66
CA THR M 119 58.88 -2.49 -68.44
C THR M 119 59.53 -3.83 -68.13
N LYS M 120 58.71 -4.80 -67.73
CA LYS M 120 59.21 -6.09 -67.30
C LYS M 120 58.18 -7.16 -67.63
N GLY M 121 58.64 -8.25 -68.22
CA GLY M 121 57.78 -9.36 -68.55
C GLY M 121 57.46 -10.18 -67.32
N PRO M 122 56.42 -10.99 -67.40
CA PRO M 122 55.95 -11.71 -66.21
C PRO M 122 56.84 -12.89 -65.85
N SER M 123 56.96 -13.12 -64.55
CA SER M 123 57.42 -14.40 -64.04
C SER M 123 56.22 -15.33 -63.96
N VAL M 124 56.33 -16.52 -64.57
CA VAL M 124 55.20 -17.38 -64.83
C VAL M 124 55.40 -18.69 -64.08
N PHE M 125 54.44 -19.01 -63.19
CA PHE M 125 54.53 -20.15 -62.31
C PHE M 125 53.31 -21.05 -62.46
N PRO M 126 53.49 -22.37 -62.39
CA PRO M 126 52.35 -23.28 -62.53
C PRO M 126 51.54 -23.37 -61.24
N LEU M 127 50.23 -23.48 -61.41
CA LEU M 127 49.30 -23.73 -60.31
C LEU M 127 48.87 -25.19 -60.44
N ALA M 128 49.60 -26.08 -59.78
CA ALA M 128 49.50 -27.50 -60.07
C ALA M 128 48.19 -28.08 -59.57
N PRO M 129 47.51 -28.90 -60.36
CA PRO M 129 46.36 -29.64 -59.82
C PRO M 129 46.82 -30.72 -58.86
N SER M 130 46.04 -30.93 -57.81
CA SER M 130 46.42 -31.87 -56.77
C SER M 130 45.26 -32.78 -56.40
N GLY M 136 34.56 -34.08 -57.40
CA GLY M 136 35.74 -34.85 -57.76
C GLY M 136 35.90 -35.06 -59.25
N GLY M 137 34.79 -34.92 -59.99
CA GLY M 137 34.86 -35.01 -61.44
C GLY M 137 35.54 -33.82 -62.09
N THR M 138 35.57 -32.69 -61.39
CA THR M 138 36.21 -31.48 -61.90
C THR M 138 37.53 -31.26 -61.17
N ALA M 139 38.55 -30.86 -61.92
CA ALA M 139 39.81 -30.40 -61.37
C ALA M 139 40.13 -29.04 -61.93
N ALA M 140 40.99 -28.31 -61.23
CA ALA M 140 41.40 -26.98 -61.63
C ALA M 140 42.91 -26.90 -61.67
N LEU M 141 43.42 -26.19 -62.68
CA LEU M 141 44.84 -25.89 -62.79
C LEU M 141 44.97 -24.52 -63.43
N GLY M 142 46.15 -23.92 -63.28
CA GLY M 142 46.30 -22.62 -63.88
C GLY M 142 47.73 -22.15 -63.89
N CYS M 143 47.90 -20.89 -64.28
CA CYS M 143 49.20 -20.24 -64.33
C CYS M 143 49.15 -18.93 -63.57
N LEU M 144 50.06 -18.78 -62.60
CA LEU M 144 50.24 -17.52 -61.92
C LEU M 144 51.19 -16.66 -62.75
N VAL M 145 50.71 -15.47 -63.15
CA VAL M 145 51.43 -14.59 -64.06
C VAL M 145 51.78 -13.35 -63.26
N LYS M 146 52.96 -13.37 -62.63
CA LYS M 146 53.30 -12.42 -61.57
C LYS M 146 54.34 -11.41 -62.02
N ASP M 147 54.23 -10.20 -61.47
CA ASP M 147 55.25 -9.15 -61.55
C ASP M 147 55.60 -8.81 -63.01
N TYR M 148 54.61 -8.26 -63.69
CA TYR M 148 54.82 -7.68 -65.01
C TYR M 148 54.36 -6.23 -65.00
N PHE M 149 54.87 -5.47 -65.97
CA PHE M 149 54.47 -4.09 -66.19
C PHE M 149 54.90 -3.71 -67.60
N PRO M 150 54.05 -3.05 -68.38
CA PRO M 150 52.70 -2.59 -68.04
C PRO M 150 51.60 -3.53 -68.52
N GLU M 151 50.35 -3.07 -68.44
CA GLU M 151 49.26 -3.76 -69.09
C GLU M 151 49.41 -3.67 -70.60
N PRO M 152 48.82 -4.61 -71.35
CA PRO M 152 48.08 -5.80 -70.92
C PRO M 152 48.87 -7.09 -71.08
N VAL M 153 48.35 -8.17 -70.53
CA VAL M 153 48.84 -9.51 -70.79
C VAL M 153 47.80 -10.22 -71.65
N THR M 154 48.24 -11.22 -72.41
CA THR M 154 47.31 -12.13 -73.05
C THR M 154 47.69 -13.56 -72.69
N VAL M 155 46.70 -14.34 -72.25
CA VAL M 155 46.89 -15.75 -71.92
C VAL M 155 45.90 -16.56 -72.74
N SER M 156 46.39 -17.62 -73.37
CA SER M 156 45.55 -18.65 -73.95
C SER M 156 46.00 -19.99 -73.38
N TRP M 157 45.22 -21.03 -73.66
CA TRP M 157 45.55 -22.38 -73.21
C TRP M 157 45.61 -23.31 -74.41
N ASN M 158 46.69 -24.09 -74.48
CA ASN M 158 46.94 -24.99 -75.60
C ASN M 158 46.82 -24.26 -76.94
N SER M 159 47.46 -23.10 -77.00
CA SER M 159 47.52 -22.25 -78.20
C SER M 159 46.14 -22.04 -78.83
N GLY M 160 45.17 -21.70 -77.97
CA GLY M 160 43.84 -21.37 -78.44
C GLY M 160 42.89 -22.53 -78.59
N ALA M 161 43.33 -23.77 -78.32
CA ALA M 161 42.45 -24.91 -78.47
C ALA M 161 41.60 -25.17 -77.24
N LEU M 162 41.97 -24.60 -76.09
CA LEU M 162 41.24 -24.76 -74.84
C LEU M 162 40.68 -23.39 -74.45
N THR M 163 39.37 -23.26 -74.50
CA THR M 163 38.68 -22.02 -74.15
C THR M 163 37.58 -22.22 -73.12
N SER M 164 36.81 -23.30 -73.21
CA SER M 164 35.71 -23.54 -72.29
C SER M 164 36.23 -23.67 -70.86
N GLY M 165 35.59 -22.97 -69.94
CA GLY M 165 35.98 -23.02 -68.55
C GLY M 165 37.22 -22.24 -68.20
N VAL M 166 37.84 -21.57 -69.17
CA VAL M 166 39.01 -20.75 -68.87
C VAL M 166 38.57 -19.47 -68.17
N HIS M 167 39.28 -19.10 -67.12
CA HIS M 167 39.14 -17.79 -66.49
C HIS M 167 40.50 -17.14 -66.38
N THR M 168 40.68 -16.01 -67.07
CA THR M 168 41.81 -15.13 -66.81
C THR M 168 41.31 -13.97 -65.97
N PHE M 169 41.95 -13.74 -64.84
CA PHE M 169 41.41 -12.74 -63.92
C PHE M 169 41.98 -11.36 -64.23
N PRO M 170 41.15 -10.32 -64.07
CA PRO M 170 41.67 -8.95 -64.18
C PRO M 170 42.83 -8.73 -63.22
N ALA M 171 43.91 -8.16 -63.74
CA ALA M 171 45.15 -8.10 -62.98
C ALA M 171 45.00 -7.22 -61.74
N VAL M 172 45.85 -7.47 -60.76
CA VAL M 172 45.89 -6.69 -59.53
C VAL M 172 47.23 -5.97 -59.46
N LEU M 173 47.17 -4.67 -59.16
CA LEU M 173 48.37 -3.88 -58.94
C LEU M 173 48.99 -4.26 -57.61
N GLN M 174 50.23 -4.74 -57.64
CA GLN M 174 50.90 -5.18 -56.42
C GLN M 174 51.53 -3.98 -55.71
N SER M 175 51.88 -4.21 -54.44
CA SER M 175 52.54 -3.18 -53.64
C SER M 175 53.83 -2.68 -54.29
N SER M 176 54.42 -3.48 -55.17
CA SER M 176 55.65 -3.12 -55.87
C SER M 176 55.41 -2.22 -57.08
N GLY M 177 54.16 -1.82 -57.34
CA GLY M 177 53.86 -1.12 -58.56
C GLY M 177 53.83 -1.98 -59.80
N LEU M 178 54.04 -3.28 -59.67
CA LEU M 178 53.95 -4.23 -60.77
C LEU M 178 52.61 -4.95 -60.74
N TYR M 179 52.27 -5.59 -61.85
CA TYR M 179 51.00 -6.27 -62.00
C TYR M 179 51.15 -7.77 -61.80
N SER M 180 50.06 -8.41 -61.40
CA SER M 180 50.02 -9.86 -61.25
C SER M 180 48.59 -10.35 -61.49
N LEU M 181 48.49 -11.52 -62.10
CA LEU M 181 47.19 -12.14 -62.32
C LEU M 181 47.35 -13.65 -62.32
N SER M 182 46.21 -14.34 -62.31
CA SER M 182 46.15 -15.77 -62.50
C SER M 182 45.20 -16.09 -63.65
N SER M 183 45.60 -17.03 -64.49
CA SER M 183 44.72 -17.65 -65.47
C SER M 183 44.51 -19.10 -65.05
N VAL M 184 43.25 -19.51 -64.94
CA VAL M 184 42.89 -20.84 -64.47
C VAL M 184 41.89 -21.44 -65.43
N VAL M 185 41.74 -22.76 -65.35
CA VAL M 185 40.77 -23.49 -66.16
C VAL M 185 40.33 -24.72 -65.39
N THR M 186 39.06 -25.09 -65.55
CA THR M 186 38.51 -26.30 -64.96
C THR M 186 38.46 -27.39 -66.02
N VAL M 187 38.98 -28.57 -65.67
CA VAL M 187 39.06 -29.70 -66.59
C VAL M 187 38.52 -30.94 -65.89
N PRO M 188 38.11 -31.95 -66.67
CA PRO M 188 37.73 -33.22 -66.04
C PRO M 188 38.94 -33.89 -65.41
N SER M 189 38.79 -34.28 -64.14
CA SER M 189 39.91 -34.83 -63.39
C SER M 189 40.48 -36.09 -64.03
N SER M 190 39.68 -36.79 -64.84
CA SER M 190 40.20 -37.96 -65.55
C SER M 190 41.29 -37.60 -66.54
N SER M 191 41.38 -36.33 -66.95
CA SER M 191 42.34 -35.91 -67.97
C SER M 191 43.66 -35.45 -67.39
N LEU M 192 43.80 -35.41 -66.06
CA LEU M 192 44.96 -34.78 -65.46
C LEU M 192 46.27 -35.44 -65.88
N GLY M 193 46.29 -36.76 -65.96
CA GLY M 193 47.51 -37.44 -66.37
C GLY M 193 47.66 -37.66 -67.85
N THR M 194 46.65 -37.30 -68.65
CA THR M 194 46.56 -37.75 -70.04
C THR M 194 46.46 -36.64 -71.08
N GLN M 195 46.11 -35.41 -70.70
CA GLN M 195 45.98 -34.30 -71.63
C GLN M 195 46.99 -33.23 -71.26
N THR M 196 47.76 -32.78 -72.24
CA THR M 196 48.74 -31.73 -72.00
C THR M 196 48.05 -30.39 -71.82
N TYR M 197 48.44 -29.64 -70.79
CA TYR M 197 47.90 -28.32 -70.53
C TYR M 197 49.05 -27.32 -70.49
N ILE M 198 48.99 -26.33 -71.38
CA ILE M 198 50.02 -25.31 -71.52
C ILE M 198 49.32 -23.96 -71.53
N CYS M 199 49.84 -23.01 -70.75
CA CYS M 199 49.34 -21.64 -70.77
C CYS M 199 50.28 -20.80 -71.63
N ASN M 200 49.71 -20.13 -72.63
CA ASN M 200 50.49 -19.31 -73.57
C ASN M 200 50.41 -17.86 -73.09
N VAL M 201 51.31 -17.51 -72.20
CA VAL M 201 51.38 -16.15 -71.68
C VAL M 201 52.14 -15.27 -72.67
N ASN M 202 51.58 -14.10 -72.95
CA ASN M 202 52.15 -13.18 -73.92
C ASN M 202 52.16 -11.77 -73.34
N HIS M 203 53.29 -11.08 -73.51
CA HIS M 203 53.44 -9.70 -73.01
C HIS M 203 54.22 -8.91 -74.05
N LYS M 204 53.51 -8.20 -74.92
CA LYS M 204 54.09 -7.42 -76.01
C LYS M 204 54.99 -6.28 -75.54
N PRO M 205 54.63 -5.50 -74.51
CA PRO M 205 55.49 -4.35 -74.13
C PRO M 205 56.92 -4.72 -73.74
N SER M 206 57.23 -5.99 -73.51
CA SER M 206 58.63 -6.40 -73.33
C SER M 206 58.96 -7.57 -74.24
N ASN M 207 58.19 -7.72 -75.34
CA ASN M 207 58.43 -8.74 -76.36
C ASN M 207 58.59 -10.13 -75.73
N THR M 208 57.80 -10.39 -74.70
CA THR M 208 57.96 -11.58 -73.86
C THR M 208 56.84 -12.57 -74.15
N LYS M 209 57.23 -13.81 -74.47
CA LYS M 209 56.31 -14.90 -74.76
C LYS M 209 56.74 -16.11 -73.96
N VAL M 210 55.82 -16.65 -73.17
CA VAL M 210 56.10 -17.78 -72.29
C VAL M 210 55.03 -18.85 -72.48
N ASP M 211 55.46 -20.10 -72.58
CA ASP M 211 54.57 -21.25 -72.73
C ASP M 211 54.90 -22.23 -71.60
N LYS M 212 54.16 -22.16 -70.50
CA LYS M 212 54.43 -22.96 -69.31
C LYS M 212 53.52 -24.18 -69.28
N ARG M 213 54.13 -25.36 -69.27
CA ARG M 213 53.42 -26.63 -69.15
C ARG M 213 53.04 -26.86 -67.70
N VAL M 214 51.75 -27.10 -67.44
CA VAL M 214 51.23 -27.25 -66.09
C VAL M 214 50.80 -28.70 -65.90
N GLU M 215 51.41 -29.36 -64.91
CA GLU M 215 51.17 -30.76 -64.66
C GLU M 215 51.05 -31.03 -63.17
N PRO M 216 50.32 -32.08 -62.77
CA PRO M 216 50.22 -32.45 -61.36
C PRO M 216 51.56 -32.89 -60.78
N ASP N 1 31.38 20.74 -51.73
CA ASP N 1 30.89 19.74 -52.66
C ASP N 1 29.57 19.14 -52.17
N ILE N 2 28.74 18.72 -53.13
CA ILE N 2 27.51 18.01 -52.84
C ILE N 2 27.74 16.54 -53.17
N VAL N 3 27.54 15.67 -52.19
CA VAL N 3 27.82 14.25 -52.37
C VAL N 3 26.55 13.53 -52.80
N MET N 4 26.69 12.63 -53.75
CA MET N 4 25.59 11.82 -54.27
C MET N 4 25.77 10.38 -53.79
N THR N 5 24.79 9.88 -53.04
CA THR N 5 24.82 8.53 -52.52
C THR N 5 23.84 7.65 -53.29
N GLN N 6 24.36 6.59 -53.92
CA GLN N 6 23.55 5.58 -54.56
C GLN N 6 23.42 4.40 -53.61
N SER N 7 22.18 4.02 -53.29
CA SER N 7 21.90 3.23 -52.11
C SER N 7 22.51 1.83 -52.14
N GLN N 8 22.94 1.35 -53.30
CA GLN N 8 23.62 0.06 -53.31
C GLN N 8 24.48 -0.05 -54.56
N LYS N 9 25.58 -0.80 -54.43
CA LYS N 9 26.53 -0.94 -55.51
C LYS N 9 26.12 -1.98 -56.54
N PHE N 10 25.16 -2.85 -56.21
CA PHE N 10 24.72 -3.89 -57.12
C PHE N 10 23.20 -4.05 -57.04
N MET N 11 22.60 -4.40 -58.17
CA MET N 11 21.20 -4.82 -58.21
C MET N 11 21.08 -5.99 -59.19
N SER N 12 20.25 -6.96 -58.83
CA SER N 12 20.04 -8.15 -59.63
C SER N 12 18.66 -8.09 -60.26
N THR N 13 18.58 -8.39 -61.55
CA THR N 13 17.31 -8.28 -62.26
C THR N 13 17.24 -9.34 -63.35
N SER N 14 16.01 -9.64 -63.74
CA SER N 14 15.71 -10.53 -64.86
C SER N 14 15.29 -9.71 -66.07
N VAL N 15 15.35 -10.35 -67.23
CA VAL N 15 14.83 -9.73 -68.44
C VAL N 15 13.31 -9.60 -68.33
N GLY N 16 12.81 -8.40 -68.57
CA GLY N 16 11.40 -8.11 -68.39
C GLY N 16 11.04 -7.56 -67.04
N ASP N 17 11.95 -7.64 -66.07
CA ASP N 17 11.70 -7.09 -64.74
C ASP N 17 11.61 -5.57 -64.79
N ARG N 18 11.19 -5.00 -63.67
CA ARG N 18 11.25 -3.56 -63.42
C ARG N 18 12.22 -3.33 -62.27
N VAL N 19 13.18 -2.43 -62.47
CA VAL N 19 14.25 -2.19 -61.51
C VAL N 19 14.41 -0.70 -61.32
N SER N 20 14.61 -0.28 -60.08
CA SER N 20 14.73 1.12 -59.72
C SER N 20 16.06 1.37 -59.03
N VAL N 21 16.88 2.24 -59.60
CA VAL N 21 18.14 2.67 -59.00
C VAL N 21 17.92 4.01 -58.33
N THR N 22 18.17 4.07 -57.03
CA THR N 22 17.92 5.28 -56.25
C THR N 22 19.21 6.05 -56.00
N CYS N 23 19.08 7.37 -55.90
CA CYS N 23 20.21 8.26 -55.74
C CYS N 23 19.83 9.37 -54.78
N LYS N 24 20.67 9.62 -53.79
CA LYS N 24 20.30 10.53 -52.72
C LYS N 24 21.33 11.64 -52.65
N ALA N 25 20.87 12.88 -52.75
CA ALA N 25 21.73 14.06 -52.76
C ALA N 25 21.85 14.61 -51.34
N SER N 26 23.08 14.86 -50.90
CA SER N 26 23.30 15.32 -49.54
C SER N 26 22.79 16.74 -49.31
N GLN N 27 22.58 17.51 -50.38
CA GLN N 27 21.94 18.81 -50.30
C GLN N 27 20.87 18.89 -51.37
N ASN N 28 20.12 19.98 -51.35
CA ASN N 28 19.12 20.21 -52.39
C ASN N 28 19.80 20.49 -53.71
N VAL N 29 19.44 19.73 -54.73
CA VAL N 29 19.92 19.96 -56.09
C VAL N 29 18.74 20.16 -57.06
N GLY N 30 17.58 20.49 -56.52
CA GLY N 30 16.43 20.81 -57.36
C GLY N 30 16.02 19.64 -58.23
N THR N 31 15.93 19.89 -59.54
CA THR N 31 15.79 18.83 -60.53
C THR N 31 17.02 18.74 -61.43
N ASN N 32 18.12 19.39 -61.06
CA ASN N 32 19.32 19.43 -61.90
C ASN N 32 20.18 18.18 -61.66
N VAL N 33 19.62 17.03 -62.03
CA VAL N 33 20.28 15.74 -61.87
C VAL N 33 20.28 15.02 -63.20
N ALA N 34 21.41 14.41 -63.55
CA ALA N 34 21.55 13.62 -64.76
C ALA N 34 21.89 12.18 -64.42
N TRP N 35 21.60 11.28 -65.35
CA TRP N 35 21.89 9.86 -65.20
C TRP N 35 22.70 9.37 -66.39
N TYR N 36 23.59 8.41 -66.13
CA TYR N 36 24.45 7.85 -67.16
C TYR N 36 24.45 6.33 -67.07
N GLN N 37 24.68 5.71 -68.23
CA GLN N 37 24.89 4.27 -68.36
C GLN N 37 26.33 4.03 -68.78
N GLN N 38 26.94 2.98 -68.22
CA GLN N 38 28.27 2.59 -68.67
C GLN N 38 28.42 1.08 -68.57
N LYS N 39 28.71 0.47 -69.68
CA LYS N 39 29.11 -0.92 -69.83
C LYS N 39 30.62 -1.03 -69.76
N PRO N 40 31.14 -2.13 -69.22
CA PRO N 40 32.59 -2.25 -69.04
C PRO N 40 33.34 -2.12 -70.36
N GLY N 41 34.38 -1.29 -70.35
CA GLY N 41 35.16 -1.00 -71.54
C GLY N 41 34.63 0.14 -72.38
N GLN N 42 33.36 0.50 -72.23
CA GLN N 42 32.76 1.55 -73.03
C GLN N 42 32.78 2.89 -72.30
N SER N 43 32.64 3.96 -73.08
CA SER N 43 32.48 5.27 -72.51
C SER N 43 31.09 5.39 -71.88
N PRO N 44 30.92 6.31 -70.92
CA PRO N 44 29.58 6.55 -70.38
C PRO N 44 28.63 7.05 -71.45
N LYS N 45 27.34 6.86 -71.19
CA LYS N 45 26.28 7.21 -72.12
C LYS N 45 25.18 7.91 -71.35
N ALA N 46 24.90 9.16 -71.72
CA ALA N 46 23.94 9.98 -70.99
C ALA N 46 22.52 9.51 -71.27
N LEU N 47 21.76 9.25 -70.21
CA LEU N 47 20.39 8.79 -70.32
C LEU N 47 19.39 9.89 -70.03
N ILE N 48 19.55 10.59 -68.92
CA ILE N 48 18.54 11.51 -68.39
C ILE N 48 19.20 12.85 -68.08
N TYR N 49 18.45 13.93 -68.30
CA TYR N 49 18.81 15.24 -67.79
C TYR N 49 17.59 15.86 -67.15
N SER N 50 17.84 16.84 -66.27
CA SER N 50 16.79 17.49 -65.48
C SER N 50 15.87 16.46 -64.83
N ALA N 51 16.49 15.40 -64.30
CA ALA N 51 15.84 14.41 -63.46
C ALA N 51 14.89 13.50 -64.23
N SER N 52 14.19 14.02 -65.24
CA SER N 52 13.14 13.22 -65.87
C SER N 52 13.08 13.32 -67.39
N TYR N 53 14.07 13.92 -68.04
CA TYR N 53 14.04 14.11 -69.48
C TYR N 53 15.09 13.22 -70.15
N ARG N 54 14.68 12.54 -71.22
CA ARG N 54 15.56 11.63 -71.92
C ARG N 54 16.37 12.35 -73.00
N TYR N 55 17.64 12.01 -73.09
CA TYR N 55 18.46 12.44 -74.21
C TYR N 55 18.06 11.71 -75.48
N SER N 56 18.64 12.13 -76.60
CA SER N 56 18.39 11.47 -77.87
C SER N 56 18.81 10.01 -77.80
N GLY N 57 18.00 9.14 -78.42
CA GLY N 57 18.35 7.75 -78.55
C GLY N 57 18.03 6.86 -77.37
N VAL N 58 17.39 7.39 -76.33
CA VAL N 58 17.17 6.66 -75.08
C VAL N 58 15.76 6.08 -75.10
N PRO N 59 15.59 4.77 -75.00
CA PRO N 59 14.25 4.18 -75.04
C PRO N 59 13.38 4.64 -73.88
N ASP N 60 12.07 4.46 -74.04
CA ASP N 60 11.12 4.94 -73.05
C ASP N 60 11.09 4.10 -71.78
N ARG N 61 11.69 2.91 -71.80
CA ARG N 61 11.74 2.12 -70.57
C ARG N 61 12.61 2.75 -69.51
N PHE N 62 13.37 3.79 -69.86
CA PHE N 62 14.16 4.57 -68.91
C PHE N 62 13.37 5.80 -68.51
N THR N 63 12.89 5.82 -67.27
CA THR N 63 12.13 6.95 -66.73
C THR N 63 12.81 7.44 -65.47
N GLY N 64 13.13 8.73 -65.42
CA GLY N 64 13.72 9.34 -64.26
C GLY N 64 12.68 10.10 -63.46
N SER N 65 12.92 10.18 -62.14
CA SER N 65 11.99 10.87 -61.25
C SER N 65 12.76 11.42 -60.07
N GLY N 66 12.09 12.24 -59.29
CA GLY N 66 12.65 12.78 -58.07
C GLY N 66 13.01 14.25 -58.20
N SER N 67 13.07 14.93 -57.05
CA SER N 67 13.48 16.32 -57.01
C SER N 67 13.94 16.64 -55.60
N GLY N 68 14.65 17.76 -55.47
CA GLY N 68 15.20 18.16 -54.20
C GLY N 68 16.39 17.33 -53.77
N THR N 69 16.13 16.13 -53.26
CA THR N 69 17.20 15.32 -52.67
C THR N 69 17.11 13.83 -52.99
N ASP N 70 15.98 13.31 -53.44
CA ASP N 70 15.80 11.88 -53.69
C ASP N 70 15.48 11.69 -55.17
N PHE N 71 16.25 10.82 -55.82
CA PHE N 71 16.17 10.65 -57.27
C PHE N 71 16.20 9.17 -57.63
N THR N 72 15.38 8.80 -58.61
CA THR N 72 15.25 7.41 -59.03
C THR N 72 15.33 7.32 -60.54
N LEU N 73 16.20 6.43 -61.02
CA LEU N 73 16.19 5.96 -62.39
C LEU N 73 15.49 4.60 -62.41
N THR N 74 14.35 4.53 -63.07
CA THR N 74 13.58 3.30 -63.19
C THR N 74 13.73 2.72 -64.59
N ILE N 75 14.09 1.45 -64.67
CA ILE N 75 14.17 0.73 -65.93
C ILE N 75 13.09 -0.32 -65.92
N SER N 76 12.06 -0.11 -66.75
CA SER N 76 10.98 -1.07 -66.88
C SER N 76 11.28 -2.02 -68.02
N ASN N 77 10.75 -3.25 -67.91
CA ASN N 77 10.85 -4.24 -68.97
C ASN N 77 12.31 -4.42 -69.39
N VAL N 78 13.14 -4.73 -68.40
CA VAL N 78 14.59 -4.72 -68.57
C VAL N 78 14.98 -5.60 -69.76
N GLN N 79 15.80 -5.04 -70.65
CA GLN N 79 16.35 -5.80 -71.75
C GLN N 79 17.80 -6.20 -71.44
N SER N 80 18.25 -7.24 -72.15
CA SER N 80 19.58 -7.77 -71.90
C SER N 80 20.66 -6.71 -72.11
N GLU N 81 20.44 -5.79 -73.05
CA GLU N 81 21.41 -4.73 -73.30
C GLU N 81 21.34 -3.62 -72.27
N ASP N 82 20.46 -3.71 -71.28
CA ASP N 82 20.42 -2.73 -70.20
C ASP N 82 21.37 -3.07 -69.06
N LEU N 83 21.98 -4.25 -69.08
CA LEU N 83 22.90 -4.66 -68.01
C LEU N 83 24.16 -3.80 -68.09
N ALA N 84 24.35 -2.93 -67.11
CA ALA N 84 25.43 -1.96 -67.12
C ALA N 84 25.50 -1.31 -65.75
N GLU N 85 26.51 -0.47 -65.57
CA GLU N 85 26.59 0.39 -64.40
C GLU N 85 25.84 1.68 -64.67
N TYR N 86 25.15 2.19 -63.66
CA TYR N 86 24.37 3.40 -63.77
C TYR N 86 24.82 4.40 -62.72
N PHE N 87 25.17 5.61 -63.17
CA PHE N 87 25.63 6.69 -62.32
C PHE N 87 24.61 7.81 -62.32
N CYS N 88 24.33 8.37 -61.14
CA CYS N 88 23.62 9.63 -61.07
C CYS N 88 24.62 10.75 -60.91
N GLN N 89 24.17 11.98 -61.17
CA GLN N 89 25.04 13.14 -61.11
C GLN N 89 24.20 14.39 -60.91
N GLN N 90 24.70 15.30 -60.08
CA GLN N 90 24.08 16.60 -59.90
C GLN N 90 24.90 17.66 -60.62
N TYR N 91 24.20 18.65 -61.16
CA TYR N 91 24.85 19.80 -61.77
C TYR N 91 24.19 21.10 -61.31
N ASN N 92 23.61 21.08 -60.10
CA ASN N 92 22.99 22.28 -59.56
C ASN N 92 24.03 23.30 -59.11
N SER N 93 25.18 22.83 -58.63
CA SER N 93 26.22 23.73 -58.13
C SER N 93 27.57 23.06 -58.30
N TYR N 94 28.63 23.89 -58.19
CA TYR N 94 29.99 23.43 -58.38
C TYR N 94 30.62 22.99 -57.06
N PRO N 95 31.50 21.98 -57.11
CA PRO N 95 31.88 21.19 -58.28
C PRO N 95 30.81 20.17 -58.66
N LEU N 96 30.62 19.88 -59.94
CA LEU N 96 29.65 18.89 -60.37
C LEU N 96 30.09 17.50 -59.89
N THR N 97 29.16 16.73 -59.34
CA THR N 97 29.51 15.51 -58.63
C THR N 97 28.64 14.34 -59.06
N PHE N 98 29.29 13.17 -59.19
CA PHE N 98 28.65 11.92 -59.55
C PHE N 98 28.39 11.07 -58.31
N GLY N 99 27.53 10.06 -58.48
CA GLY N 99 27.40 9.01 -57.49
C GLY N 99 28.37 7.87 -57.76
N ALA N 100 28.42 6.94 -56.81
CA ALA N 100 29.39 5.85 -56.86
C ALA N 100 29.03 4.76 -57.86
N GLY N 101 27.84 4.81 -58.44
CA GLY N 101 27.49 3.83 -59.45
C GLY N 101 26.75 2.64 -58.89
N THR N 102 25.84 2.11 -59.69
CA THR N 102 25.06 0.93 -59.34
C THR N 102 25.14 -0.05 -60.50
N LYS N 103 25.79 -1.18 -60.28
CA LYS N 103 25.94 -2.19 -61.33
C LYS N 103 24.70 -3.06 -61.41
N LEU N 104 24.10 -3.13 -62.60
CA LEU N 104 22.94 -3.96 -62.86
C LEU N 104 23.38 -5.29 -63.46
N GLU N 105 23.02 -6.39 -62.81
CA GLU N 105 23.46 -7.72 -63.22
C GLU N 105 22.25 -8.65 -63.31
N LEU N 106 22.48 -9.82 -63.90
CA LEU N 106 21.40 -10.72 -64.31
C LEU N 106 21.11 -11.76 -63.24
N LYS N 107 19.84 -11.88 -62.87
CA LYS N 107 19.42 -12.92 -61.94
C LYS N 107 19.60 -14.31 -62.55
N ARG N 108 20.05 -15.25 -61.74
CA ARG N 108 20.02 -16.66 -62.08
C ARG N 108 19.90 -17.44 -60.79
N THR N 109 19.69 -18.75 -60.92
CA THR N 109 19.58 -19.58 -59.72
C THR N 109 20.90 -19.58 -58.96
N VAL N 110 20.80 -19.82 -57.66
CA VAL N 110 22.00 -19.84 -56.82
C VAL N 110 22.91 -20.97 -57.25
N ALA N 111 24.22 -20.70 -57.26
CA ALA N 111 25.21 -21.68 -57.66
C ALA N 111 26.37 -21.64 -56.68
N ALA N 112 26.65 -22.77 -56.04
CA ALA N 112 27.74 -22.79 -55.07
C ALA N 112 29.08 -22.85 -55.81
N PRO N 113 30.10 -22.18 -55.29
CA PRO N 113 31.41 -22.21 -55.96
C PRO N 113 32.08 -23.56 -55.81
N SER N 114 32.72 -24.00 -56.90
CA SER N 114 33.75 -25.01 -56.80
C SER N 114 35.02 -24.36 -56.28
N VAL N 115 35.48 -24.79 -55.11
CA VAL N 115 36.61 -24.16 -54.45
C VAL N 115 37.84 -25.03 -54.65
N PHE N 116 38.95 -24.38 -55.03
CA PHE N 116 40.23 -25.04 -55.19
C PHE N 116 41.30 -24.19 -54.52
N ILE N 117 42.34 -24.85 -54.02
CA ILE N 117 43.46 -24.18 -53.38
C ILE N 117 44.75 -24.72 -53.99
N PHE N 118 45.67 -23.80 -54.31
CA PHE N 118 46.93 -24.15 -54.94
C PHE N 118 48.08 -23.82 -54.01
N PRO N 119 49.00 -24.76 -53.75
CA PRO N 119 50.20 -24.40 -53.01
C PRO N 119 51.17 -23.66 -53.91
N PRO N 120 52.03 -22.81 -53.34
CA PRO N 120 53.10 -22.23 -54.14
C PRO N 120 54.03 -23.31 -54.66
N SER N 121 54.39 -23.22 -55.93
CA SER N 121 55.22 -24.23 -56.57
C SER N 121 56.70 -23.97 -56.28
N ASP N 122 57.48 -25.05 -56.30
CA ASP N 122 58.90 -24.96 -55.95
C ASP N 122 59.65 -24.00 -56.85
N GLU N 123 59.19 -23.85 -58.10
CA GLU N 123 59.83 -22.88 -58.99
C GLU N 123 59.67 -21.46 -58.47
N GLN N 124 58.52 -21.15 -57.86
CA GLN N 124 58.36 -19.85 -57.23
C GLN N 124 59.07 -19.79 -55.88
N LEU N 125 58.98 -20.86 -55.08
CA LEU N 125 59.60 -20.85 -53.77
C LEU N 125 61.12 -20.68 -53.87
N LYS N 126 61.72 -21.16 -54.96
CA LYS N 126 63.15 -20.96 -55.16
C LYS N 126 63.50 -19.49 -55.38
N SER N 127 62.53 -18.67 -55.79
CA SER N 127 62.73 -17.24 -55.93
C SER N 127 62.51 -16.47 -54.63
N GLY N 128 62.21 -17.17 -53.53
CA GLY N 128 62.02 -16.54 -52.25
C GLY N 128 60.62 -16.05 -51.96
N THR N 129 59.71 -16.13 -52.93
CA THR N 129 58.34 -15.66 -52.78
C THR N 129 57.39 -16.84 -52.78
N ALA N 130 56.33 -16.75 -51.98
CA ALA N 130 55.33 -17.80 -51.87
C ALA N 130 53.95 -17.20 -52.12
N SER N 131 53.25 -17.70 -53.13
CA SER N 131 51.89 -17.28 -53.43
C SER N 131 50.97 -18.48 -53.29
N VAL N 132 50.06 -18.42 -52.34
CA VAL N 132 49.02 -19.43 -52.18
C VAL N 132 47.76 -18.86 -52.82
N VAL N 133 47.22 -19.59 -53.79
CA VAL N 133 46.07 -19.15 -54.57
C VAL N 133 44.86 -19.98 -54.16
N CYS N 134 43.73 -19.30 -53.96
CA CYS N 134 42.44 -19.95 -53.71
C CYS N 134 41.47 -19.52 -54.80
N LEU N 135 40.84 -20.49 -55.44
CA LEU N 135 39.95 -20.23 -56.56
C LEU N 135 38.51 -20.59 -56.20
N LEU N 136 37.58 -19.70 -56.51
CA LEU N 136 36.15 -19.96 -56.43
C LEU N 136 35.61 -19.88 -57.85
N ASN N 137 35.07 -21.00 -58.34
CA ASN N 137 34.75 -21.14 -59.76
C ASN N 137 33.25 -21.17 -59.99
N ASN N 138 32.77 -20.27 -60.84
CA ASN N 138 31.41 -20.28 -61.38
C ASN N 138 30.36 -20.39 -60.26
N PHE N 139 30.24 -19.30 -59.52
CA PHE N 139 29.26 -19.21 -58.43
C PHE N 139 28.34 -18.03 -58.65
N TYR N 140 27.21 -18.06 -57.93
CA TYR N 140 26.24 -16.98 -57.97
C TYR N 140 25.37 -17.06 -56.72
N PRO N 141 25.05 -15.93 -56.08
CA PRO N 141 25.39 -14.55 -56.45
C PRO N 141 26.84 -14.17 -56.19
N ARG N 142 27.18 -12.90 -56.48
CA ARG N 142 28.57 -12.47 -56.48
C ARG N 142 29.18 -12.43 -55.08
N GLU N 143 28.36 -12.32 -54.04
CA GLU N 143 28.89 -12.07 -52.70
C GLU N 143 29.53 -13.31 -52.11
N ALA N 144 30.77 -13.15 -51.66
CA ALA N 144 31.49 -14.20 -50.95
C ALA N 144 32.44 -13.58 -49.94
N LYS N 145 32.65 -14.29 -48.85
CA LYS N 145 33.66 -13.94 -47.85
C LYS N 145 34.70 -15.04 -47.87
N VAL N 146 35.95 -14.67 -48.16
CA VAL N 146 37.07 -15.59 -48.17
C VAL N 146 38.08 -15.12 -47.15
N GLN N 147 38.42 -16.00 -46.20
CA GLN N 147 39.35 -15.68 -45.13
C GLN N 147 40.46 -16.71 -45.13
N TRP N 148 41.70 -16.22 -45.11
CA TRP N 148 42.87 -17.08 -45.09
C TRP N 148 43.27 -17.37 -43.65
N LYS N 149 43.54 -18.64 -43.36
CA LYS N 149 43.98 -19.03 -42.03
C LYS N 149 45.24 -19.87 -42.15
N VAL N 150 46.28 -19.45 -41.43
CA VAL N 150 47.58 -20.09 -41.47
C VAL N 150 47.91 -20.56 -40.07
N ASP N 151 48.04 -21.88 -39.92
CA ASP N 151 48.06 -22.53 -38.61
C ASP N 151 46.92 -21.99 -37.74
N ASN N 152 45.74 -21.94 -38.36
CA ASN N 152 44.49 -21.52 -37.73
C ASN N 152 44.46 -20.05 -37.31
N ALA N 153 45.51 -19.30 -37.63
CA ALA N 153 45.54 -17.87 -37.33
C ALA N 153 44.96 -17.10 -38.51
N LEU N 154 43.94 -16.29 -38.24
CA LEU N 154 43.33 -15.48 -39.29
C LEU N 154 44.34 -14.47 -39.81
N GLN N 155 44.40 -14.34 -41.13
CA GLN N 155 45.34 -13.45 -41.80
C GLN N 155 44.68 -12.13 -42.16
N SER N 156 45.51 -11.12 -42.39
CA SER N 156 45.02 -9.81 -42.76
C SER N 156 46.15 -9.01 -43.38
N GLY N 157 45.78 -8.13 -44.32
CA GLY N 157 46.73 -7.24 -44.96
C GLY N 157 47.69 -7.88 -45.94
N ASN N 158 47.71 -9.21 -46.05
CA ASN N 158 48.71 -9.90 -46.85
C ASN N 158 48.08 -10.71 -47.99
N SER N 159 46.93 -10.27 -48.50
CA SER N 159 46.28 -10.99 -49.59
C SER N 159 45.57 -10.00 -50.50
N GLN N 160 45.29 -10.45 -51.73
CA GLN N 160 44.55 -9.67 -52.71
C GLN N 160 43.53 -10.56 -53.41
N GLU N 161 42.33 -10.03 -53.60
CA GLU N 161 41.26 -10.70 -54.33
C GLU N 161 41.15 -10.14 -55.74
N SER N 162 40.64 -10.98 -56.66
CA SER N 162 40.30 -10.54 -58.01
C SER N 162 39.09 -11.32 -58.48
N VAL N 163 38.16 -10.61 -59.12
CA VAL N 163 36.85 -11.16 -59.47
C VAL N 163 36.62 -10.95 -60.96
N THR N 164 35.93 -11.90 -61.58
CA THR N 164 35.54 -11.78 -62.98
C THR N 164 34.30 -10.90 -63.10
N GLU N 165 34.07 -10.41 -64.31
CA GLU N 165 32.76 -9.89 -64.67
C GLU N 165 31.81 -11.06 -64.87
N GLN N 166 30.51 -10.78 -64.75
CA GLN N 166 29.51 -11.84 -64.89
C GLN N 166 29.61 -12.50 -66.25
N ASP N 167 29.53 -13.82 -66.27
CA ASP N 167 29.76 -14.56 -67.49
C ASP N 167 28.68 -14.29 -68.54
N SER N 168 29.09 -14.34 -69.80
CA SER N 168 28.18 -14.05 -70.90
C SER N 168 27.18 -15.16 -71.15
N LYS N 169 27.43 -16.36 -70.61
CA LYS N 169 26.59 -17.51 -70.94
C LYS N 169 25.93 -18.14 -69.73
N ASP N 170 26.67 -18.46 -68.68
CA ASP N 170 26.10 -19.07 -67.48
C ASP N 170 25.82 -18.07 -66.37
N SER N 171 26.13 -16.79 -66.57
CA SER N 171 25.79 -15.71 -65.63
C SER N 171 26.41 -15.94 -64.25
N THR N 172 27.53 -16.64 -64.20
CA THR N 172 28.20 -16.87 -62.92
C THR N 172 29.36 -15.90 -62.73
N TYR N 173 29.92 -15.95 -61.54
CA TYR N 173 31.14 -15.22 -61.20
C TYR N 173 32.20 -16.22 -60.78
N SER N 174 33.46 -15.85 -60.97
CA SER N 174 34.59 -16.60 -60.44
C SER N 174 35.51 -15.63 -59.71
N LEU N 175 36.09 -16.10 -58.62
CA LEU N 175 36.89 -15.25 -57.76
C LEU N 175 38.21 -15.93 -57.42
N SER N 176 39.29 -15.16 -57.48
CA SER N 176 40.60 -15.61 -57.04
C SER N 176 41.02 -14.81 -55.81
N SER N 177 41.62 -15.51 -54.85
CA SER N 177 42.18 -14.89 -53.65
C SER N 177 43.61 -15.41 -53.47
N THR N 178 44.58 -14.49 -53.45
CA THR N 178 45.98 -14.86 -53.43
C THR N 178 46.64 -14.32 -52.17
N LEU N 179 47.23 -15.22 -51.40
CA LEU N 179 48.00 -14.87 -50.21
C LEU N 179 49.48 -14.86 -50.57
N THR N 180 50.14 -13.74 -50.31
CA THR N 180 51.56 -13.60 -50.64
C THR N 180 52.41 -13.67 -49.37
N LEU N 181 53.53 -14.39 -49.47
CA LEU N 181 54.44 -14.57 -48.36
C LEU N 181 55.86 -14.62 -48.89
N SER N 182 56.82 -14.53 -47.99
CA SER N 182 58.19 -14.92 -48.29
C SER N 182 58.37 -16.39 -47.95
N LYS N 183 59.38 -17.02 -48.58
CA LYS N 183 59.61 -18.43 -48.32
C LYS N 183 59.87 -18.70 -46.85
N ALA N 184 60.50 -17.73 -46.16
CA ALA N 184 60.73 -17.88 -44.72
C ALA N 184 59.41 -17.98 -43.96
N ASP N 185 58.41 -17.18 -44.34
CA ASP N 185 57.12 -17.23 -43.65
C ASP N 185 56.34 -18.48 -44.05
N TYR N 186 56.47 -18.89 -45.32
CA TYR N 186 55.80 -20.11 -45.77
C TYR N 186 56.33 -21.33 -45.03
N GLU N 187 57.65 -21.43 -44.84
CA GLU N 187 58.24 -22.60 -44.21
C GLU N 187 58.09 -22.61 -42.69
N LYS N 188 57.67 -21.51 -42.07
CA LYS N 188 57.46 -21.50 -40.64
C LYS N 188 56.21 -22.30 -40.26
N HIS N 189 55.10 -22.04 -40.95
CA HIS N 189 53.80 -22.62 -40.60
C HIS N 189 53.57 -23.91 -41.38
N LYS N 190 52.41 -24.56 -41.12
CA LYS N 190 52.08 -25.79 -41.83
C LYS N 190 50.67 -25.80 -42.43
N VAL N 191 49.66 -25.41 -41.67
CA VAL N 191 48.28 -25.49 -42.14
C VAL N 191 47.96 -24.25 -42.97
N TYR N 192 47.58 -24.47 -44.23
CA TYR N 192 47.24 -23.40 -45.15
C TYR N 192 45.83 -23.60 -45.64
N ALA N 193 44.93 -22.70 -45.26
CA ALA N 193 43.50 -22.85 -45.45
C ALA N 193 42.89 -21.56 -45.97
N CYS N 194 42.07 -21.66 -46.99
CA CYS N 194 41.17 -20.57 -47.38
C CYS N 194 39.75 -20.98 -47.02
N GLU N 195 39.07 -20.12 -46.28
CA GLU N 195 37.77 -20.40 -45.68
C GLU N 195 36.71 -19.60 -46.44
N VAL N 196 35.81 -20.30 -47.11
CA VAL N 196 34.87 -19.69 -48.05
C VAL N 196 33.47 -19.78 -47.47
N THR N 197 32.83 -18.63 -47.34
CA THR N 197 31.40 -18.55 -47.03
C THR N 197 30.67 -18.06 -48.27
N HIS N 198 29.68 -18.83 -48.72
CA HIS N 198 28.86 -18.41 -49.84
C HIS N 198 27.45 -19.00 -49.67
N GLN N 199 26.46 -18.22 -50.13
CA GLN N 199 25.06 -18.55 -49.95
C GLN N 199 24.72 -19.95 -50.46
N GLY N 200 25.38 -20.38 -51.53
CA GLY N 200 25.14 -21.70 -52.11
C GLY N 200 25.79 -22.85 -51.36
N LEU N 201 26.77 -22.57 -50.51
CA LEU N 201 27.40 -23.60 -49.70
C LEU N 201 26.53 -23.88 -48.47
N SER N 202 26.33 -25.17 -48.17
CA SER N 202 25.56 -25.55 -46.99
C SER N 202 26.32 -25.36 -45.70
N SER N 203 27.57 -24.93 -45.77
CA SER N 203 28.42 -24.75 -44.60
C SER N 203 29.68 -23.98 -44.98
N PRO N 204 30.19 -23.07 -44.13
CA PRO N 204 31.48 -22.43 -44.42
C PRO N 204 32.59 -23.43 -44.67
N VAL N 205 32.97 -23.60 -45.94
CA VAL N 205 33.95 -24.63 -46.30
C VAL N 205 35.36 -24.10 -46.10
N THR N 206 36.19 -24.89 -45.42
CA THR N 206 37.64 -24.72 -45.49
C THR N 206 38.18 -25.66 -46.57
N LYS N 207 38.86 -25.11 -47.56
CA LYS N 207 39.75 -25.87 -48.42
C LYS N 207 41.17 -25.60 -47.94
N SER N 208 41.95 -26.65 -47.77
CA SER N 208 43.25 -26.47 -47.13
C SER N 208 44.21 -27.56 -47.59
N PHE N 209 45.50 -27.30 -47.36
CA PHE N 209 46.54 -28.31 -47.52
C PHE N 209 47.53 -28.14 -46.39
N ASN N 210 48.41 -29.14 -46.25
CA ASN N 210 49.47 -29.13 -45.25
C ASN N 210 50.80 -29.04 -45.97
N ARG N 211 51.65 -28.10 -45.55
CA ARG N 211 52.92 -27.89 -46.22
C ARG N 211 53.79 -29.12 -46.13
N GLY N 212 54.38 -29.51 -47.26
CA GLY N 212 55.19 -30.70 -47.34
C GLY N 212 54.37 -31.92 -47.71
N GLU N 213 53.41 -31.72 -48.61
CA GLU N 213 52.49 -32.78 -49.04
C GLU N 213 51.85 -33.50 -47.86
N VAL O 2 33.36 -39.03 -9.72
CA VAL O 2 34.54 -38.17 -9.66
C VAL O 2 34.16 -36.70 -9.89
N ARG O 3 34.83 -35.78 -9.20
CA ARG O 3 34.69 -34.35 -9.46
C ARG O 3 36.07 -33.70 -9.47
N LEU O 4 36.28 -32.78 -10.40
CA LEU O 4 37.51 -32.01 -10.50
C LEU O 4 37.21 -30.55 -10.22
N GLN O 5 37.95 -29.95 -9.30
CA GLN O 5 37.74 -28.55 -8.92
C GLN O 5 39.05 -27.80 -9.04
N GLN O 6 39.04 -26.74 -9.85
CA GLN O 6 40.24 -25.96 -10.15
C GLN O 6 40.23 -24.65 -9.38
N SER O 7 41.41 -24.02 -9.35
CA SER O 7 41.57 -22.75 -8.64
C SER O 7 40.95 -21.61 -9.46
N GLY O 8 40.89 -20.44 -8.81
CA GLY O 8 40.21 -19.30 -9.39
C GLY O 8 41.04 -18.60 -10.43
N PRO O 9 40.46 -17.54 -11.01
CA PRO O 9 41.09 -16.87 -12.15
C PRO O 9 42.33 -16.07 -11.75
N GLU O 10 43.25 -15.95 -12.72
CA GLU O 10 44.51 -15.26 -12.55
C GLU O 10 44.59 -14.09 -13.52
N LEU O 11 45.11 -12.95 -13.03
CA LEU O 11 45.34 -11.76 -13.84
C LEU O 11 46.70 -11.21 -13.46
N VAL O 12 47.67 -11.29 -14.39
CA VAL O 12 49.05 -10.97 -14.10
C VAL O 12 49.67 -10.20 -15.26
N LYS O 13 50.77 -9.51 -14.96
CA LYS O 13 51.56 -8.79 -15.93
C LYS O 13 52.51 -9.76 -16.65
N PRO O 14 53.03 -9.36 -17.82
CA PRO O 14 54.01 -10.22 -18.52
C PRO O 14 55.25 -10.47 -17.67
N GLY O 15 55.79 -11.68 -17.82
CA GLY O 15 56.93 -12.11 -17.04
C GLY O 15 56.58 -12.78 -15.73
N ALA O 16 55.31 -12.74 -15.32
CA ALA O 16 54.91 -13.33 -14.05
C ALA O 16 54.92 -14.86 -14.15
N SER O 17 54.57 -15.49 -13.04
CA SER O 17 54.35 -16.93 -12.98
C SER O 17 53.11 -17.20 -12.14
N VAL O 18 52.35 -18.21 -12.54
CA VAL O 18 51.15 -18.60 -11.80
C VAL O 18 51.17 -20.10 -11.60
N ARG O 19 50.45 -20.55 -10.58
CA ARG O 19 50.38 -21.96 -10.23
C ARG O 19 48.92 -22.34 -10.03
N ILE O 20 48.36 -23.09 -10.97
CA ILE O 20 46.96 -23.51 -10.95
C ILE O 20 46.86 -24.85 -10.25
N SER O 21 45.78 -25.06 -9.51
CA SER O 21 45.52 -26.32 -8.84
C SER O 21 44.27 -26.98 -9.43
N CYS O 22 44.25 -28.32 -9.38
CA CYS O 22 43.10 -29.10 -9.78
C CYS O 22 42.97 -30.26 -8.81
N LYS O 23 42.02 -30.18 -7.88
CA LYS O 23 41.83 -31.23 -6.89
C LYS O 23 40.79 -32.23 -7.38
N ALA O 24 41.16 -33.50 -7.38
CA ALA O 24 40.23 -34.57 -7.70
C ALA O 24 39.55 -35.06 -6.44
N SER O 25 38.33 -35.58 -6.61
CA SER O 25 37.61 -36.22 -5.53
C SER O 25 36.78 -37.34 -6.12
N GLY O 26 36.41 -38.30 -5.27
CA GLY O 26 35.70 -39.48 -5.70
C GLY O 26 36.57 -40.70 -5.95
N HIS O 27 37.88 -40.58 -5.73
CA HIS O 27 38.79 -41.70 -5.87
C HIS O 27 39.14 -42.29 -4.51
N THR O 28 39.09 -43.61 -4.43
CA THR O 28 39.73 -44.34 -3.33
C THR O 28 41.18 -44.69 -3.65
N PHE O 29 41.49 -44.83 -4.94
CA PHE O 29 42.80 -45.26 -5.40
C PHE O 29 43.45 -44.15 -6.23
N THR O 30 44.78 -44.11 -6.18
CA THR O 30 45.56 -43.12 -6.92
C THR O 30 45.86 -43.55 -8.35
N SER O 31 45.08 -44.46 -8.91
CA SER O 31 45.39 -45.07 -10.21
C SER O 31 44.81 -44.28 -11.38
N TYR O 32 44.89 -42.95 -11.36
CA TYR O 32 44.28 -42.11 -12.38
C TYR O 32 45.26 -41.07 -12.87
N TYR O 33 44.99 -40.54 -14.06
CA TYR O 33 45.76 -39.46 -14.64
C TYR O 33 45.03 -38.13 -14.48
N ILE O 34 45.78 -37.05 -14.53
CA ILE O 34 45.25 -35.71 -14.72
C ILE O 34 45.90 -35.12 -15.96
N TYR O 35 45.08 -34.78 -16.95
CA TYR O 35 45.53 -34.12 -18.16
C TYR O 35 45.32 -32.62 -18.03
N TRP O 36 46.14 -31.85 -18.75
CA TRP O 36 46.02 -30.39 -18.76
C TRP O 36 45.87 -29.93 -20.20
N VAL O 37 44.89 -29.04 -20.43
CA VAL O 37 44.54 -28.58 -21.77
C VAL O 37 44.41 -27.06 -21.74
N LYS O 38 44.85 -26.41 -22.83
CA LYS O 38 44.82 -24.97 -22.98
C LYS O 38 43.81 -24.58 -24.05
N GLN O 39 43.05 -23.52 -23.78
CA GLN O 39 42.08 -22.98 -24.73
C GLN O 39 42.23 -21.47 -24.80
N ARG O 40 42.74 -20.97 -25.92
CA ARG O 40 42.81 -19.54 -26.16
C ARG O 40 41.42 -19.02 -26.53
N PRO O 41 41.08 -17.79 -26.11
CA PRO O 41 39.72 -17.28 -26.33
C PRO O 41 39.37 -17.21 -27.82
N GLY O 42 38.24 -17.82 -28.18
CA GLY O 42 37.80 -17.88 -29.56
C GLY O 42 38.50 -18.93 -30.39
N GLN O 43 39.33 -19.77 -29.79
CA GLN O 43 40.14 -20.75 -30.48
C GLN O 43 40.04 -22.10 -29.78
N GLY O 44 40.53 -23.14 -30.45
CA GLY O 44 40.31 -24.51 -30.02
C GLY O 44 41.15 -24.99 -28.85
N LEU O 45 41.32 -26.31 -28.76
CA LEU O 45 41.93 -26.96 -27.61
C LEU O 45 43.36 -27.42 -27.93
N GLU O 46 44.23 -27.33 -26.94
CA GLU O 46 45.64 -27.68 -27.10
C GLU O 46 46.12 -28.42 -25.85
N TRP O 47 46.82 -29.53 -26.06
CA TRP O 47 47.22 -30.41 -24.97
C TRP O 47 48.59 -30.01 -24.43
N ILE O 48 48.67 -29.84 -23.11
CA ILE O 48 49.92 -29.45 -22.47
C ILE O 48 50.69 -30.68 -21.97
N GLY O 49 50.02 -31.61 -21.31
CA GLY O 49 50.68 -32.78 -20.77
C GLY O 49 49.74 -33.55 -19.85
N TRP O 50 50.30 -34.57 -19.21
CA TRP O 50 49.56 -35.32 -18.20
C TRP O 50 50.48 -35.74 -17.07
N ILE O 51 49.86 -36.10 -15.95
CA ILE O 51 50.56 -36.56 -14.76
C ILE O 51 49.75 -37.70 -14.14
N TYR O 52 50.43 -38.76 -13.74
CA TYR O 52 49.80 -39.97 -13.23
C TYR O 52 49.96 -40.04 -11.72
N PHE O 53 48.85 -40.25 -11.02
CA PHE O 53 48.89 -40.21 -9.56
C PHE O 53 49.34 -41.52 -8.93
N GLY O 54 49.50 -42.58 -9.71
CA GLY O 54 50.00 -43.83 -9.14
C GLY O 54 51.47 -43.73 -8.77
N ASN O 55 52.25 -43.01 -9.56
CA ASN O 55 53.69 -42.95 -9.37
C ASN O 55 54.30 -41.61 -9.75
N ILE O 56 53.48 -40.59 -10.01
CA ILE O 56 53.91 -39.24 -10.41
C ILE O 56 54.74 -39.29 -11.68
N ASN O 57 54.50 -40.28 -12.54
CA ASN O 57 54.99 -40.18 -13.92
C ASN O 57 54.28 -39.04 -14.62
N LEU O 58 54.92 -38.51 -15.67
CA LEU O 58 54.32 -37.40 -16.40
C LEU O 58 54.92 -37.30 -17.79
N LYS O 59 54.20 -36.60 -18.66
CA LYS O 59 54.60 -36.31 -20.03
C LYS O 59 54.23 -34.88 -20.37
N TYR O 60 55.08 -34.20 -21.14
CA TYR O 60 54.81 -32.88 -21.64
C TYR O 60 54.67 -32.91 -23.16
N ASN O 61 53.80 -32.05 -23.69
CA ASN O 61 53.91 -31.65 -25.07
C ASN O 61 55.24 -30.92 -25.24
N GLU O 62 55.97 -31.26 -26.30
CA GLU O 62 57.28 -30.64 -26.53
C GLU O 62 57.17 -29.12 -26.54
N LYS O 63 56.05 -28.60 -27.04
CA LYS O 63 55.89 -27.14 -27.12
C LYS O 63 55.99 -26.47 -25.76
N PHE O 64 55.59 -27.15 -24.69
CA PHE O 64 55.36 -26.49 -23.42
C PHE O 64 56.45 -26.72 -22.39
N LYS O 65 57.52 -27.43 -22.74
CA LYS O 65 58.64 -27.59 -21.81
C LYS O 65 59.35 -26.26 -21.62
N GLY O 66 59.66 -25.94 -20.37
CA GLY O 66 60.15 -24.63 -19.98
C GLY O 66 59.01 -23.70 -19.62
N LYS O 67 57.93 -23.74 -20.40
CA LYS O 67 56.77 -22.91 -20.12
C LYS O 67 55.93 -23.49 -18.98
N ALA O 68 55.73 -24.79 -18.97
CA ALA O 68 54.85 -25.45 -18.01
C ALA O 68 55.62 -26.48 -17.20
N THR O 69 55.34 -26.52 -15.90
CA THR O 69 55.85 -27.53 -15.00
C THR O 69 54.68 -28.19 -14.29
N LEU O 70 54.58 -29.51 -14.40
CA LEU O 70 53.48 -30.27 -13.83
C LEU O 70 53.95 -30.97 -12.57
N THR O 71 53.11 -30.94 -11.54
CA THR O 71 53.41 -31.58 -10.27
C THR O 71 52.10 -31.97 -9.60
N ALA O 72 52.21 -32.83 -8.58
CA ALA O 72 51.03 -33.40 -7.96
C ALA O 72 51.29 -33.76 -6.51
N ASP O 73 50.23 -33.71 -5.70
CA ASP O 73 50.26 -34.12 -4.30
C ASP O 73 49.22 -35.23 -4.12
N LYS O 74 49.71 -36.45 -3.81
CA LYS O 74 48.80 -37.56 -3.57
C LYS O 74 47.92 -37.31 -2.34
N SER O 75 48.50 -36.74 -1.28
CA SER O 75 47.79 -36.66 -0.01
C SER O 75 46.51 -35.82 -0.11
N SER O 76 46.55 -34.76 -0.91
CA SER O 76 45.38 -33.94 -1.17
C SER O 76 44.70 -34.31 -2.50
N SER O 77 45.22 -35.32 -3.20
CA SER O 77 44.72 -35.71 -4.52
C SER O 77 44.55 -34.48 -5.42
N THR O 78 45.59 -33.66 -5.45
CA THR O 78 45.56 -32.40 -6.18
C THR O 78 46.69 -32.38 -7.20
N ALA O 79 46.35 -32.06 -8.45
CA ALA O 79 47.34 -31.80 -9.47
C ALA O 79 47.59 -30.30 -9.57
N TYR O 80 48.82 -29.94 -9.95
CA TYR O 80 49.23 -28.55 -10.08
C TYR O 80 49.96 -28.36 -11.40
N ILE O 81 49.71 -27.23 -12.05
CA ILE O 81 50.50 -26.79 -13.21
C ILE O 81 51.00 -25.39 -12.91
N GLN O 82 52.31 -25.19 -13.11
CA GLN O 82 52.92 -23.88 -12.98
C GLN O 82 53.31 -23.36 -14.35
N LEU O 83 52.89 -22.14 -14.66
CA LEU O 83 53.17 -21.49 -15.93
C LEU O 83 54.18 -20.38 -15.70
N SER O 84 55.34 -20.48 -16.33
CA SER O 84 56.45 -19.58 -16.09
C SER O 84 56.60 -18.56 -17.22
N SER O 85 57.31 -17.47 -16.92
CA SER O 85 57.74 -16.48 -17.91
C SER O 85 56.58 -16.05 -18.80
N LEU O 86 55.50 -15.60 -18.16
CA LEU O 86 54.22 -15.49 -18.83
C LEU O 86 54.22 -14.40 -19.89
N THR O 87 53.65 -14.73 -21.04
CA THR O 87 53.44 -13.79 -22.14
C THR O 87 51.95 -13.75 -22.47
N SER O 88 51.57 -12.80 -23.32
CA SER O 88 50.16 -12.65 -23.67
C SER O 88 49.63 -13.86 -24.43
N GLU O 89 50.49 -14.58 -25.15
CA GLU O 89 50.05 -15.81 -25.80
C GLU O 89 49.82 -16.94 -24.80
N ASP O 90 50.12 -16.73 -23.52
CA ASP O 90 49.72 -17.65 -22.47
C ASP O 90 48.35 -17.33 -21.91
N SER O 91 47.77 -16.19 -22.28
CA SER O 91 46.40 -15.87 -21.89
C SER O 91 45.44 -16.90 -22.48
N ALA O 92 44.78 -17.63 -21.60
CA ALA O 92 43.90 -18.72 -22.00
C ALA O 92 43.12 -19.21 -20.80
N VAL O 93 42.16 -20.07 -21.06
CA VAL O 93 41.53 -20.89 -20.04
C VAL O 93 42.25 -22.23 -20.00
N TYR O 94 42.64 -22.66 -18.82
CA TYR O 94 43.33 -23.93 -18.64
C TYR O 94 42.40 -24.92 -17.95
N PHE O 95 42.23 -26.08 -18.57
CA PHE O 95 41.36 -27.13 -18.07
C PHE O 95 42.19 -28.32 -17.59
N CYS O 96 41.73 -28.95 -16.52
CA CYS O 96 42.22 -30.28 -16.16
C CYS O 96 41.14 -31.29 -16.50
N ALA O 97 41.57 -32.49 -16.89
CA ALA O 97 40.64 -33.52 -17.32
C ALA O 97 41.14 -34.88 -16.87
N SER O 98 40.20 -35.79 -16.61
CA SER O 98 40.53 -37.09 -16.06
C SER O 98 39.49 -38.11 -16.49
N GLU O 99 39.92 -39.36 -16.60
CA GLU O 99 39.03 -40.49 -16.85
C GLU O 99 38.95 -41.37 -15.61
N ASP O 100 37.77 -41.95 -15.39
CA ASP O 100 37.56 -42.90 -14.31
C ASP O 100 36.69 -44.02 -14.86
N GLY O 101 37.32 -45.13 -15.23
CA GLY O 101 36.62 -46.25 -15.83
C GLY O 101 35.95 -45.83 -17.13
N PRO O 102 34.63 -45.99 -17.18
CA PRO O 102 33.87 -45.57 -18.37
C PRO O 102 33.54 -44.08 -18.41
N GLY O 103 33.88 -43.32 -17.37
CA GLY O 103 33.53 -41.91 -17.31
C GLY O 103 34.72 -41.00 -17.57
N ALA O 104 34.39 -39.77 -17.98
CA ALA O 104 35.39 -38.75 -18.24
C ALA O 104 34.91 -37.44 -17.63
N TYR O 105 35.83 -36.69 -17.04
CA TYR O 105 35.49 -35.53 -16.24
C TYR O 105 36.45 -34.40 -16.54
N TRP O 106 35.91 -33.19 -16.65
CA TRP O 106 36.70 -31.99 -16.85
C TRP O 106 36.43 -31.01 -15.70
N GLY O 107 37.47 -30.30 -15.29
CA GLY O 107 37.29 -29.24 -14.32
C GLY O 107 36.60 -28.03 -14.94
N GLN O 108 36.21 -27.09 -14.08
CA GLN O 108 35.45 -25.94 -14.56
C GLN O 108 36.33 -24.93 -15.29
N GLY O 109 37.63 -25.14 -15.33
CA GLY O 109 38.52 -24.23 -16.05
C GLY O 109 39.06 -23.13 -15.16
N THR O 110 40.28 -22.70 -15.49
CA THR O 110 40.93 -21.59 -14.80
C THR O 110 41.41 -20.61 -15.86
N LEU O 111 40.89 -19.38 -15.79
CA LEU O 111 41.28 -18.34 -16.73
C LEU O 111 42.53 -17.62 -16.25
N VAL O 112 43.51 -17.51 -17.12
CA VAL O 112 44.71 -16.73 -16.87
C VAL O 112 44.76 -15.62 -17.90
N THR O 113 44.80 -14.37 -17.43
CA THR O 113 44.98 -13.22 -18.29
C THR O 113 46.38 -12.65 -18.06
N VAL O 114 47.14 -12.53 -19.15
CA VAL O 114 48.48 -11.98 -19.11
C VAL O 114 48.48 -10.73 -19.99
N SER O 115 48.55 -9.56 -19.36
CA SER O 115 48.45 -8.32 -20.11
C SER O 115 49.21 -7.22 -19.39
N ALA O 116 49.84 -6.34 -20.17
CA ALA O 116 50.50 -5.16 -19.63
C ALA O 116 49.53 -4.04 -19.30
N ALA O 117 48.27 -4.15 -19.71
CA ALA O 117 47.33 -3.05 -19.55
C ALA O 117 47.02 -2.81 -18.08
N SER O 118 46.81 -1.55 -17.76
CA SER O 118 46.39 -1.13 -16.43
C SER O 118 44.87 -1.15 -16.34
N THR O 119 44.37 -1.14 -15.11
CA THR O 119 42.93 -1.08 -14.91
C THR O 119 42.36 0.20 -15.48
N LYS O 120 41.28 0.08 -16.25
CA LYS O 120 40.59 1.22 -16.80
C LYS O 120 39.09 0.97 -16.74
N GLY O 121 38.35 1.93 -16.20
CA GLY O 121 36.91 1.92 -16.29
C GLY O 121 36.47 2.30 -17.68
N PRO O 122 35.25 1.93 -18.05
CA PRO O 122 34.83 2.15 -19.44
C PRO O 122 34.44 3.60 -19.69
N SER O 123 34.71 4.04 -20.92
CA SER O 123 34.12 5.27 -21.46
C SER O 123 32.81 4.88 -22.13
N VAL O 124 31.72 5.45 -21.65
CA VAL O 124 30.38 5.13 -22.14
C VAL O 124 29.90 6.29 -23.02
N PHE O 125 29.65 6.00 -24.29
CA PHE O 125 29.20 6.99 -25.25
C PHE O 125 27.85 6.58 -25.82
N PRO O 126 26.91 7.52 -25.96
CA PRO O 126 25.58 7.16 -26.44
C PRO O 126 25.59 6.88 -27.93
N LEU O 127 24.87 5.84 -28.33
CA LEU O 127 24.60 5.55 -29.74
C LEU O 127 23.23 6.12 -30.06
N ALA O 128 23.22 7.33 -30.60
CA ALA O 128 21.99 8.12 -30.65
C ALA O 128 21.11 7.70 -31.81
N PRO O 129 19.82 7.43 -31.57
CA PRO O 129 18.90 7.13 -32.68
C PRO O 129 18.58 8.41 -33.44
N SER O 130 18.86 8.40 -34.75
CA SER O 130 18.59 9.55 -35.61
C SER O 130 17.11 9.90 -35.63
N GLY O 136 11.17 0.86 -40.43
CA GLY O 136 11.16 2.30 -40.24
C GLY O 136 10.27 2.73 -39.09
N GLY O 137 9.49 1.78 -38.57
CA GLY O 137 8.74 1.96 -37.36
C GLY O 137 9.46 1.52 -36.13
N THR O 138 10.68 1.00 -36.30
CA THR O 138 11.54 0.58 -35.21
C THR O 138 12.78 1.46 -35.19
N ALA O 139 13.08 2.02 -34.02
CA ALA O 139 14.33 2.71 -33.81
C ALA O 139 15.31 1.80 -33.09
N ALA O 140 16.60 2.05 -33.31
CA ALA O 140 17.65 1.37 -32.57
C ALA O 140 18.51 2.42 -31.87
N LEU O 141 18.87 2.13 -30.62
CA LEU O 141 19.71 3.00 -29.82
C LEU O 141 20.63 2.12 -28.99
N GLY O 142 21.64 2.73 -28.38
CA GLY O 142 22.54 1.93 -27.59
C GLY O 142 23.59 2.77 -26.89
N CYS O 143 24.58 2.06 -26.36
CA CYS O 143 25.72 2.65 -25.67
C CYS O 143 26.99 1.97 -26.15
N LEU O 144 27.96 2.79 -26.56
CA LEU O 144 29.31 2.32 -26.86
C LEU O 144 30.12 2.30 -25.57
N VAL O 145 30.57 1.12 -25.18
CA VAL O 145 31.29 0.95 -23.92
C VAL O 145 32.76 0.70 -24.24
N LYS O 146 33.56 1.78 -24.28
CA LYS O 146 34.85 1.77 -24.94
C LYS O 146 36.01 1.80 -23.95
N ASP O 147 37.08 1.08 -24.30
CA ASP O 147 38.40 1.22 -23.68
C ASP O 147 38.37 0.94 -22.18
N TYR O 148 38.00 -0.30 -21.85
CA TYR O 148 38.03 -0.76 -20.46
C TYR O 148 38.93 -1.99 -20.36
N PHE O 149 39.45 -2.20 -19.13
CA PHE O 149 40.26 -3.37 -18.84
C PHE O 149 40.27 -3.58 -17.34
N PRO O 150 40.18 -4.81 -16.84
CA PRO O 150 40.04 -6.07 -17.61
C PRO O 150 38.58 -6.44 -17.84
N GLU O 151 38.32 -7.63 -18.39
CA GLU O 151 36.98 -8.16 -18.38
C GLU O 151 36.55 -8.46 -16.95
N PRO O 152 35.24 -8.51 -16.68
CA PRO O 152 34.12 -8.27 -17.58
C PRO O 152 33.41 -6.94 -17.35
N VAL O 153 32.53 -6.58 -18.26
CA VAL O 153 31.63 -5.45 -18.10
C VAL O 153 30.22 -6.01 -17.87
N THR O 154 29.34 -5.19 -17.29
CA THR O 154 27.95 -5.58 -17.10
C THR O 154 27.04 -4.43 -17.51
N VAL O 155 26.10 -4.71 -18.41
CA VAL O 155 25.22 -3.69 -18.98
C VAL O 155 23.77 -4.08 -18.76
N SER O 156 22.96 -3.13 -18.32
CA SER O 156 21.51 -3.26 -18.26
C SER O 156 20.90 -1.99 -18.83
N TRP O 157 19.58 -2.03 -19.02
CA TRP O 157 18.86 -0.88 -19.55
C TRP O 157 17.68 -0.56 -18.64
N ASN O 158 17.57 0.70 -18.26
CA ASN O 158 16.51 1.19 -17.38
C ASN O 158 16.41 0.33 -16.12
N SER O 159 17.57 0.05 -15.52
CA SER O 159 17.68 -0.68 -14.26
C SER O 159 17.06 -2.08 -14.35
N GLY O 160 17.11 -2.69 -15.53
CA GLY O 160 16.54 -4.00 -15.72
C GLY O 160 15.11 -4.00 -16.22
N ALA O 161 14.44 -2.84 -16.25
CA ALA O 161 13.06 -2.79 -16.73
C ALA O 161 12.96 -2.96 -18.24
N LEU O 162 14.07 -2.80 -18.96
CA LEU O 162 14.11 -2.99 -20.41
C LEU O 162 15.08 -4.12 -20.71
N THR O 163 14.57 -5.19 -21.32
CA THR O 163 15.41 -6.35 -21.60
C THR O 163 15.15 -6.93 -22.99
N SER O 164 13.89 -6.95 -23.41
CA SER O 164 13.55 -7.54 -24.70
C SER O 164 14.15 -6.71 -25.82
N GLY O 165 14.77 -7.39 -26.79
CA GLY O 165 15.39 -6.68 -27.89
C GLY O 165 16.72 -6.05 -27.57
N VAL O 166 17.27 -6.28 -26.37
CA VAL O 166 18.60 -5.80 -26.04
C VAL O 166 19.62 -6.79 -26.57
N HIS O 167 20.67 -6.26 -27.19
CA HIS O 167 21.86 -7.04 -27.52
C HIS O 167 23.07 -6.33 -26.96
N THR O 168 23.70 -6.95 -25.96
CA THR O 168 25.03 -6.54 -25.53
C THR O 168 26.04 -7.46 -26.22
N PHE O 169 26.86 -6.88 -27.07
CA PHE O 169 27.74 -7.71 -27.87
C PHE O 169 28.94 -8.17 -27.06
N PRO O 170 29.50 -9.33 -27.39
CA PRO O 170 30.75 -9.74 -26.76
C PRO O 170 31.84 -8.71 -27.01
N ALA O 171 32.63 -8.44 -25.98
CA ALA O 171 33.68 -7.44 -26.11
C ALA O 171 34.72 -7.89 -27.13
N VAL O 172 35.24 -6.93 -27.88
CA VAL O 172 36.37 -7.17 -28.76
C VAL O 172 37.60 -6.57 -28.11
N LEU O 173 38.71 -7.31 -28.13
CA LEU O 173 39.98 -6.82 -27.62
C LEU O 173 40.62 -5.95 -28.70
N GLN O 174 40.70 -4.65 -28.44
CA GLN O 174 41.23 -3.73 -29.44
C GLN O 174 42.74 -3.89 -29.55
N SER O 175 43.29 -3.23 -30.57
CA SER O 175 44.74 -3.21 -30.76
C SER O 175 45.46 -2.66 -29.53
N SER O 176 44.80 -1.75 -28.80
CA SER O 176 45.41 -1.12 -27.64
C SER O 176 45.56 -2.07 -26.45
N GLY O 177 45.06 -3.31 -26.55
CA GLY O 177 44.99 -4.18 -25.41
C GLY O 177 43.81 -3.90 -24.50
N LEU O 178 42.92 -2.99 -24.87
CA LEU O 178 41.74 -2.64 -24.09
C LEU O 178 40.49 -3.18 -24.77
N TYR O 179 39.51 -3.55 -23.96
CA TYR O 179 38.27 -4.12 -24.48
C TYR O 179 37.28 -3.00 -24.83
N SER O 180 36.40 -3.31 -25.78
CA SER O 180 35.36 -2.39 -26.19
C SER O 180 34.16 -3.19 -26.67
N LEU O 181 32.97 -2.73 -26.30
CA LEU O 181 31.75 -3.39 -26.72
C LEU O 181 30.66 -2.34 -26.91
N SER O 182 29.60 -2.75 -27.60
CA SER O 182 28.37 -1.98 -27.71
C SER O 182 27.22 -2.77 -27.12
N SER O 183 26.31 -2.04 -26.47
CA SER O 183 25.03 -2.58 -26.04
C SER O 183 23.94 -1.80 -26.75
N VAL O 184 23.08 -2.49 -27.49
CA VAL O 184 22.06 -1.86 -28.30
C VAL O 184 20.70 -2.45 -27.96
N VAL O 185 19.65 -1.73 -28.36
CA VAL O 185 18.28 -2.17 -28.15
C VAL O 185 17.42 -1.54 -29.23
N THR O 186 16.43 -2.30 -29.71
CA THR O 186 15.44 -1.80 -30.64
C THR O 186 14.18 -1.41 -29.88
N VAL O 187 13.64 -0.25 -30.20
CA VAL O 187 12.46 0.29 -29.53
C VAL O 187 11.50 0.84 -30.57
N PRO O 188 10.22 1.02 -30.21
CA PRO O 188 9.30 1.67 -31.12
C PRO O 188 9.75 3.11 -31.41
N SER O 189 9.76 3.46 -32.70
CA SER O 189 10.15 4.80 -33.10
C SER O 189 9.28 5.85 -32.42
N SER O 190 8.00 5.54 -32.22
CA SER O 190 7.09 6.49 -31.58
C SER O 190 7.47 6.80 -30.14
N SER O 191 8.29 5.96 -29.51
CA SER O 191 8.65 6.14 -28.11
C SER O 191 9.84 7.06 -27.92
N LEU O 192 10.50 7.47 -29.01
CA LEU O 192 11.85 8.02 -28.91
C LEU O 192 11.92 9.29 -28.09
N GLY O 193 10.84 10.07 -28.04
CA GLY O 193 10.82 11.30 -27.27
C GLY O 193 9.96 11.27 -26.03
N THR O 194 9.38 10.12 -25.69
CA THR O 194 8.48 10.00 -24.55
C THR O 194 8.96 9.01 -23.50
N GLN O 195 9.81 8.07 -23.87
CA GLN O 195 10.39 7.09 -22.96
C GLN O 195 11.87 7.41 -22.79
N THR O 196 12.29 7.57 -21.54
CA THR O 196 13.71 7.76 -21.28
C THR O 196 14.43 6.42 -21.35
N TYR O 197 15.60 6.42 -21.97
CA TYR O 197 16.41 5.23 -22.10
C TYR O 197 17.77 5.48 -21.48
N ILE O 198 18.16 4.62 -20.56
CA ILE O 198 19.40 4.76 -19.81
C ILE O 198 20.10 3.41 -19.79
N CYS O 199 21.33 3.37 -20.28
CA CYS O 199 22.15 2.18 -20.15
C CYS O 199 22.93 2.24 -18.84
N ASN O 200 22.93 1.13 -18.12
CA ASN O 200 23.60 1.02 -16.84
C ASN O 200 24.81 0.13 -17.01
N VAL O 201 26.00 0.71 -16.87
CA VAL O 201 27.26 -0.01 -17.08
C VAL O 201 27.98 -0.10 -15.74
N ASN O 202 28.43 -1.29 -15.41
CA ASN O 202 29.14 -1.55 -14.16
C ASN O 202 30.41 -2.34 -14.46
N HIS O 203 31.53 -1.86 -13.91
CA HIS O 203 32.84 -2.47 -14.10
C HIS O 203 33.45 -2.63 -12.71
N LYS O 204 33.28 -3.82 -12.13
CA LYS O 204 33.80 -4.08 -10.79
C LYS O 204 35.30 -3.81 -10.63
N PRO O 205 36.19 -4.26 -11.54
CA PRO O 205 37.63 -4.08 -11.28
C PRO O 205 38.06 -2.64 -11.06
N SER O 206 37.42 -1.69 -11.72
CA SER O 206 37.72 -0.28 -11.51
C SER O 206 36.73 0.38 -10.57
N ASN O 207 35.78 -0.37 -10.02
CA ASN O 207 34.70 0.18 -9.19
C ASN O 207 34.01 1.34 -9.90
N THR O 208 33.76 1.14 -11.19
CA THR O 208 33.07 2.12 -12.02
C THR O 208 31.62 1.70 -12.21
N LYS O 209 30.70 2.64 -11.96
CA LYS O 209 29.29 2.45 -12.23
C LYS O 209 28.80 3.66 -13.01
N VAL O 210 28.34 3.43 -14.24
CA VAL O 210 27.93 4.50 -15.13
C VAL O 210 26.46 4.31 -15.49
N ASP O 211 25.70 5.41 -15.45
CA ASP O 211 24.34 5.46 -15.95
C ASP O 211 24.27 6.56 -16.99
N LYS O 212 24.19 6.16 -18.27
CA LYS O 212 24.23 7.10 -19.38
C LYS O 212 22.86 7.14 -20.07
N ARG O 213 22.26 8.33 -20.10
CA ARG O 213 21.00 8.53 -20.78
C ARG O 213 21.24 8.71 -22.28
N VAL O 214 20.42 8.03 -23.09
CA VAL O 214 20.56 8.04 -24.54
C VAL O 214 19.38 8.78 -25.14
N GLU O 215 19.67 9.73 -26.01
CA GLU O 215 18.65 10.61 -26.55
C GLU O 215 18.89 10.82 -28.04
N PRO O 216 17.82 11.04 -28.82
CA PRO O 216 17.95 11.34 -30.25
C PRO O 216 18.54 12.73 -30.48
N ASP P 1 53.99 -33.30 -35.20
CA ASP P 1 52.58 -33.05 -34.93
C ASP P 1 51.68 -33.54 -36.05
N ILE P 2 50.61 -34.23 -35.67
CA ILE P 2 49.58 -34.67 -36.60
C ILE P 2 48.49 -33.62 -36.64
N VAL P 3 48.04 -33.28 -37.84
CA VAL P 3 47.02 -32.25 -38.03
C VAL P 3 45.65 -32.94 -38.16
N MET P 4 44.72 -32.56 -37.28
CA MET P 4 43.34 -33.00 -37.35
C MET P 4 42.54 -31.90 -38.02
N THR P 5 42.06 -32.17 -39.23
CA THR P 5 41.36 -31.17 -40.04
C THR P 5 39.86 -31.40 -39.98
N GLN P 6 39.13 -30.40 -39.49
CA GLN P 6 37.68 -30.36 -39.57
C GLN P 6 37.31 -29.31 -40.60
N SER P 7 36.90 -29.75 -41.79
CA SER P 7 36.64 -28.83 -42.88
C SER P 7 35.43 -27.94 -42.60
N GLN P 8 34.49 -28.43 -41.81
CA GLN P 8 33.26 -27.70 -41.53
C GLN P 8 33.45 -26.83 -40.29
N LYS P 9 33.28 -25.52 -40.45
CA LYS P 9 33.36 -24.60 -39.32
C LYS P 9 32.00 -24.45 -38.63
N PHE P 10 30.93 -24.28 -39.41
CA PHE P 10 29.57 -24.24 -38.89
C PHE P 10 28.73 -25.26 -39.65
N MET P 11 27.80 -25.90 -38.94
CA MET P 11 26.80 -26.75 -39.57
C MET P 11 25.43 -26.40 -39.00
N SER P 12 24.42 -26.50 -39.87
CA SER P 12 23.05 -26.11 -39.53
C SER P 12 22.15 -27.34 -39.53
N THR P 13 21.27 -27.41 -38.53
CA THR P 13 20.38 -28.56 -38.40
C THR P 13 19.10 -28.16 -37.70
N SER P 14 18.10 -29.00 -37.85
CA SER P 14 16.85 -28.90 -37.12
C SER P 14 16.76 -30.01 -36.10
N VAL P 15 15.83 -29.86 -35.16
CA VAL P 15 15.59 -30.90 -34.18
C VAL P 15 14.99 -32.12 -34.86
N GLY P 16 15.53 -33.29 -34.54
CA GLY P 16 15.14 -34.53 -35.16
C GLY P 16 15.99 -34.94 -36.35
N ASP P 17 16.78 -34.02 -36.88
CA ASP P 17 17.62 -34.29 -38.04
C ASP P 17 18.82 -35.15 -37.65
N ARG P 18 19.57 -35.55 -38.67
CA ARG P 18 20.85 -36.22 -38.53
C ARG P 18 21.94 -35.31 -39.08
N VAL P 19 23.08 -35.25 -38.39
CA VAL P 19 24.22 -34.47 -38.85
C VAL P 19 25.49 -35.27 -38.63
N SER P 20 26.48 -35.03 -39.49
CA SER P 20 27.74 -35.76 -39.48
C SER P 20 28.90 -34.77 -39.48
N VAL P 21 29.56 -34.62 -38.34
CA VAL P 21 30.80 -33.86 -38.27
C VAL P 21 31.94 -34.77 -38.69
N THR P 22 32.78 -34.28 -39.60
CA THR P 22 33.88 -35.08 -40.12
C THR P 22 35.22 -34.52 -39.66
N CYS P 23 36.22 -35.39 -39.66
CA CYS P 23 37.55 -35.06 -39.17
C CYS P 23 38.55 -35.92 -39.91
N LYS P 24 39.57 -35.28 -40.51
CA LYS P 24 40.63 -36.01 -41.20
C LYS P 24 41.96 -35.82 -40.48
N ALA P 25 42.65 -36.93 -40.26
CA ALA P 25 43.99 -36.91 -39.68
C ALA P 25 45.03 -36.93 -40.80
N SER P 26 46.07 -36.10 -40.64
CA SER P 26 47.13 -36.06 -41.64
C SER P 26 47.95 -37.34 -41.67
N GLN P 27 47.76 -38.24 -40.71
CA GLN P 27 48.47 -39.51 -40.66
C GLN P 27 47.52 -40.58 -40.15
N ASN P 28 47.95 -41.83 -40.26
CA ASN P 28 47.17 -42.95 -39.73
C ASN P 28 47.19 -42.90 -38.21
N VAL P 29 46.05 -42.62 -37.59
CA VAL P 29 45.93 -42.60 -36.15
C VAL P 29 45.12 -43.78 -35.64
N GLY P 30 44.95 -44.81 -36.47
CA GLY P 30 44.24 -46.01 -36.04
C GLY P 30 42.79 -45.71 -35.73
N THR P 31 42.32 -46.25 -34.60
CA THR P 31 41.04 -45.88 -34.03
C THR P 31 41.20 -45.01 -32.79
N ASN P 32 42.41 -44.53 -32.53
CA ASN P 32 42.70 -43.75 -31.32
C ASN P 32 42.28 -42.29 -31.52
N VAL P 33 40.98 -42.11 -31.67
CA VAL P 33 40.38 -40.79 -31.89
C VAL P 33 39.27 -40.59 -30.87
N ALA P 34 39.16 -39.37 -30.34
CA ALA P 34 38.13 -39.01 -29.40
C ALA P 34 37.35 -37.80 -29.92
N TRP P 35 36.14 -37.62 -29.37
CA TRP P 35 35.28 -36.50 -29.71
C TRP P 35 34.79 -35.81 -28.44
N TYR P 36 34.72 -34.49 -28.49
CA TYR P 36 34.29 -33.69 -27.35
C TYR P 36 33.22 -32.70 -27.76
N GLN P 37 32.36 -32.37 -26.81
CA GLN P 37 31.30 -31.38 -26.99
C GLN P 37 31.56 -30.20 -26.06
N GLN P 38 31.40 -28.99 -26.58
CA GLN P 38 31.56 -27.78 -25.77
C GLN P 38 30.49 -26.77 -26.14
N LYS P 39 29.85 -26.23 -25.14
CA LYS P 39 28.89 -25.14 -25.22
C LYS P 39 29.54 -23.84 -24.74
N PRO P 40 29.05 -22.69 -25.22
CA PRO P 40 29.67 -21.43 -24.84
C PRO P 40 29.69 -21.24 -23.32
N GLY P 41 30.85 -20.83 -22.82
CA GLY P 41 31.01 -20.58 -21.40
C GLY P 41 31.07 -21.83 -20.53
N GLN P 42 31.31 -22.99 -21.12
CA GLN P 42 31.33 -24.24 -20.38
C GLN P 42 32.60 -25.02 -20.68
N SER P 43 32.91 -25.96 -19.79
CA SER P 43 34.02 -26.86 -20.02
C SER P 43 33.68 -27.85 -21.12
N PRO P 44 34.67 -28.41 -21.80
CA PRO P 44 34.40 -29.48 -22.76
C PRO P 44 33.86 -30.72 -22.06
N LYS P 45 33.03 -31.47 -22.79
CA LYS P 45 32.45 -32.72 -22.33
C LYS P 45 32.87 -33.83 -23.28
N ALA P 46 33.49 -34.87 -22.74
CA ALA P 46 33.95 -35.99 -23.57
C ALA P 46 32.79 -36.89 -23.93
N LEU P 47 32.66 -37.18 -25.23
CA LEU P 47 31.58 -38.00 -25.76
C LEU P 47 32.04 -39.37 -26.23
N ILE P 48 33.08 -39.43 -27.06
CA ILE P 48 33.50 -40.64 -27.74
C ILE P 48 34.98 -40.87 -27.48
N TYR P 49 35.36 -42.13 -27.31
CA TYR P 49 36.75 -42.55 -27.32
C TYR P 49 36.88 -43.78 -28.21
N SER P 50 38.12 -44.09 -28.57
CA SER P 50 38.43 -45.20 -29.48
C SER P 50 37.57 -45.12 -30.74
N ALA P 51 37.35 -43.90 -31.21
CA ALA P 51 36.67 -43.62 -32.47
C ALA P 51 35.17 -43.90 -32.43
N SER P 52 34.72 -44.84 -31.60
CA SER P 52 33.32 -45.25 -31.68
C SER P 52 32.71 -45.64 -30.34
N TYR P 53 33.42 -45.51 -29.22
CA TYR P 53 32.92 -45.93 -27.92
C TYR P 53 32.44 -44.72 -27.13
N ARG P 54 31.25 -44.84 -26.55
CA ARG P 54 30.65 -43.74 -25.80
C ARG P 54 31.13 -43.73 -24.36
N TYR P 55 31.37 -42.53 -23.83
CA TYR P 55 31.64 -42.36 -22.41
C TYR P 55 30.33 -42.45 -21.61
N SER P 56 30.46 -42.42 -20.29
CA SER P 56 29.30 -42.49 -19.43
C SER P 56 28.40 -41.29 -19.65
N GLY P 57 27.08 -41.54 -19.66
CA GLY P 57 26.09 -40.49 -19.79
C GLY P 57 25.80 -40.04 -21.20
N VAL P 58 26.52 -40.55 -22.19
CA VAL P 58 26.39 -40.08 -23.57
C VAL P 58 25.25 -40.82 -24.26
N PRO P 59 24.26 -40.11 -24.81
CA PRO P 59 23.13 -40.79 -25.43
C PRO P 59 23.55 -41.60 -26.66
N ASP P 60 22.68 -42.55 -27.02
CA ASP P 60 22.98 -43.44 -28.13
C ASP P 60 22.94 -42.73 -29.48
N ARG P 61 22.33 -41.54 -29.55
CA ARG P 61 22.28 -40.84 -30.82
C ARG P 61 23.63 -40.28 -31.25
N PHE P 62 24.63 -40.38 -30.38
CA PHE P 62 26.00 -39.98 -30.69
C PHE P 62 26.77 -41.24 -31.10
N THR P 63 27.04 -41.36 -32.40
CA THR P 63 27.76 -42.51 -32.95
C THR P 63 29.02 -42.01 -33.63
N GLY P 64 30.17 -42.44 -33.12
CA GLY P 64 31.44 -42.16 -33.76
C GLY P 64 31.83 -43.31 -34.68
N SER P 65 32.56 -42.97 -35.74
CA SER P 65 32.96 -43.96 -36.72
C SER P 65 34.24 -43.50 -37.41
N GLY P 66 34.84 -44.42 -38.15
CA GLY P 66 36.05 -44.15 -38.90
C GLY P 66 37.24 -44.95 -38.39
N SER P 67 38.28 -44.94 -39.22
CA SER P 67 39.55 -45.60 -38.88
C SER P 67 40.62 -45.05 -39.80
N GLY P 68 41.86 -45.09 -39.32
CA GLY P 68 42.98 -44.63 -40.11
C GLY P 68 43.13 -43.12 -40.14
N THR P 69 42.64 -42.49 -41.21
CA THR P 69 42.74 -41.04 -41.37
C THR P 69 41.41 -40.32 -41.31
N ASP P 70 40.30 -41.01 -41.57
CA ASP P 70 38.99 -40.38 -41.73
C ASP P 70 38.07 -40.79 -40.60
N PHE P 71 37.43 -39.80 -39.97
CA PHE P 71 36.61 -40.03 -38.80
C PHE P 71 35.38 -39.13 -38.85
N THR P 72 34.26 -39.68 -38.38
CA THR P 72 32.98 -38.99 -38.43
C THR P 72 32.26 -39.15 -37.10
N LEU P 73 31.84 -38.03 -36.53
CA LEU P 73 30.87 -38.02 -35.44
C LEU P 73 29.50 -37.76 -36.04
N THR P 74 28.60 -38.72 -35.89
CA THR P 74 27.23 -38.59 -36.35
C THR P 74 26.30 -38.39 -35.16
N ILE P 75 25.52 -37.31 -35.21
CA ILE P 75 24.45 -37.05 -34.26
C ILE P 75 23.14 -37.14 -35.04
N SER P 76 22.29 -38.09 -34.67
CA SER P 76 21.02 -38.29 -35.33
C SER P 76 19.88 -38.10 -34.33
N ASN P 77 18.73 -37.68 -34.84
CA ASN P 77 17.60 -37.26 -34.00
C ASN P 77 18.05 -36.16 -33.05
N VAL P 78 18.62 -35.10 -33.64
CA VAL P 78 19.29 -34.06 -32.88
C VAL P 78 18.30 -33.38 -31.94
N GLN P 79 18.69 -33.26 -30.68
CA GLN P 79 17.95 -32.48 -29.70
C GLN P 79 18.59 -31.11 -29.54
N SER P 80 17.81 -30.15 -29.05
CA SER P 80 18.35 -28.81 -28.82
C SER P 80 19.44 -28.81 -27.77
N GLU P 81 19.45 -29.79 -26.87
CA GLU P 81 20.57 -29.96 -25.94
C GLU P 81 21.87 -30.33 -26.64
N ASP P 82 21.82 -30.64 -27.94
CA ASP P 82 23.01 -31.02 -28.70
C ASP P 82 23.67 -29.85 -29.43
N LEU P 83 23.04 -28.68 -29.43
CA LEU P 83 23.62 -27.53 -30.14
C LEU P 83 24.86 -27.07 -29.39
N ALA P 84 26.03 -27.24 -30.01
CA ALA P 84 27.30 -27.01 -29.33
C ALA P 84 28.41 -27.05 -30.39
N GLU P 85 29.64 -26.90 -29.93
CA GLU P 85 30.83 -27.08 -30.75
C GLU P 85 31.38 -28.49 -30.53
N TYR P 86 31.92 -29.09 -31.60
CA TYR P 86 32.37 -30.47 -31.56
C TYR P 86 33.80 -30.55 -32.07
N PHE P 87 34.68 -31.10 -31.24
CA PHE P 87 36.11 -31.24 -31.53
C PHE P 87 36.45 -32.71 -31.66
N CYS P 88 37.21 -33.06 -32.69
CA CYS P 88 37.87 -34.36 -32.74
C CYS P 88 39.26 -34.23 -32.14
N GLN P 89 39.83 -35.38 -31.80
CA GLN P 89 41.18 -35.42 -31.26
C GLN P 89 41.79 -36.78 -31.57
N GLN P 90 43.10 -36.79 -31.77
CA GLN P 90 43.85 -38.02 -31.87
C GLN P 90 44.74 -38.16 -30.64
N TYR P 91 44.84 -39.37 -30.12
CA TYR P 91 45.77 -39.72 -29.06
C TYR P 91 46.57 -40.95 -29.44
N ASN P 92 46.80 -41.13 -30.75
CA ASN P 92 47.59 -42.24 -31.24
C ASN P 92 49.09 -42.02 -31.02
N SER P 93 49.52 -40.76 -31.01
CA SER P 93 50.93 -40.44 -30.89
C SER P 93 51.07 -39.03 -30.33
N TYR P 94 52.28 -38.73 -29.81
CA TYR P 94 52.56 -37.44 -29.22
C TYR P 94 53.09 -36.46 -30.25
N PRO P 95 52.74 -35.18 -30.13
CA PRO P 95 51.82 -34.60 -29.15
C PRO P 95 50.37 -34.88 -29.50
N LEU P 96 49.50 -35.03 -28.51
CA LEU P 96 48.08 -35.23 -28.76
C LEU P 96 47.49 -33.94 -29.35
N THR P 97 46.70 -34.07 -30.40
CA THR P 97 46.25 -32.91 -31.17
C THR P 97 44.75 -32.96 -31.41
N PHE P 98 44.11 -31.79 -31.26
CA PHE P 98 42.69 -31.62 -31.50
C PHE P 98 42.43 -31.06 -32.90
N GLY P 99 41.19 -31.22 -33.36
CA GLY P 99 40.73 -30.54 -34.55
C GLY P 99 40.34 -29.11 -34.26
N ALA P 100 40.15 -28.34 -35.34
CA ALA P 100 39.85 -26.92 -35.20
C ALA P 100 38.42 -26.67 -34.70
N GLY P 101 37.55 -27.66 -34.74
CA GLY P 101 36.23 -27.52 -34.18
C GLY P 101 35.17 -27.32 -35.25
N THR P 102 33.94 -27.66 -34.88
CA THR P 102 32.78 -27.48 -35.74
C THR P 102 31.59 -27.13 -34.86
N LYS P 103 31.01 -25.96 -35.08
CA LYS P 103 29.87 -25.51 -34.29
C LYS P 103 28.56 -25.89 -34.97
N LEU P 104 27.63 -26.41 -34.17
CA LEU P 104 26.34 -26.89 -34.63
C LEU P 104 25.26 -25.89 -34.22
N GLU P 105 24.55 -25.36 -35.20
CA GLU P 105 23.56 -24.31 -34.98
C GLU P 105 22.21 -24.73 -35.53
N LEU P 106 21.16 -24.08 -35.04
CA LEU P 106 19.78 -24.45 -35.35
C LEU P 106 19.30 -23.77 -36.62
N LYS P 107 18.72 -24.56 -37.52
CA LYS P 107 18.13 -24.01 -38.74
C LYS P 107 16.85 -23.25 -38.42
N ARG P 108 16.62 -22.18 -39.17
CA ARG P 108 15.36 -21.45 -39.12
C ARG P 108 15.18 -20.75 -40.46
N THR P 109 14.01 -20.15 -40.63
CA THR P 109 13.76 -19.41 -41.87
C THR P 109 14.72 -18.24 -42.00
N VAL P 110 15.05 -17.91 -43.25
CA VAL P 110 15.98 -16.82 -43.50
C VAL P 110 15.38 -15.51 -43.02
N ALA P 111 16.23 -14.66 -42.44
CA ALA P 111 15.78 -13.38 -41.88
C ALA P 111 16.76 -12.30 -42.29
N ALA P 112 16.27 -11.28 -42.98
CA ALA P 112 17.13 -10.18 -43.36
C ALA P 112 17.45 -9.33 -42.13
N PRO P 113 18.67 -8.84 -42.01
CA PRO P 113 19.00 -7.95 -40.89
C PRO P 113 18.30 -6.61 -41.03
N SER P 114 17.79 -6.12 -39.92
CA SER P 114 17.48 -4.70 -39.80
C SER P 114 18.78 -3.96 -39.56
N VAL P 115 19.08 -2.98 -40.39
CA VAL P 115 20.36 -2.30 -40.38
C VAL P 115 20.17 -0.89 -39.82
N PHE P 116 21.09 -0.49 -38.96
CA PHE P 116 21.11 0.86 -38.39
C PHE P 116 22.55 1.34 -38.38
N ILE P 117 22.75 2.63 -38.64
CA ILE P 117 24.06 3.24 -38.56
C ILE P 117 24.03 4.35 -37.51
N PHE P 118 25.03 4.33 -36.62
CA PHE P 118 25.11 5.36 -35.58
C PHE P 118 26.27 6.31 -35.85
N PRO P 119 26.09 7.62 -35.86
CA PRO P 119 27.22 8.53 -35.95
C PRO P 119 27.98 8.56 -34.62
N PRO P 120 29.26 8.94 -34.64
CA PRO P 120 29.93 9.20 -33.37
C PRO P 120 29.27 10.38 -32.68
N SER P 121 29.12 10.25 -31.37
CA SER P 121 28.37 11.23 -30.58
C SER P 121 29.25 12.42 -30.21
N ASP P 122 28.63 13.60 -30.19
CA ASP P 122 29.30 14.86 -29.85
C ASP P 122 30.24 14.71 -28.67
N GLU P 123 29.85 13.89 -27.70
CA GLU P 123 30.67 13.70 -26.50
C GLU P 123 31.99 13.02 -26.86
N GLN P 124 31.97 12.07 -27.79
CA GLN P 124 33.22 11.48 -28.24
C GLN P 124 33.97 12.41 -29.19
N LEU P 125 33.24 13.26 -29.94
CA LEU P 125 33.89 14.23 -30.80
C LEU P 125 34.57 15.35 -30.03
N LYS P 126 34.32 15.47 -28.72
CA LYS P 126 35.21 16.28 -27.89
C LYS P 126 36.62 15.69 -27.85
N SER P 127 36.73 14.38 -28.04
CA SER P 127 37.81 13.59 -27.47
C SER P 127 38.77 13.02 -28.52
N GLY P 128 38.80 13.60 -29.72
CA GLY P 128 39.79 13.27 -30.71
C GLY P 128 39.60 11.97 -31.46
N THR P 129 38.71 11.09 -31.01
CA THR P 129 38.44 9.85 -31.70
C THR P 129 36.97 9.78 -32.07
N ALA P 130 36.69 9.21 -33.25
CA ALA P 130 35.32 9.03 -33.73
C ALA P 130 35.08 7.55 -34.01
N SER P 131 34.03 7.00 -33.41
CA SER P 131 33.60 5.62 -33.65
C SER P 131 32.26 5.64 -34.36
N VAL P 132 32.21 5.03 -35.54
CA VAL P 132 30.98 4.87 -36.30
C VAL P 132 30.55 3.42 -36.17
N VAL P 133 29.31 3.20 -35.72
CA VAL P 133 28.81 1.87 -35.40
C VAL P 133 27.69 1.52 -36.38
N CYS P 134 27.74 0.31 -36.91
CA CYS P 134 26.71 -0.23 -37.78
C CYS P 134 26.15 -1.50 -37.15
N LEU P 135 24.83 -1.55 -37.02
CA LEU P 135 24.16 -2.66 -36.34
C LEU P 135 23.37 -3.49 -37.35
N LEU P 136 23.59 -4.80 -37.32
CA LEU P 136 22.77 -5.77 -38.07
C LEU P 136 21.96 -6.55 -37.05
N ASN P 137 20.65 -6.38 -37.06
CA ASN P 137 19.80 -6.82 -35.97
C ASN P 137 19.00 -8.06 -36.36
N ASN P 138 19.12 -9.10 -35.54
CA ASN P 138 18.34 -10.33 -35.64
C ASN P 138 18.18 -10.84 -37.06
N PHE P 139 19.24 -11.40 -37.62
CA PHE P 139 19.24 -11.94 -38.97
C PHE P 139 19.62 -13.42 -38.94
N TYR P 140 19.37 -14.09 -40.07
CA TYR P 140 19.75 -15.48 -40.24
C TYR P 140 19.84 -15.78 -41.73
N PRO P 141 20.85 -16.53 -42.18
CA PRO P 141 21.93 -17.17 -41.40
C PRO P 141 23.06 -16.21 -40.98
N ARG P 142 24.04 -16.78 -40.27
CA ARG P 142 25.10 -15.98 -39.67
C ARG P 142 25.93 -15.25 -40.72
N GLU P 143 25.95 -15.76 -41.95
CA GLU P 143 26.81 -15.20 -42.99
C GLU P 143 26.40 -13.79 -43.37
N ALA P 144 27.36 -12.87 -43.36
CA ALA P 144 27.12 -11.51 -43.78
C ALA P 144 28.44 -10.83 -44.10
N LYS P 145 28.40 -9.94 -45.09
CA LYS P 145 29.51 -9.07 -45.44
C LYS P 145 29.08 -7.63 -45.19
N VAL P 146 29.86 -6.92 -44.38
CA VAL P 146 29.61 -5.52 -44.06
C VAL P 146 30.76 -4.69 -44.60
N GLN P 147 30.43 -3.64 -45.34
CA GLN P 147 31.42 -2.77 -45.96
C GLN P 147 31.27 -1.35 -45.41
N TRP P 148 32.37 -0.80 -44.91
CA TRP P 148 32.41 0.61 -44.53
C TRP P 148 32.89 1.43 -45.70
N LYS P 149 32.08 2.39 -46.12
CA LYS P 149 32.44 3.31 -47.20
C LYS P 149 32.23 4.74 -46.71
N VAL P 150 33.18 5.60 -47.07
CA VAL P 150 33.23 6.97 -46.55
C VAL P 150 33.51 7.90 -47.71
N ASP P 151 32.55 8.76 -48.03
CA ASP P 151 32.51 9.46 -49.31
C ASP P 151 32.89 8.49 -50.43
N ASN P 152 32.29 7.29 -50.34
CA ASN P 152 32.34 6.23 -51.35
C ASN P 152 33.68 5.51 -51.43
N ALA P 153 34.62 5.86 -50.56
CA ALA P 153 35.90 5.17 -50.50
C ALA P 153 35.77 3.94 -49.59
N LEU P 154 36.19 2.79 -50.10
CA LEU P 154 36.04 1.53 -49.37
C LEU P 154 37.13 1.41 -48.32
N GLN P 155 36.73 1.21 -47.07
CA GLN P 155 37.65 1.19 -45.95
C GLN P 155 38.24 -0.19 -45.74
N SER P 156 39.41 -0.22 -45.10
CA SER P 156 40.08 -1.48 -44.81
C SER P 156 40.96 -1.32 -43.59
N GLY P 157 40.98 -2.35 -42.75
CA GLY P 157 41.88 -2.43 -41.62
C GLY P 157 41.54 -1.52 -40.45
N ASN P 158 40.47 -0.74 -40.53
CA ASN P 158 40.15 0.23 -39.49
C ASN P 158 38.79 -0.04 -38.85
N SER P 159 38.33 -1.29 -38.84
CA SER P 159 37.06 -1.63 -38.23
C SER P 159 37.14 -3.03 -37.63
N GLN P 160 36.19 -3.32 -36.74
CA GLN P 160 36.10 -4.62 -36.08
C GLN P 160 34.65 -5.03 -35.96
N GLU P 161 34.40 -6.32 -36.16
CA GLU P 161 33.06 -6.89 -36.04
C GLU P 161 32.92 -7.62 -34.71
N SER P 162 31.67 -7.70 -34.24
CA SER P 162 31.32 -8.51 -33.09
C SER P 162 29.94 -9.13 -33.34
N VAL P 163 29.80 -10.40 -33.00
CA VAL P 163 28.62 -11.18 -33.35
C VAL P 163 28.10 -11.87 -32.09
N THR P 164 26.78 -11.90 -31.94
CA THR P 164 26.18 -12.62 -30.83
C THR P 164 26.27 -14.12 -31.05
N GLU P 165 26.02 -14.87 -29.99
CA GLU P 165 25.67 -16.26 -30.15
C GLU P 165 24.21 -16.36 -30.60
N GLN P 166 23.86 -17.52 -31.17
CA GLN P 166 22.50 -17.68 -31.69
C GLN P 166 21.49 -17.50 -30.56
N ASP P 167 20.51 -16.63 -30.80
CA ASP P 167 19.52 -16.32 -29.79
C ASP P 167 18.67 -17.56 -29.48
N SER P 168 18.36 -17.74 -28.20
CA SER P 168 17.67 -18.95 -27.75
C SER P 168 16.17 -18.91 -27.99
N LYS P 169 15.59 -17.78 -28.38
CA LYS P 169 14.16 -17.68 -28.60
C LYS P 169 13.75 -17.48 -30.05
N ASP P 170 14.55 -16.78 -30.85
CA ASP P 170 14.27 -16.61 -32.27
C ASP P 170 15.35 -17.18 -33.19
N SER P 171 16.43 -17.71 -32.62
CA SER P 171 17.47 -18.41 -33.38
C SER P 171 18.14 -17.51 -34.42
N THR P 172 18.16 -16.20 -34.18
CA THR P 172 18.85 -15.29 -35.07
C THR P 172 20.21 -14.91 -34.51
N TYR P 173 20.95 -14.16 -35.31
CA TYR P 173 22.21 -13.55 -34.89
C TYR P 173 22.10 -12.05 -35.05
N SER P 174 22.90 -11.33 -34.27
CA SER P 174 23.08 -9.90 -34.45
C SER P 174 24.55 -9.59 -34.52
N LEU P 175 24.88 -8.55 -35.30
CA LEU P 175 26.28 -8.21 -35.55
C LEU P 175 26.46 -6.70 -35.46
N SER P 176 27.56 -6.30 -34.83
CA SER P 176 27.99 -4.91 -34.83
C SER P 176 29.31 -4.80 -35.57
N SER P 177 29.45 -3.74 -36.35
CA SER P 177 30.71 -3.38 -36.99
C SER P 177 31.04 -1.96 -36.57
N THR P 178 32.22 -1.78 -35.98
CA THR P 178 32.63 -0.47 -35.45
C THR P 178 33.84 0.01 -36.24
N LEU P 179 33.70 1.18 -36.86
CA LEU P 179 34.78 1.84 -37.58
C LEU P 179 35.37 2.91 -36.68
N THR P 180 36.67 2.85 -36.44
CA THR P 180 37.36 3.78 -35.55
C THR P 180 38.21 4.73 -36.38
N LEU P 181 37.95 6.02 -36.25
CA LEU P 181 38.68 7.05 -36.97
C LEU P 181 39.17 8.09 -35.96
N SER P 182 40.18 8.85 -36.38
CA SER P 182 40.50 10.07 -35.65
C SER P 182 39.44 11.13 -35.93
N LYS P 183 39.32 12.09 -35.01
CA LYS P 183 38.44 13.21 -35.27
C LYS P 183 38.88 14.00 -36.50
N ALA P 184 40.18 14.06 -36.76
CA ALA P 184 40.69 14.76 -37.94
C ALA P 184 40.18 14.12 -39.23
N ASP P 185 40.22 12.79 -39.32
CA ASP P 185 39.75 12.12 -40.52
C ASP P 185 38.23 12.17 -40.62
N TYR P 186 37.54 12.11 -39.48
CA TYR P 186 36.08 12.17 -39.52
C TYR P 186 35.60 13.52 -40.06
N GLU P 187 36.28 14.60 -39.68
CA GLU P 187 35.85 15.94 -40.06
C GLU P 187 36.25 16.34 -41.48
N LYS P 188 37.01 15.49 -42.19
CA LYS P 188 37.28 15.75 -43.60
C LYS P 188 36.07 15.42 -44.46
N HIS P 189 35.60 14.17 -44.37
CA HIS P 189 34.61 13.62 -45.28
C HIS P 189 33.20 13.91 -44.80
N LYS P 190 32.24 13.71 -45.71
CA LYS P 190 30.86 14.15 -45.50
C LYS P 190 29.87 13.02 -45.23
N VAL P 191 29.92 11.92 -45.99
CA VAL P 191 28.89 10.88 -45.94
C VAL P 191 29.52 9.59 -45.43
N TYR P 192 28.88 9.00 -44.42
CA TYR P 192 29.33 7.77 -43.81
C TYR P 192 28.29 6.69 -44.02
N ALA P 193 28.73 5.55 -44.57
CA ALA P 193 27.83 4.51 -44.99
C ALA P 193 28.40 3.14 -44.68
N CYS P 194 27.56 2.25 -44.16
CA CYS P 194 27.84 0.83 -44.10
C CYS P 194 26.88 0.12 -45.04
N GLU P 195 27.43 -0.63 -45.99
CA GLU P 195 26.65 -1.40 -46.95
C GLU P 195 26.68 -2.87 -46.57
N VAL P 196 25.49 -3.48 -46.50
CA VAL P 196 25.31 -4.81 -45.95
C VAL P 196 24.83 -5.75 -47.05
N THR P 197 25.50 -6.89 -47.19
CA THR P 197 25.06 -7.95 -48.08
C THR P 197 24.64 -9.14 -47.24
N HIS P 198 23.41 -9.62 -47.46
CA HIS P 198 22.93 -10.76 -46.70
C HIS P 198 21.90 -11.52 -47.51
N GLN P 199 21.86 -12.83 -47.29
CA GLN P 199 21.08 -13.76 -48.08
C GLN P 199 19.59 -13.45 -48.02
N GLY P 200 19.12 -12.81 -46.94
CA GLY P 200 17.75 -12.36 -46.82
C GLY P 200 17.43 -11.04 -47.49
N LEU P 201 18.44 -10.36 -48.04
CA LEU P 201 18.25 -9.09 -48.72
C LEU P 201 18.27 -9.32 -50.22
N SER P 202 17.28 -8.75 -50.92
CA SER P 202 17.20 -8.93 -52.37
C SER P 202 18.36 -8.24 -53.08
N SER P 203 18.99 -7.28 -52.44
CA SER P 203 20.18 -6.61 -52.92
C SER P 203 20.93 -6.06 -51.72
N PRO P 204 22.18 -5.70 -51.89
CA PRO P 204 22.91 -4.96 -50.84
C PRO P 204 22.11 -3.76 -50.35
N VAL P 205 22.33 -3.35 -49.11
CA VAL P 205 21.60 -2.24 -48.51
C VAL P 205 22.60 -1.31 -47.83
N THR P 206 22.49 -0.01 -48.12
CA THR P 206 23.26 1.02 -47.44
C THR P 206 22.40 1.70 -46.39
N LYS P 207 23.01 2.00 -45.24
CA LYS P 207 22.49 2.99 -44.32
C LYS P 207 23.55 4.08 -44.19
N SER P 208 23.11 5.34 -44.31
CA SER P 208 24.06 6.44 -44.44
C SER P 208 23.60 7.64 -43.61
N PHE P 209 24.55 8.53 -43.32
CA PHE P 209 24.25 9.82 -42.72
C PHE P 209 25.26 10.85 -43.22
N ASN P 210 24.83 12.11 -43.23
CA ASN P 210 25.69 13.23 -43.57
C ASN P 210 26.26 13.79 -42.29
N ARG P 211 27.59 13.90 -42.24
CA ARG P 211 28.22 14.45 -41.04
C ARG P 211 27.79 15.89 -40.84
N GLY P 212 27.23 16.17 -39.66
CA GLY P 212 26.41 17.34 -39.42
C GLY P 212 25.10 16.85 -38.84
N GLU P 213 23.99 17.09 -39.54
CA GLU P 213 22.80 16.26 -39.37
C GLU P 213 22.09 16.07 -40.70
#